data_3SLN
#
_entry.id   3SLN
#
_cell.length_a   242.220
_cell.length_b   339.028
_cell.length_c   124.332
_cell.angle_alpha   90.00
_cell.angle_beta   90.00
_cell.angle_gamma   90.00
#
_symmetry.space_group_name_H-M   'C 2 2 21'
#
loop_
_entity.id
_entity.type
_entity.pdbx_description
1 polymer Capsid
2 branched alpha-L-fucopyranose-(1-2)-beta-D-galactopyranose-(1-3)-2-acetamido-2-deoxy-beta-D-glucopyranose-(1-3)-beta-D-galactopyranose-(1-4)-beta-D-glucopyranose
#
_entity_poly.entity_id   1
_entity_poly.type   'polypeptide(L)'
_entity_poly.pdbx_seq_one_letter_code
;ESRTKPFTVPILTVEEMTNSRFPIPLEKLFTGPSSAFVVQPQNGRCTTDGALLGTTQLSPVDICTFRGDVTHIAGTQNYT
MNLASQNWNNYDPTEEIPAPLGTPDFVGKIQGVLTQTTRRDGSTRGHKATVSTGSVHFTPKLGSVQFSTDTSNDFETGQN
TRFTPVGVVQDGSTTHQNEPQQWVLPDYSGRDSHNVHLAPAVAPTFPGEQLLFFRSTMPGCSGYPNMNLDCLLPQEWVQH
FYQESAPAQSDVALLRFVNPDTGRVLFECKLHKSGYVTVAHTGQHDLVIPPNGYFRFDSWVNQFYTLAPMG
;
_entity_poly.pdbx_strand_id   A,B,C,D,E,F,G,H,I,J
#
loop_
_chem_comp.id
_chem_comp.type
_chem_comp.name
_chem_comp.formula
BGC D-saccharide, beta linking beta-D-glucopyranose 'C6 H12 O6'
FUC L-saccharide, alpha linking alpha-L-fucopyranose 'C6 H12 O5'
GAL D-saccharide, beta linking beta-D-galactopyranose 'C6 H12 O6'
NAG D-saccharide, beta linking 2-acetamido-2-deoxy-beta-D-glucopyranose 'C8 H15 N O6'
#
# COMPACT_ATOMS: atom_id res chain seq x y z
N ARG A 3 -24.76 38.89 -4.47
CA ARG A 3 -25.35 37.81 -5.31
C ARG A 3 -24.35 36.72 -5.83
N THR A 4 -24.87 35.84 -6.69
CA THR A 4 -24.09 34.74 -7.20
C THR A 4 -23.07 35.28 -8.23
N LYS A 5 -22.00 34.51 -8.45
CA LYS A 5 -20.98 34.85 -9.47
C LYS A 5 -21.68 35.06 -10.81
N PRO A 6 -21.57 36.29 -11.39
CA PRO A 6 -22.26 36.64 -12.66
C PRO A 6 -21.82 35.71 -13.81
N PHE A 7 -22.75 35.27 -14.63
CA PHE A 7 -22.35 34.41 -15.71
C PHE A 7 -21.89 35.28 -16.90
N THR A 8 -21.01 34.77 -17.74
CA THR A 8 -20.56 35.47 -18.96
C THR A 8 -20.15 34.46 -20.00
N VAL A 9 -20.15 34.88 -21.27
CA VAL A 9 -19.43 34.10 -22.30
C VAL A 9 -18.20 34.88 -22.74
N PRO A 10 -17.19 34.20 -23.29
CA PRO A 10 -16.02 34.91 -23.74
C PRO A 10 -16.39 35.95 -24.79
N ILE A 11 -15.65 37.05 -24.81
CA ILE A 11 -15.81 38.08 -25.82
C ILE A 11 -14.91 37.77 -27.00
N LEU A 12 -15.29 36.77 -27.79
CA LEU A 12 -14.49 36.37 -28.94
C LEU A 12 -15.35 36.25 -30.19
N THR A 13 -14.77 36.58 -31.35
CA THR A 13 -15.49 36.51 -32.56
C THR A 13 -15.52 35.08 -32.87
N VAL A 14 -16.40 34.70 -33.77
CA VAL A 14 -16.48 33.38 -34.25
C VAL A 14 -15.14 32.92 -34.83
N GLU A 15 -14.58 33.67 -35.78
CA GLU A 15 -13.25 33.31 -36.33
C GLU A 15 -12.13 33.21 -35.30
N GLU A 16 -12.25 33.93 -34.18
CA GLU A 16 -11.27 33.77 -33.08
C GLU A 16 -11.36 32.41 -32.29
N MET A 17 -12.39 31.61 -32.48
CA MET A 17 -12.54 30.47 -31.62
C MET A 17 -12.35 29.17 -32.39
N THR A 18 -12.45 28.08 -31.66
CA THR A 18 -11.99 26.78 -32.09
C THR A 18 -13.10 25.73 -32.01
N ASN A 19 -13.21 24.90 -33.04
CA ASN A 19 -14.18 23.85 -33.04
C ASN A 19 -13.90 22.90 -31.90
N SER A 20 -14.95 22.45 -31.25
CA SER A 20 -14.69 21.61 -30.09
C SER A 20 -14.74 20.11 -30.38
N ARG A 21 -14.95 19.75 -31.66
CA ARG A 21 -15.05 18.38 -32.06
C ARG A 21 -13.89 17.93 -32.90
N PHE A 22 -13.02 18.84 -33.25
CA PHE A 22 -11.84 18.46 -34.08
C PHE A 22 -10.92 19.67 -33.97
N PRO A 23 -9.62 19.48 -34.04
CA PRO A 23 -8.77 20.67 -33.76
C PRO A 23 -8.54 21.62 -34.98
N ILE A 24 -9.59 22.41 -35.34
CA ILE A 24 -9.53 23.46 -36.38
C ILE A 24 -10.39 24.68 -35.96
N PRO A 25 -10.10 25.84 -36.57
CA PRO A 25 -10.83 27.06 -36.16
C PRO A 25 -12.28 27.02 -36.55
N LEU A 26 -13.17 27.62 -35.77
CA LEU A 26 -14.57 27.84 -36.23
C LEU A 26 -14.54 28.70 -37.45
N GLU A 27 -15.46 28.49 -38.37
CA GLU A 27 -15.63 29.46 -39.46
C GLU A 27 -16.86 30.35 -39.49
N LYS A 28 -18.02 29.81 -39.11
CA LYS A 28 -19.28 30.40 -39.45
C LYS A 28 -20.38 29.77 -38.62
N LEU A 29 -21.53 30.44 -38.48
CA LEU A 29 -22.61 29.96 -37.63
C LEU A 29 -23.66 29.36 -38.54
N PHE A 30 -24.27 28.24 -38.17
CA PHE A 30 -25.23 27.66 -39.07
C PHE A 30 -26.40 27.21 -38.27
N THR A 31 -27.60 27.38 -38.81
CA THR A 31 -28.80 26.77 -38.24
C THR A 31 -29.62 25.94 -39.24
N GLY A 32 -30.26 24.91 -38.74
CA GLY A 32 -31.14 24.12 -39.55
C GLY A 32 -32.03 23.33 -38.63
N PRO A 33 -33.10 22.71 -39.17
CA PRO A 33 -33.95 21.79 -38.42
C PRO A 33 -33.15 20.55 -38.12
N SER A 34 -33.42 19.89 -36.99
CA SER A 34 -32.63 18.73 -36.57
C SER A 34 -33.39 17.50 -36.18
N SER A 35 -34.66 17.37 -36.58
CA SER A 35 -35.35 16.15 -36.15
C SER A 35 -35.03 14.91 -37.00
N ALA A 36 -34.39 15.11 -38.15
CA ALA A 36 -34.05 14.00 -39.05
C ALA A 36 -32.71 13.37 -38.73
N PHE A 37 -32.09 13.85 -37.65
CA PHE A 37 -30.86 13.21 -37.14
C PHE A 37 -30.64 13.38 -35.62
N VAL A 38 -29.67 12.69 -35.08
CA VAL A 38 -29.50 12.68 -33.65
C VAL A 38 -28.36 13.60 -33.21
N VAL A 39 -28.70 14.69 -32.55
CA VAL A 39 -27.68 15.59 -32.18
C VAL A 39 -27.24 15.16 -30.82
N GLN A 40 -26.22 14.31 -30.79
CA GLN A 40 -25.75 13.84 -29.51
C GLN A 40 -24.25 13.68 -29.49
N PRO A 41 -23.52 14.74 -29.83
CA PRO A 41 -22.06 14.74 -29.84
C PRO A 41 -21.56 14.65 -28.41
N GLN A 42 -20.32 14.17 -28.26
CA GLN A 42 -19.77 13.89 -26.94
C GLN A 42 -18.62 14.80 -26.53
N ASN A 43 -17.98 15.39 -27.53
CA ASN A 43 -17.03 16.46 -27.33
C ASN A 43 -17.71 17.84 -27.36
N GLY A 44 -17.13 18.86 -26.74
CA GLY A 44 -17.81 20.15 -26.72
C GLY A 44 -19.07 20.15 -25.87
N ARG A 45 -19.08 19.33 -24.84
CA ARG A 45 -20.26 19.22 -24.03
C ARG A 45 -19.98 19.70 -22.66
N CYS A 46 -20.63 20.78 -22.27
CA CYS A 46 -20.37 21.37 -20.98
C CYS A 46 -21.58 22.15 -20.52
N THR A 47 -21.96 22.00 -19.26
CA THR A 47 -23.01 22.89 -18.73
C THR A 47 -22.51 24.30 -18.57
N THR A 48 -23.41 25.25 -18.62
CA THR A 48 -23.01 26.61 -18.41
C THR A 48 -22.32 26.79 -17.08
N ASP A 49 -22.57 25.95 -16.08
CA ASP A 49 -21.83 26.18 -14.84
C ASP A 49 -20.64 25.31 -14.74
N GLY A 50 -20.22 24.76 -15.87
CA GLY A 50 -18.89 24.21 -15.94
C GLY A 50 -18.73 22.74 -15.68
N ALA A 51 -19.77 21.94 -15.81
CA ALA A 51 -19.59 20.50 -15.71
C ALA A 51 -19.39 19.91 -17.12
N LEU A 52 -18.19 19.39 -17.37
CA LEU A 52 -17.88 18.71 -18.65
C LEU A 52 -18.70 17.47 -18.76
N LEU A 53 -19.34 17.21 -19.90
CA LEU A 53 -20.08 15.95 -20.02
C LEU A 53 -19.45 15.15 -21.10
N GLY A 54 -19.88 13.92 -21.26
CA GLY A 54 -19.47 13.12 -22.41
C GLY A 54 -18.00 12.77 -22.39
N THR A 55 -17.30 13.02 -23.49
CA THR A 55 -15.89 12.76 -23.53
C THR A 55 -15.10 14.04 -23.55
N THR A 56 -15.73 15.16 -23.23
CA THR A 56 -15.19 16.49 -23.47
C THR A 56 -14.07 16.81 -22.48
N GLN A 57 -12.94 17.31 -22.99
CA GLN A 57 -11.84 17.75 -22.12
C GLN A 57 -11.40 19.15 -22.51
N LEU A 58 -10.47 19.77 -21.77
CA LEU A 58 -10.09 21.15 -22.00
C LEU A 58 -9.14 21.40 -23.16
N SER A 59 -8.20 20.50 -23.45
CA SER A 59 -7.26 20.78 -24.52
C SER A 59 -7.90 20.81 -25.89
N PRO A 60 -7.69 21.93 -26.58
CA PRO A 60 -8.20 22.09 -27.91
C PRO A 60 -7.35 21.37 -28.93
N VAL A 61 -6.17 20.89 -28.54
CA VAL A 61 -5.32 20.18 -29.50
C VAL A 61 -5.38 18.71 -29.33
N ASP A 62 -5.60 18.25 -28.10
CA ASP A 62 -5.88 16.82 -27.87
C ASP A 62 -7.18 16.18 -28.44
N ILE A 63 -8.17 16.95 -28.88
CA ILE A 63 -9.28 16.37 -29.60
C ILE A 63 -8.90 15.49 -30.86
N CYS A 64 -9.43 14.27 -30.91
CA CYS A 64 -9.16 13.32 -32.00
C CYS A 64 -7.75 12.79 -32.07
N THR A 65 -7.03 12.89 -30.96
CA THR A 65 -5.70 12.35 -30.93
C THR A 65 -5.73 11.00 -30.22
N PHE A 66 -4.64 10.23 -30.36
CA PHE A 66 -4.50 8.94 -29.73
C PHE A 66 -3.06 8.69 -29.32
N ARG A 67 -2.83 8.07 -28.15
CA ARG A 67 -1.46 7.83 -27.62
C ARG A 67 -1.37 6.37 -27.21
N GLY A 68 -0.19 5.80 -27.16
CA GLY A 68 -0.04 4.44 -26.63
C GLY A 68 1.06 3.71 -27.34
N ASP A 69 1.07 2.39 -27.28
CA ASP A 69 2.11 1.61 -27.98
C ASP A 69 1.46 0.85 -29.14
N VAL A 70 2.20 0.56 -30.21
CA VAL A 70 1.54 -0.17 -31.29
C VAL A 70 2.08 -1.57 -31.42
N THR A 71 1.38 -2.38 -32.21
CA THR A 71 1.65 -3.80 -32.41
C THR A 71 1.24 -4.08 -33.81
N HIS A 72 2.15 -4.67 -34.59
CA HIS A 72 1.84 -4.86 -35.99
C HIS A 72 0.86 -6.02 -36.13
N ILE A 73 -0.01 -5.95 -37.13
CA ILE A 73 -0.91 -7.07 -37.41
C ILE A 73 -0.36 -7.85 -38.60
N ALA A 74 0.03 -9.10 -38.33
CA ALA A 74 0.81 -9.87 -39.31
C ALA A 74 0.22 -9.94 -40.75
N GLY A 75 1.11 -9.70 -41.72
CA GLY A 75 0.76 -9.62 -43.14
C GLY A 75 -0.34 -8.63 -43.57
N THR A 76 -0.35 -7.43 -42.98
CA THR A 76 -1.15 -6.27 -43.44
C THR A 76 -0.32 -5.07 -43.14
N GLN A 77 -0.80 -3.91 -43.61
CA GLN A 77 -0.20 -2.64 -43.23
C GLN A 77 -0.92 -1.89 -42.06
N ASN A 78 -1.52 -2.66 -41.13
CA ASN A 78 -2.34 -2.15 -40.05
C ASN A 78 -1.67 -2.28 -38.69
N TYR A 79 -1.95 -1.38 -37.76
CA TYR A 79 -1.44 -1.51 -36.40
C TYR A 79 -2.57 -1.38 -35.38
N THR A 80 -2.51 -2.16 -34.29
CA THR A 80 -3.39 -1.96 -33.14
C THR A 80 -2.68 -1.06 -32.19
N MET A 81 -3.37 -0.06 -31.67
CA MET A 81 -2.80 0.74 -30.60
C MET A 81 -3.45 0.42 -29.28
N ASN A 82 -2.65 0.11 -28.28
CA ASN A 82 -3.14 0.02 -26.92
C ASN A 82 -3.10 1.43 -26.31
N LEU A 83 -4.27 2.07 -26.20
CA LEU A 83 -4.39 3.45 -25.73
C LEU A 83 -3.89 3.67 -24.32
N ALA A 84 -3.21 4.80 -24.19
CA ALA A 84 -2.76 5.34 -22.92
C ALA A 84 -3.53 6.63 -22.70
N SER A 85 -3.50 7.15 -21.50
CA SER A 85 -4.11 8.43 -21.23
C SER A 85 -3.22 9.58 -21.61
N GLN A 86 -3.74 10.77 -21.49
CA GLN A 86 -3.09 11.96 -21.98
C GLN A 86 -1.72 12.13 -21.33
N ASN A 87 -1.63 11.82 -20.06
CA ASN A 87 -0.38 11.86 -19.34
C ASN A 87 0.55 10.73 -19.72
N TRP A 88 0.05 9.78 -20.49
CA TRP A 88 0.78 8.59 -20.83
C TRP A 88 0.55 7.60 -19.73
N ASN A 89 -0.22 7.99 -18.72
CA ASN A 89 -0.69 6.95 -17.75
C ASN A 89 -1.65 5.97 -18.45
N ASN A 90 -1.51 4.66 -18.18
CA ASN A 90 -2.51 3.65 -18.61
C ASN A 90 -4.00 4.12 -18.50
N TYR A 91 -4.79 3.76 -19.53
CA TYR A 91 -6.20 4.19 -19.61
C TYR A 91 -7.06 3.24 -18.82
N ASP A 92 -8.01 3.77 -18.06
CA ASP A 92 -8.88 2.92 -17.26
C ASP A 92 -10.28 2.72 -17.88
N PRO A 93 -10.58 1.49 -18.35
CA PRO A 93 -11.87 1.23 -19.01
C PRO A 93 -13.04 1.14 -18.05
N THR A 94 -12.80 1.13 -16.74
CA THR A 94 -13.92 1.13 -15.79
C THR A 94 -14.43 2.54 -15.44
N GLU A 95 -13.66 3.57 -15.75
CA GLU A 95 -13.99 4.94 -15.44
C GLU A 95 -15.33 5.31 -16.11
N GLU A 96 -16.13 6.08 -15.41
CA GLU A 96 -17.49 6.34 -15.86
C GLU A 96 -17.62 7.40 -16.98
N ILE A 97 -17.07 7.06 -18.15
CA ILE A 97 -17.09 7.88 -19.38
C ILE A 97 -17.32 6.97 -20.59
N PRO A 98 -17.77 7.54 -21.71
CA PRO A 98 -18.10 6.73 -22.90
C PRO A 98 -16.87 6.12 -23.52
N ALA A 99 -15.75 6.77 -23.32
CA ALA A 99 -14.53 6.44 -24.04
C ALA A 99 -13.43 7.42 -23.61
N PRO A 100 -12.19 7.25 -24.07
CA PRO A 100 -11.21 8.24 -23.62
C PRO A 100 -11.57 9.68 -23.99
N LEU A 101 -11.49 10.63 -23.05
CA LEU A 101 -11.72 12.04 -23.35
C LEU A 101 -10.99 12.46 -24.64
N GLY A 102 -11.67 13.13 -25.57
CA GLY A 102 -11.02 13.49 -26.76
C GLY A 102 -11.33 12.47 -27.83
N THR A 103 -11.89 11.33 -27.48
CA THR A 103 -12.15 10.38 -28.55
C THR A 103 -13.03 11.04 -29.60
N PRO A 104 -12.81 10.72 -30.89
CA PRO A 104 -13.77 11.22 -31.92
C PRO A 104 -15.23 10.76 -31.67
N ASP A 105 -16.19 11.68 -31.83
CA ASP A 105 -17.60 11.39 -31.70
C ASP A 105 -18.33 11.44 -33.01
N PHE A 106 -17.69 11.10 -34.09
CA PHE A 106 -18.45 10.89 -35.31
C PHE A 106 -17.94 9.70 -36.04
N VAL A 107 -18.74 9.16 -36.93
CA VAL A 107 -18.32 7.98 -37.64
C VAL A 107 -17.66 8.43 -38.92
N GLY A 108 -16.43 8.04 -39.13
CA GLY A 108 -15.79 8.41 -40.38
C GLY A 108 -14.34 8.00 -40.41
N LYS A 109 -13.67 8.21 -41.53
CA LYS A 109 -12.28 7.85 -41.59
C LYS A 109 -11.41 9.08 -41.39
N ILE A 110 -10.68 9.13 -40.28
CA ILE A 110 -9.82 10.27 -39.95
C ILE A 110 -8.38 10.01 -40.36
N GLN A 111 -7.82 10.84 -41.24
CA GLN A 111 -6.42 10.62 -41.64
C GLN A 111 -5.47 11.57 -40.88
N GLY A 112 -4.30 11.05 -40.53
CA GLY A 112 -3.34 11.84 -39.81
C GLY A 112 -1.97 11.24 -39.88
N VAL A 113 -1.21 11.39 -38.82
CA VAL A 113 0.15 10.95 -38.87
C VAL A 113 0.43 10.29 -37.55
N LEU A 114 1.02 9.13 -37.62
CA LEU A 114 1.42 8.37 -36.46
C LEU A 114 2.95 8.52 -36.35
N THR A 115 3.41 9.09 -35.23
CA THR A 115 4.81 9.37 -34.99
C THR A 115 5.28 8.57 -33.79
N GLN A 116 6.56 8.27 -33.69
CA GLN A 116 7.02 7.41 -32.63
C GLN A 116 8.44 7.78 -32.31
N THR A 117 8.79 7.83 -31.02
CA THR A 117 10.20 7.94 -30.62
C THR A 117 10.70 6.62 -30.04
N THR A 118 11.82 6.08 -30.50
CA THR A 118 12.40 4.95 -29.82
C THR A 118 13.07 5.44 -28.54
N ARG A 119 12.72 4.86 -27.39
CA ARG A 119 13.24 5.44 -26.16
C ARG A 119 14.77 5.35 -25.95
N ARG A 120 15.42 4.31 -26.45
CA ARG A 120 16.84 4.09 -26.13
C ARG A 120 17.82 5.03 -26.81
N ASP A 121 17.43 5.58 -27.94
CA ASP A 121 18.31 6.45 -28.68
C ASP A 121 17.67 7.76 -29.21
N GLY A 122 16.37 7.98 -29.01
CA GLY A 122 15.68 9.17 -29.50
C GLY A 122 15.55 9.22 -31.03
N SER A 123 15.54 8.08 -31.71
CA SER A 123 15.32 8.04 -33.14
C SER A 123 13.83 7.99 -33.35
N THR A 124 13.39 8.42 -34.53
CA THR A 124 12.09 9.02 -34.63
C THR A 124 11.53 8.65 -35.97
N ARG A 125 10.26 8.23 -36.02
CA ARG A 125 9.59 7.97 -37.30
C ARG A 125 8.17 8.45 -37.31
N GLY A 126 7.63 8.58 -38.52
CA GLY A 126 6.30 9.12 -38.72
C GLY A 126 5.75 8.61 -40.04
N HIS A 127 4.46 8.30 -40.06
CA HIS A 127 3.81 7.74 -41.24
C HIS A 127 2.37 8.09 -41.34
N LYS A 128 1.93 8.27 -42.57
CA LYS A 128 0.54 8.53 -42.85
C LYS A 128 -0.25 7.35 -42.32
N ALA A 129 -1.33 7.65 -41.63
CA ALA A 129 -2.13 6.63 -40.96
C ALA A 129 -3.60 7.03 -40.90
N THR A 130 -4.50 6.03 -41.01
CA THR A 130 -5.94 6.32 -41.03
C THR A 130 -6.68 5.55 -39.95
N VAL A 131 -7.45 6.24 -39.13
CA VAL A 131 -8.31 5.54 -38.20
C VAL A 131 -9.72 5.60 -38.70
N SER A 132 -10.39 4.45 -38.75
CA SER A 132 -11.74 4.40 -39.24
C SER A 132 -12.70 4.19 -38.05
N THR A 133 -13.47 5.18 -37.68
CA THR A 133 -14.17 5.10 -36.42
C THR A 133 -15.42 4.25 -36.54
N GLY A 134 -15.71 3.77 -37.73
CA GLY A 134 -16.88 2.92 -37.89
C GLY A 134 -16.48 1.46 -37.87
N SER A 135 -15.19 1.22 -37.83
CA SER A 135 -14.65 -0.09 -37.91
C SER A 135 -15.00 -0.95 -36.70
N VAL A 136 -15.28 -2.18 -37.05
CA VAL A 136 -15.38 -3.27 -36.12
C VAL A 136 -14.23 -3.22 -35.06
N HIS A 137 -13.06 -2.71 -35.43
CA HIS A 137 -11.86 -2.66 -34.57
C HIS A 137 -11.66 -1.33 -33.87
N PHE A 138 -12.55 -0.38 -34.06
CA PHE A 138 -12.55 0.84 -33.30
C PHE A 138 -13.25 0.62 -31.98
N THR A 139 -12.47 0.40 -30.92
CA THR A 139 -13.01 0.00 -29.63
C THR A 139 -12.32 0.75 -28.53
N PRO A 140 -12.32 2.09 -28.61
CA PRO A 140 -11.56 2.87 -27.64
C PRO A 140 -11.99 2.62 -26.21
N LYS A 141 -13.25 2.29 -25.98
CA LYS A 141 -13.62 2.14 -24.60
C LYS A 141 -13.02 0.87 -24.07
N LEU A 142 -12.73 -0.11 -24.92
CA LEU A 142 -12.02 -1.30 -24.43
C LEU A 142 -10.52 -1.05 -24.28
N GLY A 143 -9.99 0.00 -24.91
CA GLY A 143 -8.59 0.38 -24.75
C GLY A 143 -7.75 0.14 -26.00
N SER A 144 -8.40 -0.26 -27.09
CA SER A 144 -7.71 -0.62 -28.28
C SER A 144 -8.36 0.07 -29.47
N VAL A 145 -7.54 0.44 -30.43
CA VAL A 145 -7.96 1.08 -31.64
C VAL A 145 -7.06 0.65 -32.77
N GLN A 146 -7.53 0.72 -34.01
CA GLN A 146 -6.67 0.24 -35.10
C GLN A 146 -6.39 1.22 -36.22
N PHE A 147 -5.15 1.25 -36.71
CA PHE A 147 -4.77 2.23 -37.74
C PHE A 147 -4.29 1.48 -38.96
N SER A 148 -4.72 1.96 -40.12
CA SER A 148 -4.22 1.46 -41.36
C SER A 148 -3.17 2.46 -41.82
N THR A 149 -2.03 1.97 -42.28
CA THR A 149 -0.94 2.83 -42.66
C THR A 149 -0.30 2.40 -43.97
N ASP A 150 0.79 3.08 -44.32
CA ASP A 150 1.52 2.77 -45.55
C ASP A 150 2.86 2.13 -45.31
N THR A 151 3.06 1.53 -44.13
CA THR A 151 4.27 0.76 -43.85
C THR A 151 3.94 -0.61 -43.26
N SER A 152 4.90 -1.55 -43.29
CA SER A 152 4.69 -2.89 -42.67
C SER A 152 5.78 -3.33 -41.70
N ASN A 153 6.82 -2.51 -41.60
CA ASN A 153 8.02 -2.86 -40.86
C ASN A 153 8.47 -1.83 -39.86
N ASP A 154 8.16 -0.56 -40.10
CA ASP A 154 8.91 0.53 -39.45
C ASP A 154 8.58 0.80 -37.99
N PHE A 155 7.31 0.69 -37.57
CA PHE A 155 7.00 0.99 -36.15
C PHE A 155 7.49 -0.10 -35.21
N GLU A 156 7.94 0.27 -34.02
CA GLU A 156 8.43 -0.70 -33.08
C GLU A 156 7.46 -0.93 -31.95
N THR A 157 7.47 -2.13 -31.38
CA THR A 157 6.67 -2.36 -30.18
C THR A 157 7.25 -1.64 -28.97
N GLY A 158 6.46 -1.53 -27.91
CA GLY A 158 6.87 -0.91 -26.62
C GLY A 158 7.40 0.51 -26.74
N GLN A 159 6.92 1.26 -27.73
CA GLN A 159 7.43 2.61 -27.94
C GLN A 159 6.31 3.63 -27.99
N ASN A 160 6.41 4.68 -27.17
CA ASN A 160 5.48 5.81 -27.23
C ASN A 160 5.10 6.23 -28.65
N THR A 161 3.83 6.09 -29.02
CA THR A 161 3.39 6.44 -30.37
C THR A 161 2.22 7.36 -30.25
N ARG A 162 2.02 8.23 -31.22
CA ARG A 162 1.02 9.28 -31.08
C ARG A 162 0.36 9.42 -32.43
N PHE A 163 -0.96 9.64 -32.43
CA PHE A 163 -1.69 10.00 -33.64
C PHE A 163 -1.99 11.49 -33.73
N THR A 164 -1.56 12.16 -34.78
CA THR A 164 -1.97 13.56 -34.95
C THR A 164 -2.97 13.61 -36.08
N PRO A 165 -4.19 14.12 -35.82
CA PRO A 165 -5.19 13.99 -36.86
C PRO A 165 -5.03 15.11 -37.88
N VAL A 166 -5.39 14.87 -39.11
CA VAL A 166 -5.25 15.93 -40.04
C VAL A 166 -6.56 16.30 -40.69
N GLY A 167 -7.24 15.34 -41.28
CA GLY A 167 -8.55 15.62 -41.84
C GLY A 167 -9.28 14.32 -42.17
N VAL A 168 -10.11 14.36 -43.22
CA VAL A 168 -11.08 13.27 -43.46
C VAL A 168 -11.12 12.81 -44.87
N VAL A 169 -11.69 11.65 -45.07
CA VAL A 169 -11.44 10.95 -46.29
C VAL A 169 -12.74 10.35 -46.76
N GLN A 170 -12.98 10.27 -48.05
CA GLN A 170 -14.03 9.38 -48.49
C GLN A 170 -13.68 8.71 -49.80
N ASP A 171 -14.36 7.61 -50.06
CA ASP A 171 -14.02 6.87 -51.21
C ASP A 171 -14.79 7.36 -52.42
N GLY A 172 -14.01 7.88 -53.37
CA GLY A 172 -14.54 8.63 -54.50
C GLY A 172 -15.39 7.81 -55.42
N SER A 173 -15.19 6.49 -55.43
CA SER A 173 -15.95 5.61 -56.31
C SER A 173 -17.45 5.52 -55.82
N THR A 174 -17.69 5.90 -54.57
CA THR A 174 -19.04 5.88 -54.01
C THR A 174 -19.71 7.27 -54.06
N THR A 175 -20.83 7.46 -53.36
CA THR A 175 -21.56 8.74 -53.35
C THR A 175 -20.84 9.88 -52.64
N HIS A 176 -20.71 10.96 -53.39
CA HIS A 176 -20.06 12.16 -52.89
C HIS A 176 -20.78 12.64 -51.65
N GLN A 177 -19.95 12.99 -50.68
CA GLN A 177 -20.30 13.42 -49.33
C GLN A 177 -20.98 12.38 -48.43
N ASN A 178 -20.82 11.10 -48.76
CA ASN A 178 -21.42 10.06 -47.93
C ASN A 178 -20.75 9.82 -46.60
N GLU A 179 -19.56 10.37 -46.41
CA GLU A 179 -18.93 10.29 -45.11
C GLU A 179 -17.95 11.44 -44.96
N PRO A 180 -17.59 11.78 -43.72
CA PRO A 180 -18.03 11.21 -42.45
C PRO A 180 -19.49 11.46 -42.18
N GLN A 181 -20.03 10.81 -41.16
CA GLN A 181 -21.37 11.18 -40.72
C GLN A 181 -21.27 11.83 -39.35
N GLN A 182 -21.31 13.14 -39.35
CA GLN A 182 -20.99 13.83 -38.16
C GLN A 182 -22.00 13.56 -37.07
N TRP A 183 -23.16 12.97 -37.42
CA TRP A 183 -24.20 12.84 -36.40
C TRP A 183 -24.49 11.41 -36.04
N VAL A 184 -23.55 10.53 -36.29
CA VAL A 184 -23.67 9.15 -35.89
C VAL A 184 -22.48 8.84 -34.95
N LEU A 185 -22.73 8.57 -33.67
CA LEU A 185 -21.67 8.17 -32.80
C LEU A 185 -21.13 6.81 -33.23
N PRO A 186 -19.83 6.55 -33.00
CA PRO A 186 -19.22 5.24 -33.16
C PRO A 186 -19.72 4.29 -32.13
N ASP A 187 -19.43 3.01 -32.30
CA ASP A 187 -19.59 2.11 -31.17
C ASP A 187 -18.30 2.06 -30.38
N TYR A 188 -18.26 2.82 -29.30
CA TYR A 188 -17.05 2.92 -28.53
C TYR A 188 -16.49 1.58 -28.03
N SER A 189 -17.31 0.53 -27.99
CA SER A 189 -16.83 -0.78 -27.52
C SER A 189 -16.96 -1.82 -28.57
N GLY A 190 -17.27 -1.43 -29.77
CA GLY A 190 -17.34 -2.36 -30.86
C GLY A 190 -18.73 -2.90 -31.03
N ARG A 191 -18.89 -3.68 -32.09
CA ARG A 191 -20.15 -4.31 -32.47
C ARG A 191 -20.89 -4.98 -31.32
N ASP A 192 -22.22 -4.81 -31.34
CA ASP A 192 -23.09 -5.37 -30.31
C ASP A 192 -22.58 -4.94 -28.90
N SER A 193 -22.54 -3.63 -28.69
CA SER A 193 -22.46 -3.18 -27.33
C SER A 193 -22.92 -1.77 -27.23
N HIS A 194 -23.36 -1.42 -26.03
CA HIS A 194 -24.02 -0.16 -25.84
C HIS A 194 -23.03 0.86 -25.42
N ASN A 195 -23.16 2.06 -25.98
CA ASN A 195 -22.40 3.14 -25.43
C ASN A 195 -22.87 3.46 -24.00
N VAL A 196 -22.00 4.01 -23.17
CA VAL A 196 -22.43 4.27 -21.79
C VAL A 196 -22.07 5.70 -21.34
N HIS A 197 -22.75 6.18 -20.32
CA HIS A 197 -22.45 7.52 -19.82
C HIS A 197 -22.39 8.60 -20.89
N LEU A 198 -23.30 8.60 -21.85
CA LEU A 198 -23.28 9.59 -22.91
C LEU A 198 -23.78 10.95 -22.43
N ALA A 199 -23.27 12.03 -23.01
CA ALA A 199 -23.93 13.33 -22.88
C ALA A 199 -25.34 13.24 -23.54
N PRO A 200 -26.36 13.88 -22.97
CA PRO A 200 -27.74 13.70 -23.51
C PRO A 200 -27.82 14.10 -24.96
N ALA A 201 -28.65 13.46 -25.77
CA ALA A 201 -29.04 14.09 -27.07
C ALA A 201 -29.77 15.43 -26.81
N VAL A 202 -29.80 16.30 -27.82
CA VAL A 202 -30.40 17.58 -27.60
C VAL A 202 -31.31 17.93 -28.73
N ALA A 203 -32.31 18.77 -28.45
CA ALA A 203 -33.28 19.24 -29.44
C ALA A 203 -33.95 20.59 -29.07
N PRO A 204 -34.31 21.42 -30.07
CA PRO A 204 -35.07 22.62 -29.76
C PRO A 204 -36.37 22.23 -29.05
N THR A 205 -36.78 22.96 -28.04
CA THR A 205 -37.97 22.54 -27.31
C THR A 205 -38.87 23.73 -27.14
N PHE A 206 -39.03 24.53 -28.18
CA PHE A 206 -39.87 25.70 -28.20
C PHE A 206 -40.28 25.96 -29.68
N PRO A 207 -41.53 26.39 -29.93
CA PRO A 207 -42.02 26.58 -31.30
C PRO A 207 -41.24 27.58 -32.05
N GLY A 208 -40.84 27.23 -33.27
CA GLY A 208 -40.16 28.18 -34.09
C GLY A 208 -38.66 28.23 -33.88
N GLU A 209 -38.14 27.40 -32.98
CA GLU A 209 -36.74 27.40 -32.62
C GLU A 209 -35.94 26.28 -33.26
N GLN A 210 -34.67 26.56 -33.55
CA GLN A 210 -33.76 25.58 -34.09
C GLN A 210 -32.43 25.64 -33.36
N LEU A 211 -31.64 24.58 -33.36
CA LEU A 211 -30.32 24.72 -32.80
C LEU A 211 -29.47 25.68 -33.59
N LEU A 212 -28.62 26.45 -32.87
CA LEU A 212 -27.54 27.17 -33.54
C LEU A 212 -26.25 26.40 -33.48
N PHE A 213 -25.61 26.13 -34.60
CA PHE A 213 -24.41 25.32 -34.61
C PHE A 213 -23.21 26.24 -34.87
N PHE A 214 -22.06 25.94 -34.31
CA PHE A 214 -20.88 26.64 -34.66
C PHE A 214 -20.16 25.71 -35.57
N ARG A 215 -19.87 26.14 -36.80
CA ARG A 215 -19.45 25.28 -37.87
C ARG A 215 -18.03 25.48 -38.43
N SER A 216 -17.35 24.37 -38.73
CA SER A 216 -16.05 24.48 -39.42
C SER A 216 -16.09 23.59 -40.57
N THR A 217 -15.14 23.80 -41.45
CA THR A 217 -14.89 22.91 -42.55
C THR A 217 -13.63 22.09 -42.22
N MET A 218 -13.78 20.77 -42.15
CA MET A 218 -12.63 19.89 -41.89
C MET A 218 -11.73 19.81 -43.12
N PRO A 219 -10.41 19.73 -42.93
CA PRO A 219 -9.65 19.48 -44.14
C PRO A 219 -10.02 18.11 -44.71
N GLY A 220 -10.00 17.97 -46.03
CA GLY A 220 -10.25 16.67 -46.64
C GLY A 220 -8.94 16.18 -47.21
N CYS A 221 -8.61 14.91 -47.00
CA CYS A 221 -7.38 14.37 -47.49
C CYS A 221 -7.48 13.63 -48.80
N SER A 222 -8.66 13.18 -49.14
CA SER A 222 -8.83 12.43 -50.36
C SER A 222 -10.33 12.28 -50.69
N GLY A 223 -10.61 12.37 -51.99
CA GLY A 223 -11.95 12.20 -52.52
C GLY A 223 -12.73 13.45 -52.21
N TYR A 224 -14.02 13.22 -52.05
CA TYR A 224 -15.00 14.21 -51.71
C TYR A 224 -15.64 13.84 -50.38
N PRO A 225 -15.14 14.31 -49.25
CA PRO A 225 -15.79 13.81 -48.04
C PRO A 225 -16.55 15.01 -47.51
N ASN A 226 -17.73 14.76 -46.93
CA ASN A 226 -18.53 15.81 -46.37
C ASN A 226 -17.77 16.50 -45.23
N MET A 227 -17.25 17.68 -45.48
CA MET A 227 -16.42 18.32 -44.47
C MET A 227 -17.16 19.20 -43.44
N ASN A 228 -18.47 19.36 -43.54
CA ASN A 228 -19.10 20.15 -42.45
C ASN A 228 -18.96 19.43 -41.11
N LEU A 229 -18.64 20.19 -40.08
CA LEU A 229 -18.54 19.68 -38.73
C LEU A 229 -19.10 20.73 -37.76
N ASP A 230 -20.23 20.44 -37.12
CA ASP A 230 -20.92 21.37 -36.27
C ASP A 230 -20.75 21.11 -34.79
N CYS A 231 -20.33 22.10 -34.04
CA CYS A 231 -20.30 21.83 -32.63
C CYS A 231 -21.40 22.55 -31.85
N LEU A 232 -21.73 22.08 -30.65
CA LEU A 232 -22.70 22.82 -29.89
C LEU A 232 -22.17 24.01 -29.15
N LEU A 233 -20.89 24.00 -28.81
CA LEU A 233 -20.18 25.07 -28.10
C LEU A 233 -18.75 25.19 -28.64
N PRO A 234 -18.28 26.43 -28.86
CA PRO A 234 -16.90 26.61 -29.21
C PRO A 234 -16.05 26.00 -28.09
N GLN A 235 -14.89 25.43 -28.40
CA GLN A 235 -14.02 24.98 -27.32
C GLN A 235 -13.74 26.04 -26.24
N GLU A 236 -13.53 27.29 -26.66
CA GLU A 236 -13.25 28.37 -25.67
C GLU A 236 -14.41 28.60 -24.69
N TRP A 237 -15.64 28.27 -25.11
CA TRP A 237 -16.77 28.37 -24.22
C TRP A 237 -16.66 27.28 -23.12
N VAL A 238 -16.29 26.06 -23.52
CA VAL A 238 -16.18 24.96 -22.57
C VAL A 238 -15.16 25.39 -21.53
N GLN A 239 -14.00 25.81 -22.03
CA GLN A 239 -12.94 26.30 -21.21
C GLN A 239 -13.38 27.44 -20.30
N HIS A 240 -14.16 28.36 -20.85
CA HIS A 240 -14.61 29.53 -20.11
C HIS A 240 -15.49 29.10 -18.99
N PHE A 241 -16.54 28.32 -19.30
CA PHE A 241 -17.53 27.88 -18.31
C PHE A 241 -16.84 27.07 -17.20
N TYR A 242 -15.88 26.22 -17.61
CA TYR A 242 -15.17 25.38 -16.68
C TYR A 242 -14.43 26.26 -15.71
N GLN A 243 -13.72 27.26 -16.19
CA GLN A 243 -13.04 28.18 -15.29
C GLN A 243 -13.98 28.91 -14.35
N GLU A 244 -15.08 29.44 -14.85
CA GLU A 244 -15.83 30.43 -14.12
C GLU A 244 -16.78 29.82 -13.15
N SER A 245 -17.32 28.67 -13.55
CA SER A 245 -18.32 27.95 -12.79
C SER A 245 -19.45 28.80 -12.27
N ALA A 246 -20.05 29.68 -13.11
CA ALA A 246 -21.18 30.54 -12.61
C ALA A 246 -22.49 29.75 -12.62
N PRO A 247 -23.20 29.81 -11.46
CA PRO A 247 -24.39 29.04 -11.17
C PRO A 247 -25.45 29.61 -12.05
N ALA A 248 -26.21 28.74 -12.75
CA ALA A 248 -27.27 29.16 -13.67
C ALA A 248 -28.47 29.70 -12.86
N GLN A 249 -28.97 30.87 -13.19
CA GLN A 249 -29.98 31.50 -12.34
C GLN A 249 -31.36 31.14 -12.82
N SER A 250 -31.47 30.79 -14.08
CA SER A 250 -32.72 30.23 -14.53
C SER A 250 -32.50 29.31 -15.73
N ASP A 251 -33.47 29.08 -16.59
CA ASP A 251 -33.36 27.96 -17.55
C ASP A 251 -32.44 28.23 -18.73
N VAL A 252 -32.38 29.49 -19.08
CA VAL A 252 -31.79 29.86 -20.30
C VAL A 252 -30.98 31.12 -20.04
N ALA A 253 -29.86 31.24 -20.72
CA ALA A 253 -29.08 32.43 -20.62
C ALA A 253 -29.31 33.12 -21.94
N LEU A 254 -29.85 34.32 -21.90
CA LEU A 254 -30.15 35.01 -23.15
C LEU A 254 -28.95 35.78 -23.69
N LEU A 255 -28.47 35.44 -24.86
CA LEU A 255 -27.30 36.12 -25.40
C LEU A 255 -27.67 37.02 -26.58
N ARG A 256 -27.00 38.15 -26.74
CA ARG A 256 -27.19 38.96 -27.94
C ARG A 256 -25.98 38.95 -28.81
N PHE A 257 -26.13 38.69 -30.09
CA PHE A 257 -24.97 38.76 -30.94
C PHE A 257 -24.88 40.16 -31.46
N VAL A 258 -23.81 40.86 -31.14
CA VAL A 258 -23.69 42.27 -31.48
C VAL A 258 -22.69 42.56 -32.62
N ASN A 259 -22.99 43.52 -33.48
CA ASN A 259 -21.99 44.04 -34.37
C ASN A 259 -21.39 45.36 -33.82
N PRO A 260 -20.11 45.36 -33.48
CA PRO A 260 -19.53 46.56 -32.89
C PRO A 260 -19.46 47.75 -33.84
N ASP A 261 -19.51 47.53 -35.14
CA ASP A 261 -19.37 48.62 -36.10
C ASP A 261 -20.59 49.49 -36.13
N THR A 262 -21.75 48.87 -36.24
CA THR A 262 -23.02 49.56 -36.21
C THR A 262 -23.47 49.77 -34.79
N GLY A 263 -23.02 48.91 -33.87
CA GLY A 263 -23.39 48.98 -32.47
C GLY A 263 -24.70 48.27 -32.26
N ARG A 264 -25.18 47.58 -33.29
CA ARG A 264 -26.51 47.02 -33.28
C ARG A 264 -26.58 45.55 -32.91
N VAL A 265 -27.67 45.13 -32.28
CA VAL A 265 -27.88 43.73 -32.03
C VAL A 265 -28.29 43.11 -33.34
N LEU A 266 -27.61 42.07 -33.74
CA LEU A 266 -27.92 41.37 -34.93
C LEU A 266 -28.98 40.27 -34.81
N PHE A 267 -28.91 39.43 -33.77
CA PHE A 267 -29.91 38.39 -33.45
C PHE A 267 -29.84 38.03 -31.97
N GLU A 268 -30.83 37.34 -31.46
CA GLU A 268 -30.71 36.92 -30.07
C GLU A 268 -30.86 35.42 -29.98
N CYS A 269 -30.24 34.80 -29.01
CA CYS A 269 -30.27 33.36 -28.94
C CYS A 269 -30.35 32.93 -27.48
N LYS A 270 -30.77 31.70 -27.27
CA LYS A 270 -30.85 31.13 -25.96
C LYS A 270 -29.71 30.13 -25.81
N LEU A 271 -28.97 30.30 -24.72
CA LEU A 271 -27.95 29.38 -24.31
C LEU A 271 -28.59 28.63 -23.15
N HIS A 272 -29.04 27.41 -23.44
CA HIS A 272 -29.63 26.51 -22.46
C HIS A 272 -28.61 26.11 -21.43
N LYS A 273 -29.07 25.91 -20.20
CA LYS A 273 -28.10 25.69 -19.14
C LYS A 273 -27.19 24.48 -19.37
N SER A 274 -27.68 23.48 -20.06
CA SER A 274 -26.97 22.21 -20.11
C SER A 274 -26.12 22.22 -21.32
N GLY A 275 -26.12 23.35 -21.99
CA GLY A 275 -24.99 23.65 -22.85
C GLY A 275 -25.10 23.94 -24.33
N TYR A 276 -26.30 23.94 -24.89
CA TYR A 276 -26.41 24.39 -26.24
C TYR A 276 -27.21 25.63 -26.58
N VAL A 277 -27.13 26.05 -27.84
CA VAL A 277 -27.77 27.29 -28.29
C VAL A 277 -28.94 27.07 -29.27
N THR A 278 -30.02 27.83 -29.11
CA THR A 278 -31.11 27.80 -30.08
C THR A 278 -31.43 29.22 -30.48
N VAL A 279 -31.92 29.39 -31.71
CA VAL A 279 -32.32 30.69 -32.27
C VAL A 279 -33.73 30.54 -32.80
N ALA A 280 -34.45 31.61 -33.10
CA ALA A 280 -35.81 31.51 -33.70
C ALA A 280 -35.74 31.56 -35.23
N HIS A 281 -35.98 30.46 -35.92
CA HIS A 281 -35.85 30.47 -37.36
C HIS A 281 -36.32 29.19 -37.93
N THR A 282 -36.93 29.22 -39.10
CA THR A 282 -37.29 27.96 -39.71
C THR A 282 -36.53 27.71 -41.01
N GLY A 283 -35.71 26.67 -41.04
CA GLY A 283 -35.03 26.34 -42.24
C GLY A 283 -33.53 26.46 -42.14
N GLN A 284 -32.85 25.97 -43.17
CA GLN A 284 -31.42 25.95 -43.15
C GLN A 284 -30.93 27.32 -43.51
N HIS A 285 -29.93 27.79 -42.80
CA HIS A 285 -29.43 29.13 -43.00
C HIS A 285 -28.01 29.28 -42.54
N ASP A 286 -27.14 29.66 -43.45
CA ASP A 286 -25.77 30.06 -43.11
C ASP A 286 -25.88 31.48 -42.65
N LEU A 287 -25.67 31.77 -41.37
CA LEU A 287 -25.75 33.15 -40.91
C LEU A 287 -24.80 34.10 -41.60
N VAL A 288 -25.24 35.29 -41.97
CA VAL A 288 -24.26 36.24 -42.52
C VAL A 288 -23.88 37.19 -41.38
N ILE A 289 -22.61 37.18 -40.99
CA ILE A 289 -22.19 37.98 -39.81
C ILE A 289 -20.99 38.84 -40.09
N PRO A 290 -20.90 39.99 -39.40
CA PRO A 290 -19.69 40.82 -39.51
C PRO A 290 -18.50 40.09 -38.90
N PRO A 291 -17.36 40.06 -39.59
CA PRO A 291 -16.31 39.23 -39.02
C PRO A 291 -15.92 39.61 -37.57
N ASN A 292 -16.29 40.78 -37.11
CA ASN A 292 -15.89 41.08 -35.78
C ASN A 292 -17.07 41.22 -34.80
N GLY A 293 -18.18 40.59 -35.14
CA GLY A 293 -19.29 40.49 -34.21
C GLY A 293 -19.01 39.44 -33.16
N TYR A 294 -19.71 39.52 -32.03
CA TYR A 294 -19.41 38.75 -30.85
C TYR A 294 -20.68 38.55 -29.98
N PHE A 295 -20.71 37.49 -29.14
CA PHE A 295 -21.84 37.24 -28.25
C PHE A 295 -21.62 37.92 -26.94
N ARG A 296 -22.68 38.45 -26.34
CA ARG A 296 -22.61 38.97 -24.99
C ARG A 296 -23.83 38.47 -24.25
N PHE A 297 -23.67 38.24 -22.95
CA PHE A 297 -24.73 37.71 -22.11
C PHE A 297 -25.66 38.84 -21.71
N ASP A 298 -26.99 38.68 -21.85
CA ASP A 298 -27.95 39.67 -21.37
C ASP A 298 -28.62 39.39 -20.02
N SER A 299 -29.10 38.17 -19.81
CA SER A 299 -29.82 37.82 -18.57
C SER A 299 -30.32 36.42 -18.62
N TRP A 300 -30.59 35.89 -17.44
CA TRP A 300 -31.28 34.65 -17.25
C TRP A 300 -32.74 34.85 -17.39
N VAL A 301 -33.34 34.04 -18.25
CA VAL A 301 -34.75 34.10 -18.52
C VAL A 301 -35.33 32.72 -18.50
N ASN A 302 -36.63 32.65 -18.51
CA ASN A 302 -37.35 31.43 -18.58
C ASN A 302 -37.31 30.80 -19.93
N GLN A 303 -37.64 29.53 -20.00
CA GLN A 303 -37.70 28.79 -21.24
C GLN A 303 -38.67 29.44 -22.13
N PHE A 304 -39.74 29.94 -21.59
CA PHE A 304 -40.82 30.39 -22.41
C PHE A 304 -40.65 31.76 -22.94
N TYR A 305 -39.49 32.33 -22.76
CA TYR A 305 -39.14 33.59 -23.41
C TYR A 305 -39.07 33.45 -24.94
N THR A 306 -39.59 34.45 -25.62
CA THR A 306 -39.79 34.46 -27.03
C THR A 306 -38.70 35.30 -27.67
N LEU A 307 -37.84 34.64 -28.45
CA LEU A 307 -36.78 35.25 -29.20
C LEU A 307 -37.34 36.01 -30.36
N ALA A 308 -36.76 37.17 -30.63
CA ALA A 308 -37.07 37.93 -31.86
C ALA A 308 -36.49 37.13 -33.00
N PRO A 309 -37.23 36.99 -34.11
CA PRO A 309 -36.75 36.21 -35.26
C PRO A 309 -35.37 36.65 -35.69
N MET A 310 -34.50 35.72 -36.02
CA MET A 310 -33.19 36.00 -36.53
C MET A 310 -33.24 36.39 -38.03
N GLY A 311 -32.99 37.65 -38.36
CA GLY A 311 -33.30 38.16 -39.71
C GLY A 311 -32.80 37.26 -40.86
N THR B 4 35.96 -40.50 -30.64
CA THR B 4 35.39 -39.96 -29.34
C THR B 4 36.30 -38.83 -28.82
N LYS B 5 35.86 -37.59 -29.00
CA LYS B 5 36.62 -36.47 -28.44
C LYS B 5 36.96 -36.70 -26.92
N PRO B 6 38.27 -36.81 -26.60
CA PRO B 6 38.64 -37.09 -25.20
C PRO B 6 38.34 -35.87 -24.31
N PHE B 7 37.64 -36.09 -23.21
CA PHE B 7 37.38 -35.02 -22.27
C PHE B 7 38.64 -34.63 -21.54
N THR B 8 38.77 -33.35 -21.16
CA THR B 8 39.92 -32.80 -20.43
C THR B 8 39.41 -31.64 -19.59
N VAL B 9 40.16 -31.21 -18.57
CA VAL B 9 39.86 -29.93 -17.97
C VAL B 9 41.09 -29.08 -18.22
N PRO B 10 41.00 -27.73 -18.05
CA PRO B 10 42.11 -26.83 -18.47
C PRO B 10 43.32 -27.07 -17.61
N ILE B 11 44.50 -26.71 -18.07
CA ILE B 11 45.67 -26.94 -17.24
C ILE B 11 45.99 -25.61 -16.65
N LEU B 12 45.40 -25.29 -15.50
CA LEU B 12 45.53 -23.96 -14.95
C LEU B 12 45.43 -24.02 -13.47
N THR B 13 46.31 -23.32 -12.79
CA THR B 13 46.27 -23.36 -11.36
C THR B 13 44.99 -22.65 -10.95
N VAL B 14 44.43 -22.99 -9.80
CA VAL B 14 43.34 -22.19 -9.25
C VAL B 14 43.58 -20.67 -9.29
N GLU B 15 44.73 -20.19 -8.83
CA GLU B 15 44.97 -18.74 -8.81
C GLU B 15 45.00 -18.14 -10.18
N GLU B 16 45.28 -18.95 -11.19
CA GLU B 16 45.31 -18.46 -12.54
C GLU B 16 43.88 -18.28 -13.12
N MET B 17 42.86 -18.79 -12.46
CA MET B 17 41.50 -18.83 -13.00
C MET B 17 40.55 -17.81 -12.39
N THR B 18 39.35 -17.75 -12.94
CA THR B 18 38.41 -16.67 -12.69
C THR B 18 37.10 -17.15 -12.08
N ASN B 19 36.57 -16.41 -11.13
CA ASN B 19 35.34 -16.81 -10.50
C ASN B 19 34.21 -16.70 -11.51
N SER B 20 33.25 -17.62 -11.54
CA SER B 20 32.26 -17.53 -12.59
C SER B 20 31.00 -16.80 -12.19
N ARG B 21 30.95 -16.34 -10.95
CA ARG B 21 29.75 -15.73 -10.46
C ARG B 21 29.89 -14.24 -10.16
N PHE B 22 31.10 -13.68 -10.38
CA PHE B 22 31.44 -12.22 -10.18
C PHE B 22 32.79 -12.00 -10.91
N PRO B 23 33.10 -10.82 -11.41
CA PRO B 23 34.34 -10.91 -12.20
C PRO B 23 35.59 -10.61 -11.36
N ILE B 24 36.01 -11.60 -10.56
CA ILE B 24 37.30 -11.58 -9.84
C ILE B 24 38.10 -12.87 -9.93
N PRO B 25 39.40 -12.84 -9.61
CA PRO B 25 40.19 -14.06 -9.68
C PRO B 25 39.76 -15.05 -8.61
N LEU B 26 40.00 -16.33 -8.84
CA LEU B 26 39.78 -17.35 -7.81
C LEU B 26 40.92 -17.29 -6.83
N GLU B 27 40.66 -17.60 -5.58
CA GLU B 27 41.77 -17.62 -4.62
C GLU B 27 42.00 -19.00 -4.02
N LYS B 28 40.94 -19.69 -3.63
CA LYS B 28 41.11 -20.92 -2.85
C LYS B 28 40.03 -21.94 -3.20
N LEU B 29 40.21 -23.19 -2.79
CA LEU B 29 39.17 -24.20 -2.82
C LEU B 29 38.63 -24.40 -1.42
N PHE B 30 37.33 -24.58 -1.31
CA PHE B 30 36.72 -24.71 -0.01
C PHE B 30 35.67 -25.81 -0.03
N THR B 31 35.56 -26.61 1.02
CA THR B 31 34.48 -27.63 1.08
C THR B 31 33.68 -27.60 2.38
N GLY B 32 32.38 -27.90 2.28
CA GLY B 32 31.50 -27.93 3.44
C GLY B 32 30.13 -28.55 3.25
N PRO B 33 29.48 -28.91 4.33
CA PRO B 33 28.11 -29.39 4.15
C PRO B 33 27.22 -28.32 3.54
N SER B 34 26.31 -28.75 2.66
CA SER B 34 25.43 -27.87 1.92
C SER B 34 23.95 -28.26 2.01
N SER B 35 23.60 -28.93 3.11
CA SER B 35 22.22 -29.33 3.25
C SER B 35 21.40 -28.27 3.91
N ALA B 36 22.05 -27.25 4.48
CA ALA B 36 21.36 -26.18 5.23
C ALA B 36 21.15 -24.96 4.35
N PHE B 37 21.46 -25.12 3.07
CA PHE B 37 21.21 -24.06 2.09
C PHE B 37 21.12 -24.62 0.68
N VAL B 38 20.45 -23.83 -0.17
CA VAL B 38 20.15 -24.25 -1.53
C VAL B 38 21.31 -23.92 -2.45
N VAL B 39 21.99 -24.93 -2.94
CA VAL B 39 23.02 -24.61 -3.91
C VAL B 39 22.46 -24.58 -5.34
N GLN B 40 22.00 -23.41 -5.74
CA GLN B 40 21.35 -23.24 -7.04
C GLN B 40 21.79 -21.97 -7.79
N PRO B 41 23.12 -21.72 -7.87
CA PRO B 41 23.59 -20.57 -8.60
C PRO B 41 23.28 -20.71 -10.12
N GLN B 42 23.06 -19.57 -10.77
CA GLN B 42 22.63 -19.55 -12.15
C GLN B 42 23.78 -19.19 -13.08
N ASN B 43 24.80 -18.51 -12.56
CA ASN B 43 26.07 -18.34 -13.28
C ASN B 43 27.10 -19.47 -13.05
N GLY B 44 28.02 -19.62 -13.98
CA GLY B 44 29.03 -20.70 -13.90
C GLY B 44 28.42 -22.06 -13.93
N ARG B 45 27.42 -22.24 -14.79
CA ARG B 45 26.69 -23.50 -14.90
C ARG B 45 26.85 -24.06 -16.33
N CYS B 46 27.45 -25.23 -16.48
CA CYS B 46 27.69 -25.84 -17.75
C CYS B 46 27.79 -27.37 -17.60
N THR B 47 27.40 -28.13 -18.61
CA THR B 47 27.58 -29.56 -18.47
C THR B 47 28.96 -29.86 -18.96
N THR B 48 29.54 -30.92 -18.47
CA THR B 48 30.79 -31.30 -19.01
C THR B 48 30.80 -31.35 -20.52
N ASP B 49 29.69 -31.64 -21.19
CA ASP B 49 29.73 -31.63 -22.67
C ASP B 49 29.38 -30.34 -23.31
N GLY B 50 29.19 -29.31 -22.48
CA GLY B 50 29.36 -27.93 -22.92
C GLY B 50 28.07 -27.23 -23.22
N ALA B 51 27.05 -27.51 -22.43
CA ALA B 51 25.76 -26.89 -22.61
C ALA B 51 25.54 -25.91 -21.47
N LEU B 52 25.58 -24.63 -21.79
CA LEU B 52 25.43 -23.63 -20.76
C LEU B 52 24.05 -23.72 -20.14
N LEU B 53 23.96 -23.47 -18.84
CA LEU B 53 22.68 -23.52 -18.18
C LEU B 53 22.39 -22.21 -17.45
N GLY B 54 21.16 -22.10 -16.95
CA GLY B 54 20.76 -20.91 -16.17
C GLY B 54 21.11 -19.66 -16.92
N THR B 55 21.71 -18.70 -16.23
CA THR B 55 22.05 -17.42 -16.85
C THR B 55 23.53 -17.34 -17.32
N THR B 56 24.15 -18.47 -17.64
CA THR B 56 25.57 -18.51 -17.77
C THR B 56 25.97 -18.16 -19.21
N GLN B 57 27.00 -17.30 -19.33
CA GLN B 57 27.52 -16.89 -20.62
C GLN B 57 29.05 -16.90 -20.63
N LEU B 58 29.70 -16.61 -21.75
CA LEU B 58 31.16 -16.88 -21.78
C LEU B 58 32.06 -15.72 -21.28
N SER B 59 31.62 -14.46 -21.39
CA SER B 59 32.47 -13.34 -20.90
C SER B 59 32.70 -13.39 -19.40
N PRO B 60 33.94 -13.48 -19.00
CA PRO B 60 34.22 -13.40 -17.58
C PRO B 60 34.11 -11.99 -17.04
N VAL B 61 33.95 -11.01 -17.92
CA VAL B 61 33.95 -9.63 -17.47
C VAL B 61 32.57 -9.09 -17.43
N ASP B 62 31.64 -9.72 -18.17
CA ASP B 62 30.24 -9.26 -18.23
C ASP B 62 29.34 -9.85 -17.16
N ILE B 63 29.86 -10.46 -16.14
CA ILE B 63 29.06 -10.97 -15.07
C ILE B 63 28.79 -9.83 -14.10
N CYS B 64 27.55 -9.70 -13.66
CA CYS B 64 27.09 -8.62 -12.78
C CYS B 64 27.16 -7.25 -13.38
N THR B 65 27.10 -7.17 -14.71
CA THR B 65 27.07 -5.87 -15.37
C THR B 65 25.71 -5.64 -15.96
N PHE B 66 25.40 -4.41 -16.32
CA PHE B 66 24.11 -4.05 -16.85
C PHE B 66 24.36 -2.93 -17.82
N ARG B 67 23.51 -2.82 -18.85
CA ARG B 67 23.65 -1.92 -20.03
C ARG B 67 22.25 -1.51 -20.37
N GLY B 68 22.01 -0.24 -20.63
CA GLY B 68 20.77 0.11 -21.33
C GLY B 68 20.59 1.59 -21.39
N ASP B 69 19.37 2.07 -21.22
CA ASP B 69 19.24 3.48 -21.01
C ASP B 69 18.58 3.72 -19.70
N VAL B 70 18.61 4.95 -19.23
CA VAL B 70 18.09 5.22 -17.93
C VAL B 70 17.07 6.35 -17.90
N THR B 71 16.42 6.45 -16.76
CA THR B 71 15.27 7.31 -16.52
C THR B 71 15.41 7.72 -15.11
N HIS B 72 15.37 9.01 -14.85
CA HIS B 72 15.44 9.48 -13.47
C HIS B 72 14.17 9.14 -12.68
N ILE B 73 14.30 8.88 -11.40
CA ILE B 73 13.14 8.71 -10.57
C ILE B 73 12.94 9.99 -9.77
N ALA B 74 11.94 10.77 -10.18
CA ALA B 74 11.73 12.10 -9.63
C ALA B 74 11.65 12.17 -8.08
N GLY B 75 12.46 13.07 -7.51
CA GLY B 75 12.49 13.28 -6.07
C GLY B 75 13.53 12.48 -5.31
N THR B 76 14.24 11.60 -6.02
CA THR B 76 15.23 10.66 -5.48
C THR B 76 16.56 10.78 -6.21
N GLN B 77 17.55 10.03 -5.75
CA GLN B 77 18.79 9.95 -6.51
C GLN B 77 18.84 8.53 -7.10
N ASN B 78 17.76 8.14 -7.77
CA ASN B 78 17.62 6.78 -8.19
C ASN B 78 17.31 6.73 -9.65
N TYR B 79 17.67 5.66 -10.32
CA TYR B 79 17.46 5.63 -11.73
C TYR B 79 16.89 4.30 -12.16
N THR B 80 15.99 4.25 -13.12
CA THR B 80 15.63 2.96 -13.67
C THR B 80 16.46 2.70 -14.89
N MET B 81 17.02 1.50 -15.00
CA MET B 81 17.70 1.14 -16.23
C MET B 81 16.88 0.17 -17.03
N ASN B 82 16.63 0.50 -18.29
CA ASN B 82 15.96 -0.42 -19.19
C ASN B 82 16.97 -1.22 -19.95
N LEU B 83 17.12 -2.46 -19.50
CA LEU B 83 18.18 -3.32 -19.96
C LEU B 83 18.20 -3.63 -21.47
N ALA B 84 19.36 -3.43 -22.08
CA ALA B 84 19.66 -4.03 -23.35
C ALA B 84 20.48 -5.32 -23.07
N SER B 85 20.64 -6.11 -24.13
CA SER B 85 21.52 -7.27 -24.17
C SER B 85 22.97 -6.90 -24.47
N GLN B 86 23.83 -7.90 -24.37
CA GLN B 86 25.28 -7.76 -24.39
C GLN B 86 25.75 -6.86 -25.52
N ASN B 87 25.14 -7.01 -26.67
CA ASN B 87 25.58 -6.32 -27.89
C ASN B 87 24.87 -4.98 -28.15
N TRP B 88 24.35 -4.39 -27.10
CA TRP B 88 23.30 -3.34 -27.19
C TRP B 88 22.00 -3.71 -27.88
N ASN B 89 21.67 -4.99 -28.01
CA ASN B 89 20.39 -5.33 -28.64
C ASN B 89 19.26 -5.39 -27.68
N ASN B 90 18.03 -5.32 -28.19
CA ASN B 90 16.85 -5.58 -27.35
C ASN B 90 16.98 -6.89 -26.54
N TYR B 91 16.67 -6.76 -25.24
CA TYR B 91 16.50 -7.90 -24.38
C TYR B 91 15.08 -8.37 -24.66
N ASP B 92 14.91 -9.64 -24.96
CA ASP B 92 13.58 -10.18 -25.14
C ASP B 92 13.17 -10.96 -23.88
N PRO B 93 12.19 -10.46 -23.11
CA PRO B 93 11.86 -11.20 -21.90
C PRO B 93 11.17 -12.54 -22.10
N THR B 94 10.97 -12.99 -23.34
CA THR B 94 10.29 -14.28 -23.53
C THR B 94 11.26 -15.36 -23.89
N GLU B 95 12.52 -15.00 -24.06
CA GLU B 95 13.58 -15.98 -24.28
C GLU B 95 13.57 -16.86 -23.03
N GLU B 96 13.67 -18.15 -23.23
CA GLU B 96 13.49 -19.14 -22.16
C GLU B 96 14.71 -19.26 -21.25
N ILE B 97 14.88 -18.23 -20.41
CA ILE B 97 16.02 -18.13 -19.48
C ILE B 97 15.55 -17.37 -18.22
N PRO B 98 16.30 -17.49 -17.11
CA PRO B 98 15.85 -16.92 -15.84
C PRO B 98 15.83 -15.43 -15.83
N ALA B 99 16.70 -14.85 -16.67
CA ALA B 99 17.03 -13.44 -16.67
C ALA B 99 18.09 -13.18 -17.74
N PRO B 100 18.46 -11.90 -17.94
CA PRO B 100 19.49 -11.68 -18.94
C PRO B 100 20.76 -12.45 -18.54
N LEU B 101 21.44 -13.03 -19.54
CA LEU B 101 22.68 -13.76 -19.30
C LEU B 101 23.62 -12.85 -18.50
N GLY B 102 24.19 -13.40 -17.42
CA GLY B 102 25.15 -12.68 -16.60
C GLY B 102 24.54 -11.88 -15.46
N THR B 103 23.22 -11.82 -15.36
CA THR B 103 22.59 -11.27 -14.13
C THR B 103 23.20 -11.84 -12.81
N PRO B 104 23.24 -11.03 -11.75
CA PRO B 104 23.67 -11.58 -10.46
C PRO B 104 22.79 -12.72 -9.94
N ASP B 105 23.40 -13.79 -9.45
CA ASP B 105 22.57 -14.85 -8.93
C ASP B 105 22.68 -14.90 -7.42
N PHE B 106 22.73 -13.74 -6.79
CA PHE B 106 22.65 -13.73 -5.37
C PHE B 106 21.96 -12.50 -4.85
N VAL B 107 21.42 -12.62 -3.63
CA VAL B 107 20.73 -11.50 -3.03
C VAL B 107 21.77 -10.70 -2.31
N GLY B 108 21.83 -9.41 -2.58
CA GLY B 108 22.78 -8.50 -1.92
C GLY B 108 22.85 -7.16 -2.62
N LYS B 109 23.71 -6.27 -2.10
CA LYS B 109 23.84 -4.93 -2.65
C LYS B 109 25.19 -4.78 -3.37
N ILE B 110 25.16 -4.66 -4.70
CA ILE B 110 26.37 -4.61 -5.49
C ILE B 110 26.70 -3.17 -5.81
N GLN B 111 27.91 -2.76 -5.47
CA GLN B 111 28.31 -1.40 -5.74
C GLN B 111 29.34 -1.28 -6.83
N GLY B 112 29.13 -0.34 -7.74
CA GLY B 112 30.07 -0.12 -8.80
C GLY B 112 29.86 1.25 -9.37
N VAL B 113 30.04 1.40 -10.67
CA VAL B 113 29.97 2.72 -11.19
C VAL B 113 29.14 2.59 -12.40
N LEU B 114 28.23 3.55 -12.53
CA LEU B 114 27.34 3.72 -13.66
C LEU B 114 27.97 4.77 -14.56
N THR B 115 28.20 4.40 -15.80
CA THR B 115 28.88 5.35 -16.73
C THR B 115 28.00 5.68 -17.93
N GLN B 116 28.18 6.85 -18.51
CA GLN B 116 27.31 7.20 -19.64
C GLN B 116 28.05 8.00 -20.66
N THR B 117 27.78 7.78 -21.94
CA THR B 117 28.28 8.64 -23.01
C THR B 117 27.13 9.30 -23.78
N THR B 118 27.20 10.60 -23.96
CA THR B 118 26.28 11.23 -24.86
C THR B 118 26.70 11.12 -26.36
N ARG B 119 25.97 10.31 -27.11
CA ARG B 119 26.24 9.96 -28.51
C ARG B 119 26.64 11.12 -29.38
N ARG B 120 25.80 12.17 -29.41
CA ARG B 120 26.04 13.33 -30.32
C ARG B 120 27.41 13.99 -30.24
N ASP B 121 28.02 13.99 -29.05
CA ASP B 121 29.20 14.81 -28.85
C ASP B 121 30.33 14.15 -28.03
N GLY B 122 30.24 12.85 -27.80
CA GLY B 122 31.17 12.14 -26.93
C GLY B 122 31.33 12.65 -25.50
N SER B 123 30.43 13.45 -24.97
CA SER B 123 30.61 13.80 -23.55
C SER B 123 30.30 12.62 -22.65
N THR B 124 31.06 12.44 -21.58
CA THR B 124 30.91 11.24 -20.74
C THR B 124 30.75 11.59 -19.28
N ARG B 125 30.14 10.72 -18.48
CA ARG B 125 30.07 10.92 -17.02
C ARG B 125 30.03 9.58 -16.32
N GLY B 126 30.49 9.57 -15.08
CA GLY B 126 30.44 8.38 -14.29
C GLY B 126 30.02 8.69 -12.87
N HIS B 127 29.11 7.89 -12.31
CA HIS B 127 28.74 8.01 -10.91
C HIS B 127 28.72 6.73 -10.12
N LYS B 128 29.12 6.84 -8.88
CA LYS B 128 28.96 5.79 -7.90
C LYS B 128 27.54 5.32 -7.93
N ALA B 129 27.33 4.01 -7.97
CA ALA B 129 25.96 3.47 -7.98
C ALA B 129 25.87 2.12 -7.32
N THR B 130 24.70 1.80 -6.79
CA THR B 130 24.44 0.52 -6.11
C THR B 130 23.19 -0.14 -6.66
N VAL B 131 23.25 -1.43 -6.98
CA VAL B 131 22.06 -2.19 -7.34
C VAL B 131 21.81 -3.19 -6.26
N SER B 132 20.56 -3.22 -5.82
CA SER B 132 20.19 -4.00 -4.65
C SER B 132 19.33 -5.14 -5.16
N THR B 133 19.88 -6.33 -5.21
CA THR B 133 19.24 -7.40 -5.97
C THR B 133 18.10 -8.06 -5.23
N GLY B 134 17.77 -7.57 -4.03
CA GLY B 134 16.66 -8.15 -3.29
C GLY B 134 15.55 -7.13 -3.24
N SER B 135 15.74 -6.04 -3.98
CA SER B 135 14.84 -4.90 -4.00
C SER B 135 13.58 -5.29 -4.77
N VAL B 136 12.48 -4.68 -4.39
CA VAL B 136 11.26 -4.90 -5.13
C VAL B 136 11.37 -4.51 -6.61
N HIS B 137 12.31 -3.64 -6.94
CA HIS B 137 12.46 -3.13 -8.28
C HIS B 137 13.54 -3.82 -9.07
N PHE B 138 14.18 -4.83 -8.48
CA PHE B 138 15.06 -5.70 -9.22
C PHE B 138 14.31 -6.69 -10.11
N THR B 139 14.00 -6.28 -11.34
CA THR B 139 13.16 -7.10 -12.21
C THR B 139 13.85 -7.38 -13.56
N PRO B 140 15.08 -7.89 -13.51
CA PRO B 140 15.76 -8.04 -14.80
C PRO B 140 14.99 -8.91 -15.78
N LYS B 141 14.38 -9.99 -15.33
CA LYS B 141 13.63 -10.79 -16.27
C LYS B 141 12.55 -9.93 -16.95
N LEU B 142 12.10 -8.89 -16.27
CA LEU B 142 11.15 -8.01 -16.89
C LEU B 142 11.88 -6.98 -17.73
N GLY B 143 13.20 -6.81 -17.60
CA GLY B 143 13.89 -5.84 -18.47
C GLY B 143 14.26 -4.54 -17.80
N SER B 144 14.24 -4.52 -16.48
CA SER B 144 14.37 -3.30 -15.77
C SER B 144 14.95 -3.58 -14.40
N VAL B 145 15.76 -2.65 -13.94
CA VAL B 145 16.52 -2.76 -12.70
C VAL B 145 16.65 -1.32 -12.18
N GLN B 146 16.92 -1.16 -10.89
CA GLN B 146 16.97 0.19 -10.33
C GLN B 146 18.25 0.43 -9.57
N PHE B 147 18.89 1.56 -9.83
CA PHE B 147 20.20 1.85 -9.20
C PHE B 147 19.98 3.01 -8.30
N SER B 148 20.71 3.06 -7.19
CA SER B 148 20.74 4.28 -6.41
C SER B 148 22.07 4.98 -6.60
N THR B 149 22.09 6.30 -6.61
CA THR B 149 23.30 6.98 -7.02
C THR B 149 23.59 8.15 -6.13
N ASP B 150 24.64 8.88 -6.50
CA ASP B 150 24.89 10.18 -5.89
C ASP B 150 24.43 11.42 -6.68
N THR B 151 23.76 11.21 -7.81
CA THR B 151 23.33 12.33 -8.63
C THR B 151 21.80 12.40 -8.80
N SER B 152 21.28 13.64 -8.80
CA SER B 152 19.89 13.91 -9.10
C SER B 152 19.71 14.20 -10.58
N ASN B 153 20.72 14.77 -11.23
CA ASN B 153 20.48 15.41 -12.55
C ASN B 153 21.45 15.10 -13.65
N ASP B 154 22.49 14.34 -13.34
CA ASP B 154 23.56 14.24 -14.32
C ASP B 154 23.21 13.34 -15.47
N PHE B 155 22.61 12.19 -15.21
CA PHE B 155 22.39 11.21 -16.28
C PHE B 155 21.33 11.63 -17.22
N GLU B 156 21.58 11.38 -18.50
CA GLU B 156 20.68 11.81 -19.55
C GLU B 156 19.80 10.67 -20.02
N THR B 157 18.71 10.98 -20.69
CA THR B 157 17.84 9.92 -21.19
C THR B 157 18.21 9.62 -22.62
N GLY B 158 17.98 8.41 -23.06
CA GLY B 158 18.22 8.02 -24.46
C GLY B 158 19.69 7.90 -24.76
N GLN B 159 20.49 7.49 -23.77
CA GLN B 159 21.94 7.37 -23.93
C GLN B 159 22.49 6.07 -23.34
N ASN B 160 23.23 5.31 -24.13
CA ASN B 160 23.92 4.14 -23.65
C ASN B 160 24.58 4.37 -22.28
N THR B 161 24.19 3.57 -21.30
CA THR B 161 24.62 3.70 -19.91
C THR B 161 25.07 2.31 -19.52
N ARG B 162 26.10 2.21 -18.69
CA ARG B 162 26.73 0.95 -18.36
C ARG B 162 26.91 0.86 -16.84
N PHE B 163 26.67 -0.31 -16.26
CA PHE B 163 27.05 -0.52 -14.84
C PHE B 163 28.23 -1.45 -14.74
N THR B 164 29.28 -1.02 -14.06
CA THR B 164 30.44 -1.85 -13.84
C THR B 164 30.43 -2.15 -12.38
N PRO B 165 30.44 -3.44 -12.06
CA PRO B 165 30.45 -3.91 -10.68
C PRO B 165 31.80 -3.73 -10.10
N VAL B 166 31.91 -3.39 -8.82
CA VAL B 166 33.20 -3.29 -8.16
C VAL B 166 33.24 -4.20 -6.94
N GLY B 167 32.22 -4.06 -6.07
CA GLY B 167 32.16 -4.73 -4.78
C GLY B 167 30.78 -4.93 -4.13
N VAL B 168 30.77 -5.38 -2.90
CA VAL B 168 29.50 -5.54 -2.19
C VAL B 168 29.47 -4.67 -0.95
N VAL B 169 28.30 -4.50 -0.38
CA VAL B 169 28.16 -3.47 0.62
C VAL B 169 27.28 -3.99 1.72
N GLN B 170 27.46 -3.52 2.94
CA GLN B 170 26.59 -3.99 4.04
C GLN B 170 26.44 -2.93 5.08
N ASP B 171 25.32 -2.98 5.80
CA ASP B 171 25.02 -1.96 6.77
C ASP B 171 25.68 -2.28 8.11
N GLY B 172 26.66 -1.44 8.47
CA GLY B 172 27.45 -1.58 9.70
C GLY B 172 26.68 -1.67 11.01
N SER B 173 25.65 -0.83 11.17
CA SER B 173 24.84 -0.85 12.40
C SER B 173 24.07 -2.19 12.63
N THR B 174 23.96 -3.04 11.60
CA THR B 174 23.19 -4.30 11.70
C THR B 174 24.19 -5.47 11.95
N THR B 175 23.72 -6.74 12.00
CA THR B 175 24.62 -7.91 12.25
C THR B 175 25.64 -8.08 11.13
N HIS B 176 26.90 -8.14 11.56
CA HIS B 176 28.02 -8.28 10.63
C HIS B 176 27.91 -9.54 9.71
N GLN B 177 28.24 -9.40 8.42
CA GLN B 177 28.16 -10.48 7.43
C GLN B 177 26.75 -10.97 7.10
N ASN B 178 25.73 -10.17 7.43
CA ASN B 178 24.39 -10.63 7.14
C ASN B 178 24.09 -10.47 5.67
N GLU B 179 25.00 -9.88 4.91
CA GLU B 179 24.80 -9.80 3.50
C GLU B 179 26.11 -9.50 2.80
N PRO B 180 26.23 -9.88 1.51
CA PRO B 180 25.25 -10.56 0.67
C PRO B 180 24.93 -12.00 1.12
N GLN B 181 23.85 -12.54 0.59
CA GLN B 181 23.54 -13.95 0.77
C GLN B 181 23.78 -14.73 -0.52
N GLN B 182 24.97 -15.30 -0.64
CA GLN B 182 25.40 -15.92 -1.88
C GLN B 182 24.52 -17.09 -2.26
N TRP B 183 23.77 -17.65 -1.31
CA TRP B 183 22.96 -18.82 -1.67
C TRP B 183 21.48 -18.61 -1.83
N VAL B 184 21.04 -17.38 -2.04
CA VAL B 184 19.62 -17.09 -2.20
C VAL B 184 19.47 -16.39 -3.54
N LEU B 185 18.71 -16.96 -4.46
CA LEU B 185 18.59 -16.30 -5.75
C LEU B 185 17.65 -15.11 -5.56
N PRO B 186 17.81 -14.09 -6.38
CA PRO B 186 16.87 -13.02 -6.44
C PRO B 186 15.53 -13.50 -7.05
N ASP B 187 14.47 -12.72 -6.85
CA ASP B 187 13.28 -12.90 -7.62
C ASP B 187 13.48 -12.19 -8.95
N TYR B 188 13.89 -12.90 -9.99
CA TYR B 188 14.23 -12.21 -11.22
C TYR B 188 13.10 -11.40 -11.80
N SER B 189 11.86 -11.77 -11.51
CA SER B 189 10.74 -10.98 -12.02
C SER B 189 10.06 -10.19 -10.94
N GLY B 190 10.73 -9.95 -9.85
CA GLY B 190 10.16 -9.10 -8.84
C GLY B 190 9.29 -9.92 -7.92
N ARG B 191 8.60 -9.21 -7.02
CA ARG B 191 7.73 -9.84 -6.01
C ARG B 191 6.60 -10.68 -6.53
N ASP B 192 6.36 -11.78 -5.82
CA ASP B 192 5.33 -12.72 -6.22
C ASP B 192 5.47 -13.10 -7.66
N SER B 193 6.58 -13.75 -7.95
CA SER B 193 6.71 -14.33 -9.25
C SER B 193 7.68 -15.43 -9.16
N HIS B 194 7.58 -16.37 -10.07
CA HIS B 194 8.41 -17.53 -9.95
C HIS B 194 9.59 -17.39 -10.91
N ASN B 195 10.79 -17.70 -10.44
CA ASN B 195 11.89 -17.76 -11.36
C ASN B 195 11.63 -18.88 -12.33
N VAL B 196 12.13 -18.78 -13.55
CA VAL B 196 11.77 -19.77 -14.55
C VAL B 196 13.00 -20.31 -15.23
N HIS B 197 12.95 -21.51 -15.79
CA HIS B 197 14.11 -22.08 -16.50
C HIS B 197 15.41 -22.05 -15.72
N LEU B 198 15.31 -22.19 -14.38
CA LEU B 198 16.54 -22.25 -13.58
C LEU B 198 17.35 -23.48 -13.92
N ALA B 199 18.66 -23.30 -13.93
CA ALA B 199 19.59 -24.37 -13.75
C ALA B 199 19.22 -25.05 -12.40
N PRO B 200 19.36 -26.40 -12.35
CA PRO B 200 19.07 -27.30 -11.20
C PRO B 200 19.85 -26.94 -9.92
N ALA B 201 19.23 -27.09 -8.78
CA ALA B 201 19.97 -27.02 -7.54
C ALA B 201 20.84 -28.30 -7.43
N VAL B 202 21.96 -28.27 -6.74
CA VAL B 202 22.84 -29.44 -6.79
C VAL B 202 23.17 -29.93 -5.37
N ALA B 203 23.47 -31.21 -5.23
CA ALA B 203 23.87 -31.67 -3.90
C ALA B 203 24.70 -32.94 -4.05
N PRO B 204 25.52 -33.29 -3.01
CA PRO B 204 26.18 -34.58 -3.04
C PRO B 204 25.14 -35.67 -2.94
N THR B 205 25.47 -36.81 -3.51
CA THR B 205 24.54 -37.91 -3.62
C THR B 205 25.35 -39.13 -3.26
N PHE B 206 26.28 -38.97 -2.33
CA PHE B 206 27.15 -40.08 -2.00
C PHE B 206 27.60 -40.01 -0.57
N PRO B 207 27.67 -41.16 0.10
CA PRO B 207 27.94 -41.04 1.52
C PRO B 207 29.28 -40.50 1.71
N GLY B 208 29.40 -39.61 2.69
CA GLY B 208 30.66 -39.00 3.08
C GLY B 208 31.19 -38.01 2.10
N GLU B 209 30.40 -37.64 1.09
CA GLU B 209 30.81 -36.59 0.12
C GLU B 209 30.20 -35.18 0.41
N GLN B 210 30.98 -34.13 0.10
CA GLN B 210 30.50 -32.76 0.10
C GLN B 210 30.89 -32.11 -1.24
N LEU B 211 30.23 -31.01 -1.60
CA LEU B 211 30.57 -30.33 -2.85
C LEU B 211 31.92 -29.68 -2.69
N LEU B 212 32.67 -29.53 -3.80
CA LEU B 212 33.92 -28.74 -3.77
C LEU B 212 33.64 -27.38 -4.40
N PHE B 213 33.90 -26.30 -3.67
CA PHE B 213 33.57 -24.95 -4.13
C PHE B 213 34.80 -24.21 -4.58
N PHE B 214 34.73 -23.52 -5.70
CA PHE B 214 35.87 -22.70 -6.03
C PHE B 214 35.53 -21.34 -5.51
N ARG B 215 36.41 -20.80 -4.66
CA ARG B 215 36.07 -19.60 -3.92
C ARG B 215 36.92 -18.31 -4.13
N SER B 216 36.25 -17.15 -4.11
CA SER B 216 36.96 -15.85 -4.08
C SER B 216 36.37 -14.98 -3.04
N THR B 217 37.05 -13.87 -2.81
CA THR B 217 36.63 -12.88 -1.82
C THR B 217 36.21 -11.64 -2.59
N MET B 218 34.93 -11.35 -2.56
CA MET B 218 34.50 -10.17 -3.27
C MET B 218 35.07 -8.96 -2.58
N PRO B 219 35.37 -7.90 -3.35
CA PRO B 219 35.79 -6.65 -2.72
C PRO B 219 34.67 -6.08 -1.88
N GLY B 220 35.00 -5.63 -0.67
CA GLY B 220 34.00 -4.98 0.15
C GLY B 220 34.15 -3.51 -0.04
N CYS B 221 33.04 -2.81 -0.20
CA CYS B 221 33.06 -1.37 -0.38
C CYS B 221 32.61 -0.57 0.82
N SER B 222 31.85 -1.16 1.70
CA SER B 222 31.46 -0.48 2.93
C SER B 222 30.97 -1.50 3.89
N GLY B 223 31.01 -1.21 5.17
CA GLY B 223 30.47 -2.11 6.17
C GLY B 223 31.22 -3.39 6.46
N TYR B 224 30.50 -4.35 7.00
CA TYR B 224 31.10 -5.64 7.32
C TYR B 224 30.43 -6.71 6.48
N PRO B 225 30.61 -6.67 5.16
CA PRO B 225 29.83 -7.61 4.36
C PRO B 225 30.47 -8.99 4.35
N ASN B 226 29.65 -10.02 4.19
CA ASN B 226 30.21 -11.37 4.02
C ASN B 226 30.75 -11.50 2.62
N MET B 227 32.07 -11.48 2.49
CA MET B 227 32.64 -11.49 1.15
C MET B 227 32.87 -12.85 0.52
N ASN B 228 32.45 -13.95 1.12
CA ASN B 228 32.78 -15.21 0.50
C ASN B 228 31.95 -15.46 -0.73
N LEU B 229 32.59 -15.86 -1.83
CA LEU B 229 31.80 -16.16 -2.96
C LEU B 229 32.23 -17.46 -3.61
N ASP B 230 31.36 -18.47 -3.55
CA ASP B 230 31.67 -19.79 -4.07
C ASP B 230 31.05 -20.02 -5.40
N CYS B 231 31.82 -20.52 -6.35
CA CYS B 231 31.17 -20.85 -7.57
C CYS B 231 31.41 -22.33 -7.80
N LEU B 232 30.62 -22.97 -8.64
CA LEU B 232 30.72 -24.42 -8.77
C LEU B 232 31.76 -24.82 -9.80
N LEU B 233 31.94 -24.01 -10.84
CA LEU B 233 32.91 -24.24 -11.90
C LEU B 233 33.65 -22.89 -12.16
N PRO B 234 35.01 -22.95 -12.28
CA PRO B 234 35.73 -21.77 -12.74
C PRO B 234 35.24 -21.29 -14.15
N GLN B 235 35.12 -19.98 -14.36
CA GLN B 235 34.69 -19.52 -15.65
C GLN B 235 35.52 -20.15 -16.81
N GLU B 236 36.83 -20.27 -16.63
CA GLU B 236 37.67 -20.94 -17.63
C GLU B 236 37.15 -22.34 -17.95
N TRP B 237 36.64 -23.06 -16.94
CA TRP B 237 36.16 -24.38 -17.19
C TRP B 237 34.91 -24.30 -18.06
N VAL B 238 34.05 -23.33 -17.75
CA VAL B 238 32.83 -23.19 -18.53
C VAL B 238 33.24 -23.01 -20.00
N GLN B 239 34.13 -22.06 -20.22
CA GLN B 239 34.64 -21.75 -21.50
C GLN B 239 35.24 -22.99 -22.15
N HIS B 240 35.90 -23.80 -21.33
CA HIS B 240 36.55 -24.92 -21.91
C HIS B 240 35.53 -25.92 -22.42
N PHE B 241 34.51 -26.19 -21.62
CA PHE B 241 33.67 -27.28 -21.97
C PHE B 241 32.93 -26.80 -23.17
N TYR B 242 32.43 -25.57 -23.11
CA TYR B 242 31.76 -25.00 -24.27
C TYR B 242 32.57 -25.27 -25.55
N GLN B 243 33.88 -24.98 -25.55
CA GLN B 243 34.68 -25.14 -26.77
C GLN B 243 34.74 -26.60 -27.14
N GLU B 244 35.27 -27.40 -26.23
CA GLU B 244 35.52 -28.81 -26.42
C GLU B 244 34.30 -29.65 -26.81
N SER B 245 33.13 -29.39 -26.18
CA SER B 245 31.92 -30.24 -26.32
C SER B 245 32.20 -31.73 -26.33
N ALA B 246 33.02 -32.23 -25.39
CA ALA B 246 33.35 -33.66 -25.33
C ALA B 246 32.22 -34.47 -24.68
N PRO B 247 31.80 -35.56 -25.31
CA PRO B 247 30.71 -36.39 -24.75
C PRO B 247 31.10 -37.05 -23.40
N ALA B 248 30.24 -36.99 -22.40
CA ALA B 248 30.45 -37.75 -21.16
C ALA B 248 30.34 -39.24 -21.45
N GLN B 249 31.47 -39.93 -21.32
CA GLN B 249 31.58 -41.37 -21.52
C GLN B 249 30.90 -42.08 -20.37
N SER B 250 31.13 -41.51 -19.19
CA SER B 250 30.65 -42.03 -17.93
C SER B 250 30.05 -40.86 -17.17
N ASP B 251 29.25 -41.19 -16.17
CA ASP B 251 28.55 -40.17 -15.41
C ASP B 251 29.49 -39.19 -14.71
N VAL B 252 30.62 -39.67 -14.19
CA VAL B 252 31.44 -38.81 -13.39
C VAL B 252 32.83 -38.78 -13.95
N ALA B 253 33.37 -37.59 -14.10
CA ALA B 253 34.73 -37.50 -14.53
C ALA B 253 35.61 -37.38 -13.29
N LEU B 254 36.51 -38.34 -13.14
CA LEU B 254 37.41 -38.38 -12.01
C LEU B 254 38.64 -37.61 -12.33
N LEU B 255 38.90 -36.58 -11.52
CA LEU B 255 40.07 -35.74 -11.68
C LEU B 255 41.00 -35.93 -10.52
N ARG B 256 42.30 -35.81 -10.77
CA ARG B 256 43.28 -35.80 -9.72
C ARG B 256 43.78 -34.39 -9.64
N PHE B 257 43.87 -33.84 -8.43
CA PHE B 257 44.54 -32.53 -8.19
C PHE B 257 45.99 -32.84 -7.91
N VAL B 258 46.89 -32.38 -8.76
CA VAL B 258 48.29 -32.77 -8.71
C VAL B 258 49.12 -31.58 -8.29
N ASN B 259 50.16 -31.84 -7.52
CA ASN B 259 51.20 -30.86 -7.23
C ASN B 259 52.49 -31.25 -8.00
N PRO B 260 52.90 -30.46 -9.01
CA PRO B 260 54.04 -30.87 -9.86
C PRO B 260 55.39 -30.76 -9.15
N ASP B 261 55.39 -30.12 -7.96
CA ASP B 261 56.62 -29.97 -7.13
C ASP B 261 57.11 -31.29 -6.58
N THR B 262 56.15 -31.99 -5.98
CA THR B 262 56.35 -33.28 -5.37
C THR B 262 55.95 -34.42 -6.32
N GLY B 263 55.27 -34.11 -7.43
CA GLY B 263 54.71 -35.10 -8.36
C GLY B 263 53.44 -35.81 -7.86
N ARG B 264 53.18 -35.68 -6.56
CA ARG B 264 52.16 -36.39 -5.79
C ARG B 264 50.75 -35.90 -6.09
N VAL B 265 49.79 -36.82 -6.21
CA VAL B 265 48.36 -36.46 -6.25
C VAL B 265 47.97 -36.02 -4.84
N LEU B 266 47.55 -34.78 -4.70
CA LEU B 266 47.10 -34.29 -3.41
C LEU B 266 45.74 -34.84 -3.01
N PHE B 267 44.72 -34.68 -3.86
CA PHE B 267 43.42 -35.32 -3.61
C PHE B 267 42.75 -35.59 -4.92
N GLU B 268 41.78 -36.52 -4.94
CA GLU B 268 40.99 -36.79 -6.14
C GLU B 268 39.52 -36.38 -5.97
N CYS B 269 38.89 -35.88 -7.03
CA CYS B 269 37.49 -35.47 -6.92
C CYS B 269 36.66 -35.98 -8.08
N LYS B 270 35.35 -35.71 -8.02
CA LYS B 270 34.40 -36.15 -9.02
C LYS B 270 33.85 -34.93 -9.72
N LEU B 271 33.97 -34.90 -11.03
CA LEU B 271 33.29 -33.87 -11.73
C LEU B 271 32.07 -34.50 -12.34
N HIS B 272 30.90 -34.15 -11.84
CA HIS B 272 29.71 -34.79 -12.30
C HIS B 272 29.35 -34.17 -13.64
N LYS B 273 28.71 -34.93 -14.51
CA LYS B 273 28.53 -34.45 -15.83
C LYS B 273 27.66 -33.21 -15.85
N SER B 274 26.75 -33.05 -14.92
CA SER B 274 25.94 -31.81 -14.97
C SER B 274 26.67 -30.56 -14.51
N GLY B 275 27.94 -30.68 -14.10
CA GLY B 275 28.77 -29.52 -13.98
C GLY B 275 28.93 -29.03 -12.55
N TYR B 276 29.48 -29.91 -11.70
CA TYR B 276 29.86 -29.58 -10.35
C TYR B 276 30.78 -30.63 -9.79
N VAL B 277 31.43 -30.29 -8.70
CA VAL B 277 32.44 -31.16 -8.16
C VAL B 277 32.17 -31.63 -6.70
N THR B 278 32.47 -32.89 -6.38
CA THR B 278 32.38 -33.33 -4.99
C THR B 278 33.67 -34.01 -4.61
N VAL B 279 34.02 -33.91 -3.31
CA VAL B 279 35.19 -34.53 -2.72
C VAL B 279 34.68 -35.36 -1.55
N ALA B 280 35.50 -36.29 -1.05
CA ALA B 280 35.11 -37.13 0.09
C ALA B 280 35.70 -36.50 1.32
N HIS B 281 34.88 -35.72 2.02
CA HIS B 281 35.30 -35.06 3.24
C HIS B 281 34.11 -34.73 4.10
N THR B 282 34.30 -34.62 5.42
CA THR B 282 33.18 -34.26 6.29
C THR B 282 33.55 -33.02 7.12
N GLY B 283 32.80 -31.93 6.98
CA GLY B 283 33.13 -30.71 7.72
C GLY B 283 33.64 -29.60 6.84
N GLN B 284 33.62 -28.40 7.38
CA GLN B 284 34.11 -27.24 6.67
C GLN B 284 35.60 -27.21 6.69
N HIS B 285 36.21 -27.02 5.52
CA HIS B 285 37.65 -27.10 5.40
C HIS B 285 38.02 -26.24 4.27
N ASP B 286 39.02 -25.39 4.53
CA ASP B 286 39.69 -24.57 3.55
C ASP B 286 40.86 -25.37 3.04
N LEU B 287 40.82 -25.84 1.80
CA LEU B 287 41.94 -26.66 1.32
C LEU B 287 43.28 -25.92 1.35
N VAL B 288 44.34 -26.67 1.60
CA VAL B 288 45.69 -26.12 1.57
C VAL B 288 46.33 -26.72 0.33
N ILE B 289 46.61 -25.83 -0.63
CA ILE B 289 47.17 -26.27 -1.90
C ILE B 289 48.43 -25.54 -2.19
N PRO B 290 49.38 -26.24 -2.86
CA PRO B 290 50.51 -25.59 -3.50
C PRO B 290 49.96 -24.63 -4.56
N PRO B 291 50.50 -23.40 -4.61
CA PRO B 291 50.02 -22.39 -5.53
C PRO B 291 50.10 -22.85 -7.03
N ASN B 292 51.11 -23.63 -7.39
CA ASN B 292 51.27 -24.09 -8.77
C ASN B 292 50.63 -25.46 -9.01
N GLY B 293 49.72 -25.86 -8.13
CA GLY B 293 48.97 -27.12 -8.29
C GLY B 293 47.71 -27.02 -9.17
N TYR B 294 47.43 -28.10 -9.92
CA TYR B 294 46.45 -28.10 -11.01
C TYR B 294 45.59 -29.40 -11.10
N PHE B 295 44.37 -29.33 -11.65
CA PHE B 295 43.53 -30.52 -11.90
C PHE B 295 43.86 -31.23 -13.22
N ARG B 296 43.78 -32.56 -13.23
CA ARG B 296 43.94 -33.36 -14.44
C ARG B 296 42.85 -34.45 -14.43
N PHE B 297 42.19 -34.57 -15.57
CA PHE B 297 41.22 -35.61 -15.80
C PHE B 297 41.96 -36.96 -15.84
N ASP B 298 41.57 -37.92 -14.99
CA ASP B 298 42.14 -39.28 -15.11
C ASP B 298 41.24 -40.26 -15.88
N SER B 299 39.92 -40.25 -15.67
CA SER B 299 39.04 -41.16 -16.44
C SER B 299 37.55 -41.05 -16.10
N TRP B 300 36.72 -41.73 -16.89
CA TRP B 300 35.28 -41.85 -16.63
C TRP B 300 34.85 -43.04 -15.77
N VAL B 301 34.41 -42.75 -14.58
CA VAL B 301 34.04 -43.80 -13.68
C VAL B 301 32.56 -43.69 -13.50
N ASN B 302 31.94 -44.69 -12.86
CA ASN B 302 30.52 -44.57 -12.58
C ASN B 302 30.27 -43.87 -11.24
N GLN B 303 29.04 -43.41 -11.05
CA GLN B 303 28.58 -42.73 -9.85
C GLN B 303 29.10 -43.31 -8.54
N PHE B 304 29.23 -44.65 -8.49
CA PHE B 304 29.59 -45.34 -7.25
C PHE B 304 31.02 -45.40 -6.90
N TYR B 305 31.87 -44.81 -7.70
CA TYR B 305 33.30 -44.81 -7.40
C TYR B 305 33.55 -44.21 -6.04
N THR B 306 34.35 -44.88 -5.24
CA THR B 306 34.69 -44.33 -3.91
C THR B 306 35.94 -43.47 -3.93
N LEU B 307 35.81 -42.20 -3.64
CA LEU B 307 36.99 -41.33 -3.58
C LEU B 307 37.82 -41.67 -2.38
N ALA B 308 39.12 -41.45 -2.48
CA ALA B 308 39.95 -41.54 -1.28
C ALA B 308 39.79 -40.27 -0.45
N PRO B 309 39.79 -40.40 0.88
CA PRO B 309 39.57 -39.18 1.67
C PRO B 309 40.52 -38.06 1.28
N MET B 310 40.00 -36.85 1.15
CA MET B 310 40.82 -35.67 0.86
C MET B 310 41.63 -35.26 2.11
N GLY B 311 42.96 -35.23 1.96
CA GLY B 311 43.90 -35.14 3.12
C GLY B 311 43.32 -34.70 4.48
N GLU C 1 -2.09 49.95 -4.09
CA GLU C 1 -2.13 51.20 -4.91
C GLU C 1 -3.59 51.59 -5.36
N SER C 2 -4.17 50.90 -6.36
CA SER C 2 -5.33 51.45 -7.11
C SER C 2 -6.44 50.43 -7.53
N ARG C 3 -7.72 50.82 -7.40
CA ARG C 3 -8.89 49.90 -7.37
C ARG C 3 -9.39 49.44 -8.76
N THR C 4 -8.79 48.35 -9.19
CA THR C 4 -9.04 47.77 -10.48
C THR C 4 -9.43 46.31 -10.31
N LYS C 5 -9.93 45.73 -11.38
CA LYS C 5 -10.33 44.31 -11.46
C LYS C 5 -9.13 43.46 -11.12
N PRO C 6 -9.24 42.58 -10.12
CA PRO C 6 -8.01 41.86 -9.77
C PRO C 6 -7.48 40.97 -10.90
N PHE C 7 -6.16 40.90 -10.98
CA PHE C 7 -5.46 40.05 -11.91
C PHE C 7 -5.47 38.61 -11.40
N THR C 8 -5.54 37.67 -12.34
CA THR C 8 -5.63 36.25 -12.07
C THR C 8 -4.95 35.51 -13.22
N VAL C 9 -4.44 34.31 -12.88
CA VAL C 9 -4.09 33.25 -13.88
C VAL C 9 -5.13 32.11 -13.89
N PRO C 10 -5.23 31.35 -14.98
CA PRO C 10 -6.32 30.37 -15.04
C PRO C 10 -6.06 29.24 -14.05
N ILE C 11 -7.10 28.65 -13.47
CA ILE C 11 -6.85 27.52 -12.61
C ILE C 11 -6.79 26.30 -13.52
N LEU C 12 -5.56 25.94 -13.87
CA LEU C 12 -5.25 24.82 -14.74
C LEU C 12 -3.92 24.23 -14.33
N THR C 13 -3.88 22.90 -14.16
CA THR C 13 -2.61 22.20 -13.92
C THR C 13 -1.76 22.30 -15.17
N VAL C 14 -0.46 22.10 -15.05
CA VAL C 14 0.37 22.12 -16.25
C VAL C 14 -0.14 21.24 -17.36
N GLU C 15 -0.46 19.98 -17.05
CA GLU C 15 -0.87 19.05 -18.11
C GLU C 15 -2.20 19.38 -18.77
N GLU C 16 -2.99 20.26 -18.15
CA GLU C 16 -4.24 20.74 -18.74
C GLU C 16 -4.08 21.83 -19.80
N MET C 17 -2.85 22.33 -19.93
CA MET C 17 -2.52 23.48 -20.79
C MET C 17 -1.70 23.12 -22.04
N THR C 18 -1.60 24.08 -22.93
CA THR C 18 -1.10 23.86 -24.28
C THR C 18 0.11 24.74 -24.50
N ASN C 19 1.04 24.27 -25.32
CA ASN C 19 2.29 24.96 -25.53
C ASN C 19 1.92 26.09 -26.44
N SER C 20 2.54 27.25 -26.27
CA SER C 20 2.13 28.33 -27.10
C SER C 20 3.01 28.50 -28.37
N ARG C 21 4.00 27.63 -28.55
CA ARG C 21 4.88 27.74 -29.70
C ARG C 21 4.66 26.64 -30.72
N PHE C 22 3.79 25.70 -30.40
CA PHE C 22 3.52 24.57 -31.28
C PHE C 22 2.25 23.91 -30.76
N PRO C 23 1.39 23.44 -31.68
CA PRO C 23 0.08 22.97 -31.18
C PRO C 23 0.12 21.59 -30.50
N ILE C 24 0.77 21.44 -29.34
CA ILE C 24 0.74 20.20 -28.55
C ILE C 24 0.59 20.55 -27.07
N PRO C 25 0.25 19.58 -26.23
CA PRO C 25 0.08 19.92 -24.79
C PRO C 25 1.36 20.23 -24.03
N LEU C 26 1.23 20.89 -22.89
CA LEU C 26 2.35 21.06 -21.96
C LEU C 26 2.64 19.74 -21.26
N GLU C 27 3.91 19.50 -20.94
CA GLU C 27 4.28 18.32 -20.23
C GLU C 27 4.90 18.55 -18.85
N LYS C 28 5.72 19.58 -18.71
CA LYS C 28 6.51 19.75 -17.48
C LYS C 28 7.01 21.16 -17.40
N LEU C 29 7.34 21.57 -16.18
CA LEU C 29 8.07 22.82 -15.92
C LEU C 29 9.58 22.57 -15.88
N PHE C 30 10.35 23.39 -16.57
CA PHE C 30 11.80 23.25 -16.60
C PHE C 30 12.49 24.57 -16.37
N THR C 31 13.51 24.61 -15.54
CA THR C 31 14.33 25.85 -15.38
C THR C 31 15.79 25.59 -15.75
N GLY C 32 16.52 26.64 -16.11
CA GLY C 32 17.89 26.51 -16.58
C GLY C 32 18.55 27.82 -16.96
N PRO C 33 19.86 27.95 -16.73
CA PRO C 33 20.55 29.14 -17.22
C PRO C 33 20.26 29.37 -18.68
N SER C 34 20.20 30.63 -19.08
CA SER C 34 19.95 31.01 -20.48
C SER C 34 20.77 32.22 -20.94
N SER C 35 21.85 32.50 -20.20
CA SER C 35 22.74 33.57 -20.59
C SER C 35 23.69 33.17 -21.76
N ALA C 36 23.85 31.88 -22.03
CA ALA C 36 24.57 31.50 -23.28
C ALA C 36 23.82 31.90 -24.59
N PHE C 37 22.49 31.96 -24.55
CA PHE C 37 21.68 32.10 -25.78
C PHE C 37 20.53 33.18 -25.71
N VAL C 38 19.95 33.43 -26.88
CA VAL C 38 19.01 34.51 -27.00
C VAL C 38 17.62 33.95 -26.82
N VAL C 39 16.91 34.39 -25.80
CA VAL C 39 15.61 33.83 -25.56
C VAL C 39 14.63 34.82 -26.12
N GLN C 40 14.30 34.65 -27.39
CA GLN C 40 13.45 35.64 -28.00
C GLN C 40 12.34 35.10 -28.90
N PRO C 41 11.49 34.21 -28.35
CA PRO C 41 10.42 33.63 -29.17
C PRO C 41 9.32 34.68 -29.46
N GLN C 42 8.60 34.48 -30.57
CA GLN C 42 7.62 35.45 -31.05
C GLN C 42 6.22 34.86 -30.95
N ASN C 43 6.10 33.56 -30.68
CA ASN C 43 4.79 33.04 -30.29
C ASN C 43 4.77 32.90 -28.76
N GLY C 44 3.60 32.91 -28.13
CA GLY C 44 3.55 32.79 -26.68
C GLY C 44 4.05 34.05 -26.01
N ARG C 45 3.78 35.19 -26.64
CA ARG C 45 4.20 36.47 -26.15
C ARG C 45 3.01 37.37 -25.88
N CYS C 46 2.81 37.72 -24.62
CA CYS C 46 1.68 38.51 -24.25
C CYS C 46 1.87 39.22 -22.93
N THR C 47 1.40 40.46 -22.73
CA THR C 47 1.69 41.14 -21.46
C THR C 47 0.66 40.73 -20.47
N THR C 48 1.00 40.83 -19.19
CA THR C 48 0.03 40.43 -18.19
C THR C 48 -1.27 41.19 -18.39
N ASP C 49 -1.24 42.39 -18.95
CA ASP C 49 -2.48 43.10 -19.15
C ASP C 49 -3.03 42.97 -20.59
N GLY C 50 -2.62 41.91 -21.30
CA GLY C 50 -3.31 41.51 -22.51
C GLY C 50 -2.87 42.11 -23.83
N ALA C 51 -1.62 42.57 -23.97
CA ALA C 51 -1.11 43.06 -25.29
C ALA C 51 -0.47 41.88 -25.97
N LEU C 52 -0.97 41.48 -27.14
CA LEU C 52 -0.35 40.36 -27.79
C LEU C 52 0.93 40.93 -28.37
N LEU C 53 2.01 40.15 -28.46
CA LEU C 53 3.25 40.64 -29.06
C LEU C 53 3.86 39.64 -30.03
N GLY C 54 4.96 40.04 -30.65
CA GLY C 54 5.51 39.21 -31.69
C GLY C 54 4.44 38.80 -32.69
N THR C 55 4.46 37.51 -33.03
CA THR C 55 3.49 36.90 -33.92
C THR C 55 2.39 36.12 -33.18
N THR C 56 2.24 36.37 -31.88
CA THR C 56 1.33 35.62 -31.02
C THR C 56 -0.16 35.86 -31.32
N GLN C 57 -0.93 34.80 -31.49
CA GLN C 57 -2.40 34.97 -31.60
C GLN C 57 -3.15 34.02 -30.67
N LEU C 58 -4.50 34.02 -30.72
CA LEU C 58 -5.33 33.36 -29.67
C LEU C 58 -5.49 31.87 -29.95
N SER C 59 -5.55 31.54 -31.24
CA SER C 59 -5.85 30.18 -31.64
C SER C 59 -4.75 29.24 -31.26
N PRO C 60 -5.08 28.23 -30.49
CA PRO C 60 -4.10 27.21 -30.24
C PRO C 60 -3.91 26.26 -31.43
N VAL C 61 -4.88 26.08 -32.28
CA VAL C 61 -4.65 25.16 -33.36
C VAL C 61 -3.94 25.79 -34.51
N ASP C 62 -3.99 27.12 -34.58
CA ASP C 62 -3.37 27.82 -35.71
C ASP C 62 -1.88 28.13 -35.60
N ILE C 63 -1.20 27.68 -34.54
CA ILE C 63 0.26 27.86 -34.41
C ILE C 63 1.06 26.98 -35.40
N CYS C 64 2.03 27.56 -36.09
CA CYS C 64 2.75 26.84 -37.15
C CYS C 64 1.89 26.25 -38.25
N THR C 65 0.87 26.99 -38.67
CA THR C 65 0.10 26.55 -39.82
C THR C 65 0.26 27.61 -40.90
N PHE C 66 -0.21 27.31 -42.11
CA PHE C 66 -0.07 28.20 -43.23
C PHE C 66 -1.25 27.99 -44.15
N ARG C 67 -1.69 29.03 -44.82
CA ARG C 67 -2.87 28.95 -45.64
C ARG C 67 -2.53 29.67 -46.92
N GLY C 68 -3.20 29.33 -47.99
CA GLY C 68 -3.04 30.11 -49.22
C GLY C 68 -3.27 29.25 -50.44
N ASP C 69 -2.77 29.72 -51.57
CA ASP C 69 -2.83 28.94 -52.81
C ASP C 69 -1.41 28.53 -53.11
N VAL C 70 -1.27 27.40 -53.81
CA VAL C 70 0.09 26.95 -54.06
C VAL C 70 0.43 26.94 -55.52
N THR C 71 1.72 27.11 -55.79
CA THR C 71 2.26 27.10 -57.12
C THR C 71 3.39 26.13 -57.18
N HIS C 72 3.30 25.23 -58.16
CA HIS C 72 4.33 24.22 -58.40
C HIS C 72 5.64 24.82 -58.87
N ILE C 73 6.78 24.29 -58.43
CA ILE C 73 8.07 24.73 -58.97
C ILE C 73 8.57 23.65 -59.92
N ALA C 74 8.72 24.03 -61.20
CA ALA C 74 8.89 23.11 -62.34
C ALA C 74 10.08 22.18 -62.21
N GLY C 75 9.82 20.91 -62.54
CA GLY C 75 10.74 19.78 -62.32
C GLY C 75 11.35 19.65 -60.92
N THR C 76 10.48 19.60 -59.89
CA THR C 76 10.89 19.41 -58.47
C THR C 76 9.70 18.85 -57.80
N GLN C 77 9.75 18.68 -56.49
CA GLN C 77 8.54 18.26 -55.76
C GLN C 77 8.18 19.31 -54.72
N ASN C 78 8.56 20.55 -55.03
CA ASN C 78 8.29 21.69 -54.17
C ASN C 78 7.18 22.58 -54.69
N TYR C 79 6.48 23.21 -53.74
CA TYR C 79 5.47 24.20 -54.07
C TYR C 79 5.73 25.47 -53.34
N THR C 80 5.48 26.60 -53.98
CA THR C 80 5.41 27.86 -53.24
C THR C 80 3.97 28.19 -52.84
N MET C 81 3.78 28.49 -51.55
CA MET C 81 2.51 29.01 -51.04
C MET C 81 2.57 30.51 -50.92
N ASN C 82 1.65 31.18 -51.64
CA ASN C 82 1.28 32.54 -51.33
C ASN C 82 0.32 32.64 -50.13
N LEU C 83 0.75 33.33 -49.07
CA LEU C 83 0.07 33.20 -47.78
C LEU C 83 -1.13 34.11 -47.64
N ALA C 84 -2.21 33.58 -47.07
CA ALA C 84 -3.33 34.40 -46.60
C ALA C 84 -3.33 34.48 -45.05
N SER C 85 -4.10 35.39 -44.48
CA SER C 85 -4.22 35.47 -43.01
C SER C 85 -5.20 34.46 -42.54
N GLN C 86 -5.40 34.39 -41.24
CA GLN C 86 -6.30 33.36 -40.69
C GLN C 86 -7.75 33.40 -41.24
N ASN C 87 -8.25 34.58 -41.51
CA ASN C 87 -9.56 34.71 -42.18
C ASN C 87 -9.62 34.42 -43.74
N TRP C 88 -8.54 33.89 -44.33
CA TRP C 88 -8.45 33.71 -45.78
C TRP C 88 -8.35 34.98 -46.61
N ASN C 89 -8.30 36.14 -45.96
CA ASN C 89 -8.00 37.34 -46.73
C ASN C 89 -6.51 37.47 -46.94
N ASN C 90 -6.12 38.18 -47.99
CA ASN C 90 -4.70 38.51 -48.21
C ASN C 90 -3.91 38.89 -46.96
N TYR C 91 -2.63 38.55 -46.96
CA TYR C 91 -1.77 38.87 -45.85
C TYR C 91 -1.20 40.22 -46.19
N ASP C 92 -1.33 41.15 -45.24
CA ASP C 92 -0.80 42.48 -45.47
C ASP C 92 0.65 42.63 -45.00
N PRO C 93 1.61 42.48 -45.92
CA PRO C 93 3.01 42.57 -45.57
C PRO C 93 3.35 43.86 -44.82
N THR C 94 2.46 44.84 -44.80
CA THR C 94 2.81 46.11 -44.17
C THR C 94 2.29 46.22 -42.76
N GLU C 95 1.57 45.20 -42.30
CA GLU C 95 1.01 45.26 -40.96
C GLU C 95 2.21 45.18 -40.02
N GLU C 96 2.15 45.89 -38.91
CA GLU C 96 3.30 46.04 -38.05
C GLU C 96 3.51 44.83 -37.17
N ILE C 97 3.86 43.69 -37.78
CA ILE C 97 4.16 42.45 -37.07
C ILE C 97 5.29 41.73 -37.80
N PRO C 98 6.07 40.90 -37.09
CA PRO C 98 7.28 40.32 -37.69
C PRO C 98 7.09 39.44 -38.93
N ALA C 99 5.91 38.81 -39.02
CA ALA C 99 5.57 37.81 -40.05
C ALA C 99 4.10 37.57 -39.82
N PRO C 100 3.41 36.77 -40.67
CA PRO C 100 1.98 36.40 -40.41
C PRO C 100 1.78 35.86 -39.00
N LEU C 101 0.70 36.23 -38.31
CA LEU C 101 0.47 35.74 -36.95
C LEU C 101 0.55 34.22 -36.96
N GLY C 102 1.08 33.68 -35.87
CA GLY C 102 1.25 32.24 -35.73
C GLY C 102 2.33 31.57 -36.57
N THR C 103 3.15 32.33 -37.26
CA THR C 103 4.28 31.76 -37.99
C THR C 103 5.26 31.11 -37.01
N PRO C 104 5.82 29.95 -37.41
CA PRO C 104 6.81 29.25 -36.59
C PRO C 104 7.91 30.24 -36.13
N ASP C 105 8.37 30.15 -34.87
CA ASP C 105 9.41 31.05 -34.40
C ASP C 105 10.73 30.38 -34.08
N PHE C 106 11.14 29.41 -34.87
CA PHE C 106 12.44 28.82 -34.62
C PHE C 106 12.94 28.19 -35.88
N VAL C 107 14.22 27.82 -35.88
CA VAL C 107 14.76 27.32 -37.13
C VAL C 107 14.66 25.83 -37.17
N GLY C 108 13.95 25.30 -38.14
CA GLY C 108 13.95 23.86 -38.21
C GLY C 108 13.10 23.45 -39.36
N LYS C 109 13.07 22.14 -39.59
CA LYS C 109 12.26 21.61 -40.63
C LYS C 109 11.01 21.02 -40.01
N ILE C 110 9.87 21.66 -40.23
CA ILE C 110 8.60 21.14 -39.71
C ILE C 110 7.85 20.28 -40.71
N GLN C 111 7.48 19.08 -40.29
CA GLN C 111 6.78 18.16 -41.17
C GLN C 111 5.28 18.12 -40.88
N GLY C 112 4.48 18.23 -41.93
CA GLY C 112 3.07 18.07 -41.79
C GLY C 112 2.40 17.64 -43.07
N VAL C 113 1.18 18.13 -43.26
CA VAL C 113 0.42 17.68 -44.37
C VAL C 113 -0.21 18.89 -44.92
N LEU C 114 -0.11 18.99 -46.22
CA LEU C 114 -0.68 20.06 -46.97
C LEU C 114 -2.00 19.46 -47.58
N THR C 115 -3.14 20.10 -47.32
CA THR C 115 -4.43 19.59 -47.78
C THR C 115 -5.07 20.63 -48.69
N GLN C 116 -5.90 20.18 -49.61
CA GLN C 116 -6.48 21.11 -50.56
C GLN C 116 -7.84 20.64 -50.94
N THR C 117 -8.77 21.59 -51.10
CA THR C 117 -10.06 21.30 -51.73
C THR C 117 -10.28 22.08 -52.99
N THR C 118 -10.74 21.39 -54.03
CA THR C 118 -11.14 22.06 -55.25
C THR C 118 -12.50 22.67 -54.99
N ARG C 119 -12.60 23.99 -54.93
CA ARG C 119 -13.90 24.68 -54.71
C ARG C 119 -15.06 24.17 -55.59
N ARG C 120 -14.87 24.16 -56.93
CA ARG C 120 -15.98 23.90 -57.90
C ARG C 120 -16.68 22.53 -57.83
N ASP C 121 -16.06 21.51 -57.23
CA ASP C 121 -16.69 20.16 -57.12
C ASP C 121 -16.39 19.39 -55.82
N GLY C 122 -15.73 20.05 -54.88
CA GLY C 122 -15.54 19.47 -53.56
C GLY C 122 -14.57 18.31 -53.46
N SER C 123 -13.70 18.18 -54.43
CA SER C 123 -12.67 17.16 -54.40
C SER C 123 -11.51 17.61 -53.53
N THR C 124 -10.82 16.65 -52.94
CA THR C 124 -9.84 16.98 -51.89
C THR C 124 -8.62 16.15 -52.06
N ARG C 125 -7.48 16.70 -51.65
CA ARG C 125 -6.21 15.98 -51.66
C ARG C 125 -5.39 16.39 -50.43
N GLY C 126 -4.45 15.52 -50.07
CA GLY C 126 -3.61 15.76 -48.93
C GLY C 126 -2.27 15.07 -49.10
N HIS C 127 -1.19 15.82 -48.94
CA HIS C 127 0.15 15.27 -49.07
C HIS C 127 1.13 15.63 -47.98
N LYS C 128 1.95 14.63 -47.62
CA LYS C 128 3.09 14.84 -46.75
C LYS C 128 3.88 16.05 -47.26
N ALA C 129 4.28 16.94 -46.36
CA ALA C 129 4.91 18.19 -46.76
C ALA C 129 5.79 18.69 -45.64
N THR C 130 6.91 19.33 -46.00
CA THR C 130 7.87 19.85 -45.01
C THR C 130 8.28 21.28 -45.32
N VAL C 131 8.38 22.11 -44.29
CA VAL C 131 8.74 23.52 -44.48
C VAL C 131 10.05 23.79 -43.75
N SER C 132 11.03 24.33 -44.44
CA SER C 132 12.28 24.45 -43.77
C SER C 132 12.47 25.91 -43.41
N THR C 133 12.42 26.23 -42.13
CA THR C 133 12.21 27.62 -41.72
C THR C 133 13.48 28.41 -41.73
N GLY C 134 14.61 27.74 -41.95
CA GLY C 134 15.85 28.49 -42.08
C GLY C 134 16.31 28.58 -43.51
N SER C 135 15.43 28.27 -44.45
CA SER C 135 15.80 28.11 -45.85
C SER C 135 15.78 29.45 -46.57
N VAL C 136 16.53 29.60 -47.66
CA VAL C 136 16.40 30.89 -48.35
C VAL C 136 14.97 31.19 -48.78
N HIS C 137 14.16 30.17 -49.04
CA HIS C 137 12.82 30.39 -49.52
C HIS C 137 11.76 30.60 -48.46
N PHE C 138 12.14 30.51 -47.19
CA PHE C 138 11.27 30.92 -46.06
C PHE C 138 11.12 32.47 -45.79
N THR C 139 10.10 33.09 -46.40
CA THR C 139 9.96 34.54 -46.44
C THR C 139 8.52 34.94 -46.13
N PRO C 140 8.00 34.47 -45.00
CA PRO C 140 6.60 34.64 -44.74
C PRO C 140 6.25 36.13 -44.61
N LYS C 141 7.12 36.95 -44.03
CA LYS C 141 6.84 38.41 -43.96
C LYS C 141 6.72 39.05 -45.34
N LEU C 142 7.32 38.45 -46.36
CA LEU C 142 7.08 38.92 -47.73
C LEU C 142 5.87 38.24 -48.37
N GLY C 143 5.12 37.40 -47.63
CA GLY C 143 3.90 36.75 -48.11
C GLY C 143 4.08 35.41 -48.83
N SER C 144 5.20 34.74 -48.63
CA SER C 144 5.46 33.56 -49.44
C SER C 144 6.40 32.59 -48.71
N VAL C 145 6.09 31.30 -48.80
CA VAL C 145 6.86 30.23 -48.15
C VAL C 145 6.98 29.02 -49.09
N GLN C 146 7.95 28.15 -48.85
CA GLN C 146 8.16 27.04 -49.77
C GLN C 146 8.07 25.70 -49.09
N PHE C 147 7.32 24.78 -49.71
CA PHE C 147 7.12 23.44 -49.16
C PHE C 147 7.77 22.42 -50.02
N SER C 148 8.37 21.41 -49.40
CA SER C 148 8.82 20.25 -50.20
C SER C 148 7.93 19.07 -49.95
N THR C 149 7.58 18.36 -51.00
CA THR C 149 6.59 17.28 -50.89
C THR C 149 6.93 16.00 -51.63
N ASP C 150 5.94 15.12 -51.71
CA ASP C 150 6.14 13.84 -52.38
C ASP C 150 5.32 13.66 -53.67
N THR C 151 4.71 14.72 -54.14
CA THR C 151 4.08 14.65 -55.44
C THR C 151 4.55 15.84 -56.27
N SER C 152 4.30 15.77 -57.58
CA SER C 152 4.81 16.77 -58.53
C SER C 152 3.74 17.27 -59.50
N ASN C 153 2.52 16.76 -59.32
CA ASN C 153 1.44 16.93 -60.27
C ASN C 153 0.07 17.00 -59.61
N ASP C 154 -0.03 16.70 -58.30
CA ASP C 154 -1.38 16.61 -57.71
C ASP C 154 -1.99 17.93 -57.25
N PHE C 155 -1.25 18.81 -56.62
CA PHE C 155 -1.92 20.05 -56.19
C PHE C 155 -2.28 20.98 -57.33
N GLU C 156 -3.43 21.64 -57.20
CA GLU C 156 -3.98 22.63 -58.17
C GLU C 156 -3.80 24.10 -57.74
N THR C 157 -3.75 24.99 -58.71
CA THR C 157 -3.52 26.41 -58.45
C THR C 157 -4.88 27.12 -58.15
N GLY C 158 -4.86 28.34 -57.60
CA GLY C 158 -6.08 29.06 -57.19
C GLY C 158 -7.08 28.33 -56.27
N GLN C 159 -6.59 27.35 -55.49
CA GLN C 159 -7.46 26.55 -54.59
C GLN C 159 -7.00 26.69 -53.16
N ASN C 160 -7.94 26.91 -52.25
CA ASN C 160 -7.60 26.92 -50.84
C ASN C 160 -6.77 25.70 -50.42
N THR C 161 -5.63 26.04 -49.82
CA THR C 161 -4.66 25.06 -49.40
C THR C 161 -4.17 25.48 -48.03
N ARG C 162 -3.91 24.47 -47.19
CA ARG C 162 -3.79 24.61 -45.74
C ARG C 162 -2.66 23.64 -45.31
N PHE C 163 -1.72 24.11 -44.50
CA PHE C 163 -0.71 23.22 -43.96
C PHE C 163 -0.96 22.96 -42.48
N THR C 164 -0.97 21.69 -42.12
CA THR C 164 -1.10 21.22 -40.76
C THR C 164 0.22 20.63 -40.29
N PRO C 165 0.77 21.22 -39.23
CA PRO C 165 2.04 20.80 -38.66
C PRO C 165 1.89 19.49 -37.91
N VAL C 166 2.90 18.67 -37.85
CA VAL C 166 2.77 17.44 -37.11
C VAL C 166 3.97 17.35 -36.21
N GLY C 167 5.15 17.63 -36.74
CA GLY C 167 6.35 17.42 -35.96
C GLY C 167 7.62 17.80 -36.65
N VAL C 168 8.74 17.49 -36.03
CA VAL C 168 9.99 18.01 -36.50
C VAL C 168 10.91 16.91 -36.96
N VAL C 169 11.84 17.29 -37.82
CA VAL C 169 12.67 16.32 -38.48
C VAL C 169 14.16 16.62 -38.33
N GLN C 170 15.01 15.61 -38.38
CA GLN C 170 16.43 15.89 -38.63
C GLN C 170 17.13 14.84 -39.47
N ASP C 171 18.33 15.18 -39.93
CA ASP C 171 19.05 14.32 -40.82
C ASP C 171 20.00 13.46 -39.97
N GLY C 172 19.65 12.18 -39.87
CA GLY C 172 20.33 11.28 -38.98
C GLY C 172 21.79 11.06 -39.27
N SER C 173 22.23 11.48 -40.44
CA SER C 173 23.59 11.21 -40.85
C SER C 173 24.50 12.34 -40.35
N THR C 174 23.88 13.44 -39.94
CA THR C 174 24.58 14.53 -39.30
C THR C 174 24.48 14.39 -37.75
N THR C 175 25.21 15.22 -37.01
CA THR C 175 25.19 15.25 -35.57
C THR C 175 23.77 15.19 -34.98
N HIS C 176 23.49 14.18 -34.19
CA HIS C 176 22.17 14.10 -33.54
C HIS C 176 21.76 15.36 -32.78
N GLN C 177 20.45 15.56 -32.70
CA GLN C 177 19.81 16.70 -32.02
C GLN C 177 20.27 18.06 -32.48
N ASN C 178 20.82 18.14 -33.69
CA ASN C 178 21.37 19.41 -34.16
C ASN C 178 20.30 20.34 -34.69
N GLU C 179 19.12 19.82 -34.99
CA GLU C 179 17.97 20.64 -35.38
C GLU C 179 16.75 19.96 -34.78
N PRO C 180 15.66 20.69 -34.52
CA PRO C 180 15.47 22.09 -34.70
C PRO C 180 16.26 22.88 -33.68
N GLN C 181 16.41 24.18 -33.93
CA GLN C 181 17.04 25.09 -32.97
C GLN C 181 16.06 26.01 -32.35
N GLN C 182 15.58 25.65 -31.17
CA GLN C 182 14.40 26.32 -30.70
C GLN C 182 14.61 27.79 -30.38
N TRP C 183 15.87 28.21 -30.24
CA TRP C 183 16.06 29.58 -29.86
C TRP C 183 16.69 30.44 -30.97
N VAL C 184 16.60 29.98 -32.21
CA VAL C 184 17.11 30.79 -33.28
C VAL C 184 15.92 31.28 -34.14
N LEU C 185 15.68 32.60 -34.25
CA LEU C 185 14.58 33.08 -35.10
C LEU C 185 14.84 32.89 -36.60
N PRO C 186 13.86 32.42 -37.38
CA PRO C 186 14.06 32.38 -38.82
C PRO C 186 14.32 33.80 -39.33
N ASP C 187 14.75 33.94 -40.57
CA ASP C 187 14.83 35.27 -41.13
C ASP C 187 13.57 35.39 -41.84
N TYR C 188 12.64 36.07 -41.21
CA TYR C 188 11.29 36.14 -41.73
C TYR C 188 11.20 36.76 -43.12
N SER C 189 12.13 37.65 -43.45
CA SER C 189 11.98 38.22 -44.76
C SER C 189 13.01 37.69 -45.71
N GLY C 190 13.65 36.58 -45.39
CA GLY C 190 14.72 36.07 -46.25
C GLY C 190 16.09 36.60 -45.86
N ARG C 191 17.12 36.10 -46.57
CA ARG C 191 18.51 36.55 -46.37
C ARG C 191 18.59 38.03 -46.63
N ASP C 192 19.48 38.73 -45.91
CA ASP C 192 19.70 40.19 -46.13
C ASP C 192 18.38 41.02 -46.12
N SER C 193 17.64 40.81 -45.03
CA SER C 193 16.57 41.69 -44.65
C SER C 193 16.31 41.34 -43.22
N HIS C 194 16.55 42.34 -42.36
CA HIS C 194 16.39 42.27 -40.93
C HIS C 194 14.96 42.00 -40.44
N ASN C 195 14.85 41.33 -39.29
CA ASN C 195 13.55 41.11 -38.70
C ASN C 195 13.05 42.38 -38.06
N VAL C 196 11.73 42.55 -38.11
CA VAL C 196 11.10 43.78 -37.62
C VAL C 196 10.07 43.46 -36.57
N HIS C 197 9.84 44.42 -35.68
CA HIS C 197 8.66 44.40 -34.79
C HIS C 197 8.65 43.29 -33.79
N LEU C 198 9.82 42.87 -33.39
CA LEU C 198 9.94 41.63 -32.64
C LEU C 198 9.59 41.81 -31.19
N ALA C 199 9.08 40.79 -30.55
CA ALA C 199 8.97 40.82 -29.12
C ALA C 199 10.39 40.83 -28.56
N PRO C 200 10.68 41.66 -27.53
CA PRO C 200 12.02 41.77 -27.00
C PRO C 200 12.57 40.45 -26.44
N ALA C 201 13.89 40.30 -26.48
CA ALA C 201 14.56 39.22 -25.80
C ALA C 201 14.30 39.21 -24.25
N VAL C 202 14.24 38.03 -23.64
CA VAL C 202 14.14 38.02 -22.19
C VAL C 202 15.39 37.53 -21.43
N ALA C 203 15.51 37.97 -20.19
CA ALA C 203 16.57 37.51 -19.31
C ALA C 203 16.18 37.80 -17.86
N PRO C 204 16.49 36.90 -16.94
CA PRO C 204 16.28 37.29 -15.56
C PRO C 204 17.35 38.24 -15.16
N THR C 205 17.01 39.44 -14.72
CA THR C 205 18.07 40.34 -14.33
C THR C 205 17.92 40.59 -12.87
N PHE C 206 17.89 39.53 -12.11
CA PHE C 206 17.82 39.67 -10.69
C PHE C 206 18.71 38.53 -10.24
N PRO C 207 19.55 38.80 -9.24
CA PRO C 207 20.56 37.84 -8.78
C PRO C 207 19.94 36.54 -8.28
N GLY C 208 20.44 35.42 -8.78
CA GLY C 208 19.96 34.13 -8.34
C GLY C 208 18.72 33.61 -9.06
N GLU C 209 18.22 34.38 -10.03
CA GLU C 209 17.02 34.02 -10.77
C GLU C 209 17.29 33.37 -12.12
N GLN C 210 16.35 32.58 -12.59
CA GLN C 210 16.40 31.99 -13.91
C GLN C 210 14.98 31.94 -14.46
N LEU C 211 14.86 31.94 -15.79
CA LEU C 211 13.58 31.71 -16.47
C LEU C 211 13.01 30.38 -16.12
N LEU C 212 11.71 30.35 -15.84
CA LEU C 212 10.94 29.10 -15.79
C LEU C 212 10.35 28.87 -17.17
N PHE C 213 10.58 27.72 -17.75
CA PHE C 213 10.07 27.44 -19.10
C PHE C 213 8.97 26.40 -19.00
N PHE C 214 7.90 26.57 -19.78
CA PHE C 214 6.83 25.56 -19.88
C PHE C 214 7.18 24.64 -21.01
N ARG C 215 7.32 23.37 -20.74
CA ARG C 215 8.03 22.54 -21.71
C ARG C 215 7.21 21.41 -22.33
N SER C 216 7.35 21.23 -23.64
CA SER C 216 6.71 20.09 -24.31
C SER C 216 7.75 19.36 -25.08
N THR C 217 7.36 18.23 -25.64
CA THR C 217 8.23 17.44 -26.45
C THR C 217 7.51 17.36 -27.80
N MET C 218 8.10 18.00 -28.82
CA MET C 218 7.54 17.86 -30.16
C MET C 218 7.53 16.41 -30.63
N PRO C 219 6.53 16.03 -31.45
CA PRO C 219 6.64 14.77 -32.18
C PRO C 219 7.77 14.84 -33.19
N GLY C 220 8.54 13.75 -33.31
CA GLY C 220 9.64 13.65 -34.27
C GLY C 220 9.21 12.71 -35.35
N CYS C 221 9.47 13.05 -36.61
CA CYS C 221 9.02 12.19 -37.74
C CYS C 221 10.17 11.56 -38.57
N SER C 222 11.40 11.87 -38.21
CA SER C 222 12.53 11.30 -38.88
C SER C 222 13.81 11.68 -38.16
N GLY C 223 14.78 10.79 -38.14
CA GLY C 223 16.08 11.15 -37.66
C GLY C 223 16.09 11.36 -36.18
N TYR C 224 16.99 12.20 -35.68
CA TYR C 224 17.05 12.42 -34.24
C TYR C 224 17.03 13.91 -33.92
N PRO C 225 15.87 14.51 -34.15
CA PRO C 225 15.66 15.93 -33.88
C PRO C 225 15.55 16.26 -32.39
N ASN C 226 16.13 17.38 -32.00
CA ASN C 226 16.02 17.92 -30.64
C ASN C 226 14.57 18.33 -30.42
N MET C 227 13.84 17.54 -29.66
CA MET C 227 12.40 17.72 -29.59
C MET C 227 11.94 18.63 -28.43
N ASN C 228 12.84 19.17 -27.66
CA ASN C 228 12.39 20.05 -26.61
C ASN C 228 11.81 21.33 -27.17
N LEU C 229 10.73 21.79 -26.57
CA LEU C 229 10.13 23.05 -26.97
C LEU C 229 9.64 23.83 -25.75
N ASP C 230 10.26 24.95 -25.45
CA ASP C 230 9.96 25.62 -24.22
C ASP C 230 9.26 26.91 -24.56
N CYS C 231 8.10 27.17 -23.97
CA CYS C 231 7.47 28.46 -24.14
C CYS C 231 7.47 29.26 -22.86
N LEU C 232 7.34 30.56 -22.97
CA LEU C 232 7.47 31.39 -21.78
C LEU C 232 6.16 31.51 -21.02
N LEU C 233 5.05 31.39 -21.75
CA LEU C 233 3.68 31.43 -21.26
C LEU C 233 2.83 30.37 -21.98
N PRO C 234 1.97 29.71 -21.24
CA PRO C 234 1.07 28.75 -21.81
C PRO C 234 0.04 29.48 -22.63
N GLN C 235 -0.39 28.86 -23.72
CA GLN C 235 -1.35 29.48 -24.59
C GLN C 235 -2.55 29.94 -23.80
N GLU C 236 -2.93 29.17 -22.78
CA GLU C 236 -4.15 29.51 -22.05
C GLU C 236 -3.95 30.73 -21.22
N TRP C 237 -2.71 30.98 -20.83
CA TRP C 237 -2.43 32.21 -20.11
C TRP C 237 -2.54 33.37 -21.08
N VAL C 238 -2.03 33.20 -22.32
CA VAL C 238 -2.09 34.22 -23.33
C VAL C 238 -3.56 34.53 -23.54
N GLN C 239 -4.33 33.49 -23.86
CA GLN C 239 -5.79 33.60 -24.00
C GLN C 239 -6.44 34.30 -22.84
N HIS C 240 -6.14 33.87 -21.62
CA HIS C 240 -6.67 34.52 -20.43
C HIS C 240 -6.34 36.02 -20.36
N PHE C 241 -5.06 36.38 -20.41
CA PHE C 241 -4.65 37.77 -20.25
C PHE C 241 -5.29 38.66 -21.28
N TYR C 242 -5.34 38.19 -22.54
CA TYR C 242 -6.03 38.96 -23.59
C TYR C 242 -7.49 39.19 -23.22
N GLN C 243 -8.26 38.14 -22.86
CA GLN C 243 -9.67 38.23 -22.41
C GLN C 243 -9.82 39.21 -21.26
N GLU C 244 -9.01 39.01 -20.22
CA GLU C 244 -9.19 39.72 -18.97
C GLU C 244 -8.63 41.12 -19.00
N SER C 245 -7.43 41.31 -19.54
CA SER C 245 -6.80 42.62 -19.51
C SER C 245 -6.86 43.34 -18.20
N ALA C 246 -6.57 42.61 -17.11
CA ALA C 246 -6.53 43.18 -15.77
C ALA C 246 -5.37 44.14 -15.71
N PRO C 247 -5.57 45.35 -15.14
CA PRO C 247 -4.46 46.31 -15.11
C PRO C 247 -3.35 45.87 -14.12
N ALA C 248 -2.09 46.00 -14.53
CA ALA C 248 -0.94 45.58 -13.71
C ALA C 248 -0.62 46.64 -12.65
N GLN C 249 -0.67 46.29 -11.36
CA GLN C 249 -0.28 47.23 -10.29
C GLN C 249 1.25 47.36 -10.15
N SER C 250 2.04 46.44 -10.67
CA SER C 250 3.48 46.63 -10.56
C SER C 250 4.15 45.98 -11.76
N ASP C 251 5.43 45.69 -11.74
CA ASP C 251 5.99 45.02 -12.91
C ASP C 251 6.14 43.52 -12.71
N VAL C 252 5.71 43.06 -11.54
CA VAL C 252 6.00 41.73 -11.09
C VAL C 252 4.82 41.18 -10.33
N ALA C 253 4.17 40.17 -10.88
CA ALA C 253 3.15 39.50 -10.14
C ALA C 253 3.78 38.32 -9.45
N LEU C 254 3.61 38.27 -8.12
CA LEU C 254 4.06 37.13 -7.34
C LEU C 254 3.01 35.99 -7.49
N LEU C 255 3.43 34.80 -7.93
CA LEU C 255 2.53 33.63 -8.07
C LEU C 255 3.03 32.55 -7.15
N ARG C 256 2.13 31.73 -6.63
CA ARG C 256 2.53 30.58 -5.86
C ARG C 256 2.04 29.38 -6.64
N PHE C 257 2.84 28.31 -6.66
CA PHE C 257 2.39 27.06 -7.25
C PHE C 257 1.83 26.20 -6.13
N VAL C 258 0.57 25.80 -6.22
CA VAL C 258 -0.17 25.26 -5.08
C VAL C 258 -0.60 23.82 -5.29
N ASN C 259 -0.61 23.04 -4.22
CA ASN C 259 -1.29 21.77 -4.25
C ASN C 259 -2.65 21.90 -3.61
N PRO C 260 -3.69 21.87 -4.39
CA PRO C 260 -5.02 22.07 -3.86
C PRO C 260 -5.36 20.98 -2.88
N ASP C 261 -4.73 19.83 -3.08
CA ASP C 261 -4.97 18.63 -2.27
C ASP C 261 -4.57 18.75 -0.80
N THR C 262 -3.42 19.36 -0.53
CA THR C 262 -2.97 19.48 0.82
C THR C 262 -3.12 20.89 1.24
N GLY C 263 -3.24 21.76 0.28
CA GLY C 263 -3.26 23.21 0.58
C GLY C 263 -1.88 23.90 0.56
N ARG C 264 -0.81 23.12 0.63
CA ARG C 264 0.52 23.68 0.80
C ARG C 264 1.08 24.19 -0.55
N VAL C 265 2.03 25.12 -0.48
CA VAL C 265 2.61 25.82 -1.62
C VAL C 265 3.88 25.10 -1.99
N LEU C 266 3.99 24.64 -3.23
CA LEU C 266 5.20 24.00 -3.64
C LEU C 266 6.42 24.96 -3.83
N PHE C 267 6.25 26.04 -4.59
CA PHE C 267 7.29 27.03 -4.80
C PHE C 267 6.65 28.32 -5.19
N GLU C 268 7.40 29.42 -5.19
CA GLU C 268 6.85 30.71 -5.66
C GLU C 268 7.66 31.22 -6.89
N CYS C 269 7.14 32.19 -7.66
CA CYS C 269 7.84 32.70 -8.88
C CYS C 269 7.32 34.07 -9.32
N LYS C 270 8.11 34.81 -10.11
CA LYS C 270 7.66 36.08 -10.63
C LYS C 270 7.04 35.94 -12.01
N LEU C 271 5.92 36.59 -12.23
CA LEU C 271 5.32 36.70 -13.53
C LEU C 271 5.47 38.13 -13.85
N HIS C 272 6.36 38.40 -14.78
CA HIS C 272 6.74 39.75 -15.09
C HIS C 272 5.68 40.34 -15.98
N LYS C 273 5.47 41.66 -15.88
CA LYS C 273 4.36 42.14 -16.63
C LYS C 273 4.58 42.07 -18.13
N SER C 274 5.80 42.10 -18.60
CA SER C 274 6.02 42.00 -20.04
C SER C 274 5.90 40.55 -20.53
N GLY C 275 5.73 39.62 -19.60
CA GLY C 275 5.15 38.36 -19.94
C GLY C 275 5.75 37.01 -19.67
N TYR C 276 6.93 36.96 -19.07
CA TYR C 276 7.51 35.69 -18.70
C TYR C 276 7.77 35.42 -17.25
N VAL C 277 8.24 34.21 -16.93
CA VAL C 277 8.31 33.79 -15.51
C VAL C 277 9.74 33.54 -15.04
N THR C 278 10.09 33.89 -13.80
CA THR C 278 11.43 33.49 -13.35
C THR C 278 11.29 32.86 -11.98
N VAL C 279 12.23 31.99 -11.60
CA VAL C 279 12.24 31.39 -10.26
C VAL C 279 13.59 31.53 -9.57
N ALA C 280 13.66 31.35 -8.25
CA ALA C 280 14.97 31.49 -7.61
C ALA C 280 15.72 30.15 -7.61
N HIS C 281 16.69 30.00 -8.52
CA HIS C 281 17.36 28.74 -8.63
C HIS C 281 18.55 28.84 -9.56
N THR C 282 19.54 27.98 -9.36
CA THR C 282 20.77 27.99 -10.16
C THR C 282 21.00 26.59 -10.60
N GLY C 283 21.07 26.37 -11.90
CA GLY C 283 21.27 25.01 -12.38
C GLY C 283 20.08 24.53 -13.16
N GLN C 284 20.31 23.50 -13.99
CA GLN C 284 19.26 22.96 -14.85
C GLN C 284 18.40 22.08 -13.95
N HIS C 285 17.08 22.12 -14.05
CA HIS C 285 16.29 21.31 -13.16
C HIS C 285 14.94 21.03 -13.73
N ASP C 286 14.52 19.77 -13.67
CA ASP C 286 13.16 19.38 -14.06
C ASP C 286 12.31 19.48 -12.82
N LEU C 287 11.37 20.42 -12.73
CA LEU C 287 10.55 20.56 -11.50
C LEU C 287 9.71 19.33 -11.17
N VAL C 288 9.72 18.86 -9.92
CA VAL C 288 8.79 17.79 -9.58
C VAL C 288 7.50 18.42 -9.08
N ILE C 289 6.37 18.06 -9.69
CA ILE C 289 5.10 18.65 -9.29
C ILE C 289 3.96 17.67 -9.07
N PRO C 290 3.04 17.96 -8.13
CA PRO C 290 1.94 17.02 -8.01
C PRO C 290 1.03 17.20 -9.17
N PRO C 291 0.45 16.10 -9.63
CA PRO C 291 -0.25 16.12 -10.92
C PRO C 291 -1.42 17.12 -10.94
N ASN C 292 -1.82 17.61 -9.77
CA ASN C 292 -3.01 18.45 -9.69
C ASN C 292 -2.74 19.86 -9.12
N GLY C 293 -1.45 20.17 -8.99
CA GLY C 293 -0.93 21.51 -8.74
C GLY C 293 -1.27 22.47 -9.84
N TYR C 294 -1.37 23.73 -9.47
CA TYR C 294 -1.72 24.85 -10.34
C TYR C 294 -1.13 26.14 -9.81
N PHE C 295 -1.24 27.23 -10.57
CA PHE C 295 -0.54 28.45 -10.20
C PHE C 295 -1.56 29.46 -9.67
N ARG C 296 -1.25 30.22 -8.62
CA ARG C 296 -2.25 31.14 -8.08
C ARG C 296 -1.64 32.51 -7.89
N PHE C 297 -2.27 33.55 -8.41
CA PHE C 297 -1.67 34.92 -8.22
C PHE C 297 -1.86 35.42 -6.77
N ASP C 298 -0.82 35.83 -6.07
CA ASP C 298 -1.02 36.25 -4.70
C ASP C 298 -0.95 37.72 -4.41
N SER C 299 -0.02 38.42 -5.06
CA SER C 299 0.01 39.89 -5.08
C SER C 299 1.09 40.48 -6.00
N TRP C 300 0.95 41.77 -6.24
CA TRP C 300 1.93 42.51 -7.02
C TRP C 300 3.03 42.90 -6.06
N VAL C 301 4.28 42.68 -6.45
CA VAL C 301 5.38 43.10 -5.63
C VAL C 301 6.29 44.01 -6.45
N ASN C 302 7.29 44.59 -5.79
CA ASN C 302 8.09 45.57 -6.47
C ASN C 302 9.40 45.02 -7.00
N GLN C 303 10.21 45.96 -7.49
CA GLN C 303 11.44 45.65 -8.25
C GLN C 303 12.48 44.83 -7.38
N PHE C 304 12.36 44.96 -6.07
CA PHE C 304 13.38 44.55 -5.11
C PHE C 304 12.99 43.26 -4.32
N TYR C 305 12.03 42.48 -4.79
CA TYR C 305 11.50 41.30 -4.01
C TYR C 305 12.32 40.01 -4.17
N THR C 306 12.72 39.39 -3.06
CA THR C 306 13.46 38.14 -3.18
C THR C 306 12.58 36.90 -3.08
N LEU C 307 12.48 36.12 -4.15
CA LEU C 307 11.73 34.87 -4.09
C LEU C 307 12.39 33.94 -3.11
N ALA C 308 11.61 33.12 -2.39
CA ALA C 308 12.16 31.98 -1.62
C ALA C 308 12.73 30.97 -2.60
N PRO C 309 13.83 30.31 -2.24
CA PRO C 309 14.41 29.46 -3.28
C PRO C 309 13.50 28.28 -3.56
N MET C 310 13.33 27.94 -4.83
CA MET C 310 12.55 26.78 -5.24
C MET C 310 13.32 25.50 -4.90
N GLY C 311 12.67 24.51 -4.30
CA GLY C 311 13.40 23.24 -3.91
C GLY C 311 14.39 22.61 -4.95
N LYS D 5 -20.52 33.61 3.46
CA LYS D 5 -20.81 32.37 4.23
C LYS D 5 -21.85 31.52 3.49
N PRO D 6 -21.54 30.24 3.19
CA PRO D 6 -22.37 29.51 2.21
C PRO D 6 -23.64 29.03 2.85
N PHE D 7 -24.75 28.98 2.14
CA PHE D 7 -26.03 28.54 2.75
C PHE D 7 -26.14 27.02 2.73
N THR D 8 -26.92 26.43 3.65
CA THR D 8 -27.07 24.97 3.72
C THR D 8 -28.32 24.64 4.44
N VAL D 9 -28.82 23.42 4.19
CA VAL D 9 -29.90 22.82 4.98
C VAL D 9 -29.38 21.59 5.72
N PRO D 10 -29.89 21.28 6.90
CA PRO D 10 -29.23 20.19 7.61
C PRO D 10 -29.32 18.83 6.91
N ILE D 11 -28.26 18.02 7.01
CA ILE D 11 -28.23 16.64 6.48
C ILE D 11 -29.06 15.71 7.36
N LEU D 12 -30.36 15.68 7.12
CA LEU D 12 -31.28 14.89 7.90
C LEU D 12 -32.34 14.24 7.00
N THR D 13 -32.76 13.02 7.37
CA THR D 13 -33.88 12.43 6.62
C THR D 13 -35.19 12.98 7.13
N VAL D 14 -36.21 12.95 6.31
CA VAL D 14 -37.49 13.39 6.86
C VAL D 14 -37.84 12.72 8.17
N GLU D 15 -37.60 11.39 8.30
CA GLU D 15 -37.99 10.67 9.54
C GLU D 15 -37.13 11.04 10.73
N GLU D 16 -35.99 11.67 10.46
CA GLU D 16 -35.12 12.13 11.52
C GLU D 16 -35.55 13.47 12.06
N MET D 17 -36.52 14.09 11.42
CA MET D 17 -36.84 15.45 11.79
C MET D 17 -38.18 15.60 12.55
N THR D 18 -38.46 16.80 13.04
CA THR D 18 -39.57 17.06 13.93
C THR D 18 -40.54 18.04 13.33
N ASN D 19 -41.81 17.90 13.61
CA ASN D 19 -42.78 18.81 13.08
C ASN D 19 -42.67 20.07 13.90
N SER D 20 -42.81 21.22 13.27
CA SER D 20 -42.56 22.47 13.94
C SER D 20 -43.85 23.11 14.43
N ARG D 21 -44.97 22.41 14.21
CA ARG D 21 -46.31 22.89 14.59
C ARG D 21 -46.95 22.11 15.75
N PHE D 22 -46.35 20.97 16.10
CA PHE D 22 -46.76 20.18 17.26
C PHE D 22 -45.53 19.32 17.61
N PRO D 23 -45.35 19.00 18.90
CA PRO D 23 -44.06 18.37 19.17
C PRO D 23 -44.03 16.88 18.87
N ILE D 24 -43.95 16.49 17.61
CA ILE D 24 -43.90 15.04 17.26
C ILE D 24 -43.05 14.92 16.00
N PRO D 25 -42.55 13.71 15.70
CA PRO D 25 -41.67 13.60 14.55
C PRO D 25 -42.41 13.73 13.24
N LEU D 26 -41.65 14.09 12.21
CA LEU D 26 -42.17 14.09 10.83
C LEU D 26 -42.33 12.67 10.34
N GLU D 27 -43.36 12.41 9.51
CA GLU D 27 -43.50 11.09 8.89
C GLU D 27 -43.32 11.03 7.37
N LYS D 28 -43.57 12.12 6.68
CA LYS D 28 -43.71 12.08 5.23
C LYS D 28 -43.79 13.44 4.56
N LEU D 29 -43.61 13.42 3.25
CA LEU D 29 -43.79 14.60 2.44
C LEU D 29 -45.11 14.54 1.71
N PHE D 30 -45.85 15.65 1.76
CA PHE D 30 -47.10 15.72 1.02
C PHE D 30 -47.18 17.00 0.21
N THR D 31 -47.61 16.91 -1.05
CA THR D 31 -48.03 18.10 -1.80
C THR D 31 -49.48 18.09 -2.27
N GLY D 32 -50.09 19.27 -2.34
CA GLY D 32 -51.38 19.44 -3.03
C GLY D 32 -51.70 20.89 -3.35
N PRO D 33 -52.74 21.16 -4.17
CA PRO D 33 -53.19 22.54 -4.33
C PRO D 33 -53.68 23.07 -3.01
N SER D 34 -53.54 24.39 -2.90
CA SER D 34 -53.83 25.11 -1.67
C SER D 34 -54.44 26.48 -1.92
N SER D 35 -55.07 26.70 -3.09
CA SER D 35 -55.86 27.94 -3.30
C SER D 35 -57.24 27.98 -2.59
N ALA D 36 -57.71 26.81 -2.11
CA ALA D 36 -59.05 26.70 -1.45
C ALA D 36 -58.96 26.85 0.07
N PHE D 37 -57.72 27.11 0.55
CA PHE D 37 -57.51 27.36 1.98
C PHE D 37 -56.33 28.28 2.21
N VAL D 38 -56.26 28.88 3.38
CA VAL D 38 -55.32 29.93 3.65
C VAL D 38 -54.18 29.30 4.37
N VAL D 39 -52.98 29.33 3.78
CA VAL D 39 -51.84 28.66 4.40
C VAL D 39 -51.04 29.70 5.12
N GLN D 40 -51.28 29.79 6.42
CA GLN D 40 -50.79 30.91 7.23
C GLN D 40 -50.38 30.51 8.66
N PRO D 41 -49.66 29.39 8.78
CA PRO D 41 -49.29 28.94 10.10
C PRO D 41 -48.35 29.93 10.77
N GLN D 42 -48.34 29.91 12.10
CA GLN D 42 -47.52 30.84 12.81
C GLN D 42 -46.35 30.17 13.48
N ASN D 43 -46.34 28.85 13.51
CA ASN D 43 -45.15 28.12 14.01
C ASN D 43 -44.38 27.48 12.87
N GLY D 44 -43.06 27.36 13.01
CA GLY D 44 -42.30 26.81 11.90
C GLY D 44 -42.21 27.83 10.78
N ARG D 45 -42.05 29.09 11.14
CA ARG D 45 -41.91 30.17 10.21
C ARG D 45 -40.61 30.87 10.48
N CYS D 46 -39.71 30.82 9.48
CA CYS D 46 -38.37 31.34 9.58
C CYS D 46 -37.80 31.70 8.21
N THR D 47 -37.04 32.79 8.09
CA THR D 47 -36.51 33.13 6.79
C THR D 47 -35.26 32.32 6.62
N THR D 48 -34.79 32.15 5.40
CA THR D 48 -33.58 31.38 5.22
C THR D 48 -32.40 32.03 5.90
N ASP D 49 -32.45 33.33 6.14
CA ASP D 49 -31.29 33.97 6.77
C ASP D 49 -31.51 34.10 8.25
N GLY D 50 -32.56 33.42 8.68
CA GLY D 50 -32.70 33.09 10.05
C GLY D 50 -33.48 34.04 10.89
N ALA D 51 -34.37 34.84 10.30
CA ALA D 51 -35.33 35.59 11.09
C ALA D 51 -36.57 34.74 11.34
N LEU D 52 -36.85 34.54 12.64
CA LEU D 52 -38.08 33.87 13.11
C LEU D 52 -39.33 34.75 12.85
N LEU D 53 -40.38 34.12 12.37
CA LEU D 53 -41.61 34.80 12.13
C LEU D 53 -42.77 34.26 12.98
N GLY D 54 -43.87 35.02 13.04
CA GLY D 54 -45.08 34.60 13.71
C GLY D 54 -44.83 34.27 15.17
N THR D 55 -45.32 33.13 15.61
CA THR D 55 -45.09 32.73 16.95
C THR D 55 -44.02 31.67 17.06
N THR D 56 -43.13 31.61 16.09
CA THR D 56 -42.16 30.55 16.03
C THR D 56 -41.07 30.68 17.04
N GLN D 57 -40.69 29.60 17.70
CA GLN D 57 -39.50 29.67 18.55
C GLN D 57 -38.61 28.44 18.37
N LEU D 58 -37.59 28.32 19.20
CA LEU D 58 -36.56 27.28 18.96
C LEU D 58 -36.79 25.89 19.55
N SER D 59 -37.49 25.78 20.68
CA SER D 59 -37.57 24.51 21.40
C SER D 59 -38.56 23.66 20.73
N PRO D 60 -38.18 22.49 20.19
CA PRO D 60 -39.26 21.70 19.64
C PRO D 60 -40.15 21.12 20.73
N VAL D 61 -39.78 21.22 21.99
CA VAL D 61 -40.64 20.61 22.96
C VAL D 61 -41.62 21.60 23.54
N ASP D 62 -41.38 22.89 23.28
CA ASP D 62 -42.26 23.93 23.81
C ASP D 62 -43.36 24.38 22.86
N ILE D 63 -43.50 23.71 21.73
CA ILE D 63 -44.63 24.00 20.80
C ILE D 63 -45.92 23.44 21.34
N CYS D 64 -46.93 24.29 21.37
CA CYS D 64 -48.26 23.92 21.89
C CYS D 64 -48.30 23.68 23.38
N THR D 65 -47.43 24.33 24.15
CA THR D 65 -47.54 24.25 25.60
C THR D 65 -47.96 25.58 26.22
N PHE D 66 -48.47 25.52 27.44
CA PHE D 66 -48.64 26.74 28.22
C PHE D 66 -48.07 26.54 29.60
N ARG D 67 -47.75 27.67 30.25
CA ARG D 67 -47.10 27.76 31.56
C ARG D 67 -47.83 28.86 32.23
N GLY D 68 -47.80 28.90 33.54
CA GLY D 68 -48.29 30.07 34.27
C GLY D 68 -49.07 29.62 35.50
N ASP D 69 -49.87 30.51 36.06
CA ASP D 69 -50.66 30.09 37.20
C ASP D 69 -52.11 29.89 36.84
N VAL D 70 -52.78 29.08 37.64
CA VAL D 70 -54.17 28.76 37.40
C VAL D 70 -55.11 29.31 38.50
N THR D 71 -56.36 29.45 38.06
CA THR D 71 -57.50 29.88 38.83
C THR D 71 -58.64 28.97 38.45
N HIS D 72 -59.45 28.60 39.44
CA HIS D 72 -60.64 27.80 39.20
C HIS D 72 -61.83 28.70 38.92
N ILE D 73 -62.71 28.23 38.05
CA ILE D 73 -63.92 28.97 37.72
C ILE D 73 -65.03 28.20 38.41
N ALA D 74 -65.61 28.86 39.41
CA ALA D 74 -66.43 28.19 40.44
C ALA D 74 -67.59 27.39 39.83
N GLY D 75 -67.73 26.14 40.28
CA GLY D 75 -68.81 25.23 39.85
C GLY D 75 -68.69 24.61 38.47
N THR D 76 -67.50 24.69 37.86
CA THR D 76 -67.19 24.01 36.61
C THR D 76 -66.00 23.12 36.84
N GLN D 77 -65.52 22.45 35.80
CA GLN D 77 -64.25 21.76 35.92
C GLN D 77 -63.23 22.43 35.03
N ASN D 78 -63.29 23.76 35.01
CA ASN D 78 -62.46 24.54 34.15
C ASN D 78 -61.54 25.40 34.99
N TYR D 79 -60.35 25.65 34.45
CA TYR D 79 -59.38 26.54 35.04
C TYR D 79 -58.91 27.55 34.02
N THR D 80 -58.74 28.79 34.45
CA THR D 80 -58.14 29.86 33.67
C THR D 80 -56.67 29.94 34.00
N MET D 81 -55.82 30.05 32.97
CA MET D 81 -54.38 30.10 33.20
C MET D 81 -53.88 31.42 32.75
N ASN D 82 -53.18 32.11 33.63
CA ASN D 82 -52.48 33.32 33.26
C ASN D 82 -51.10 33.00 32.82
N LEU D 83 -50.79 33.33 31.57
CA LEU D 83 -49.62 32.81 30.96
C LEU D 83 -48.33 33.49 31.43
N ALA D 84 -47.25 32.71 31.52
CA ALA D 84 -45.93 33.26 31.65
C ALA D 84 -45.28 32.96 30.34
N SER D 85 -44.15 33.60 30.06
CA SER D 85 -43.34 33.27 28.91
C SER D 85 -42.55 32.03 29.20
N GLN D 86 -41.81 31.57 28.20
CA GLN D 86 -41.01 30.35 28.30
C GLN D 86 -40.10 30.36 29.55
N ASN D 87 -39.48 31.50 29.86
CA ASN D 87 -38.61 31.60 31.04
C ASN D 87 -39.28 31.69 32.43
N TRP D 88 -40.56 31.33 32.53
CA TRP D 88 -41.44 31.70 33.68
C TRP D 88 -41.60 33.18 33.99
N ASN D 89 -41.11 34.07 33.15
CA ASN D 89 -41.38 35.50 33.39
C ASN D 89 -42.76 35.99 32.89
N ASN D 90 -43.15 37.19 33.33
CA ASN D 90 -44.40 37.85 32.93
C ASN D 90 -44.52 37.93 31.41
N TYR D 91 -45.64 37.44 30.88
CA TYR D 91 -45.91 37.62 29.46
C TYR D 91 -46.37 39.06 29.25
N ASP D 92 -45.72 39.75 28.32
CA ASP D 92 -46.01 41.13 28.01
C ASP D 92 -46.86 41.18 26.73
N PRO D 93 -48.19 41.36 26.87
CA PRO D 93 -49.13 41.43 25.76
C PRO D 93 -48.88 42.52 24.76
N THR D 94 -47.99 43.45 25.08
CA THR D 94 -47.72 44.54 24.15
C THR D 94 -46.70 44.13 23.13
N GLU D 95 -46.04 43.02 23.37
CA GLU D 95 -44.92 42.67 22.54
C GLU D 95 -45.36 42.35 21.13
N GLU D 96 -44.54 42.75 20.17
CA GLU D 96 -44.97 42.73 18.77
C GLU D 96 -44.99 41.35 18.17
N ILE D 97 -45.88 40.52 18.74
CA ILE D 97 -46.05 39.13 18.32
C ILE D 97 -47.52 38.74 18.34
N PRO D 98 -47.91 37.75 17.52
CA PRO D 98 -49.34 37.46 17.51
C PRO D 98 -49.84 36.92 18.85
N ALA D 99 -48.97 36.24 19.59
CA ALA D 99 -49.37 35.57 20.83
C ALA D 99 -48.13 34.93 21.39
N PRO D 100 -48.17 34.38 22.60
CA PRO D 100 -46.90 33.93 23.13
C PRO D 100 -46.23 32.90 22.20
N LEU D 101 -44.89 32.98 22.06
CA LEU D 101 -44.15 32.12 21.16
C LEU D 101 -44.52 30.67 21.48
N GLY D 102 -44.84 29.88 20.45
CA GLY D 102 -45.19 28.52 20.66
C GLY D 102 -46.68 28.26 20.85
N THR D 103 -47.51 29.30 20.93
CA THR D 103 -48.97 29.09 20.94
C THR D 103 -49.44 28.25 19.71
N PRO D 104 -50.43 27.34 19.93
CA PRO D 104 -50.98 26.54 18.85
C PRO D 104 -51.50 27.45 17.77
N ASP D 105 -51.33 27.08 16.50
CA ASP D 105 -51.78 27.92 15.40
C ASP D 105 -52.84 27.28 14.55
N PHE D 106 -53.78 26.59 15.17
CA PHE D 106 -54.90 25.97 14.47
C PHE D 106 -56.07 25.85 15.42
N VAL D 107 -57.25 25.82 14.85
CA VAL D 107 -58.47 25.73 15.63
C VAL D 107 -58.71 24.25 15.87
N GLY D 108 -58.81 23.87 17.13
CA GLY D 108 -58.84 22.48 17.46
C GLY D 108 -59.01 22.30 18.92
N LYS D 109 -59.36 21.07 19.30
CA LYS D 109 -59.41 20.72 20.72
C LYS D 109 -58.13 19.87 21.05
N ILE D 110 -57.18 20.49 21.74
CA ILE D 110 -55.93 19.83 22.06
C ILE D 110 -56.05 19.22 23.47
N GLN D 111 -55.71 17.96 23.59
CA GLN D 111 -55.84 17.33 24.87
C GLN D 111 -54.47 17.03 25.42
N GLY D 112 -54.34 17.29 26.72
CA GLY D 112 -53.08 17.06 27.32
C GLY D 112 -53.17 16.78 28.80
N VAL D 113 -52.15 17.26 29.51
CA VAL D 113 -52.07 17.05 30.92
C VAL D 113 -51.53 18.33 31.53
N LEU D 114 -52.28 18.81 32.51
CA LEU D 114 -51.94 19.97 33.27
C LEU D 114 -51.28 19.46 34.55
N THR D 115 -50.14 20.02 34.94
CA THR D 115 -49.37 19.48 36.05
C THR D 115 -48.90 20.60 36.92
N GLN D 116 -48.73 20.32 38.22
CA GLN D 116 -48.45 21.40 39.15
C GLN D 116 -47.48 21.05 40.29
N THR D 117 -46.56 21.95 40.60
CA THR D 117 -45.72 21.76 41.74
C THR D 117 -45.96 22.88 42.69
N THR D 118 -46.22 22.52 43.93
CA THR D 118 -46.34 23.47 44.99
C THR D 118 -44.96 23.76 45.44
N ARG D 119 -44.58 25.02 45.34
CA ARG D 119 -43.21 25.44 45.61
C ARG D 119 -42.69 25.10 47.02
N ARG D 120 -43.47 25.38 48.05
CA ARG D 120 -43.04 25.32 49.45
C ARG D 120 -42.69 23.92 49.98
N ASP D 121 -43.36 22.88 49.48
CA ASP D 121 -43.17 21.49 49.98
C ASP D 121 -42.88 20.39 48.90
N GLY D 122 -42.87 20.78 47.62
CA GLY D 122 -42.54 19.90 46.54
C GLY D 122 -43.59 18.84 46.27
N SER D 123 -44.86 19.17 46.51
CA SER D 123 -45.92 18.24 46.17
C SER D 123 -46.43 18.57 44.76
N THR D 124 -47.02 17.56 44.10
CA THR D 124 -47.25 17.63 42.66
C THR D 124 -48.57 16.94 42.24
N ARG D 125 -49.13 17.38 41.09
CA ARG D 125 -50.33 16.80 40.55
C ARG D 125 -50.36 16.91 39.03
N GLY D 126 -50.96 15.93 38.44
CA GLY D 126 -51.28 15.91 37.04
C GLY D 126 -52.74 15.56 36.90
N HIS D 127 -53.43 16.28 36.03
CA HIS D 127 -54.78 15.93 35.59
C HIS D 127 -54.94 16.10 34.10
N LYS D 128 -55.66 15.16 33.47
CA LYS D 128 -56.16 15.34 32.10
C LYS D 128 -56.78 16.73 31.93
N ALA D 129 -56.49 17.36 30.78
CA ALA D 129 -56.90 18.74 30.49
C ALA D 129 -56.97 18.94 29.00
N THR D 130 -57.93 19.75 28.56
CA THR D 130 -58.13 20.00 27.12
C THR D 130 -58.22 21.48 26.88
N VAL D 131 -57.55 21.94 25.84
CA VAL D 131 -57.73 23.30 25.51
C VAL D 131 -58.47 23.43 24.20
N SER D 132 -59.36 24.38 24.10
CA SER D 132 -60.13 24.51 22.89
C SER D 132 -59.74 25.80 22.20
N THR D 133 -58.96 25.70 21.14
CA THR D 133 -58.39 26.90 20.58
C THR D 133 -59.41 27.77 19.82
N GLY D 134 -60.65 27.29 19.67
CA GLY D 134 -61.66 28.10 19.04
C GLY D 134 -62.67 28.59 20.04
N SER D 135 -62.50 28.20 21.29
CA SER D 135 -63.27 28.71 22.41
C SER D 135 -63.19 30.24 22.47
N VAL D 136 -64.23 30.86 23.01
CA VAL D 136 -64.26 32.31 23.24
C VAL D 136 -63.28 32.71 24.34
N HIS D 137 -62.89 31.75 25.16
CA HIS D 137 -61.93 32.00 26.22
C HIS D 137 -60.50 31.69 25.88
N PHE D 138 -60.25 31.46 24.60
CA PHE D 138 -58.91 31.25 24.16
C PHE D 138 -58.25 32.57 23.80
N THR D 139 -57.65 33.26 24.77
CA THR D 139 -57.12 34.60 24.52
C THR D 139 -55.64 34.70 24.84
N PRO D 140 -54.85 33.83 24.23
CA PRO D 140 -53.49 33.84 24.65
C PRO D 140 -52.82 35.19 24.44
N LYS D 141 -53.27 36.00 23.51
CA LYS D 141 -52.51 37.21 23.27
C LYS D 141 -52.79 38.20 24.37
N LEU D 142 -53.96 38.02 25.01
CA LEU D 142 -54.36 38.92 26.07
C LEU D 142 -53.70 38.52 27.36
N GLY D 143 -53.26 37.26 27.42
CA GLY D 143 -52.49 36.66 28.52
C GLY D 143 -53.23 35.58 29.29
N SER D 144 -54.13 34.89 28.62
CA SER D 144 -55.13 34.19 29.37
C SER D 144 -55.69 33.14 28.46
N VAL D 145 -55.65 31.90 28.91
CA VAL D 145 -56.23 30.80 28.19
C VAL D 145 -57.07 30.04 29.21
N GLN D 146 -57.95 29.15 28.74
CA GLN D 146 -58.81 28.33 29.60
C GLN D 146 -58.84 26.80 29.26
N PHE D 147 -58.71 25.96 30.28
CA PHE D 147 -58.67 24.52 30.06
C PHE D 147 -59.87 23.89 30.69
N SER D 148 -60.30 22.75 30.18
CA SER D 148 -61.33 21.92 30.80
C SER D 148 -60.76 20.56 31.27
N THR D 149 -61.10 20.15 32.49
CA THR D 149 -60.32 19.13 33.25
C THR D 149 -61.16 18.06 33.94
N ASP D 150 -60.51 17.25 34.76
CA ASP D 150 -61.22 16.23 35.55
C ASP D 150 -61.19 16.40 37.08
N THR D 151 -61.08 17.66 37.52
CA THR D 151 -61.04 17.99 38.91
C THR D 151 -61.65 19.35 39.12
N SER D 152 -62.26 19.57 40.27
CA SER D 152 -62.88 20.85 40.53
C SER D 152 -62.27 21.36 41.76
N ASN D 153 -61.45 20.49 42.34
CA ASN D 153 -60.88 20.70 43.64
C ASN D 153 -59.40 20.94 43.70
N ASP D 154 -58.66 20.09 43.03
CA ASP D 154 -57.21 19.93 43.20
C ASP D 154 -56.14 20.99 42.94
N PHE D 155 -56.21 21.73 41.85
CA PHE D 155 -55.16 22.69 41.56
C PHE D 155 -55.16 23.89 42.47
N GLU D 156 -53.98 24.37 42.83
CA GLU D 156 -53.79 25.52 43.72
C GLU D 156 -53.42 26.77 42.97
N THR D 157 -53.70 27.92 43.56
CA THR D 157 -53.38 29.21 42.94
C THR D 157 -51.94 29.61 43.22
N GLY D 158 -51.44 30.62 42.52
CA GLY D 158 -50.09 31.15 42.76
C GLY D 158 -48.92 30.19 42.59
N GLN D 159 -49.16 29.01 42.00
CA GLN D 159 -48.12 28.01 41.74
C GLN D 159 -47.92 27.77 40.26
N ASN D 160 -46.70 27.37 39.95
CA ASN D 160 -46.24 27.07 38.61
C ASN D 160 -46.97 25.88 37.97
N THR D 161 -47.71 26.11 36.89
CA THR D 161 -48.46 25.06 36.20
C THR D 161 -48.14 24.97 34.70
N ARG D 162 -48.12 23.77 34.15
CA ARG D 162 -47.59 23.56 32.82
C ARG D 162 -48.54 22.67 32.04
N PHE D 163 -48.87 23.03 30.81
CA PHE D 163 -49.70 22.18 29.98
C PHE D 163 -48.77 21.43 29.07
N THR D 164 -48.92 20.13 28.98
CA THR D 164 -48.18 19.32 28.02
C THR D 164 -49.19 18.76 27.07
N PRO D 165 -49.04 19.05 25.80
CA PRO D 165 -49.91 18.56 24.75
C PRO D 165 -49.71 17.13 24.41
N VAL D 166 -50.80 16.41 24.14
CA VAL D 166 -50.71 14.98 23.83
C VAL D 166 -51.37 14.48 22.54
N GLY D 167 -52.43 15.18 22.13
CA GLY D 167 -53.22 14.79 20.99
C GLY D 167 -54.37 15.72 20.79
N VAL D 168 -55.13 15.47 19.74
CA VAL D 168 -56.31 16.26 19.38
C VAL D 168 -57.53 15.38 19.50
N VAL D 169 -58.69 16.00 19.73
CA VAL D 169 -59.91 15.30 20.06
C VAL D 169 -61.01 15.80 19.12
N GLN D 170 -61.99 14.97 18.83
CA GLN D 170 -63.08 15.44 17.98
C GLN D 170 -64.38 14.77 18.38
N ASP D 171 -65.50 15.44 18.17
CA ASP D 171 -66.77 14.92 18.65
C ASP D 171 -67.38 13.94 17.63
N GLY D 172 -67.30 12.65 17.97
CA GLY D 172 -67.84 11.56 17.13
C GLY D 172 -69.29 11.66 16.64
N SER D 173 -70.17 12.25 17.45
CA SER D 173 -71.58 12.40 17.08
C SER D 173 -71.76 13.31 15.83
N THR D 174 -70.76 14.18 15.58
CA THR D 174 -70.73 15.07 14.39
C THR D 174 -69.92 14.44 13.22
N THR D 175 -69.90 15.09 12.04
CA THR D 175 -69.36 14.40 10.86
C THR D 175 -67.84 14.23 10.99
N HIS D 176 -67.30 13.14 10.45
CA HIS D 176 -65.94 12.73 10.83
C HIS D 176 -64.84 13.59 10.28
N GLN D 177 -63.72 13.67 11.03
CA GLN D 177 -62.55 14.46 10.64
C GLN D 177 -62.96 15.91 10.36
N ASN D 178 -63.98 16.34 11.08
CA ASN D 178 -64.43 17.70 10.95
C ASN D 178 -63.57 18.64 11.79
N GLU D 179 -62.83 18.10 12.76
CA GLU D 179 -61.86 18.89 13.48
C GLU D 179 -60.61 18.08 13.88
N PRO D 180 -59.49 18.73 14.15
CA PRO D 180 -59.19 20.15 14.09
C PRO D 180 -59.05 20.68 12.68
N GLN D 181 -58.97 21.99 12.59
CA GLN D 181 -58.82 22.62 11.32
C GLN D 181 -57.46 23.35 11.20
N GLN D 182 -56.47 22.57 10.69
CA GLN D 182 -55.09 22.97 10.71
C GLN D 182 -54.80 24.26 9.99
N TRP D 183 -55.64 24.63 9.04
CA TRP D 183 -55.40 25.88 8.34
C TRP D 183 -56.32 27.03 8.74
N VAL D 184 -56.83 27.05 9.95
CA VAL D 184 -57.57 28.21 10.37
C VAL D 184 -56.90 28.69 11.64
N LEU D 185 -56.27 29.86 11.56
CA LEU D 185 -55.74 30.50 12.77
C LEU D 185 -56.88 30.72 13.78
N PRO D 186 -56.55 30.53 15.08
CA PRO D 186 -57.37 30.89 16.22
C PRO D 186 -57.48 32.37 16.25
N ASP D 187 -58.43 32.91 17.01
CA ASP D 187 -58.45 34.36 17.25
C ASP D 187 -57.66 34.59 18.51
N TYR D 188 -56.44 35.09 18.38
CA TYR D 188 -55.52 35.14 19.49
C TYR D 188 -55.99 36.07 20.60
N SER D 189 -56.67 37.14 20.24
CA SER D 189 -57.19 38.05 21.25
C SER D 189 -58.68 37.84 21.53
N GLY D 190 -59.25 36.69 21.14
CA GLY D 190 -60.67 36.40 21.34
C GLY D 190 -61.62 36.89 20.25
N ARG D 191 -62.92 36.82 20.51
CA ARG D 191 -63.95 37.27 19.52
C ARG D 191 -63.91 38.76 19.23
N ASP D 192 -63.96 39.08 17.92
CA ASP D 192 -63.88 40.47 17.42
C ASP D 192 -62.57 41.09 17.86
N SER D 193 -61.51 40.63 17.23
CA SER D 193 -60.14 41.01 17.56
C SER D 193 -59.39 40.74 16.26
N HIS D 194 -58.45 41.59 15.93
CA HIS D 194 -57.67 41.30 14.78
C HIS D 194 -56.41 40.65 15.22
N ASN D 195 -56.04 39.61 14.51
CA ASN D 195 -54.72 39.05 14.67
C ASN D 195 -53.65 40.07 14.26
N VAL D 196 -52.53 40.09 14.94
CA VAL D 196 -51.52 41.09 14.62
C VAL D 196 -50.14 40.42 14.50
N HIS D 197 -49.25 41.05 13.75
CA HIS D 197 -47.88 40.58 13.54
C HIS D 197 -47.82 39.15 13.03
N LEU D 198 -48.74 38.77 12.15
CA LEU D 198 -48.75 37.40 11.64
C LEU D 198 -47.63 37.20 10.64
N ALA D 199 -47.05 36.01 10.65
CA ALA D 199 -46.27 35.55 9.50
C ALA D 199 -47.17 35.59 8.26
N PRO D 200 -46.62 36.06 7.15
CA PRO D 200 -47.41 36.17 5.97
C PRO D 200 -48.02 34.81 5.55
N ALA D 201 -49.17 34.89 4.87
CA ALA D 201 -49.75 33.73 4.19
C ALA D 201 -48.92 33.34 2.95
N VAL D 202 -48.88 32.07 2.56
CA VAL D 202 -48.01 31.68 1.47
C VAL D 202 -48.81 30.99 0.41
N ALA D 203 -48.27 30.96 -0.79
CA ALA D 203 -48.92 30.34 -1.95
C ALA D 203 -47.85 30.09 -3.02
N PRO D 204 -48.00 29.02 -3.79
CA PRO D 204 -47.11 28.92 -4.95
C PRO D 204 -47.42 30.13 -5.86
N THR D 205 -46.46 30.60 -6.64
CA THR D 205 -46.64 31.75 -7.45
C THR D 205 -45.83 31.43 -8.71
N PHE D 206 -45.91 30.22 -9.18
CA PHE D 206 -45.29 29.86 -10.43
C PHE D 206 -46.17 28.81 -11.12
N PRO D 207 -46.36 28.96 -12.44
CA PRO D 207 -47.24 28.01 -13.14
C PRO D 207 -46.72 26.59 -12.93
N GLY D 208 -47.62 25.65 -12.71
CA GLY D 208 -47.30 24.30 -12.36
C GLY D 208 -46.74 24.06 -10.99
N GLU D 209 -46.80 25.01 -10.07
CA GLU D 209 -46.20 24.71 -8.78
C GLU D 209 -47.21 24.57 -7.65
N GLN D 210 -46.80 23.86 -6.60
CA GLN D 210 -47.62 23.56 -5.41
C GLN D 210 -46.69 23.61 -4.25
N LEU D 211 -47.19 23.90 -3.07
CA LEU D 211 -46.39 23.90 -1.86
C LEU D 211 -46.02 22.48 -1.56
N LEU D 212 -44.88 22.28 -0.90
CA LEU D 212 -44.52 20.95 -0.38
C LEU D 212 -44.65 21.00 1.12
N PHE D 213 -45.32 20.05 1.72
CA PHE D 213 -45.63 20.14 3.15
C PHE D 213 -44.94 19.03 3.87
N PHE D 214 -44.38 19.34 5.04
CA PHE D 214 -43.73 18.33 5.86
C PHE D 214 -44.82 17.89 6.79
N ARG D 215 -45.25 16.63 6.65
CA ARG D 215 -46.43 16.14 7.31
C ARG D 215 -46.19 15.17 8.47
N SER D 216 -47.03 15.30 9.50
CA SER D 216 -47.08 14.31 10.57
C SER D 216 -48.52 13.86 10.76
N THR D 217 -48.72 12.90 11.65
CA THR D 217 -50.01 12.51 12.07
C THR D 217 -50.10 12.74 13.56
N MET D 218 -50.84 13.76 13.98
CA MET D 218 -50.98 14.03 15.40
C MET D 218 -51.61 12.83 16.07
N PRO D 219 -51.28 12.55 17.34
CA PRO D 219 -52.01 11.43 17.92
C PRO D 219 -53.44 11.85 18.22
N GLY D 220 -54.40 10.93 18.10
CA GLY D 220 -55.80 11.22 18.44
C GLY D 220 -56.16 10.66 19.80
N CYS D 221 -56.91 11.43 20.58
CA CYS D 221 -57.27 10.99 21.91
C CYS D 221 -58.72 10.53 22.07
N SER D 222 -59.56 10.79 21.08
CA SER D 222 -60.99 10.55 21.22
C SER D 222 -61.67 11.00 19.92
N GLY D 223 -62.80 10.41 19.58
CA GLY D 223 -63.55 10.86 18.42
C GLY D 223 -62.93 10.42 17.12
N TYR D 224 -63.27 11.14 16.07
CA TYR D 224 -62.75 10.82 14.75
C TYR D 224 -61.91 11.97 14.13
N PRO D 225 -60.93 12.49 14.87
CA PRO D 225 -60.26 13.72 14.48
C PRO D 225 -59.44 13.61 13.19
N ASN D 226 -59.32 14.73 12.47
CA ASN D 226 -58.39 14.88 11.39
C ASN D 226 -56.98 15.07 11.96
N MET D 227 -56.19 14.04 11.85
CA MET D 227 -54.90 14.08 12.43
C MET D 227 -53.74 14.58 11.57
N ASN D 228 -53.98 14.91 10.32
CA ASN D 228 -52.96 15.48 9.47
C ASN D 228 -52.46 16.78 10.01
N LEU D 229 -51.14 16.96 10.00
CA LEU D 229 -50.59 18.23 10.43
C LEU D 229 -49.44 18.59 9.54
N ASP D 230 -49.56 19.69 8.84
CA ASP D 230 -48.60 20.03 7.80
C ASP D 230 -47.84 21.30 8.17
N CYS D 231 -46.53 21.24 7.98
CA CYS D 231 -45.71 22.39 8.31
C CYS D 231 -44.81 22.72 7.12
N LEU D 232 -44.47 23.99 7.01
CA LEU D 232 -43.72 24.45 5.86
C LEU D 232 -42.26 24.18 6.03
N LEU D 233 -41.69 24.34 7.22
CA LEU D 233 -40.29 23.94 7.49
C LEU D 233 -40.27 23.02 8.71
N PRO D 234 -39.43 21.97 8.66
CA PRO D 234 -39.19 21.16 9.85
C PRO D 234 -38.48 22.04 10.88
N GLN D 235 -38.85 21.85 12.15
CA GLN D 235 -38.18 22.50 13.24
C GLN D 235 -36.63 22.50 13.12
N GLU D 236 -36.00 21.39 12.74
CA GLU D 236 -34.54 21.37 12.63
C GLU D 236 -34.00 22.36 11.58
N TRP D 237 -34.71 22.54 10.45
CA TRP D 237 -34.48 23.65 9.49
C TRP D 237 -34.63 25.03 10.15
N VAL D 238 -35.66 25.21 10.98
CA VAL D 238 -35.81 26.49 11.62
C VAL D 238 -34.57 26.73 12.51
N GLN D 239 -34.21 25.73 13.31
CA GLN D 239 -33.05 25.86 14.18
C GLN D 239 -31.76 26.13 13.41
N HIS D 240 -31.66 25.52 12.24
CA HIS D 240 -30.42 25.58 11.48
C HIS D 240 -30.30 26.98 10.95
N PHE D 241 -31.43 27.53 10.49
CA PHE D 241 -31.35 28.83 9.83
C PHE D 241 -31.05 29.87 10.90
N TYR D 242 -31.69 29.77 12.06
CA TYR D 242 -31.40 30.69 13.14
C TYR D 242 -29.89 30.78 13.50
N GLN D 243 -29.23 29.62 13.59
CA GLN D 243 -27.80 29.51 13.88
C GLN D 243 -26.93 30.09 12.82
N GLU D 244 -27.12 29.58 11.62
CA GLU D 244 -26.21 29.88 10.56
C GLU D 244 -26.38 31.31 10.12
N SER D 245 -27.59 31.83 10.26
CA SER D 245 -27.89 33.17 9.73
C SER D 245 -27.26 33.47 8.35
N ALA D 246 -27.34 32.54 7.40
CA ALA D 246 -26.62 32.72 6.13
C ALA D 246 -27.35 33.71 5.21
N PRO D 247 -26.64 34.72 4.68
CA PRO D 247 -27.39 35.66 3.84
C PRO D 247 -27.84 35.01 2.50
N ALA D 248 -29.00 35.44 2.01
CA ALA D 248 -29.61 34.94 0.78
C ALA D 248 -29.07 35.64 -0.45
N GLN D 249 -28.57 34.90 -1.42
CA GLN D 249 -28.04 35.52 -2.64
C GLN D 249 -29.06 35.80 -3.72
N SER D 250 -30.25 35.18 -3.65
CA SER D 250 -31.34 35.43 -4.60
C SER D 250 -32.68 35.15 -3.95
N ASP D 251 -33.71 34.95 -4.74
CA ASP D 251 -35.01 34.83 -4.12
C ASP D 251 -35.32 33.41 -3.66
N VAL D 252 -34.59 32.46 -4.24
CA VAL D 252 -34.98 31.09 -4.23
C VAL D 252 -33.74 30.23 -4.07
N ALA D 253 -33.74 29.30 -3.13
CA ALA D 253 -32.68 28.34 -3.01
C ALA D 253 -33.11 27.03 -3.71
N LEU D 254 -32.30 26.43 -4.56
CA LEU D 254 -32.75 25.20 -5.21
C LEU D 254 -32.21 24.05 -4.39
N LEU D 255 -33.08 23.24 -3.81
CA LEU D 255 -32.68 21.99 -3.15
C LEU D 255 -32.93 20.78 -4.07
N ARG D 256 -32.00 19.81 -3.98
CA ARG D 256 -32.21 18.47 -4.52
C ARG D 256 -32.46 17.55 -3.39
N PHE D 257 -33.45 16.72 -3.57
CA PHE D 257 -33.69 15.64 -2.62
C PHE D 257 -32.96 14.37 -3.10
N VAL D 258 -31.98 13.95 -2.34
CA VAL D 258 -31.04 12.98 -2.81
C VAL D 258 -31.08 11.73 -1.98
N ASN D 259 -31.01 10.61 -2.70
CA ASN D 259 -30.74 9.30 -2.10
C ASN D 259 -29.24 9.01 -1.95
N PRO D 260 -28.69 9.10 -0.74
CA PRO D 260 -27.24 8.89 -0.75
C PRO D 260 -26.76 7.45 -1.11
N ASP D 261 -27.62 6.43 -1.05
CA ASP D 261 -27.20 5.04 -1.38
C ASP D 261 -26.74 4.99 -2.82
N THR D 262 -27.62 5.47 -3.71
CA THR D 262 -27.36 5.53 -5.14
C THR D 262 -26.71 6.85 -5.55
N GLY D 263 -26.74 7.86 -4.70
CA GLY D 263 -26.30 9.20 -5.15
C GLY D 263 -27.20 9.86 -6.21
N ARG D 264 -28.41 9.38 -6.36
CA ARG D 264 -29.23 9.85 -7.45
C ARG D 264 -30.19 10.90 -6.94
N VAL D 265 -30.66 11.78 -7.81
CA VAL D 265 -31.52 12.87 -7.41
C VAL D 265 -32.96 12.46 -7.64
N LEU D 266 -33.73 12.45 -6.56
CA LEU D 266 -35.10 12.03 -6.65
C LEU D 266 -36.00 13.15 -7.23
N PHE D 267 -35.88 14.35 -6.72
CA PHE D 267 -36.64 15.46 -7.27
C PHE D 267 -36.03 16.73 -6.80
N GLU D 268 -36.42 17.85 -7.37
CA GLU D 268 -35.83 19.10 -6.95
C GLU D 268 -36.93 20.01 -6.47
N CYS D 269 -36.60 20.98 -5.64
CA CYS D 269 -37.65 21.87 -5.19
C CYS D 269 -37.05 23.22 -4.90
N LYS D 270 -37.94 24.21 -4.72
CA LYS D 270 -37.57 25.56 -4.46
C LYS D 270 -37.83 25.86 -3.01
N LEU D 271 -36.81 26.29 -2.29
CA LEU D 271 -36.95 26.81 -0.96
C LEU D 271 -36.91 28.32 -1.03
N HIS D 272 -38.05 28.98 -0.93
CA HIS D 272 -38.15 30.42 -0.97
C HIS D 272 -37.51 31.08 0.26
N LYS D 273 -36.86 32.22 0.05
CA LYS D 273 -36.12 32.89 1.14
C LYS D 273 -36.97 33.17 2.38
N SER D 274 -38.25 33.41 2.21
CA SER D 274 -39.09 33.66 3.37
C SER D 274 -39.55 32.39 4.10
N GLY D 275 -39.09 31.22 3.67
CA GLY D 275 -39.25 30.06 4.49
C GLY D 275 -40.38 29.12 4.14
N TYR D 276 -40.54 28.74 2.87
CA TYR D 276 -41.44 27.67 2.46
C TYR D 276 -40.93 27.00 1.17
N VAL D 277 -41.45 25.83 0.84
CA VAL D 277 -40.90 25.10 -0.28
C VAL D 277 -41.99 24.87 -1.32
N THR D 278 -41.63 24.88 -2.60
CA THR D 278 -42.60 24.47 -3.59
C THR D 278 -41.97 23.42 -4.44
N VAL D 279 -42.83 22.70 -5.17
CA VAL D 279 -42.48 21.58 -6.09
C VAL D 279 -43.32 21.67 -7.37
N ALA D 280 -42.85 20.99 -8.39
CA ALA D 280 -43.53 21.08 -9.69
C ALA D 280 -44.39 19.85 -9.81
N HIS D 281 -45.65 19.98 -9.41
CA HIS D 281 -46.62 18.92 -9.46
C HIS D 281 -48.02 19.52 -9.44
N THR D 282 -48.93 18.90 -10.18
CA THR D 282 -50.35 19.25 -10.09
C THR D 282 -51.15 18.12 -9.45
N GLY D 283 -51.80 18.36 -8.31
CA GLY D 283 -52.66 17.36 -7.67
C GLY D 283 -52.23 16.97 -6.29
N GLN D 284 -53.06 16.24 -5.56
CA GLN D 284 -52.64 15.75 -4.25
C GLN D 284 -51.72 14.58 -4.46
N HIS D 285 -50.66 14.48 -3.68
CA HIS D 285 -49.75 13.37 -3.82
C HIS D 285 -49.04 13.09 -2.55
N ASP D 286 -49.09 11.85 -2.09
CA ASP D 286 -48.18 11.42 -1.02
C ASP D 286 -46.86 11.07 -1.68
N LEU D 287 -45.77 11.67 -1.26
CA LEU D 287 -44.49 11.38 -1.86
C LEU D 287 -43.94 10.05 -1.35
N VAL D 288 -43.35 9.31 -2.28
CA VAL D 288 -42.69 8.05 -2.01
C VAL D 288 -41.18 8.30 -2.11
N ILE D 289 -40.51 8.14 -0.98
CA ILE D 289 -39.11 8.56 -0.83
C ILE D 289 -38.30 7.45 -0.17
N PRO D 290 -37.02 7.29 -0.58
CA PRO D 290 -36.21 6.30 0.08
C PRO D 290 -35.91 6.77 1.51
N PRO D 291 -35.92 5.83 2.46
CA PRO D 291 -35.84 6.10 3.89
C PRO D 291 -34.61 6.93 4.31
N ASN D 292 -33.50 6.78 3.61
CA ASN D 292 -32.36 7.65 3.97
C ASN D 292 -32.12 8.83 3.02
N GLY D 293 -33.16 9.27 2.34
CA GLY D 293 -33.04 10.45 1.54
C GLY D 293 -33.01 11.69 2.42
N TYR D 294 -32.36 12.73 1.87
CA TYR D 294 -32.20 14.03 2.49
C TYR D 294 -32.11 15.23 1.49
N PHE D 295 -32.33 16.45 2.01
CA PHE D 295 -32.28 17.61 1.17
C PHE D 295 -30.89 18.22 1.07
N ARG D 296 -30.52 18.74 -0.08
CA ARG D 296 -29.20 19.30 -0.28
C ARG D 296 -29.39 20.59 -1.01
N PHE D 297 -28.72 21.63 -0.55
CA PHE D 297 -28.81 22.91 -1.23
C PHE D 297 -27.83 22.88 -2.39
N ASP D 298 -28.31 23.12 -3.62
CA ASP D 298 -27.39 23.23 -4.76
C ASP D 298 -27.03 24.63 -5.25
N SER D 299 -27.96 25.57 -5.43
CA SER D 299 -27.56 26.94 -5.81
C SER D 299 -28.60 27.99 -5.57
N TRP D 300 -28.27 29.26 -5.64
CA TRP D 300 -29.38 30.21 -5.70
C TRP D 300 -29.89 30.39 -7.14
N VAL D 301 -31.17 30.65 -7.29
CA VAL D 301 -31.72 30.81 -8.60
C VAL D 301 -32.72 31.92 -8.49
N ASN D 302 -33.14 32.44 -9.64
CA ASN D 302 -34.12 33.48 -9.62
C ASN D 302 -35.51 32.88 -9.62
N GLN D 303 -36.49 33.77 -9.57
CA GLN D 303 -37.86 33.36 -9.42
C GLN D 303 -38.44 32.65 -10.64
N PHE D 304 -37.69 32.65 -11.73
CA PHE D 304 -38.10 32.14 -13.01
C PHE D 304 -37.42 30.85 -13.40
N TYR D 305 -36.69 30.27 -12.47
CA TYR D 305 -36.13 28.98 -12.71
C TYR D 305 -37.26 27.94 -12.72
N THR D 306 -37.33 27.13 -13.76
CA THR D 306 -38.31 26.07 -13.89
C THR D 306 -37.86 24.73 -13.26
N LEU D 307 -38.64 24.13 -12.36
CA LEU D 307 -38.23 22.85 -11.78
C LEU D 307 -38.50 21.71 -12.74
N ALA D 308 -37.58 20.76 -12.75
CA ALA D 308 -37.88 19.48 -13.30
C ALA D 308 -39.14 18.87 -12.58
N PRO D 309 -40.15 18.39 -13.31
CA PRO D 309 -41.32 17.80 -12.64
C PRO D 309 -40.95 16.75 -11.60
N MET D 310 -41.65 16.72 -10.47
CA MET D 310 -41.49 15.69 -9.45
C MET D 310 -42.37 14.46 -9.78
N GLY D 311 -41.83 13.30 -10.08
CA GLY D 311 -42.70 12.14 -10.49
C GLY D 311 -43.69 11.58 -9.44
N SER E 2 55.59 -31.77 -40.77
CA SER E 2 55.99 -31.99 -39.32
C SER E 2 54.85 -32.60 -38.40
N ARG E 3 55.06 -33.82 -37.90
CA ARG E 3 53.95 -34.63 -37.32
C ARG E 3 53.56 -34.19 -35.91
N THR E 4 52.58 -33.30 -35.87
CA THR E 4 52.37 -32.53 -34.65
C THR E 4 50.89 -32.19 -34.38
N LYS E 5 50.63 -31.64 -33.20
CA LYS E 5 49.30 -31.25 -32.77
C LYS E 5 48.78 -30.12 -33.70
N PRO E 6 47.56 -30.26 -34.31
CA PRO E 6 47.06 -29.19 -35.20
C PRO E 6 46.77 -27.92 -34.44
N PHE E 7 47.04 -26.79 -35.06
CA PHE E 7 46.77 -25.53 -34.42
C PHE E 7 45.30 -25.16 -34.66
N THR E 8 44.75 -24.33 -33.76
CA THR E 8 43.37 -23.92 -33.85
C THR E 8 43.21 -22.60 -33.14
N VAL E 9 42.28 -21.75 -33.62
CA VAL E 9 41.73 -20.64 -32.82
C VAL E 9 40.35 -20.98 -32.23
N PRO E 10 40.01 -20.40 -31.09
CA PRO E 10 38.72 -20.74 -30.55
C PRO E 10 37.58 -20.49 -31.54
N ILE E 11 36.55 -21.35 -31.52
CA ILE E 11 35.26 -21.02 -32.11
C ILE E 11 34.48 -20.07 -31.21
N LEU E 12 34.67 -18.78 -31.46
CA LEU E 12 33.99 -17.74 -30.74
C LEU E 12 33.70 -16.62 -31.69
N THR E 13 32.50 -16.06 -31.59
CA THR E 13 32.14 -14.88 -32.38
C THR E 13 32.80 -13.69 -31.77
N VAL E 14 32.91 -12.61 -32.55
CA VAL E 14 33.57 -11.42 -32.00
C VAL E 14 32.93 -10.93 -30.70
N GLU E 15 31.61 -10.88 -30.62
CA GLU E 15 30.97 -10.33 -29.42
C GLU E 15 31.01 -11.27 -28.22
N GLU E 16 31.28 -12.55 -28.47
CA GLU E 16 31.52 -13.50 -27.39
C GLU E 16 32.91 -13.32 -26.74
N MET E 17 33.81 -12.51 -27.30
CA MET E 17 35.21 -12.39 -26.80
C MET E 17 35.54 -11.12 -26.05
N THR E 18 36.70 -11.12 -25.44
CA THR E 18 37.09 -10.09 -24.47
C THR E 18 38.33 -9.29 -24.91
N ASN E 19 38.37 -8.00 -24.60
CA ASN E 19 39.49 -7.15 -25.00
C ASN E 19 40.62 -7.55 -24.15
N SER E 20 41.79 -7.58 -24.75
CA SER E 20 42.96 -7.98 -24.01
C SER E 20 43.73 -6.82 -23.37
N ARG E 21 43.21 -5.60 -23.51
CA ARG E 21 43.96 -4.42 -23.07
C ARG E 21 43.21 -3.71 -21.96
N PHE E 22 41.95 -4.11 -21.77
CA PHE E 22 41.14 -3.57 -20.70
C PHE E 22 40.01 -4.62 -20.48
N PRO E 23 39.51 -4.73 -19.24
CA PRO E 23 38.54 -5.81 -18.97
C PRO E 23 37.12 -5.40 -19.43
N ILE E 24 36.90 -5.45 -20.75
CA ILE E 24 35.59 -5.19 -21.38
C ILE E 24 35.39 -6.05 -22.61
N PRO E 25 34.15 -6.26 -23.04
CA PRO E 25 33.98 -7.15 -24.20
C PRO E 25 34.50 -6.54 -25.46
N LEU E 26 34.85 -7.36 -26.45
CA LEU E 26 35.04 -6.87 -27.82
C LEU E 26 33.72 -6.38 -28.41
N GLU E 27 33.77 -5.55 -29.43
CA GLU E 27 32.56 -5.00 -30.01
C GLU E 27 32.54 -5.05 -31.50
N LYS E 28 33.69 -4.89 -32.16
CA LYS E 28 33.74 -4.87 -33.60
C LYS E 28 35.13 -5.13 -34.04
N LEU E 29 35.30 -5.50 -35.30
CA LEU E 29 36.61 -5.46 -35.95
C LEU E 29 36.81 -4.14 -36.73
N PHE E 30 37.99 -3.55 -36.60
CA PHE E 30 38.31 -2.32 -37.28
C PHE E 30 39.65 -2.47 -38.00
N THR E 31 39.77 -1.89 -39.19
CA THR E 31 41.06 -2.02 -39.88
C THR E 31 41.45 -0.64 -40.30
N GLY E 32 42.76 -0.39 -40.42
CA GLY E 32 43.28 0.96 -40.70
C GLY E 32 44.76 1.08 -41.03
N PRO E 33 45.11 2.16 -41.77
CA PRO E 33 46.54 2.48 -41.91
C PRO E 33 47.14 2.72 -40.54
N SER E 34 48.30 2.14 -40.29
CA SER E 34 48.85 2.33 -38.98
C SER E 34 50.25 2.93 -38.96
N SER E 35 50.76 3.44 -40.08
CA SER E 35 52.13 3.91 -40.00
C SER E 35 52.28 5.23 -39.26
N ALA E 36 51.17 5.92 -39.04
CA ALA E 36 51.26 7.16 -38.29
C ALA E 36 51.40 6.95 -36.76
N PHE E 37 51.43 5.71 -36.30
CA PHE E 37 51.54 5.50 -34.85
C PHE E 37 52.26 4.22 -34.60
N VAL E 38 52.74 4.06 -33.37
CA VAL E 38 53.59 2.92 -33.06
C VAL E 38 52.71 1.90 -32.42
N VAL E 39 52.51 0.79 -33.13
CA VAL E 39 51.61 -0.24 -32.66
C VAL E 39 52.37 -1.26 -31.84
N GLN E 40 52.52 -0.93 -30.55
CA GLN E 40 53.33 -1.73 -29.70
C GLN E 40 52.65 -1.93 -28.37
N PRO E 41 51.50 -2.57 -28.36
CA PRO E 41 50.86 -2.79 -27.06
C PRO E 41 51.57 -3.92 -26.31
N GLN E 42 51.42 -3.95 -24.99
CA GLN E 42 52.17 -4.85 -24.14
C GLN E 42 51.26 -5.87 -23.51
N ASN E 43 49.94 -5.63 -23.50
CA ASN E 43 48.95 -6.65 -23.13
C ASN E 43 48.31 -7.23 -24.38
N GLY E 44 47.85 -8.46 -24.31
CA GLY E 44 47.30 -9.10 -25.49
C GLY E 44 48.36 -9.49 -26.48
N ARG E 45 49.49 -9.95 -25.98
CA ARG E 45 50.63 -10.26 -26.77
C ARG E 45 50.97 -11.74 -26.53
N CYS E 46 50.82 -12.57 -27.55
CA CYS E 46 51.09 -13.96 -27.38
C CYS E 46 51.39 -14.58 -28.69
N THR E 47 52.31 -15.51 -28.73
CA THR E 47 52.66 -16.07 -30.02
C THR E 47 51.67 -17.17 -30.28
N THR E 48 51.61 -17.61 -31.51
CA THR E 48 50.64 -18.63 -31.78
C THR E 48 51.00 -19.97 -31.12
N ASP E 49 52.26 -20.21 -30.73
CA ASP E 49 52.56 -21.43 -30.03
C ASP E 49 52.63 -21.18 -28.55
N GLY E 50 51.98 -20.11 -28.11
CA GLY E 50 51.70 -19.97 -26.70
C GLY E 50 52.77 -19.34 -25.85
N ALA E 51 53.62 -18.49 -26.44
CA ALA E 51 54.59 -17.72 -25.62
C ALA E 51 53.94 -16.41 -25.28
N LEU E 52 53.74 -16.12 -24.01
CA LEU E 52 53.27 -14.80 -23.62
C LEU E 52 54.39 -13.74 -23.75
N LEU E 53 54.09 -12.54 -24.27
CA LEU E 53 55.06 -11.44 -24.29
C LEU E 53 54.57 -10.21 -23.51
N GLY E 54 55.46 -9.25 -23.33
CA GLY E 54 55.03 -7.96 -22.79
C GLY E 54 54.51 -8.09 -21.36
N THR E 55 53.44 -7.42 -21.01
CA THR E 55 52.95 -7.56 -19.66
C THR E 55 51.78 -8.55 -19.63
N THR E 56 51.64 -9.30 -20.72
CA THR E 56 50.41 -10.04 -21.02
C THR E 56 50.17 -11.15 -20.02
N GLN E 57 49.00 -11.27 -19.41
CA GLN E 57 48.81 -12.47 -18.52
C GLN E 57 47.47 -13.11 -18.81
N LEU E 58 47.02 -14.16 -18.11
CA LEU E 58 45.80 -14.86 -18.62
C LEU E 58 44.47 -14.37 -18.12
N SER E 59 44.44 -13.87 -16.90
CA SER E 59 43.21 -13.42 -16.32
C SER E 59 42.63 -12.19 -17.06
N PRO E 60 41.42 -12.32 -17.62
CA PRO E 60 40.83 -11.19 -18.34
C PRO E 60 40.32 -10.16 -17.37
N VAL E 61 40.39 -10.44 -16.09
CA VAL E 61 39.83 -9.46 -15.16
C VAL E 61 40.91 -8.65 -14.55
N ASP E 62 42.09 -9.25 -14.36
CA ASP E 62 43.24 -8.59 -13.76
C ASP E 62 43.99 -7.62 -14.68
N ILE E 63 43.45 -7.31 -15.85
CA ILE E 63 44.06 -6.38 -16.73
C ILE E 63 43.76 -4.99 -16.22
N CYS E 64 44.75 -4.10 -16.31
CA CYS E 64 44.68 -2.80 -15.65
C CYS E 64 44.23 -2.79 -14.23
N THR E 65 44.62 -3.77 -13.45
CA THR E 65 44.29 -3.77 -12.03
C THR E 65 45.57 -3.70 -11.22
N PHE E 66 45.48 -3.24 -9.99
CA PHE E 66 46.70 -3.10 -9.15
C PHE E 66 46.34 -3.56 -7.77
N ARG E 67 47.28 -4.18 -7.06
CA ARG E 67 47.04 -4.56 -5.66
C ARG E 67 48.24 -4.16 -4.91
N GLY E 68 48.10 -4.12 -3.59
CA GLY E 68 49.23 -3.97 -2.70
C GLY E 68 48.83 -3.20 -1.46
N ASP E 69 49.76 -2.43 -0.90
CA ASP E 69 49.37 -1.56 0.18
C ASP E 69 49.59 -0.12 -0.15
N VAL E 70 48.95 0.75 0.60
CA VAL E 70 48.97 2.16 0.28
C VAL E 70 49.41 3.00 1.46
N THR E 71 49.93 4.16 1.09
CA THR E 71 50.44 5.17 2.00
C THR E 71 49.83 6.49 1.59
N HIS E 72 49.33 7.24 2.57
CA HIS E 72 48.87 8.58 2.31
C HIS E 72 50.03 9.57 2.03
N ILE E 73 49.75 10.53 1.17
CA ILE E 73 50.70 11.60 0.87
C ILE E 73 50.24 12.77 1.72
N ALA E 74 51.17 13.38 2.45
CA ALA E 74 50.79 14.44 3.37
C ALA E 74 50.16 15.62 2.66
N GLY E 75 49.07 16.11 3.25
CA GLY E 75 48.36 17.26 2.74
C GLY E 75 47.85 17.19 1.31
N THR E 76 47.35 16.04 0.87
CA THR E 76 46.81 15.99 -0.49
C THR E 76 45.82 14.85 -0.41
N GLN E 77 45.16 14.62 -1.54
CA GLN E 77 44.19 13.57 -1.63
C GLN E 77 44.73 12.36 -2.39
N ASN E 78 46.03 12.12 -2.26
CA ASN E 78 46.67 11.07 -2.99
C ASN E 78 47.25 9.94 -2.14
N TYR E 79 47.45 8.81 -2.80
CA TYR E 79 47.99 7.64 -2.16
C TYR E 79 49.02 7.04 -3.08
N THR E 80 50.13 6.61 -2.50
CA THR E 80 51.10 5.76 -3.17
C THR E 80 50.79 4.33 -2.79
N MET E 81 50.79 3.46 -3.81
CA MET E 81 50.63 2.03 -3.58
C MET E 81 51.93 1.34 -3.83
N ASN E 82 52.32 0.44 -2.92
CA ASN E 82 53.42 -0.49 -3.15
C ASN E 82 52.86 -1.75 -3.73
N LEU E 83 53.18 -2.00 -4.99
CA LEU E 83 52.54 -3.05 -5.72
C LEU E 83 52.96 -4.42 -5.32
N ALA E 84 51.97 -5.30 -5.23
CA ALA E 84 52.16 -6.73 -5.06
C ALA E 84 51.82 -7.42 -6.38
N SER E 85 52.21 -8.67 -6.54
CA SER E 85 51.81 -9.42 -7.73
C SER E 85 50.46 -10.09 -7.54
N GLN E 86 49.94 -10.60 -8.64
CA GLN E 86 48.61 -11.19 -8.64
C GLN E 86 48.39 -12.12 -7.41
N ASN E 87 49.38 -12.94 -7.08
CA ASN E 87 49.35 -13.78 -5.87
C ASN E 87 49.52 -13.04 -4.50
N TRP E 88 49.42 -11.71 -4.43
CA TRP E 88 49.69 -10.95 -3.19
C TRP E 88 51.11 -11.04 -2.65
N ASN E 89 52.00 -11.71 -3.39
CA ASN E 89 53.43 -11.68 -3.05
C ASN E 89 54.01 -10.35 -3.40
N ASN E 90 55.20 -10.04 -2.90
CA ASN E 90 55.81 -8.77 -3.27
C ASN E 90 56.26 -8.85 -4.73
N TYR E 91 56.17 -7.71 -5.41
CA TYR E 91 56.47 -7.62 -6.83
C TYR E 91 57.96 -7.57 -6.96
N ASP E 92 58.47 -8.41 -7.88
CA ASP E 92 59.91 -8.48 -8.09
C ASP E 92 60.47 -7.65 -9.27
N PRO E 93 61.05 -6.49 -8.98
CA PRO E 93 61.49 -5.61 -10.07
C PRO E 93 62.53 -6.19 -11.07
N THR E 94 63.16 -7.31 -10.70
CA THR E 94 64.30 -7.86 -11.44
C THR E 94 63.83 -8.91 -12.40
N GLU E 95 62.53 -9.24 -12.30
CA GLU E 95 61.95 -10.20 -13.18
C GLU E 95 61.90 -9.57 -14.56
N GLU E 96 62.08 -10.41 -15.56
CA GLU E 96 62.45 -9.96 -16.88
C GLU E 96 61.29 -9.60 -17.77
N ILE E 97 60.61 -8.54 -17.34
CA ILE E 97 59.33 -8.13 -17.90
C ILE E 97 59.25 -6.63 -17.72
N PRO E 98 58.30 -6.02 -18.44
CA PRO E 98 58.45 -4.61 -18.52
C PRO E 98 57.91 -3.94 -17.31
N ALA E 99 57.03 -4.62 -16.61
CA ALA E 99 56.27 -4.09 -15.44
C ALA E 99 55.44 -5.22 -14.87
N PRO E 100 54.73 -4.98 -13.74
CA PRO E 100 53.95 -6.10 -13.27
C PRO E 100 52.99 -6.54 -14.35
N LEU E 101 52.78 -7.84 -14.45
CA LEU E 101 51.85 -8.44 -15.41
C LEU E 101 50.49 -7.77 -15.33
N GLY E 102 49.89 -7.47 -16.48
CA GLY E 102 48.59 -6.83 -16.52
C GLY E 102 48.55 -5.35 -16.24
N THR E 103 49.69 -4.71 -16.04
CA THR E 103 49.77 -3.24 -16.03
C THR E 103 49.23 -2.56 -17.31
N PRO E 104 48.64 -1.33 -17.20
CA PRO E 104 48.16 -0.61 -18.35
C PRO E 104 49.23 -0.42 -19.42
N ASP E 105 48.86 -0.44 -20.69
CA ASP E 105 49.88 -0.25 -21.67
C ASP E 105 49.56 0.90 -22.57
N PHE E 106 48.91 1.91 -22.02
CA PHE E 106 48.73 3.14 -22.75
C PHE E 106 48.79 4.29 -21.78
N VAL E 107 48.97 5.47 -22.32
CA VAL E 107 49.07 6.64 -21.48
C VAL E 107 47.70 7.25 -21.41
N GLY E 108 47.24 7.42 -20.19
CA GLY E 108 45.95 8.04 -19.98
C GLY E 108 45.58 8.04 -18.53
N LYS E 109 44.46 8.67 -18.21
CA LYS E 109 43.98 8.62 -16.85
C LYS E 109 42.87 7.57 -16.72
N ILE E 110 43.15 6.54 -15.95
CA ILE E 110 42.15 5.50 -15.65
C ILE E 110 41.43 5.76 -14.31
N GLN E 111 40.11 5.86 -14.37
CA GLN E 111 39.34 6.01 -13.16
C GLN E 111 38.75 4.68 -12.76
N GLY E 112 38.92 4.38 -11.48
CA GLY E 112 38.23 3.26 -10.92
C GLY E 112 37.87 3.48 -9.49
N VAL E 113 38.08 2.43 -8.70
CA VAL E 113 37.77 2.40 -7.31
C VAL E 113 38.87 1.64 -6.59
N LEU E 114 39.37 2.20 -5.51
CA LEU E 114 40.27 1.51 -4.63
C LEU E 114 39.43 0.94 -3.50
N THR E 115 39.66 -0.33 -3.14
CA THR E 115 38.92 -0.99 -2.05
C THR E 115 39.85 -1.59 -1.06
N GLN E 116 39.40 -1.67 0.18
CA GLN E 116 40.25 -2.14 1.24
C GLN E 116 39.46 -2.95 2.29
N THR E 117 39.97 -4.12 2.67
CA THR E 117 39.51 -4.75 3.88
C THR E 117 40.61 -4.66 4.96
N THR E 118 40.20 -4.36 6.20
CA THR E 118 41.12 -4.51 7.34
C THR E 118 41.01 -5.92 7.93
N ARG E 119 42.09 -6.69 7.94
CA ARG E 119 42.06 -8.07 8.45
C ARG E 119 41.35 -8.20 9.80
N ARG E 120 41.79 -7.38 10.77
CA ARG E 120 41.30 -7.42 12.17
C ARG E 120 39.82 -7.74 12.30
N ASP E 121 38.95 -6.89 11.78
CA ASP E 121 37.51 -7.01 12.05
C ASP E 121 36.62 -7.15 10.81
N GLY E 122 37.27 -7.22 9.65
CA GLY E 122 36.57 -7.37 8.37
C GLY E 122 35.75 -6.18 7.89
N SER E 123 36.18 -4.97 8.26
CA SER E 123 35.50 -3.77 7.85
C SER E 123 36.04 -3.45 6.47
N THR E 124 35.21 -2.84 5.64
CA THR E 124 35.58 -2.59 4.25
C THR E 124 35.34 -1.14 3.86
N ARG E 125 36.06 -0.68 2.83
CA ARG E 125 35.87 0.67 2.29
C ARG E 125 36.28 0.70 0.86
N GLY E 126 35.69 1.62 0.11
CA GLY E 126 36.02 1.79 -1.29
C GLY E 126 35.82 3.23 -1.71
N HIS E 127 36.77 3.74 -2.50
CA HIS E 127 36.72 5.12 -2.92
C HIS E 127 37.05 5.24 -4.35
N LYS E 128 36.49 6.26 -4.99
CA LYS E 128 36.86 6.63 -6.35
C LYS E 128 38.35 6.95 -6.37
N ALA E 129 39.05 6.41 -7.35
CA ALA E 129 40.46 6.73 -7.54
C ALA E 129 40.80 6.81 -9.02
N THR E 130 41.82 7.61 -9.31
CA THR E 130 42.35 7.73 -10.66
C THR E 130 43.86 7.51 -10.64
N VAL E 131 44.33 6.66 -11.54
CA VAL E 131 45.76 6.55 -11.77
C VAL E 131 46.08 7.13 -13.12
N SER E 132 47.07 8.01 -13.16
CA SER E 132 47.41 8.72 -14.37
C SER E 132 48.67 8.06 -14.95
N THR E 133 48.53 7.30 -16.03
CA THR E 133 49.67 6.50 -16.48
C THR E 133 50.75 7.30 -17.16
N GLY E 134 50.50 8.59 -17.40
CA GLY E 134 51.53 9.44 -17.97
C GLY E 134 52.36 10.17 -16.94
N SER E 135 52.06 9.91 -15.68
CA SER E 135 52.54 10.67 -14.54
C SER E 135 54.04 10.37 -14.24
N VAL E 136 54.74 11.35 -13.68
CA VAL E 136 56.10 11.04 -13.19
C VAL E 136 56.07 10.00 -12.07
N HIS E 137 54.97 9.95 -11.29
CA HIS E 137 54.80 8.98 -10.20
C HIS E 137 54.35 7.62 -10.64
N PHE E 138 54.04 7.48 -11.93
CA PHE E 138 53.64 6.22 -12.49
C PHE E 138 54.84 5.37 -12.76
N THR E 139 55.22 4.56 -11.78
CA THR E 139 56.48 3.84 -11.82
C THR E 139 56.27 2.35 -11.48
N PRO E 140 55.36 1.65 -12.20
CA PRO E 140 55.08 0.26 -11.78
C PRO E 140 56.29 -0.67 -11.87
N LYS E 141 57.18 -0.49 -12.84
CA LYS E 141 58.36 -1.37 -12.90
C LYS E 141 59.24 -1.20 -11.67
N LEU E 142 59.17 -0.05 -11.02
CA LEU E 142 59.87 0.09 -9.73
C LEU E 142 59.02 -0.42 -8.55
N GLY E 143 57.79 -0.85 -8.81
CA GLY E 143 56.94 -1.37 -7.73
C GLY E 143 56.04 -0.33 -7.11
N SER E 144 55.82 0.76 -7.83
CA SER E 144 55.23 1.92 -7.19
C SER E 144 54.40 2.75 -8.15
N VAL E 145 53.20 3.10 -7.69
CA VAL E 145 52.22 3.77 -8.51
C VAL E 145 51.41 4.74 -7.65
N GLN E 146 50.91 5.83 -8.24
CA GLN E 146 50.19 6.87 -7.44
C GLN E 146 48.75 7.05 -7.84
N PHE E 147 47.85 7.24 -6.87
CA PHE E 147 46.39 7.42 -7.14
C PHE E 147 45.87 8.76 -6.66
N SER E 148 44.89 9.33 -7.34
CA SER E 148 44.17 10.47 -6.75
C SER E 148 42.79 10.02 -6.37
N THR E 149 42.37 10.48 -5.21
CA THR E 149 41.12 10.04 -4.64
C THR E 149 40.28 11.18 -4.11
N ASP E 150 39.09 10.83 -3.67
CA ASP E 150 38.26 11.80 -3.01
C ASP E 150 38.42 11.88 -1.50
N THR E 151 39.25 11.02 -0.88
CA THR E 151 39.42 11.13 0.59
C THR E 151 40.84 11.38 1.09
N SER E 152 40.92 11.92 2.29
CA SER E 152 42.21 12.21 2.88
C SER E 152 42.52 11.36 4.10
N ASN E 153 41.53 10.70 4.66
CA ASN E 153 41.81 9.88 5.82
C ASN E 153 41.34 8.44 5.86
N ASP E 154 40.58 7.98 4.88
CA ASP E 154 40.04 6.63 4.98
C ASP E 154 40.93 5.41 4.91
N PHE E 155 41.85 5.36 3.99
CA PHE E 155 42.62 4.16 3.82
C PHE E 155 43.66 3.93 4.87
N GLU E 156 43.82 2.68 5.27
CA GLU E 156 44.74 2.31 6.31
C GLU E 156 46.05 1.77 5.76
N THR E 157 47.07 1.81 6.59
CA THR E 157 48.39 1.30 6.20
C THR E 157 48.43 -0.20 6.44
N GLY E 158 49.26 -0.89 5.68
CA GLY E 158 49.40 -2.33 5.85
C GLY E 158 48.18 -3.15 5.54
N GLN E 159 47.16 -2.59 4.91
CA GLN E 159 46.04 -3.42 4.54
C GLN E 159 45.94 -3.64 3.05
N ASN E 160 45.69 -4.88 2.69
CA ASN E 160 45.44 -5.29 1.33
C ASN E 160 44.50 -4.37 0.60
N THR E 161 44.94 -3.84 -0.53
CA THR E 161 44.17 -2.86 -1.24
C THR E 161 44.19 -3.16 -2.71
N ARG E 162 43.03 -3.05 -3.33
CA ARG E 162 42.82 -3.50 -4.72
C ARG E 162 42.30 -2.28 -5.52
N PHE E 163 42.74 -2.13 -6.78
CA PHE E 163 42.17 -1.12 -7.66
C PHE E 163 41.39 -1.83 -8.74
N THR E 164 40.18 -1.35 -9.00
CA THR E 164 39.38 -1.88 -10.06
C THR E 164 39.12 -0.82 -11.10
N PRO E 165 39.57 -1.09 -12.32
CA PRO E 165 39.43 -0.13 -13.38
C PRO E 165 37.97 0.00 -13.77
N VAL E 166 37.52 1.21 -14.10
CA VAL E 166 36.15 1.36 -14.57
C VAL E 166 36.10 1.88 -15.99
N GLY E 167 36.93 2.88 -16.23
CA GLY E 167 36.94 3.62 -17.48
C GLY E 167 38.04 4.67 -17.50
N VAL E 168 37.92 5.57 -18.47
CA VAL E 168 38.93 6.61 -18.74
C VAL E 168 38.29 7.98 -18.76
N VAL E 169 39.12 9.00 -18.66
CA VAL E 169 38.71 10.32 -18.29
C VAL E 169 39.48 11.36 -19.17
N GLN E 170 38.86 12.48 -19.53
CA GLN E 170 39.64 13.62 -20.02
C GLN E 170 39.21 14.97 -19.49
N ASP E 171 40.05 15.98 -19.72
CA ASP E 171 39.79 17.31 -19.27
C ASP E 171 38.99 17.98 -20.35
N GLY E 172 37.73 18.24 -20.05
CA GLY E 172 36.82 18.84 -21.01
C GLY E 172 37.18 20.22 -21.52
N SER E 173 38.08 20.92 -20.80
CA SER E 173 38.55 22.30 -21.18
C SER E 173 39.73 22.31 -22.15
N THR E 174 40.28 21.14 -22.45
CA THR E 174 41.25 20.93 -23.53
C THR E 174 40.59 20.32 -24.78
N THR E 175 41.43 19.93 -25.74
CA THR E 175 40.98 19.47 -27.03
C THR E 175 40.31 18.11 -26.91
N HIS E 176 39.15 17.99 -27.53
CA HIS E 176 38.38 16.77 -27.42
C HIS E 176 39.12 15.52 -27.97
N GLN E 177 39.04 14.44 -27.22
CA GLN E 177 39.65 13.15 -27.57
C GLN E 177 41.19 13.16 -27.51
N ASN E 178 41.72 14.15 -26.78
CA ASN E 178 43.17 14.30 -26.68
C ASN E 178 43.89 13.22 -25.88
N GLU E 179 43.15 12.55 -24.99
CA GLU E 179 43.61 11.39 -24.21
C GLU E 179 42.40 10.48 -23.94
N PRO E 180 42.63 9.18 -23.71
CA PRO E 180 43.92 8.57 -23.69
C PRO E 180 44.52 8.32 -25.04
N GLN E 181 45.81 7.95 -24.98
CA GLN E 181 46.54 7.66 -26.19
C GLN E 181 46.86 6.21 -26.21
N GLN E 182 46.00 5.45 -26.84
CA GLN E 182 46.14 4.01 -26.83
C GLN E 182 47.42 3.52 -27.45
N TRP E 183 48.03 4.30 -28.35
CA TRP E 183 49.29 3.85 -28.93
C TRP E 183 50.57 4.49 -28.40
N VAL E 184 50.51 4.97 -27.18
CA VAL E 184 51.72 5.41 -26.51
C VAL E 184 51.91 4.62 -25.20
N LEU E 185 53.02 3.89 -25.10
CA LEU E 185 53.36 3.18 -23.87
C LEU E 185 53.80 4.19 -22.84
N PRO E 186 53.36 4.05 -21.57
CA PRO E 186 53.88 4.88 -20.47
C PRO E 186 55.36 4.54 -20.17
N ASP E 187 55.98 5.34 -19.31
CA ASP E 187 57.34 5.06 -18.87
C ASP E 187 57.15 4.24 -17.62
N TYR E 188 57.40 2.96 -17.76
CA TYR E 188 57.10 2.09 -16.67
C TYR E 188 57.98 2.33 -15.46
N SER E 189 59.22 2.71 -15.70
CA SER E 189 60.11 3.05 -14.61
C SER E 189 60.20 4.54 -14.35
N GLY E 190 59.31 5.35 -14.95
CA GLY E 190 59.33 6.80 -14.70
C GLY E 190 60.25 7.59 -15.61
N ARG E 191 60.32 8.90 -15.38
CA ARG E 191 61.17 9.78 -16.19
C ARG E 191 62.62 9.29 -16.36
N ASP E 192 63.15 9.47 -17.55
CA ASP E 192 64.52 9.18 -17.78
C ASP E 192 64.94 7.79 -17.35
N SER E 193 64.17 6.79 -17.73
CA SER E 193 64.59 5.42 -17.62
C SER E 193 63.97 4.74 -18.79
N HIS E 194 64.67 3.81 -19.39
CA HIS E 194 64.16 3.17 -20.55
C HIS E 194 63.21 2.10 -20.20
N ASN E 195 62.38 1.71 -21.15
CA ASN E 195 61.45 0.63 -20.92
C ASN E 195 62.15 -0.57 -21.42
N VAL E 196 61.91 -1.69 -20.80
CA VAL E 196 62.69 -2.89 -21.11
C VAL E 196 61.82 -4.10 -21.46
N HIS E 197 62.37 -5.05 -22.21
CA HIS E 197 61.67 -6.35 -22.49
C HIS E 197 60.30 -6.19 -23.12
N LEU E 198 60.16 -5.20 -24.00
CA LEU E 198 58.86 -4.93 -24.63
C LEU E 198 58.57 -6.03 -25.63
N ALA E 199 57.28 -6.32 -25.76
CA ALA E 199 56.77 -7.04 -26.90
C ALA E 199 57.12 -6.20 -28.13
N PRO E 200 57.59 -6.83 -29.19
CA PRO E 200 58.03 -6.02 -30.34
C PRO E 200 56.88 -5.18 -30.89
N ALA E 201 57.16 -3.97 -31.40
CA ALA E 201 56.17 -3.20 -32.20
C ALA E 201 55.81 -3.94 -33.50
N VAL E 202 54.65 -3.70 -34.08
CA VAL E 202 54.22 -4.57 -35.18
C VAL E 202 53.69 -3.72 -36.30
N ALA E 203 53.67 -4.32 -37.49
CA ALA E 203 53.12 -3.63 -38.67
C ALA E 203 52.85 -4.56 -39.83
N PRO E 204 51.92 -4.17 -40.71
CA PRO E 204 51.74 -4.94 -41.94
C PRO E 204 53.01 -4.87 -42.75
N THR E 205 53.32 -5.92 -43.48
CA THR E 205 54.61 -5.95 -44.15
C THR E 205 54.33 -6.66 -45.47
N PHE E 206 53.33 -6.17 -46.20
CA PHE E 206 52.85 -6.80 -47.45
C PHE E 206 51.87 -5.85 -48.21
N PRO E 207 51.94 -5.83 -49.54
CA PRO E 207 51.22 -4.74 -50.24
C PRO E 207 49.70 -4.79 -50.05
N GLY E 208 49.09 -3.62 -49.86
CA GLY E 208 47.66 -3.54 -49.65
C GLY E 208 47.11 -4.11 -48.33
N GLU E 209 47.99 -4.58 -47.46
CA GLU E 209 47.57 -5.15 -46.21
C GLU E 209 47.63 -4.14 -45.07
N GLN E 210 46.68 -4.27 -44.14
CA GLN E 210 46.60 -3.43 -42.93
C GLN E 210 46.41 -4.34 -41.70
N LEU E 211 46.79 -3.85 -40.53
CA LEU E 211 46.48 -4.58 -39.28
C LEU E 211 44.99 -4.72 -39.20
N LEU E 212 44.50 -5.76 -38.51
CA LEU E 212 43.09 -5.93 -38.23
C LEU E 212 42.94 -5.92 -36.73
N PHE E 213 42.19 -4.94 -36.20
CA PHE E 213 42.16 -4.72 -34.76
C PHE E 213 40.90 -5.27 -34.13
N PHE E 214 41.00 -5.94 -33.00
CA PHE E 214 39.81 -6.23 -32.19
C PHE E 214 39.53 -5.08 -31.31
N ARG E 215 38.40 -4.43 -31.56
CA ARG E 215 38.08 -3.13 -30.99
C ARG E 215 36.92 -3.09 -29.97
N SER E 216 37.16 -2.38 -28.88
CA SER E 216 36.14 -2.13 -27.90
C SER E 216 36.05 -0.67 -27.64
N THR E 217 35.08 -0.27 -26.80
CA THR E 217 34.85 1.14 -26.51
C THR E 217 34.98 1.23 -25.02
N MET E 218 36.01 1.89 -24.53
CA MET E 218 36.13 2.01 -23.10
C MET E 218 35.07 2.89 -22.51
N PRO E 219 34.58 2.57 -21.32
CA PRO E 219 33.68 3.54 -20.73
C PRO E 219 34.43 4.82 -20.35
N GLY E 220 33.82 5.98 -20.60
CA GLY E 220 34.31 7.28 -20.10
C GLY E 220 33.57 7.76 -18.85
N CYS E 221 34.27 8.39 -17.94
CA CYS E 221 33.64 8.87 -16.75
C CYS E 221 33.67 10.34 -16.62
N SER E 222 34.31 11.02 -17.53
CA SER E 222 34.32 12.44 -17.49
C SER E 222 34.85 12.95 -18.76
N GLY E 223 34.54 14.19 -19.10
CA GLY E 223 35.12 14.80 -20.26
C GLY E 223 34.79 14.22 -21.58
N TYR E 224 35.69 14.35 -22.55
CA TYR E 224 35.42 13.91 -23.91
C TYR E 224 36.57 13.03 -24.29
N PRO E 225 36.70 11.89 -23.61
CA PRO E 225 37.89 11.03 -23.78
C PRO E 225 37.88 10.28 -25.10
N ASN E 226 39.04 9.82 -25.54
CA ASN E 226 39.06 8.96 -26.70
C ASN E 226 38.94 7.52 -26.28
N MET E 227 37.76 6.96 -26.48
CA MET E 227 37.41 5.64 -25.94
C MET E 227 37.76 4.42 -26.78
N ASN E 228 38.22 4.60 -28.01
CA ASN E 228 38.59 3.45 -28.82
C ASN E 228 39.74 2.71 -28.20
N LEU E 229 39.61 1.41 -28.10
CA LEU E 229 40.72 0.60 -27.61
C LEU E 229 40.97 -0.63 -28.50
N ASP E 230 42.09 -0.69 -29.18
CA ASP E 230 42.32 -1.78 -30.10
C ASP E 230 43.32 -2.79 -29.56
N CYS E 231 43.00 -4.06 -29.69
CA CYS E 231 43.99 -5.01 -29.23
C CYS E 231 44.33 -5.89 -30.41
N LEU E 232 45.44 -6.61 -30.36
CA LEU E 232 45.89 -7.26 -31.55
C LEU E 232 45.33 -8.62 -31.59
N LEU E 233 44.91 -9.08 -30.41
CA LEU E 233 44.39 -10.43 -30.15
C LEU E 233 43.38 -10.38 -29.01
N PRO E 234 42.31 -11.16 -29.15
CA PRO E 234 41.29 -11.17 -28.11
C PRO E 234 41.84 -11.98 -26.95
N GLN E 235 41.50 -11.62 -25.71
CA GLN E 235 42.01 -12.35 -24.53
C GLN E 235 41.83 -13.83 -24.72
N GLU E 236 40.65 -14.24 -25.15
CA GLU E 236 40.37 -15.66 -25.41
C GLU E 236 41.41 -16.34 -26.29
N TRP E 237 41.94 -15.66 -27.29
CA TRP E 237 42.95 -16.30 -28.16
C TRP E 237 44.28 -16.43 -27.40
N VAL E 238 44.62 -15.43 -26.59
CA VAL E 238 45.80 -15.54 -25.74
C VAL E 238 45.60 -16.79 -24.85
N GLN E 239 44.52 -16.84 -24.07
CA GLN E 239 44.26 -18.01 -23.28
C GLN E 239 44.36 -19.27 -24.09
N HIS E 240 43.83 -19.27 -25.30
CA HIS E 240 43.81 -20.49 -26.12
C HIS E 240 45.21 -20.89 -26.48
N PHE E 241 46.03 -19.95 -26.92
CA PHE E 241 47.34 -20.33 -27.42
C PHE E 241 48.23 -20.81 -26.28
N TYR E 242 48.04 -20.25 -25.08
CA TYR E 242 48.87 -20.62 -23.96
C TYR E 242 48.60 -22.11 -23.54
N GLN E 243 47.33 -22.47 -23.37
CA GLN E 243 46.90 -23.84 -23.17
C GLN E 243 47.32 -24.77 -24.27
N GLU E 244 47.01 -24.47 -25.49
CA GLU E 244 47.33 -25.40 -26.56
C GLU E 244 48.79 -25.54 -26.93
N SER E 245 49.49 -24.44 -27.03
CA SER E 245 50.89 -24.45 -27.36
C SER E 245 51.17 -25.24 -28.60
N ALA E 246 50.31 -25.15 -29.60
CA ALA E 246 50.52 -25.93 -30.79
C ALA E 246 51.68 -25.38 -31.57
N PRO E 247 52.52 -26.24 -32.10
CA PRO E 247 53.71 -25.71 -32.85
C PRO E 247 53.31 -25.10 -34.19
N ALA E 248 53.97 -24.03 -34.63
CA ALA E 248 53.59 -23.35 -35.86
C ALA E 248 54.34 -23.88 -37.03
N GLN E 249 53.67 -24.52 -37.97
CA GLN E 249 54.33 -24.95 -39.22
C GLN E 249 54.98 -23.88 -40.05
N SER E 250 54.51 -22.65 -40.05
CA SER E 250 55.24 -21.60 -40.78
C SER E 250 55.11 -20.29 -40.04
N ASP E 251 55.28 -19.19 -40.71
CA ASP E 251 55.15 -17.95 -39.97
C ASP E 251 53.72 -17.37 -40.04
N VAL E 252 52.87 -17.93 -40.90
CA VAL E 252 51.59 -17.30 -41.17
C VAL E 252 50.46 -18.32 -41.28
N ALA E 253 49.47 -18.17 -40.43
CA ALA E 253 48.37 -19.06 -40.41
C ALA E 253 47.21 -18.36 -41.13
N LEU E 254 46.65 -19.00 -42.14
CA LEU E 254 45.58 -18.36 -42.89
C LEU E 254 44.25 -18.63 -42.23
N LEU E 255 43.52 -17.60 -41.81
CA LEU E 255 42.17 -17.79 -41.23
C LEU E 255 41.05 -17.30 -42.18
N ARG E 256 39.95 -18.04 -42.26
CA ARG E 256 38.75 -17.55 -42.94
C ARG E 256 37.79 -17.11 -41.85
N PHE E 257 36.98 -16.08 -42.12
CA PHE E 257 35.97 -15.68 -41.15
C PHE E 257 34.73 -16.18 -41.77
N VAL E 258 34.05 -17.07 -41.05
CA VAL E 258 32.96 -17.83 -41.58
C VAL E 258 31.62 -17.58 -40.91
N ASN E 259 30.60 -17.46 -41.74
CA ASN E 259 29.25 -17.38 -41.25
C ASN E 259 28.70 -18.78 -41.19
N PRO E 260 28.49 -19.30 -39.99
CA PRO E 260 28.08 -20.69 -39.88
C PRO E 260 26.62 -20.89 -40.26
N ASP E 261 25.81 -19.84 -40.35
CA ASP E 261 24.47 -20.00 -40.94
C ASP E 261 24.59 -20.43 -42.42
N THR E 262 25.30 -19.69 -43.24
CA THR E 262 25.28 -19.90 -44.69
C THR E 262 26.41 -20.78 -45.16
N GLY E 263 27.36 -21.03 -44.29
CA GLY E 263 28.55 -21.82 -44.63
C GLY E 263 29.61 -21.05 -45.39
N ARG E 264 29.29 -19.84 -45.81
CA ARG E 264 30.19 -19.12 -46.70
C ARG E 264 31.22 -18.24 -45.98
N VAL E 265 32.38 -18.09 -46.62
CA VAL E 265 33.48 -17.30 -46.10
C VAL E 265 33.24 -15.81 -46.35
N LEU E 266 33.22 -15.01 -45.29
CA LEU E 266 33.09 -13.59 -45.44
C LEU E 266 34.35 -12.88 -45.94
N PHE E 267 35.50 -13.11 -45.32
CA PHE E 267 36.79 -12.60 -45.74
C PHE E 267 37.82 -13.52 -45.12
N GLU E 268 39.10 -13.39 -45.53
CA GLU E 268 40.20 -14.16 -44.93
C GLU E 268 41.25 -13.22 -44.39
N CYS E 269 42.17 -13.72 -43.59
CA CYS E 269 43.18 -12.83 -43.01
C CYS E 269 44.37 -13.67 -42.54
N LYS E 270 45.44 -12.98 -42.15
CA LYS E 270 46.69 -13.62 -41.81
C LYS E 270 46.97 -13.44 -40.36
N LEU E 271 46.95 -14.52 -39.61
CA LEU E 271 47.33 -14.47 -38.23
C LEU E 271 48.77 -14.82 -38.24
N HIS E 272 49.62 -13.84 -37.87
CA HIS E 272 51.07 -13.97 -37.95
C HIS E 272 51.58 -14.65 -36.73
N LYS E 273 52.49 -15.60 -36.87
CA LYS E 273 52.89 -16.35 -35.70
C LYS E 273 53.39 -15.56 -34.51
N SER E 274 53.84 -14.31 -34.71
CA SER E 274 54.21 -13.49 -33.54
C SER E 274 52.97 -12.88 -32.85
N GLY E 275 51.79 -13.21 -33.35
CA GLY E 275 50.58 -12.91 -32.63
C GLY E 275 49.93 -11.59 -33.01
N TYR E 276 49.67 -11.37 -34.30
CA TYR E 276 48.86 -10.25 -34.72
C TYR E 276 48.24 -10.59 -36.05
N VAL E 277 47.15 -9.90 -36.41
CA VAL E 277 46.37 -10.23 -37.62
C VAL E 277 46.44 -9.19 -38.76
N THR E 278 46.31 -9.57 -40.02
CA THR E 278 46.29 -8.52 -41.06
C THR E 278 45.30 -8.90 -42.08
N VAL E 279 44.80 -7.91 -42.78
CA VAL E 279 43.75 -8.06 -43.79
C VAL E 279 44.16 -7.28 -44.97
N ALA E 280 43.64 -7.63 -46.11
CA ALA E 280 43.94 -6.89 -47.33
C ALA E 280 42.88 -5.80 -47.50
N HIS E 281 43.22 -4.54 -47.19
CA HIS E 281 42.25 -3.45 -47.32
C HIS E 281 42.98 -2.15 -47.16
N THR E 282 42.55 -1.13 -47.91
CA THR E 282 43.13 0.21 -47.79
C THR E 282 42.19 1.25 -47.21
N GLY E 283 42.54 1.89 -46.09
CA GLY E 283 41.66 2.93 -45.50
C GLY E 283 41.03 2.50 -44.18
N GLN E 284 40.35 3.40 -43.50
CA GLN E 284 39.62 3.08 -42.27
C GLN E 284 38.28 2.40 -42.58
N HIS E 285 38.02 1.32 -41.85
CA HIS E 285 36.80 0.53 -42.04
C HIS E 285 36.36 -0.21 -40.81
N ASP E 286 35.18 0.15 -40.30
CA ASP E 286 34.47 -0.66 -39.33
C ASP E 286 33.90 -1.83 -40.15
N LEU E 287 34.35 -3.06 -39.91
CA LEU E 287 33.85 -4.24 -40.64
C LEU E 287 32.41 -4.54 -40.32
N VAL E 288 31.71 -5.04 -41.32
CA VAL E 288 30.32 -5.42 -41.10
C VAL E 288 30.22 -6.94 -41.14
N ILE E 289 29.93 -7.54 -40.00
CA ILE E 289 29.97 -9.00 -39.89
C ILE E 289 28.63 -9.54 -39.43
N PRO E 290 28.25 -10.75 -39.82
CA PRO E 290 27.06 -11.31 -39.19
C PRO E 290 27.30 -11.67 -37.74
N PRO E 291 26.37 -11.32 -36.83
CA PRO E 291 26.58 -11.47 -35.38
C PRO E 291 27.07 -12.85 -34.98
N ASN E 292 26.95 -13.84 -35.84
CA ASN E 292 27.43 -15.12 -35.43
C ASN E 292 28.59 -15.70 -36.22
N GLY E 293 29.36 -14.85 -36.90
CA GLY E 293 30.55 -15.32 -37.61
C GLY E 293 31.67 -15.60 -36.63
N TYR E 294 32.64 -16.40 -37.06
CA TYR E 294 33.78 -16.72 -36.21
C TYR E 294 34.96 -17.04 -37.08
N PHE E 295 36.17 -17.13 -36.51
CA PHE E 295 37.32 -17.28 -37.37
C PHE E 295 37.74 -18.74 -37.40
N ARG E 296 38.13 -19.28 -38.53
CA ARG E 296 38.42 -20.68 -38.60
C ARG E 296 39.78 -20.83 -39.23
N PHE E 297 40.73 -21.46 -38.54
CA PHE E 297 42.10 -21.67 -39.07
C PHE E 297 42.03 -22.63 -40.22
N ASP E 298 42.72 -22.38 -41.30
CA ASP E 298 42.57 -23.22 -42.49
C ASP E 298 43.89 -23.80 -42.98
N SER E 299 44.97 -23.02 -42.95
CA SER E 299 46.29 -23.60 -43.22
C SER E 299 47.46 -22.67 -43.02
N TRP E 300 48.64 -23.28 -42.96
CA TRP E 300 49.83 -22.47 -42.85
C TRP E 300 50.16 -22.07 -44.27
N VAL E 301 50.52 -20.82 -44.43
CA VAL E 301 50.99 -20.36 -45.69
C VAL E 301 52.31 -19.66 -45.45
N ASN E 302 53.04 -19.37 -46.54
CA ASN E 302 54.26 -18.56 -46.39
C ASN E 302 53.98 -17.04 -46.43
N GLN E 303 55.03 -16.24 -46.29
CA GLN E 303 54.81 -14.79 -46.02
C GLN E 303 54.32 -14.05 -47.29
N PHE E 304 54.39 -14.79 -48.41
CA PHE E 304 54.11 -14.26 -49.74
C PHE E 304 52.69 -14.47 -50.24
N TYR E 305 51.85 -15.06 -49.38
CA TYR E 305 50.52 -15.42 -49.80
C TYR E 305 49.69 -14.15 -49.91
N THR E 306 48.81 -14.14 -50.91
CA THR E 306 48.03 -12.97 -51.29
C THR E 306 46.58 -13.10 -50.86
N LEU E 307 46.21 -12.38 -49.82
CA LEU E 307 44.83 -12.46 -49.34
C LEU E 307 43.87 -11.99 -50.44
N ALA E 308 42.65 -12.50 -50.43
CA ALA E 308 41.63 -11.92 -51.27
C ALA E 308 41.08 -10.68 -50.55
N PRO E 309 40.87 -9.59 -51.31
CA PRO E 309 40.50 -8.30 -50.69
C PRO E 309 39.26 -8.38 -49.80
N MET E 310 39.39 -7.96 -48.56
CA MET E 310 38.29 -8.00 -47.61
C MET E 310 36.85 -7.61 -48.13
N THR F 4 -9.65 20.75 6.59
CA THR F 4 -9.87 20.18 7.96
C THR F 4 -10.75 21.08 8.91
N LYS F 5 -11.93 20.58 9.30
CA LYS F 5 -13.08 21.40 9.74
C LYS F 5 -13.04 22.00 11.15
N PRO F 6 -13.21 23.34 11.31
CA PRO F 6 -13.21 23.90 12.68
C PRO F 6 -14.37 23.37 13.51
N PHE F 7 -14.12 23.14 14.79
CA PHE F 7 -15.13 22.65 15.71
C PHE F 7 -15.84 23.86 16.35
N THR F 8 -17.10 23.68 16.70
CA THR F 8 -17.94 24.75 17.25
C THR F 8 -19.01 24.15 18.17
N VAL F 9 -19.58 24.95 19.04
CA VAL F 9 -20.80 24.56 19.71
C VAL F 9 -21.88 25.50 19.25
N PRO F 10 -23.15 25.14 19.42
CA PRO F 10 -24.23 26.06 19.10
C PRO F 10 -24.13 27.36 19.84
N ILE F 11 -24.60 28.42 19.21
CA ILE F 11 -24.78 29.67 19.85
C ILE F 11 -26.20 29.67 20.37
N LEU F 12 -26.39 29.18 21.57
CA LEU F 12 -27.71 29.13 22.15
C LEU F 12 -27.60 29.35 23.64
N THR F 13 -28.46 30.17 24.21
CA THR F 13 -28.42 30.43 25.63
C THR F 13 -28.87 29.15 26.27
N VAL F 14 -28.73 29.02 27.58
CA VAL F 14 -29.11 27.75 28.22
C VAL F 14 -30.60 27.51 28.05
N GLU F 15 -31.41 28.52 28.44
CA GLU F 15 -32.85 28.46 28.27
C GLU F 15 -33.32 28.12 26.83
N GLU F 16 -32.57 28.51 25.80
CA GLU F 16 -33.01 28.22 24.46
C GLU F 16 -32.81 26.75 24.11
N MET F 17 -32.29 25.95 25.05
CA MET F 17 -31.97 24.55 24.78
C MET F 17 -32.77 23.50 25.52
N THR F 18 -32.62 22.27 25.06
CA THR F 18 -33.44 21.16 25.51
C THR F 18 -32.66 20.04 26.17
N ASN F 19 -33.27 19.48 27.23
CA ASN F 19 -32.75 18.34 27.93
C ASN F 19 -32.74 17.18 26.97
N SER F 20 -31.65 16.43 26.97
CA SER F 20 -31.49 15.25 26.14
C SER F 20 -31.95 13.98 26.82
N ARG F 21 -32.37 14.08 28.08
CA ARG F 21 -32.77 12.89 28.79
C ARG F 21 -34.26 12.73 28.97
N PHE F 22 -35.03 13.75 28.60
CA PHE F 22 -36.49 13.73 28.72
C PHE F 22 -37.05 14.98 28.00
N PRO F 23 -38.20 14.88 27.31
CA PRO F 23 -38.45 16.03 26.36
C PRO F 23 -39.00 17.33 27.00
N ILE F 24 -38.12 18.14 27.62
CA ILE F 24 -38.47 19.42 28.27
C ILE F 24 -37.27 20.33 28.18
N PRO F 25 -37.46 21.64 28.32
CA PRO F 25 -36.36 22.60 28.22
C PRO F 25 -35.28 22.49 29.30
N LEU F 26 -34.03 22.83 28.98
CA LEU F 26 -33.02 23.08 30.05
C LEU F 26 -33.42 24.27 30.92
N GLU F 27 -32.92 24.36 32.15
CA GLU F 27 -33.28 25.52 32.97
C GLU F 27 -32.07 26.24 33.50
N LYS F 28 -31.04 25.49 33.79
CA LYS F 28 -29.94 26.00 34.57
C LYS F 28 -28.73 25.09 34.45
N LEU F 29 -27.59 25.64 34.86
CA LEU F 29 -26.37 24.83 35.02
C LEU F 29 -26.17 24.46 36.50
N PHE F 30 -25.67 23.27 36.77
CA PHE F 30 -25.47 22.87 38.15
C PHE F 30 -24.21 22.08 38.16
N THR F 31 -23.38 22.34 39.17
CA THR F 31 -22.27 21.47 39.43
C THR F 31 -22.30 20.99 40.86
N GLY F 32 -21.68 19.83 41.04
CA GLY F 32 -21.69 19.02 42.25
C GLY F 32 -20.67 17.88 42.14
N PRO F 33 -20.24 17.38 43.29
CA PRO F 33 -19.33 16.21 43.22
C PRO F 33 -20.19 15.05 42.77
N SER F 34 -19.62 14.06 42.11
CA SER F 34 -20.40 13.02 41.46
C SER F 34 -19.92 11.60 41.88
N SER F 35 -19.01 11.56 42.86
CA SER F 35 -18.47 10.30 43.37
C SER F 35 -19.52 9.53 44.14
N ALA F 36 -20.48 10.24 44.71
CA ALA F 36 -21.56 9.56 45.43
C ALA F 36 -22.58 8.83 44.55
N PHE F 37 -22.36 8.78 43.24
CA PHE F 37 -23.25 8.00 42.35
C PHE F 37 -22.64 7.74 40.98
N VAL F 38 -23.34 6.94 40.19
CA VAL F 38 -22.81 6.49 38.91
C VAL F 38 -23.39 7.35 37.78
N VAL F 39 -22.56 8.22 37.22
CA VAL F 39 -23.08 8.99 36.12
C VAL F 39 -22.94 8.20 34.83
N GLN F 40 -24.00 7.52 34.42
CA GLN F 40 -23.92 6.70 33.23
C GLN F 40 -25.18 6.72 32.37
N PRO F 41 -25.67 7.93 32.10
CA PRO F 41 -26.87 8.03 31.33
C PRO F 41 -26.59 7.53 29.89
N GLN F 42 -27.62 7.09 29.21
CA GLN F 42 -27.45 6.53 27.90
C GLN F 42 -28.09 7.43 26.82
N ASN F 43 -28.88 8.41 27.26
CA ASN F 43 -29.40 9.45 26.40
C ASN F 43 -28.61 10.71 26.57
N GLY F 44 -28.54 11.51 25.53
CA GLY F 44 -27.65 12.66 25.55
C GLY F 44 -26.18 12.24 25.65
N ARG F 45 -25.83 11.23 24.86
CA ARG F 45 -24.50 10.76 24.80
C ARG F 45 -24.03 10.82 23.37
N CYS F 46 -22.99 11.61 23.18
CA CYS F 46 -22.43 11.86 21.88
C CYS F 46 -21.01 12.40 21.96
N THR F 47 -20.13 11.88 21.14
CA THR F 47 -18.78 12.42 21.06
C THR F 47 -18.74 13.76 20.30
N THR F 48 -17.78 14.60 20.65
CA THR F 48 -17.68 15.86 19.96
C THR F 48 -17.53 15.70 18.45
N ASP F 49 -17.10 14.53 17.94
CA ASP F 49 -17.02 14.39 16.47
C ASP F 49 -18.21 13.68 15.82
N GLY F 50 -19.30 13.58 16.59
CA GLY F 50 -20.58 13.10 16.08
C GLY F 50 -20.94 11.63 16.21
N ALA F 51 -20.26 10.87 17.07
CA ALA F 51 -20.74 9.50 17.23
C ALA F 51 -21.77 9.39 18.37
N LEU F 52 -22.94 8.87 18.02
CA LEU F 52 -23.98 8.68 19.01
C LEU F 52 -23.67 7.52 19.95
N LEU F 53 -23.96 7.69 21.22
CA LEU F 53 -23.64 6.62 22.13
C LEU F 53 -24.87 6.03 22.82
N GLY F 54 -24.75 4.88 23.46
CA GLY F 54 -25.82 4.38 24.31
C GLY F 54 -27.11 4.29 23.53
N THR F 55 -28.18 4.84 24.09
CA THR F 55 -29.50 4.86 23.46
C THR F 55 -29.85 6.22 22.81
N THR F 56 -28.84 7.05 22.58
CA THR F 56 -29.02 8.42 22.12
C THR F 56 -29.42 8.51 20.65
N GLN F 57 -30.50 9.21 20.34
CA GLN F 57 -30.90 9.42 18.96
C GLN F 57 -31.19 10.93 18.74
N LEU F 58 -31.65 11.36 17.56
CA LEU F 58 -31.67 12.82 17.30
C LEU F 58 -32.94 13.61 17.68
N SER F 59 -34.08 12.95 17.64
CA SER F 59 -35.31 13.64 17.97
C SER F 59 -35.40 13.97 19.44
N PRO F 60 -35.79 15.20 19.73
CA PRO F 60 -35.90 15.65 21.08
C PRO F 60 -37.25 15.28 21.62
N VAL F 61 -38.10 14.74 20.77
CA VAL F 61 -39.46 14.51 21.18
C VAL F 61 -39.70 13.05 21.35
N ASP F 62 -38.97 12.21 20.64
CA ASP F 62 -39.05 10.78 20.89
C ASP F 62 -38.25 10.28 22.09
N ILE F 63 -37.87 11.11 23.05
CA ILE F 63 -37.11 10.61 24.19
C ILE F 63 -38.15 10.22 25.19
N CYS F 64 -38.00 9.01 25.75
CA CYS F 64 -38.98 8.42 26.67
C CYS F 64 -40.38 8.18 26.05
N THR F 65 -40.43 7.99 24.74
CA THR F 65 -41.69 7.61 24.15
C THR F 65 -41.56 6.17 23.81
N PHE F 66 -42.71 5.52 23.55
CA PHE F 66 -42.83 4.13 23.11
C PHE F 66 -43.92 4.00 22.03
N ARG F 67 -43.72 3.06 21.12
CA ARG F 67 -44.64 2.84 20.00
C ARG F 67 -44.79 1.35 19.92
N GLY F 68 -46.01 0.88 19.71
CA GLY F 68 -46.21 -0.53 19.30
C GLY F 68 -47.65 -0.96 19.14
N ASP F 69 -47.87 -2.28 19.24
CA ASP F 69 -49.21 -2.84 19.46
C ASP F 69 -49.37 -3.22 20.96
N VAL F 70 -50.61 -3.16 21.45
CA VAL F 70 -50.89 -3.56 22.84
C VAL F 70 -51.74 -4.83 22.99
N THR F 71 -51.50 -5.51 24.12
CA THR F 71 -52.26 -6.66 24.62
C THR F 71 -52.75 -6.41 26.05
N HIS F 72 -54.04 -6.66 26.29
CA HIS F 72 -54.57 -6.62 27.67
C HIS F 72 -54.12 -7.82 28.50
N ILE F 73 -53.79 -7.55 29.75
CA ILE F 73 -53.41 -8.58 30.69
C ILE F 73 -54.66 -8.79 31.50
N ALA F 74 -55.19 -10.02 31.38
CA ALA F 74 -56.48 -10.41 31.94
C ALA F 74 -56.72 -10.01 33.41
N GLY F 75 -57.86 -9.35 33.65
CA GLY F 75 -58.31 -8.99 35.00
C GLY F 75 -57.39 -8.07 35.79
N THR F 76 -56.80 -7.12 35.09
CA THR F 76 -56.04 -6.01 35.67
C THR F 76 -56.35 -4.84 34.77
N GLN F 77 -55.85 -3.67 35.16
CA GLN F 77 -55.93 -2.49 34.31
C GLN F 77 -54.57 -2.18 33.64
N ASN F 78 -53.92 -3.21 33.09
CA ASN F 78 -52.54 -3.16 32.61
C ASN F 78 -52.44 -3.69 31.19
N TYR F 79 -51.54 -3.12 30.41
CA TYR F 79 -51.30 -3.61 29.06
C TYR F 79 -49.82 -3.87 28.81
N THR F 80 -49.53 -4.83 27.96
CA THR F 80 -48.19 -5.04 27.47
C THR F 80 -48.07 -4.33 26.14
N MET F 81 -46.94 -3.68 25.92
CA MET F 81 -46.63 -3.16 24.61
C MET F 81 -45.53 -3.99 23.91
N ASN F 82 -45.86 -4.67 22.82
CA ASN F 82 -44.84 -5.27 21.95
C ASN F 82 -44.28 -4.19 21.06
N LEU F 83 -42.98 -3.93 21.19
CA LEU F 83 -42.40 -2.65 20.79
C LEU F 83 -42.07 -2.51 19.30
N ALA F 84 -42.24 -1.29 18.79
CA ALA F 84 -41.90 -0.95 17.41
C ALA F 84 -40.76 0.08 17.38
N SER F 85 -40.11 0.23 16.24
CA SER F 85 -39.05 1.22 16.19
C SER F 85 -39.66 2.53 15.79
N GLN F 86 -38.88 3.59 15.92
CA GLN F 86 -39.37 4.92 15.66
C GLN F 86 -40.19 5.04 14.37
N ASN F 87 -39.85 4.24 13.35
CA ASN F 87 -40.53 4.22 12.04
C ASN F 87 -41.70 3.22 11.89
N TRP F 88 -42.28 2.78 13.00
CA TRP F 88 -43.26 1.69 13.03
C TRP F 88 -42.78 0.35 12.45
N ASN F 89 -41.46 0.17 12.31
CA ASN F 89 -40.90 -1.15 11.90
C ASN F 89 -40.48 -1.94 13.11
N ASN F 90 -40.52 -3.25 12.97
CA ASN F 90 -40.14 -4.18 14.02
C ASN F 90 -38.84 -3.77 14.72
N TYR F 91 -38.83 -3.85 16.05
CA TYR F 91 -37.62 -3.53 16.80
C TYR F 91 -36.71 -4.75 16.73
N ASP F 92 -35.43 -4.53 16.49
CA ASP F 92 -34.48 -5.63 16.41
C ASP F 92 -33.65 -5.84 17.71
N PRO F 93 -34.06 -6.83 18.53
CA PRO F 93 -33.35 -7.04 19.79
C PRO F 93 -31.90 -7.44 19.65
N THR F 94 -31.45 -7.73 18.42
CA THR F 94 -30.04 -8.15 18.17
C THR F 94 -29.12 -6.98 17.80
N GLU F 95 -29.68 -5.82 17.51
CA GLU F 95 -28.89 -4.65 17.21
C GLU F 95 -28.05 -4.22 18.45
N GLU F 96 -26.79 -3.83 18.21
CA GLU F 96 -25.80 -3.56 19.27
C GLU F 96 -25.98 -2.26 20.00
N ILE F 97 -27.12 -2.18 20.68
CA ILE F 97 -27.50 -1.02 21.47
C ILE F 97 -28.13 -1.57 22.73
N PRO F 98 -28.11 -0.82 23.85
CA PRO F 98 -28.62 -1.36 25.09
C PRO F 98 -30.11 -1.56 25.04
N ALA F 99 -30.80 -0.78 24.21
CA ALA F 99 -32.28 -0.74 24.18
C ALA F 99 -32.70 0.13 23.01
N PRO F 100 -33.99 0.09 22.61
CA PRO F 100 -34.42 0.93 21.51
C PRO F 100 -33.97 2.35 21.75
N LEU F 101 -33.48 3.01 20.71
CA LEU F 101 -33.03 4.37 20.89
C LEU F 101 -34.09 5.22 21.63
N GLY F 102 -33.67 6.07 22.54
CA GLY F 102 -34.60 6.93 23.21
C GLY F 102 -35.38 6.39 24.39
N THR F 103 -35.34 5.07 24.62
CA THR F 103 -35.75 4.45 25.90
C THR F 103 -35.27 5.25 27.15
N PRO F 104 -36.11 5.38 28.19
CA PRO F 104 -35.70 6.04 29.42
C PRO F 104 -34.41 5.48 30.00
N ASP F 105 -33.56 6.31 30.58
CA ASP F 105 -32.33 5.85 31.19
C ASP F 105 -32.30 6.09 32.71
N PHE F 106 -33.46 5.99 33.34
CA PHE F 106 -33.50 6.08 34.78
C PHE F 106 -34.65 5.25 35.33
N VAL F 107 -34.54 4.88 36.59
CA VAL F 107 -35.53 4.09 37.24
C VAL F 107 -36.47 5.10 37.84
N GLY F 108 -37.75 4.83 37.71
CA GLY F 108 -38.78 5.73 38.20
C GLY F 108 -40.08 5.49 37.45
N LYS F 109 -41.10 6.22 37.86
CA LYS F 109 -42.40 5.98 37.31
C LYS F 109 -42.85 7.15 36.44
N ILE F 110 -42.81 6.95 35.13
CA ILE F 110 -43.05 8.04 34.17
C ILE F 110 -44.48 7.89 33.79
N GLN F 111 -45.24 8.97 33.96
CA GLN F 111 -46.64 8.92 33.60
C GLN F 111 -46.85 9.73 32.33
N GLY F 112 -47.64 9.17 31.43
CA GLY F 112 -48.02 9.86 30.21
C GLY F 112 -49.43 9.58 29.84
N VAL F 113 -49.67 9.39 28.55
CA VAL F 113 -50.97 9.07 27.98
C VAL F 113 -50.63 8.09 26.89
N LEU F 114 -51.48 7.09 26.72
CA LEU F 114 -51.31 6.10 25.73
C LEU F 114 -52.37 6.39 24.73
N THR F 115 -51.99 6.54 23.47
CA THR F 115 -53.00 6.83 22.48
C THR F 115 -53.03 5.77 21.40
N GLN F 116 -54.21 5.58 20.83
CA GLN F 116 -54.38 4.65 19.76
C GLN F 116 -55.34 5.12 18.67
N THR F 117 -55.10 4.58 17.48
CA THR F 117 -55.91 4.84 16.29
C THR F 117 -56.28 3.50 15.63
N THR F 118 -57.57 3.30 15.36
CA THR F 118 -58.00 2.13 14.61
C THR F 118 -57.87 2.40 13.14
N ARG F 119 -57.03 1.65 12.45
CA ARG F 119 -56.73 1.92 11.06
C ARG F 119 -57.93 2.09 10.15
N ARG F 120 -59.02 1.35 10.32
CA ARG F 120 -60.04 1.46 9.28
C ARG F 120 -61.14 2.50 9.61
N ASP F 121 -61.38 2.74 10.90
CA ASP F 121 -62.30 3.78 11.34
C ASP F 121 -61.76 5.20 11.20
N GLY F 122 -60.47 5.35 11.53
CA GLY F 122 -59.96 6.60 12.01
C GLY F 122 -60.42 6.90 13.44
N SER F 123 -60.94 5.91 14.14
CA SER F 123 -61.43 6.13 15.51
C SER F 123 -60.26 6.23 16.47
N THR F 124 -60.33 7.19 17.39
CA THR F 124 -59.25 7.39 18.38
C THR F 124 -59.41 7.46 19.91
N ARG F 125 -58.51 6.76 20.60
CA ARG F 125 -58.58 6.48 22.02
C ARG F 125 -57.42 7.09 22.84
N GLY F 126 -57.70 7.72 23.98
CA GLY F 126 -56.59 8.21 24.78
C GLY F 126 -56.77 7.95 26.25
N HIS F 127 -55.83 7.24 26.87
CA HIS F 127 -55.90 6.98 28.32
C HIS F 127 -54.62 7.23 29.10
N LYS F 128 -54.79 7.84 30.27
CA LYS F 128 -53.71 7.94 31.27
C LYS F 128 -53.06 6.58 31.45
N ALA F 129 -51.75 6.60 31.54
CA ALA F 129 -50.98 5.39 31.55
C ALA F 129 -49.62 5.64 32.24
N THR F 130 -49.14 4.67 33.01
CA THR F 130 -47.84 4.82 33.62
C THR F 130 -46.92 3.66 33.23
N VAL F 131 -45.64 3.99 33.00
CA VAL F 131 -44.58 2.99 32.86
C VAL F 131 -43.57 3.10 34.01
N SER F 132 -43.44 2.04 34.76
CA SER F 132 -42.51 2.05 35.86
C SER F 132 -41.29 1.28 35.38
N THR F 133 -40.17 2.01 35.23
CA THR F 133 -39.00 1.44 34.57
C THR F 133 -38.14 0.53 35.44
N GLY F 134 -38.43 0.48 36.75
CA GLY F 134 -37.71 -0.41 37.65
C GLY F 134 -38.54 -1.61 38.05
N SER F 135 -39.55 -1.92 37.24
CA SER F 135 -40.48 -3.05 37.48
C SER F 135 -39.92 -4.28 36.77
N VAL F 136 -40.28 -5.46 37.22
CA VAL F 136 -39.73 -6.66 36.58
C VAL F 136 -40.19 -6.79 35.14
N HIS F 137 -41.24 -6.04 34.79
CA HIS F 137 -41.90 -6.13 33.49
C HIS F 137 -41.38 -5.08 32.52
N PHE F 138 -40.42 -4.29 32.96
CA PHE F 138 -39.84 -3.31 32.08
C PHE F 138 -38.77 -4.00 31.23
N THR F 139 -39.12 -4.57 30.09
CA THR F 139 -38.13 -5.38 29.35
C THR F 139 -37.81 -4.81 27.96
N PRO F 140 -37.38 -3.54 27.89
CA PRO F 140 -37.43 -3.00 26.54
C PRO F 140 -36.44 -3.62 25.57
N LYS F 141 -35.29 -4.09 26.07
CA LYS F 141 -34.35 -4.75 25.16
C LYS F 141 -34.87 -6.10 24.60
N LEU F 142 -35.77 -6.77 25.31
CA LEU F 142 -36.38 -7.99 24.79
C LEU F 142 -37.56 -7.66 23.86
N GLY F 143 -37.94 -6.40 23.83
CA GLY F 143 -38.95 -5.95 22.88
C GLY F 143 -40.32 -5.73 23.48
N SER F 144 -40.39 -5.70 24.80
CA SER F 144 -41.67 -5.76 25.46
C SER F 144 -41.66 -4.84 26.66
N VAL F 145 -42.72 -4.07 26.89
CA VAL F 145 -42.72 -3.22 28.06
C VAL F 145 -44.10 -3.09 28.64
N GLN F 146 -44.23 -2.69 29.90
CA GLN F 146 -45.56 -2.81 30.55
C GLN F 146 -46.14 -1.57 31.24
N PHE F 147 -47.40 -1.24 30.91
CA PHE F 147 -48.07 0.00 31.32
C PHE F 147 -49.28 -0.20 32.21
N SER F 148 -49.41 0.57 33.27
CA SER F 148 -50.63 0.50 34.10
C SER F 148 -51.56 1.70 33.90
N THR F 149 -52.86 1.42 33.76
CA THR F 149 -53.82 2.36 33.20
C THR F 149 -55.11 2.63 33.98
N ASP F 150 -56.08 3.23 33.30
CA ASP F 150 -57.39 3.59 33.87
C ASP F 150 -58.54 2.77 33.30
N THR F 151 -58.33 2.29 32.08
CA THR F 151 -59.28 1.45 31.38
C THR F 151 -58.92 -0.03 31.56
N SER F 152 -59.92 -0.88 31.49
CA SER F 152 -59.71 -2.30 31.52
C SER F 152 -60.03 -2.87 30.18
N ASN F 153 -60.85 -2.15 29.42
CA ASN F 153 -61.33 -2.66 28.16
C ASN F 153 -61.18 -1.84 26.92
N ASP F 154 -60.74 -0.60 27.03
CA ASP F 154 -60.72 0.23 25.83
C ASP F 154 -59.78 -0.02 24.65
N PHE F 155 -58.53 -0.34 24.89
CA PHE F 155 -57.58 -0.46 23.78
C PHE F 155 -57.79 -1.68 22.95
N GLU F 156 -57.53 -1.61 21.67
CA GLU F 156 -57.64 -2.78 20.81
C GLU F 156 -56.30 -3.42 20.56
N THR F 157 -56.30 -4.53 19.84
CA THR F 157 -55.06 -5.24 19.51
C THR F 157 -54.77 -5.08 18.01
N GLY F 158 -53.52 -5.34 17.61
CA GLY F 158 -53.07 -5.06 16.23
C GLY F 158 -53.13 -3.59 15.80
N GLN F 159 -53.29 -2.65 16.74
CA GLN F 159 -53.41 -1.23 16.40
C GLN F 159 -52.25 -0.36 16.90
N ASN F 160 -51.79 0.52 16.02
CA ASN F 160 -50.75 1.46 16.31
C ASN F 160 -51.03 2.27 17.56
N THR F 161 -50.15 2.16 18.54
CA THR F 161 -50.34 2.82 19.83
C THR F 161 -49.07 3.53 20.26
N ARG F 162 -49.21 4.73 20.82
CA ARG F 162 -48.06 5.52 21.20
C ARG F 162 -48.13 5.97 22.67
N PHE F 163 -47.01 6.01 23.34
CA PHE F 163 -46.96 6.56 24.67
C PHE F 163 -46.26 7.89 24.54
N THR F 164 -46.92 8.97 24.99
CA THR F 164 -46.29 10.27 25.16
C THR F 164 -45.95 10.38 26.66
N PRO F 165 -44.71 10.72 27.02
CA PRO F 165 -44.46 10.95 28.45
C PRO F 165 -44.88 12.34 28.82
N VAL F 166 -45.25 12.53 30.08
CA VAL F 166 -45.66 13.81 30.60
C VAL F 166 -44.82 14.14 31.78
N GLY F 167 -44.61 13.19 32.69
CA GLY F 167 -43.78 13.46 33.86
C GLY F 167 -43.55 12.32 34.83
N VAL F 168 -43.12 12.65 36.03
CA VAL F 168 -42.79 11.59 36.99
C VAL F 168 -43.66 11.60 38.23
N VAL F 169 -43.68 10.46 38.92
CA VAL F 169 -44.60 10.26 40.02
C VAL F 169 -43.88 9.63 41.21
N GLN F 170 -44.32 9.91 42.43
CA GLN F 170 -43.88 9.15 43.63
C GLN F 170 -45.00 8.93 44.66
N ASP F 171 -44.83 7.91 45.50
CA ASP F 171 -45.84 7.47 46.48
C ASP F 171 -45.70 8.30 47.77
N GLY F 172 -46.71 9.13 48.08
CA GLY F 172 -46.66 10.13 49.16
C GLY F 172 -46.55 9.59 50.58
N SER F 173 -47.17 8.44 50.83
CA SER F 173 -47.04 7.76 52.11
C SER F 173 -45.57 7.42 52.45
N THR F 174 -44.78 7.10 51.41
CA THR F 174 -43.32 6.81 51.54
C THR F 174 -42.50 8.11 51.61
N THR F 175 -41.17 8.04 51.75
CA THR F 175 -40.43 9.30 51.92
C THR F 175 -40.11 10.04 50.69
N HIS F 176 -40.02 11.31 50.99
CA HIS F 176 -40.04 12.39 50.09
C HIS F 176 -38.80 12.32 49.17
N GLN F 177 -38.99 12.53 47.85
CA GLN F 177 -37.89 12.52 46.85
C GLN F 177 -37.15 11.19 46.72
N ASN F 178 -37.82 10.07 47.00
CA ASN F 178 -37.09 8.79 46.93
C ASN F 178 -37.09 8.18 45.55
N GLU F 179 -37.84 8.79 44.67
CA GLU F 179 -37.83 8.42 43.28
C GLU F 179 -38.41 9.57 42.46
N PRO F 180 -38.15 9.57 41.16
CA PRO F 180 -37.21 8.65 40.50
C PRO F 180 -35.71 8.80 40.94
N GLN F 181 -34.88 7.91 40.45
CA GLN F 181 -33.47 7.99 40.73
C GLN F 181 -32.77 8.16 39.42
N GLN F 182 -32.32 9.38 39.17
CA GLN F 182 -31.85 9.68 37.84
C GLN F 182 -30.54 9.03 37.46
N TRP F 183 -29.83 8.49 38.45
CA TRP F 183 -28.51 7.91 38.18
C TRP F 183 -28.45 6.40 38.31
N VAL F 184 -29.61 5.76 38.22
CA VAL F 184 -29.67 4.32 38.22
C VAL F 184 -30.25 3.85 36.87
N LEU F 185 -29.48 3.07 36.12
CA LEU F 185 -30.06 2.59 34.88
C LEU F 185 -31.13 1.54 35.13
N PRO F 186 -32.19 1.54 34.34
CA PRO F 186 -33.14 0.46 34.34
C PRO F 186 -32.41 -0.82 34.02
N ASP F 187 -33.01 -1.98 34.31
CA ASP F 187 -32.47 -3.23 33.80
C ASP F 187 -33.17 -3.44 32.48
N TYR F 188 -32.47 -3.17 31.39
CA TYR F 188 -33.06 -3.06 30.05
C TYR F 188 -33.64 -4.39 29.58
N SER F 189 -33.07 -5.46 30.14
CA SER F 189 -33.50 -6.82 29.79
C SER F 189 -34.33 -7.48 30.90
N GLY F 190 -34.66 -6.75 31.97
CA GLY F 190 -35.35 -7.31 33.14
C GLY F 190 -34.40 -8.02 34.08
N ARG F 191 -34.90 -8.49 35.23
CA ARG F 191 -34.02 -9.18 36.23
C ARG F 191 -33.12 -10.29 35.65
N ASP F 192 -31.99 -10.53 36.33
CA ASP F 192 -31.15 -11.73 36.06
C ASP F 192 -30.62 -11.79 34.62
N SER F 193 -30.38 -10.58 34.08
CA SER F 193 -29.79 -10.36 32.75
C SER F 193 -29.07 -9.01 32.84
N HIS F 194 -28.14 -8.74 31.94
CA HIS F 194 -27.32 -7.54 32.11
C HIS F 194 -27.39 -6.56 30.94
N ASN F 195 -27.34 -5.27 31.28
CA ASN F 195 -27.30 -4.21 30.31
C ASN F 195 -26.14 -4.35 29.33
N VAL F 196 -26.32 -4.00 28.05
CA VAL F 196 -25.20 -4.11 27.12
C VAL F 196 -24.90 -2.87 26.23
N HIS F 197 -23.74 -2.87 25.59
CA HIS F 197 -23.27 -1.79 24.73
C HIS F 197 -23.56 -0.44 25.34
N LEU F 198 -23.29 -0.31 26.63
CA LEU F 198 -23.57 0.93 27.33
C LEU F 198 -22.56 2.01 27.01
N ALA F 199 -23.03 3.26 26.95
CA ALA F 199 -22.11 4.38 27.02
C ALA F 199 -21.43 4.35 28.40
N PRO F 200 -20.12 4.66 28.45
CA PRO F 200 -19.30 4.54 29.65
C PRO F 200 -19.85 5.37 30.77
N ALA F 201 -19.65 4.92 32.01
CA ALA F 201 -19.86 5.77 33.14
C ALA F 201 -18.90 6.93 32.95
N VAL F 202 -19.01 7.94 33.77
CA VAL F 202 -18.38 9.20 33.49
C VAL F 202 -17.98 9.87 34.80
N ALA F 203 -16.74 10.36 34.87
CA ALA F 203 -16.27 11.04 36.06
C ALA F 203 -15.21 12.06 35.67
N PRO F 204 -15.11 13.18 36.43
CA PRO F 204 -14.06 14.17 36.25
C PRO F 204 -12.75 13.56 36.70
N THR F 205 -11.73 13.65 35.88
CA THR F 205 -10.53 12.93 36.30
C THR F 205 -9.37 13.89 36.49
N PHE F 206 -9.69 15.05 37.03
CA PHE F 206 -8.71 16.08 37.24
C PHE F 206 -8.95 16.77 38.60
N PRO F 207 -7.89 17.01 39.35
CA PRO F 207 -8.00 17.62 40.68
C PRO F 207 -8.85 18.87 40.66
N GLY F 208 -9.72 19.00 41.66
CA GLY F 208 -10.58 20.17 41.81
C GLY F 208 -11.55 20.46 40.68
N GLU F 209 -11.72 19.51 39.74
CA GLU F 209 -12.76 19.59 38.66
C GLU F 209 -14.01 18.83 39.04
N GLN F 210 -15.19 19.32 38.67
CA GLN F 210 -16.44 18.56 38.83
C GLN F 210 -17.16 18.51 37.47
N LEU F 211 -18.06 17.56 37.27
CA LEU F 211 -18.91 17.61 36.09
C LEU F 211 -19.77 18.85 36.19
N LEU F 212 -20.06 19.42 35.02
CA LEU F 212 -20.98 20.53 34.86
C LEU F 212 -22.22 19.89 34.29
N PHE F 213 -23.37 20.07 34.93
CA PHE F 213 -24.59 19.42 34.47
C PHE F 213 -25.53 20.42 33.94
N PHE F 214 -26.20 20.07 32.85
CA PHE F 214 -27.30 20.84 32.28
C PHE F 214 -28.59 20.32 32.84
N ARG F 215 -29.23 21.13 33.69
CA ARG F 215 -30.33 20.71 34.52
C ARG F 215 -31.73 21.16 34.08
N SER F 216 -32.69 20.22 34.17
CA SER F 216 -34.12 20.54 34.05
C SER F 216 -34.92 20.10 35.27
N THR F 217 -36.10 20.67 35.43
CA THR F 217 -37.05 20.19 36.41
C THR F 217 -38.09 19.41 35.64
N MET F 218 -38.18 18.12 35.88
CA MET F 218 -39.25 17.35 35.27
C MET F 218 -40.62 17.73 35.82
N PRO F 219 -41.68 17.47 35.05
CA PRO F 219 -42.97 17.76 35.63
C PRO F 219 -43.37 16.65 36.59
N GLY F 220 -43.92 17.02 37.74
CA GLY F 220 -44.36 15.99 38.66
C GLY F 220 -45.86 15.84 38.56
N CYS F 221 -46.34 14.61 38.53
CA CYS F 221 -47.75 14.37 38.32
C CYS F 221 -48.51 14.00 39.57
N SER F 222 -47.78 13.59 40.62
CA SER F 222 -48.35 13.00 41.85
C SER F 222 -47.28 12.88 42.91
N GLY F 223 -47.68 13.08 44.17
CA GLY F 223 -46.81 13.00 45.33
C GLY F 223 -45.60 13.91 45.36
N TYR F 224 -44.46 13.36 45.74
CA TYR F 224 -43.23 14.12 45.86
C TYR F 224 -42.05 13.47 45.16
N PRO F 225 -41.98 13.57 43.86
CA PRO F 225 -40.84 13.02 43.15
C PRO F 225 -39.63 13.88 43.25
N ASN F 226 -38.49 13.28 42.96
CA ASN F 226 -37.32 14.07 42.80
C ASN F 226 -37.34 14.44 41.35
N MET F 227 -37.55 15.71 41.09
CA MET F 227 -37.73 16.19 39.76
C MET F 227 -36.49 16.64 39.05
N ASN F 228 -35.37 16.63 39.72
CA ASN F 228 -34.16 17.09 39.05
C ASN F 228 -33.80 16.14 37.90
N LEU F 229 -33.50 16.69 36.72
CA LEU F 229 -32.96 15.84 35.67
C LEU F 229 -31.78 16.48 34.96
N ASP F 230 -30.60 15.91 35.12
CA ASP F 230 -29.33 16.47 34.62
C ASP F 230 -28.82 15.73 33.39
N CYS F 231 -28.36 16.47 32.41
CA CYS F 231 -27.73 15.76 31.32
C CYS F 231 -26.34 16.33 31.10
N LEU F 232 -25.55 15.57 30.36
CA LEU F 232 -24.17 15.91 30.13
C LEU F 232 -24.02 16.78 28.95
N LEU F 233 -24.96 16.71 28.04
CA LEU F 233 -24.93 17.46 26.80
C LEU F 233 -26.35 17.80 26.48
N PRO F 234 -26.59 19.05 26.06
CA PRO F 234 -27.87 19.50 25.52
C PRO F 234 -28.17 18.76 24.24
N GLN F 235 -29.43 18.54 23.97
CA GLN F 235 -29.79 17.75 22.85
C GLN F 235 -29.32 18.49 21.59
N GLU F 236 -29.38 19.80 21.60
CA GLU F 236 -28.91 20.62 20.48
C GLU F 236 -27.44 20.39 20.19
N TRP F 237 -26.66 20.12 21.22
CA TRP F 237 -25.24 19.88 21.06
C TRP F 237 -25.01 18.52 20.40
N VAL F 238 -25.86 17.56 20.78
CA VAL F 238 -25.82 16.23 20.24
C VAL F 238 -26.12 16.41 18.77
N GLN F 239 -27.18 17.15 18.47
CA GLN F 239 -27.59 17.37 17.11
C GLN F 239 -26.54 18.03 16.29
N HIS F 240 -25.80 18.94 16.92
CA HIS F 240 -24.88 19.80 16.23
C HIS F 240 -23.68 18.96 15.87
N PHE F 241 -23.20 18.19 16.85
CA PHE F 241 -21.97 17.45 16.68
C PHE F 241 -22.11 16.46 15.55
N TYR F 242 -23.28 15.84 15.49
CA TYR F 242 -23.62 14.81 14.52
C TYR F 242 -23.60 15.39 13.12
N GLN F 243 -24.15 16.60 13.00
CA GLN F 243 -24.17 17.34 11.75
C GLN F 243 -22.74 17.70 11.44
N GLU F 244 -22.07 18.41 12.32
CA GLU F 244 -20.78 18.89 11.98
C GLU F 244 -19.72 17.80 11.85
N SER F 245 -19.75 16.77 12.68
CA SER F 245 -18.70 15.72 12.67
C SER F 245 -17.30 16.32 12.55
N ALA F 246 -16.94 17.27 13.39
CA ALA F 246 -15.61 17.89 13.30
C ALA F 246 -14.56 17.06 14.07
N PRO F 247 -13.40 16.80 13.43
CA PRO F 247 -12.48 15.89 14.16
C PRO F 247 -12.01 16.52 15.43
N ALA F 248 -11.84 15.69 16.43
CA ALA F 248 -11.21 16.10 17.69
C ALA F 248 -9.73 16.33 17.46
N GLN F 249 -9.32 17.57 17.63
CA GLN F 249 -7.94 18.01 17.63
C GLN F 249 -7.12 17.50 18.80
N SER F 250 -7.78 17.52 19.94
CA SER F 250 -7.22 17.20 21.25
C SER F 250 -8.36 16.70 22.10
N ASP F 251 -8.03 16.00 23.17
CA ASP F 251 -9.02 15.27 23.95
C ASP F 251 -9.93 16.18 24.72
N VAL F 252 -9.65 17.47 24.68
CA VAL F 252 -10.39 18.36 25.52
C VAL F 252 -10.59 19.65 24.74
N ALA F 253 -11.83 20.07 24.53
CA ALA F 253 -12.07 21.35 23.86
C ALA F 253 -12.33 22.38 24.92
N LEU F 254 -11.58 23.49 24.91
CA LEU F 254 -11.77 24.56 25.89
C LEU F 254 -12.97 25.44 25.56
N LEU F 255 -13.98 25.53 26.42
CA LEU F 255 -15.06 26.47 26.12
C LEU F 255 -15.10 27.60 27.11
N ARG F 256 -15.42 28.80 26.63
CA ARG F 256 -15.73 29.92 27.51
C ARG F 256 -17.20 30.21 27.43
N PHE F 257 -17.78 30.57 28.56
CA PHE F 257 -19.17 30.92 28.61
C PHE F 257 -19.21 32.40 28.68
N VAL F 258 -19.69 33.03 27.63
CA VAL F 258 -19.49 34.47 27.42
C VAL F 258 -20.80 35.21 27.48
N ASN F 259 -20.82 36.40 28.08
CA ASN F 259 -22.02 37.25 28.03
C ASN F 259 -21.90 38.23 26.87
N PRO F 260 -22.65 38.02 25.76
CA PRO F 260 -22.43 38.82 24.56
C PRO F 260 -22.75 40.32 24.74
N ASP F 261 -23.48 40.68 25.80
CA ASP F 261 -23.76 42.11 26.11
C ASP F 261 -22.47 42.84 26.48
N THR F 262 -21.89 42.43 27.61
CA THR F 262 -20.64 42.99 28.09
C THR F 262 -19.44 42.51 27.25
N GLY F 263 -19.61 41.47 26.43
CA GLY F 263 -18.46 40.79 25.77
C GLY F 263 -17.52 40.00 26.72
N ARG F 264 -17.75 40.13 28.05
CA ARG F 264 -16.88 39.51 29.08
C ARG F 264 -17.18 38.03 29.39
N VAL F 265 -16.13 37.26 29.73
CA VAL F 265 -16.18 35.81 30.01
C VAL F 265 -16.58 35.45 31.45
N LEU F 266 -17.65 34.69 31.64
CA LEU F 266 -18.10 34.36 32.98
C LEU F 266 -17.25 33.25 33.61
N PHE F 267 -16.98 32.19 32.85
CA PHE F 267 -16.14 31.08 33.32
C PHE F 267 -15.72 30.24 32.14
N GLU F 268 -14.75 29.35 32.33
CA GLU F 268 -14.43 28.42 31.25
C GLU F 268 -14.63 26.95 31.63
N CYS F 269 -14.51 26.05 30.67
CA CYS F 269 -14.69 24.63 31.01
C CYS F 269 -14.21 23.67 29.96
N LYS F 270 -14.08 22.40 30.32
CA LYS F 270 -13.60 21.39 29.41
C LYS F 270 -14.77 20.55 28.94
N LEU F 271 -14.86 20.47 27.60
CA LEU F 271 -15.78 19.57 26.91
C LEU F 271 -14.88 18.47 26.45
N HIS F 272 -14.97 17.33 27.10
CA HIS F 272 -14.15 16.20 26.67
C HIS F 272 -14.72 15.59 25.39
N LYS F 273 -13.82 15.12 24.55
CA LYS F 273 -14.24 14.61 23.29
C LYS F 273 -15.25 13.48 23.43
N SER F 274 -15.21 12.70 24.51
CA SER F 274 -16.15 11.59 24.58
C SER F 274 -17.54 12.08 24.98
N GLY F 275 -17.64 13.34 25.38
CA GLY F 275 -18.94 14.01 25.35
C GLY F 275 -19.51 14.71 26.55
N TYR F 276 -18.82 14.90 27.59
CA TYR F 276 -19.29 15.64 28.73
C TYR F 276 -18.49 16.85 29.24
N VAL F 277 -19.03 17.60 30.18
CA VAL F 277 -18.32 18.83 30.48
C VAL F 277 -17.77 18.91 31.89
N THR F 278 -16.58 19.50 32.09
CA THR F 278 -16.13 19.69 33.48
C THR F 278 -15.74 21.14 33.84
N VAL F 279 -15.87 21.50 35.11
CA VAL F 279 -15.45 22.81 35.58
C VAL F 279 -14.56 22.72 36.81
N ALA F 280 -13.82 23.79 37.08
CA ALA F 280 -13.02 23.88 38.31
C ALA F 280 -13.83 24.51 39.43
N HIS F 281 -14.36 23.68 40.31
CA HIS F 281 -15.06 24.16 41.50
C HIS F 281 -15.14 23.03 42.53
N THR F 282 -15.36 23.38 43.79
CA THR F 282 -15.59 22.34 44.77
C THR F 282 -16.84 22.59 45.59
N GLY F 283 -17.83 21.70 45.42
CA GLY F 283 -19.12 21.83 46.11
C GLY F 283 -20.32 21.84 45.18
N GLN F 284 -21.52 21.75 45.75
CA GLN F 284 -22.74 21.87 45.01
C GLN F 284 -22.98 23.35 44.76
N HIS F 285 -23.25 23.70 43.51
CA HIS F 285 -23.55 25.10 43.14
C HIS F 285 -24.50 25.19 41.96
N ASP F 286 -25.53 26.03 42.10
CA ASP F 286 -26.37 26.42 40.96
C ASP F 286 -25.67 27.64 40.40
N LEU F 287 -25.20 27.56 39.16
CA LEU F 287 -24.55 28.71 38.51
C LEU F 287 -25.57 29.81 38.27
N VAL F 288 -25.09 31.04 38.33
CA VAL F 288 -25.98 32.19 38.22
C VAL F 288 -25.47 32.82 36.96
N ILE F 289 -26.27 32.76 35.92
CA ILE F 289 -25.76 33.20 34.63
C ILE F 289 -26.51 34.40 34.07
N PRO F 290 -25.82 35.23 33.26
CA PRO F 290 -26.57 36.24 32.54
C PRO F 290 -27.53 35.56 31.57
N PRO F 291 -28.75 36.08 31.50
CA PRO F 291 -29.83 35.46 30.72
C PRO F 291 -29.56 35.31 29.20
N ASN F 292 -28.54 35.92 28.64
CA ASN F 292 -28.28 35.56 27.25
C ASN F 292 -26.90 35.11 26.97
N GLY F 293 -26.27 34.54 27.98
CA GLY F 293 -24.94 34.00 27.86
C GLY F 293 -24.94 32.70 27.12
N TYR F 294 -23.83 32.43 26.44
CA TYR F 294 -23.73 31.23 25.64
C TYR F 294 -22.33 30.67 25.70
N PHE F 295 -22.18 29.44 25.20
CA PHE F 295 -20.87 28.82 25.17
C PHE F 295 -20.18 29.07 23.85
N ARG F 296 -18.89 29.31 23.93
CA ARG F 296 -18.11 29.51 22.73
C ARG F 296 -16.88 28.62 22.76
N PHE F 297 -16.61 27.93 21.66
CA PHE F 297 -15.40 27.11 21.61
C PHE F 297 -14.20 27.99 21.48
N ASP F 298 -13.16 27.80 22.30
CA ASP F 298 -12.00 28.67 22.15
C ASP F 298 -10.68 28.09 21.67
N SER F 299 -10.26 26.93 22.18
CA SER F 299 -9.13 26.18 21.59
C SER F 299 -8.99 24.75 22.13
N TRP F 300 -8.28 23.89 21.38
CA TRP F 300 -8.00 22.54 21.82
C TRP F 300 -6.85 22.52 22.83
N VAL F 301 -6.99 21.74 23.89
CA VAL F 301 -5.98 21.71 24.91
C VAL F 301 -5.74 20.24 25.30
N ASN F 302 -4.70 19.98 26.10
CA ASN F 302 -4.42 18.63 26.63
C ASN F 302 -5.13 18.40 27.94
N GLN F 303 -5.15 17.13 28.33
CA GLN F 303 -5.92 16.68 29.48
C GLN F 303 -5.37 17.24 30.83
N PHE F 304 -4.29 18.04 30.76
CA PHE F 304 -3.67 18.61 31.95
C PHE F 304 -3.64 20.13 31.89
N TYR F 305 -4.65 20.67 31.21
CA TYR F 305 -4.86 22.12 31.21
C TYR F 305 -5.55 22.42 32.54
N THR F 306 -5.22 23.55 33.15
CA THR F 306 -5.80 23.89 34.44
C THR F 306 -6.77 24.98 34.21
N LEU F 307 -8.01 24.71 34.56
CA LEU F 307 -9.08 25.67 34.39
C LEU F 307 -9.03 26.74 35.44
N ALA F 308 -9.33 27.96 35.04
CA ALA F 308 -9.54 29.05 35.98
C ALA F 308 -10.72 28.70 36.90
N PRO F 309 -10.60 28.98 38.20
CA PRO F 309 -11.78 28.58 38.96
C PRO F 309 -13.01 29.45 38.66
N MET F 310 -14.11 28.80 38.31
CA MET F 310 -15.42 29.40 38.17
C MET F 310 -15.80 29.86 39.55
N GLY F 311 -16.03 31.16 39.72
CA GLY F 311 -16.28 31.80 41.08
C GLY F 311 -17.42 31.20 41.94
N THR G 4 5.34 -65.02 26.65
CA THR G 4 4.28 -64.16 27.26
C THR G 4 4.84 -62.75 27.40
N LYS G 5 4.32 -61.85 26.58
CA LYS G 5 4.76 -60.46 26.57
C LYS G 5 4.42 -59.80 27.91
N PRO G 6 5.39 -59.14 28.58
CA PRO G 6 5.03 -58.55 29.87
C PRO G 6 4.30 -57.26 29.68
N PHE G 7 3.37 -56.99 30.58
CA PHE G 7 2.59 -55.80 30.52
C PHE G 7 3.47 -54.66 31.01
N THR G 8 3.19 -53.45 30.50
CA THR G 8 3.83 -52.20 30.93
C THR G 8 2.91 -51.04 30.64
N VAL G 9 3.05 -49.96 31.41
CA VAL G 9 2.46 -48.72 30.97
C VAL G 9 3.56 -47.73 30.53
N PRO G 10 3.20 -46.75 29.68
CA PRO G 10 4.26 -45.87 29.18
C PRO G 10 4.92 -45.09 30.30
N ILE G 11 6.18 -44.67 30.08
CA ILE G 11 6.92 -43.89 31.06
C ILE G 11 6.72 -42.39 30.75
N LEU G 12 5.63 -41.82 31.27
CA LEU G 12 5.32 -40.43 30.96
C LEU G 12 4.88 -39.69 32.20
N THR G 13 5.23 -38.42 32.30
CA THR G 13 4.64 -37.63 33.36
C THR G 13 3.18 -37.39 32.93
N VAL G 14 2.32 -37.03 33.88
CA VAL G 14 0.94 -36.72 33.50
C VAL G 14 0.95 -35.45 32.67
N GLU G 15 1.77 -34.47 33.02
CA GLU G 15 1.88 -33.33 32.12
C GLU G 15 2.34 -33.70 30.69
N GLU G 16 3.04 -34.81 30.52
CA GLU G 16 3.52 -35.21 29.21
C GLU G 16 2.43 -35.90 28.36
N MET G 17 1.29 -36.17 28.97
CA MET G 17 0.24 -36.93 28.30
C MET G 17 -1.03 -36.10 28.01
N THR G 18 -1.99 -36.76 27.38
CA THR G 18 -3.00 -36.10 26.58
C THR G 18 -4.37 -36.61 26.98
N ASN G 19 -5.35 -35.72 27.08
CA ASN G 19 -6.68 -36.12 27.45
C ASN G 19 -7.25 -36.98 26.37
N SER G 20 -7.86 -38.09 26.73
CA SER G 20 -8.30 -38.98 25.67
C SER G 20 -9.72 -38.68 25.24
N ARG G 21 -10.35 -37.64 25.83
CA ARG G 21 -11.76 -37.31 25.59
C ARG G 21 -11.93 -35.97 24.88
N PHE G 22 -10.82 -35.25 24.73
CA PHE G 22 -10.77 -33.93 24.01
C PHE G 22 -9.29 -33.57 23.60
N PRO G 23 -9.02 -33.04 22.39
CA PRO G 23 -7.57 -33.01 22.16
C PRO G 23 -6.86 -31.86 22.92
N ILE G 24 -6.54 -32.13 24.19
CA ILE G 24 -5.79 -31.17 25.05
C ILE G 24 -4.88 -31.90 26.01
N PRO G 25 -3.80 -31.23 26.46
CA PRO G 25 -2.91 -31.90 27.41
C PRO G 25 -3.58 -32.15 28.74
N LEU G 26 -3.21 -33.25 29.36
CA LEU G 26 -3.56 -33.52 30.78
C LEU G 26 -2.97 -32.46 31.71
N GLU G 27 -3.60 -32.31 32.88
CA GLU G 27 -3.09 -31.32 33.82
C GLU G 27 -2.71 -31.91 35.17
N LYS G 28 -3.49 -32.89 35.62
CA LYS G 28 -3.44 -33.27 37.01
C LYS G 28 -4.26 -34.51 37.29
N LEU G 29 -4.00 -35.12 38.45
CA LEU G 29 -4.81 -36.22 38.96
C LEU G 29 -5.89 -35.71 39.91
N PHE G 30 -7.09 -36.24 39.76
CA PHE G 30 -8.21 -35.95 40.63
C PHE G 30 -8.88 -37.25 41.04
N THR G 31 -9.33 -37.33 42.28
CA THR G 31 -10.17 -38.47 42.63
C THR G 31 -11.36 -37.97 43.42
N GLY G 32 -12.52 -38.65 43.25
CA GLY G 32 -13.77 -38.29 43.93
C GLY G 32 -14.84 -39.38 43.93
N PRO G 33 -15.77 -39.33 44.91
CA PRO G 33 -16.85 -40.33 44.96
C PRO G 33 -17.59 -40.30 43.62
N SER G 34 -18.13 -41.45 43.17
CA SER G 34 -18.81 -41.52 41.83
C SER G 34 -20.09 -42.37 41.82
N SER G 35 -20.73 -42.33 42.99
CA SER G 35 -22.02 -42.96 43.20
C SER G 35 -23.09 -41.98 42.74
N ALA G 36 -22.76 -40.68 42.83
CA ALA G 36 -23.70 -39.55 42.55
C ALA G 36 -24.09 -39.40 41.05
N PHE G 37 -23.34 -40.06 40.16
CA PHE G 37 -23.53 -39.98 38.72
C PHE G 37 -22.96 -41.23 38.01
N VAL G 38 -23.24 -41.33 36.70
CA VAL G 38 -22.89 -42.49 35.90
C VAL G 38 -21.61 -42.14 35.22
N VAL G 39 -20.59 -42.98 35.36
CA VAL G 39 -19.34 -42.74 34.65
C VAL G 39 -19.29 -43.68 33.42
N GLN G 40 -19.59 -43.11 32.24
CA GLN G 40 -19.64 -43.91 31.01
C GLN G 40 -19.01 -43.30 29.75
N PRO G 41 -17.84 -42.67 29.86
CA PRO G 41 -17.28 -42.11 28.64
C PRO G 41 -17.10 -43.15 27.53
N GLN G 42 -17.30 -42.73 26.28
CA GLN G 42 -17.12 -43.57 25.13
C GLN G 42 -15.74 -43.41 24.48
N ASN G 43 -15.07 -42.28 24.74
CA ASN G 43 -13.63 -42.12 24.36
C ASN G 43 -12.57 -42.45 25.45
N GLY G 44 -11.35 -42.76 25.06
CA GLY G 44 -10.36 -43.22 26.02
C GLY G 44 -10.86 -44.47 26.68
N ARG G 45 -11.34 -45.43 25.91
CA ARG G 45 -11.80 -46.69 26.47
C ARG G 45 -11.08 -47.77 25.75
N CYS G 46 -10.19 -48.44 26.48
CA CYS G 46 -9.40 -49.52 25.99
C CYS G 46 -9.10 -50.53 27.11
N THR G 47 -9.08 -51.81 26.80
CA THR G 47 -8.77 -52.82 27.79
C THR G 47 -7.26 -52.92 27.89
N THR G 48 -6.71 -53.47 28.98
CA THR G 48 -5.25 -53.45 29.05
C THR G 48 -4.54 -54.32 28.02
N ASP G 49 -5.25 -55.23 27.35
CA ASP G 49 -4.61 -55.91 26.22
C ASP G 49 -4.98 -55.37 24.83
N GLY G 50 -5.45 -54.14 24.83
CA GLY G 50 -5.43 -53.34 23.62
C GLY G 50 -6.66 -53.54 22.76
N ALA G 51 -7.78 -53.89 23.37
CA ALA G 51 -9.01 -53.88 22.60
C ALA G 51 -9.73 -52.54 22.82
N LEU G 52 -9.86 -51.74 21.76
CA LEU G 52 -10.51 -50.44 21.91
C LEU G 52 -12.03 -50.58 22.15
N LEU G 53 -12.62 -49.71 22.98
CA LEU G 53 -14.05 -49.82 23.31
C LEU G 53 -14.86 -48.57 22.93
N GLY G 54 -16.19 -48.64 23.06
CA GLY G 54 -17.05 -47.50 22.71
C GLY G 54 -16.74 -46.83 21.38
N THR G 55 -16.34 -45.56 21.42
CA THR G 55 -16.07 -44.83 20.19
C THR G 55 -14.59 -44.44 20.08
N THR G 56 -13.75 -45.15 20.81
CA THR G 56 -12.36 -44.79 21.04
C THR G 56 -11.49 -45.09 19.86
N GLN G 57 -10.66 -44.14 19.47
CA GLN G 57 -9.69 -44.41 18.38
C GLN G 57 -8.32 -43.90 18.65
N LEU G 58 -7.41 -44.10 17.72
CA LEU G 58 -6.01 -43.88 18.13
C LEU G 58 -5.56 -42.43 17.97
N SER G 59 -6.22 -41.67 17.10
CA SER G 59 -5.74 -40.34 16.83
C SER G 59 -6.04 -39.43 17.97
N PRO G 60 -5.03 -38.79 18.53
CA PRO G 60 -5.33 -37.95 19.67
C PRO G 60 -5.72 -36.53 19.25
N VAL G 61 -5.72 -36.26 17.94
CA VAL G 61 -6.17 -34.97 17.40
C VAL G 61 -7.54 -35.03 16.70
N ASP G 62 -7.95 -36.20 16.21
CA ASP G 62 -9.30 -36.37 15.67
C ASP G 62 -10.32 -36.65 16.75
N ILE G 63 -10.07 -36.24 17.97
CA ILE G 63 -11.10 -36.42 18.98
C ILE G 63 -11.98 -35.19 18.97
N CYS G 64 -13.29 -35.39 18.91
CA CYS G 64 -14.25 -34.29 18.84
C CYS G 64 -14.15 -33.52 17.55
N THR G 65 -13.83 -34.17 16.44
CA THR G 65 -13.80 -33.51 15.17
C THR G 65 -14.91 -34.06 14.28
N PHE G 66 -15.19 -33.39 13.16
CA PHE G 66 -16.16 -33.88 12.23
C PHE G 66 -15.72 -33.54 10.84
N ARG G 67 -15.77 -34.51 9.91
CA ARG G 67 -15.50 -34.24 8.48
C ARG G 67 -16.75 -34.57 7.69
N GLY G 68 -16.89 -34.00 6.49
CA GLY G 68 -17.92 -34.40 5.56
C GLY G 68 -18.26 -33.29 4.61
N ASP G 69 -19.47 -33.32 4.09
CA ASP G 69 -19.97 -32.23 3.27
C ASP G 69 -21.13 -31.58 3.98
N VAL G 70 -21.43 -30.37 3.59
CA VAL G 70 -22.33 -29.54 4.35
C VAL G 70 -23.50 -28.96 3.49
N THR G 71 -24.60 -28.61 4.13
CA THR G 71 -25.76 -28.04 3.46
C THR G 71 -26.36 -26.96 4.34
N HIS G 72 -26.76 -25.87 3.71
CA HIS G 72 -27.39 -24.77 4.40
C HIS G 72 -28.87 -25.04 4.73
N ILE G 73 -29.25 -24.78 5.99
CA ILE G 73 -30.66 -24.81 6.37
C ILE G 73 -31.27 -23.41 6.13
N ALA G 74 -32.12 -23.34 5.09
CA ALA G 74 -32.71 -22.09 4.62
C ALA G 74 -33.21 -21.14 5.75
N GLY G 75 -32.94 -19.85 5.55
CA GLY G 75 -33.32 -18.78 6.49
C GLY G 75 -32.75 -18.86 7.90
N THR G 76 -31.52 -19.36 8.02
CA THR G 76 -30.80 -19.52 9.29
C THR G 76 -29.30 -19.44 9.08
N GLN G 77 -28.59 -19.32 10.18
CA GLN G 77 -27.15 -19.38 10.08
C GLN G 77 -26.62 -20.79 10.50
N ASN G 78 -27.31 -21.84 10.06
CA ASN G 78 -27.00 -23.23 10.45
C ASN G 78 -26.65 -24.19 9.28
N TYR G 79 -25.76 -25.14 9.52
CA TYR G 79 -25.54 -26.14 8.51
C TYR G 79 -25.58 -27.55 9.07
N THR G 80 -26.14 -28.42 8.24
CA THR G 80 -26.13 -29.84 8.44
C THR G 80 -24.86 -30.33 7.79
N MET G 81 -24.08 -31.12 8.54
CA MET G 81 -22.96 -31.84 7.96
C MET G 81 -23.30 -33.29 7.80
N ASN G 82 -23.06 -33.83 6.61
CA ASN G 82 -23.25 -35.26 6.34
C ASN G 82 -21.94 -35.96 6.54
N LEU G 83 -21.87 -36.84 7.54
CA LEU G 83 -20.60 -37.31 8.01
C LEU G 83 -19.93 -38.28 7.09
N ALA G 84 -18.62 -38.16 7.07
CA ALA G 84 -17.68 -39.11 6.48
C ALA G 84 -16.75 -39.65 7.56
N SER G 85 -16.18 -40.84 7.33
CA SER G 85 -15.21 -41.43 8.27
C SER G 85 -13.90 -40.68 8.24
N GLN G 86 -12.96 -41.06 9.11
CA GLN G 86 -11.71 -40.29 9.25
C GLN G 86 -10.96 -40.10 7.91
N ASN G 87 -11.05 -41.12 7.07
CA ASN G 87 -10.44 -41.15 5.73
C ASN G 87 -11.13 -40.38 4.60
N TRP G 88 -12.27 -39.76 4.86
CA TRP G 88 -13.15 -39.19 3.81
C TRP G 88 -14.05 -40.18 3.12
N ASN G 89 -13.96 -41.45 3.50
CA ASN G 89 -14.98 -42.41 3.07
C ASN G 89 -16.28 -42.33 3.85
N ASN G 90 -17.38 -42.13 3.09
CA ASN G 90 -18.72 -42.11 3.66
C ASN G 90 -18.94 -43.18 4.75
N TYR G 91 -19.61 -42.74 5.83
CA TYR G 91 -19.70 -43.41 7.14
C TYR G 91 -20.81 -44.45 7.16
N ASP G 92 -20.50 -45.63 7.69
CA ASP G 92 -21.45 -46.73 7.73
C ASP G 92 -22.16 -46.80 9.09
N PRO G 93 -23.47 -46.45 9.15
CA PRO G 93 -24.17 -46.54 10.44
C PRO G 93 -24.39 -47.97 10.96
N THR G 94 -24.22 -48.98 10.09
CA THR G 94 -24.53 -50.37 10.47
C THR G 94 -23.34 -51.10 11.13
N GLU G 95 -22.31 -50.35 11.50
CA GLU G 95 -21.11 -50.87 12.15
C GLU G 95 -21.37 -50.85 13.64
N GLU G 96 -20.96 -51.93 14.32
CA GLU G 96 -21.39 -52.21 15.70
C GLU G 96 -20.65 -51.33 16.74
N ILE G 97 -20.85 -50.00 16.62
CA ILE G 97 -20.25 -48.96 17.46
C ILE G 97 -21.29 -47.87 17.68
N PRO G 98 -21.16 -47.08 18.76
CA PRO G 98 -22.20 -46.12 19.16
C PRO G 98 -22.42 -44.95 18.23
N ALA G 99 -21.33 -44.54 17.59
CA ALA G 99 -21.22 -43.31 16.80
C ALA G 99 -19.90 -43.41 16.03
N PRO G 100 -19.71 -42.52 15.05
CA PRO G 100 -18.41 -42.44 14.39
C PRO G 100 -17.34 -42.38 15.46
N LEU G 101 -16.23 -43.12 15.23
CA LEU G 101 -15.14 -43.15 16.19
C LEU G 101 -14.66 -41.74 16.37
N GLY G 102 -14.45 -41.32 17.61
CA GLY G 102 -13.99 -39.97 17.94
C GLY G 102 -15.06 -38.95 18.25
N THR G 103 -16.33 -39.32 18.17
CA THR G 103 -17.45 -38.40 18.45
C THR G 103 -17.41 -37.96 19.91
N PRO G 104 -17.89 -36.74 20.22
CA PRO G 104 -17.86 -36.35 21.64
C PRO G 104 -18.70 -37.30 22.51
N ASP G 105 -18.32 -37.45 23.76
CA ASP G 105 -19.05 -38.28 24.70
C ASP G 105 -19.54 -37.46 25.91
N PHE G 106 -20.03 -36.27 25.63
CA PHE G 106 -20.59 -35.45 26.67
C PHE G 106 -21.53 -34.44 26.05
N VAL G 107 -22.44 -33.97 26.90
CA VAL G 107 -23.40 -33.03 26.44
C VAL G 107 -22.85 -31.67 26.76
N GLY G 108 -22.82 -30.82 25.74
CA GLY G 108 -22.20 -29.53 25.84
C GLY G 108 -22.27 -28.85 24.52
N LYS G 109 -22.10 -27.54 24.53
CA LYS G 109 -21.88 -26.86 23.28
C LYS G 109 -20.37 -26.65 23.11
N ILE G 110 -19.79 -27.41 22.17
CA ILE G 110 -18.38 -27.30 21.78
C ILE G 110 -18.21 -26.35 20.64
N GLN G 111 -17.43 -25.30 20.86
CA GLN G 111 -17.11 -24.31 19.82
C GLN G 111 -15.74 -24.54 19.12
N GLY G 112 -15.74 -24.50 17.79
CA GLY G 112 -14.51 -24.41 17.01
C GLY G 112 -14.61 -23.66 15.67
N VAL G 113 -13.92 -24.19 14.67
CA VAL G 113 -13.93 -23.53 13.39
C VAL G 113 -14.33 -24.52 12.29
N LEU G 114 -15.18 -24.08 11.38
CA LEU G 114 -15.52 -24.93 10.24
C LEU G 114 -14.61 -24.45 9.10
N THR G 115 -13.99 -25.39 8.38
CA THR G 115 -13.09 -25.00 7.31
C THR G 115 -13.46 -25.71 6.02
N GLN G 116 -13.30 -25.05 4.88
CA GLN G 116 -13.68 -25.71 3.65
C GLN G 116 -12.68 -25.40 2.53
N THR G 117 -12.47 -26.40 1.67
CA THR G 117 -11.66 -26.25 0.46
C THR G 117 -12.52 -26.62 -0.72
N THR G 118 -12.44 -25.80 -1.76
CA THR G 118 -13.12 -26.09 -3.01
C THR G 118 -12.19 -26.92 -3.85
N ARG G 119 -12.62 -28.12 -4.21
CA ARG G 119 -11.74 -29.08 -4.85
C ARG G 119 -11.09 -28.51 -6.11
N ARG G 120 -11.78 -27.60 -6.77
CA ARG G 120 -11.45 -27.24 -8.16
C ARG G 120 -10.34 -26.20 -8.27
N ASP G 121 -10.37 -25.23 -7.37
CA ASP G 121 -9.47 -24.08 -7.45
C ASP G 121 -8.66 -23.88 -6.16
N GLY G 122 -8.98 -24.60 -5.10
CA GLY G 122 -8.15 -24.57 -3.92
C GLY G 122 -8.35 -23.31 -3.09
N SER G 123 -9.58 -22.78 -3.15
CA SER G 123 -9.96 -21.64 -2.36
C SER G 123 -10.50 -22.15 -1.05
N THR G 124 -10.37 -21.37 0.01
CA THR G 124 -10.60 -21.92 1.34
C THR G 124 -11.60 -21.01 2.06
N ARG G 125 -12.18 -21.47 3.17
CA ARG G 125 -13.13 -20.67 3.96
C ARG G 125 -12.96 -21.15 5.38
N GLY G 126 -13.21 -20.26 6.33
CA GLY G 126 -13.13 -20.62 7.74
C GLY G 126 -14.06 -19.80 8.61
N HIS G 127 -15.04 -20.45 9.22
CA HIS G 127 -15.99 -19.73 10.06
C HIS G 127 -16.14 -20.30 11.43
N LYS G 128 -16.24 -19.41 12.41
CA LYS G 128 -16.68 -19.78 13.76
C LYS G 128 -17.95 -20.65 13.69
N ALA G 129 -17.91 -21.76 14.40
CA ALA G 129 -19.05 -22.67 14.42
C ALA G 129 -19.15 -23.40 15.77
N THR G 130 -20.38 -23.72 16.15
CA THR G 130 -20.68 -24.38 17.42
C THR G 130 -21.47 -25.66 17.19
N VAL G 131 -21.09 -26.75 17.86
CA VAL G 131 -21.98 -27.90 17.84
C VAL G 131 -22.61 -28.22 19.20
N SER G 132 -23.92 -28.35 19.21
CA SER G 132 -24.61 -28.56 20.46
C SER G 132 -25.05 -30.02 20.60
N THR G 133 -24.17 -30.85 21.19
CA THR G 133 -24.42 -32.29 21.30
C THR G 133 -25.70 -32.58 22.08
N GLY G 134 -26.13 -31.57 22.83
CA GLY G 134 -27.37 -31.60 23.58
C GLY G 134 -28.59 -31.65 22.68
N SER G 135 -28.51 -30.88 21.60
CA SER G 135 -29.61 -30.73 20.66
C SER G 135 -29.94 -32.04 19.97
N VAL G 136 -31.22 -32.22 19.65
CA VAL G 136 -31.69 -33.43 19.02
C VAL G 136 -31.03 -33.60 17.66
N HIS G 137 -30.87 -32.50 16.92
CA HIS G 137 -30.23 -32.58 15.59
C HIS G 137 -28.82 -33.12 15.59
N PHE G 138 -28.39 -33.60 16.76
CA PHE G 138 -27.09 -34.22 16.91
C PHE G 138 -27.20 -35.73 16.73
N THR G 139 -27.10 -36.19 15.50
CA THR G 139 -27.37 -37.57 15.19
C THR G 139 -26.10 -38.22 14.57
N PRO G 140 -24.94 -38.04 15.19
CA PRO G 140 -23.86 -38.66 14.51
C PRO G 140 -24.12 -40.13 14.07
N LYS G 141 -24.77 -40.91 14.91
CA LYS G 141 -24.88 -42.34 14.61
C LYS G 141 -25.64 -42.47 13.33
N LEU G 142 -26.49 -41.47 13.05
CA LEU G 142 -27.30 -41.51 11.86
C LEU G 142 -26.52 -41.00 10.69
N GLY G 143 -25.39 -40.36 11.00
CA GLY G 143 -24.46 -39.88 9.99
C GLY G 143 -24.62 -38.41 9.71
N SER G 144 -25.32 -37.69 10.59
CA SER G 144 -25.68 -36.30 10.34
C SER G 144 -25.57 -35.45 11.59
N VAL G 145 -24.95 -34.28 11.43
CA VAL G 145 -24.79 -33.39 12.57
C VAL G 145 -25.14 -31.94 12.23
N GLN G 146 -25.55 -31.14 13.22
CA GLN G 146 -25.85 -29.74 12.91
C GLN G 146 -24.96 -28.72 13.59
N PHE G 147 -24.46 -27.78 12.78
CA PHE G 147 -23.64 -26.68 13.30
C PHE G 147 -24.32 -25.35 13.16
N SER G 148 -24.13 -24.48 14.14
CA SER G 148 -24.52 -23.06 14.00
C SER G 148 -23.29 -22.14 13.84
N THR G 149 -23.40 -21.13 12.97
CA THR G 149 -22.22 -20.42 12.38
C THR G 149 -22.37 -18.91 12.28
N ASP G 150 -21.40 -18.22 11.67
CA ASP G 150 -21.61 -16.78 11.48
C ASP G 150 -21.85 -16.30 10.05
N THR G 151 -22.01 -17.24 9.13
CA THR G 151 -22.37 -16.91 7.76
C THR G 151 -23.70 -17.50 7.46
N SER G 152 -24.33 -17.01 6.40
CA SER G 152 -25.56 -17.56 5.89
C SER G 152 -25.37 -17.98 4.46
N ASN G 153 -24.25 -17.53 3.84
CA ASN G 153 -24.09 -17.83 2.45
C ASN G 153 -22.83 -18.53 2.04
N ASP G 154 -21.76 -18.36 2.82
CA ASP G 154 -20.43 -18.77 2.40
C ASP G 154 -20.01 -20.22 2.10
N PHE G 155 -20.46 -21.23 2.87
CA PHE G 155 -20.01 -22.58 2.57
C PHE G 155 -20.68 -23.16 1.35
N GLU G 156 -19.94 -23.94 0.58
CA GLU G 156 -20.50 -24.52 -0.66
C GLU G 156 -20.89 -26.01 -0.52
N THR G 157 -21.72 -26.49 -1.43
CA THR G 157 -22.18 -27.88 -1.33
C THR G 157 -21.25 -28.82 -2.07
N GLY G 158 -21.16 -30.06 -1.60
CA GLY G 158 -20.29 -31.03 -2.21
C GLY G 158 -18.80 -30.77 -2.03
N GLN G 159 -18.42 -30.00 -1.02
CA GLN G 159 -17.01 -29.68 -0.80
C GLN G 159 -16.56 -30.16 0.56
N ASN G 160 -15.35 -30.74 0.61
CA ASN G 160 -14.84 -31.29 1.86
C ASN G 160 -14.78 -30.21 2.91
N THR G 161 -15.42 -30.51 4.05
CA THR G 161 -15.56 -29.56 5.16
C THR G 161 -15.23 -30.23 6.49
N ARG G 162 -14.42 -29.55 7.30
CA ARG G 162 -13.82 -30.09 8.50
C ARG G 162 -14.11 -29.18 9.72
N PHE G 163 -14.51 -29.78 10.83
CA PHE G 163 -14.67 -29.04 12.08
C PHE G 163 -13.52 -29.31 13.05
N THR G 164 -12.85 -28.25 13.50
CA THR G 164 -11.81 -28.35 14.50
C THR G 164 -12.38 -27.85 15.84
N PRO G 165 -12.38 -28.72 16.86
CA PRO G 165 -12.78 -28.30 18.20
C PRO G 165 -11.80 -27.30 18.78
N VAL G 166 -12.33 -26.36 19.54
CA VAL G 166 -11.48 -25.40 20.24
C VAL G 166 -11.84 -25.35 21.71
N GLY G 167 -13.10 -25.09 22.01
CA GLY G 167 -13.48 -25.08 23.41
C GLY G 167 -14.95 -25.21 23.62
N VAL G 168 -15.34 -24.97 24.88
CA VAL G 168 -16.74 -25.05 25.28
C VAL G 168 -17.36 -23.72 25.66
N VAL G 169 -18.67 -23.69 25.52
CA VAL G 169 -19.45 -22.51 25.68
C VAL G 169 -20.51 -22.77 26.75
N GLN G 170 -20.95 -21.68 27.36
CA GLN G 170 -22.11 -21.72 28.20
C GLN G 170 -22.81 -20.37 28.19
N ASP G 171 -24.12 -20.42 28.38
CA ASP G 171 -24.92 -19.21 28.46
C ASP G 171 -24.83 -18.63 29.89
N GLY G 172 -23.89 -17.68 30.07
CA GLY G 172 -23.66 -16.95 31.34
C GLY G 172 -24.89 -16.35 32.03
N SER G 173 -25.90 -16.03 31.21
CA SER G 173 -27.18 -15.55 31.68
C SER G 173 -27.85 -16.53 32.68
N THR G 174 -27.71 -17.84 32.45
CA THR G 174 -28.21 -18.90 33.36
C THR G 174 -27.10 -19.33 34.36
N THR G 175 -27.40 -20.27 35.27
CA THR G 175 -26.48 -20.74 36.33
C THR G 175 -25.09 -21.05 35.80
N HIS G 176 -24.08 -20.69 36.58
CA HIS G 176 -22.69 -20.86 36.15
C HIS G 176 -22.32 -22.37 36.17
N GLN G 177 -21.24 -22.76 35.48
CA GLN G 177 -20.84 -24.16 35.36
C GLN G 177 -21.96 -25.17 35.05
N ASN G 178 -23.08 -24.69 34.54
CA ASN G 178 -24.20 -25.59 34.43
C ASN G 178 -24.12 -26.45 33.15
N GLU G 179 -23.09 -26.18 32.33
CA GLU G 179 -22.70 -27.03 31.20
C GLU G 179 -21.31 -26.66 30.73
N PRO G 180 -20.60 -27.58 30.02
CA PRO G 180 -21.09 -28.93 29.65
C PRO G 180 -21.31 -29.89 30.83
N GLN G 181 -22.00 -30.97 30.54
CA GLN G 181 -22.15 -32.03 31.48
C GLN G 181 -21.29 -33.22 31.10
N GLN G 182 -20.08 -33.25 31.67
CA GLN G 182 -19.15 -34.26 31.20
C GLN G 182 -19.56 -35.72 31.39
N TRP G 183 -20.58 -35.97 32.20
CA TRP G 183 -20.90 -37.35 32.51
C TRP G 183 -22.25 -37.78 31.94
N VAL G 184 -22.80 -37.02 31.01
CA VAL G 184 -24.07 -37.42 30.42
C VAL G 184 -23.75 -37.68 28.96
N LEU G 185 -23.78 -38.93 28.54
CA LEU G 185 -23.64 -39.20 27.13
C LEU G 185 -24.71 -38.50 26.30
N PRO G 186 -24.37 -38.06 25.08
CA PRO G 186 -25.37 -37.53 24.15
C PRO G 186 -26.24 -38.67 23.57
N ASP G 187 -27.35 -38.31 22.91
CA ASP G 187 -28.14 -39.37 22.25
C ASP G 187 -27.63 -39.44 20.82
N TYR G 188 -26.74 -40.39 20.56
CA TYR G 188 -26.07 -40.49 19.29
C TYR G 188 -27.04 -40.74 18.15
N SER G 189 -28.20 -41.33 18.38
CA SER G 189 -29.17 -41.36 17.31
C SER G 189 -30.28 -40.34 17.52
N GLY G 190 -30.12 -39.50 18.52
CA GLY G 190 -31.09 -38.48 18.82
C GLY G 190 -32.46 -39.02 19.13
N ARG G 191 -33.48 -38.31 18.71
CA ARG G 191 -34.78 -38.85 18.91
C ARG G 191 -34.72 -40.00 17.96
N ASP G 192 -35.51 -41.03 18.19
CA ASP G 192 -35.55 -42.14 17.26
C ASP G 192 -34.78 -43.37 17.62
N SER G 193 -33.81 -43.30 18.51
CA SER G 193 -33.20 -44.54 18.93
C SER G 193 -32.44 -44.39 20.20
N HIS G 194 -32.21 -45.50 20.87
CA HIS G 194 -31.41 -45.45 22.09
C HIS G 194 -29.98 -45.76 21.72
N ASN G 195 -29.04 -45.42 22.57
CA ASN G 195 -27.63 -45.65 22.28
C ASN G 195 -27.32 -47.10 22.26
N VAL G 196 -26.40 -47.53 21.41
CA VAL G 196 -26.10 -48.96 21.27
C VAL G 196 -24.58 -49.22 21.39
N HIS G 197 -24.20 -50.48 21.52
CA HIS G 197 -22.78 -50.91 21.60
C HIS G 197 -21.83 -50.08 22.47
N LEU G 198 -22.38 -49.43 23.49
CA LEU G 198 -21.61 -48.63 24.42
C LEU G 198 -20.55 -49.44 25.16
N ALA G 199 -19.39 -48.83 25.35
CA ALA G 199 -18.47 -49.27 26.40
C ALA G 199 -19.16 -49.21 27.82
N PRO G 200 -18.94 -50.23 28.66
CA PRO G 200 -19.56 -50.37 29.99
C PRO G 200 -19.29 -49.20 30.89
N ALA G 201 -20.28 -48.78 31.66
CA ALA G 201 -20.00 -47.89 32.80
C ALA G 201 -19.03 -48.50 33.85
N VAL G 202 -18.36 -47.64 34.61
CA VAL G 202 -17.35 -48.12 35.54
C VAL G 202 -17.65 -47.62 36.95
N ALA G 203 -17.38 -48.45 37.94
CA ALA G 203 -17.40 -47.97 39.32
C ALA G 203 -16.46 -48.77 40.20
N PRO G 204 -16.07 -48.20 41.36
CA PRO G 204 -15.11 -48.91 42.18
C PRO G 204 -15.84 -50.09 42.83
N THR G 205 -15.18 -51.24 42.85
CA THR G 205 -15.84 -52.46 43.25
C THR G 205 -15.12 -52.97 44.50
N PHE G 206 -14.85 -52.04 45.43
CA PHE G 206 -14.04 -52.34 46.60
C PHE G 206 -14.12 -51.26 47.65
N PRO G 207 -14.43 -51.65 48.91
CA PRO G 207 -14.59 -50.74 50.04
C PRO G 207 -13.43 -49.77 50.12
N GLY G 208 -13.75 -48.49 50.35
CA GLY G 208 -12.70 -47.50 50.52
C GLY G 208 -12.17 -46.89 49.24
N GLU G 209 -12.38 -47.54 48.09
CA GLU G 209 -11.83 -47.03 46.81
C GLU G 209 -12.72 -46.03 46.07
N GLN G 210 -12.05 -45.09 45.39
CA GLN G 210 -12.66 -44.20 44.41
C GLN G 210 -11.87 -44.19 43.08
N LEU G 211 -12.58 -43.80 42.03
CA LEU G 211 -12.01 -43.74 40.71
C LEU G 211 -10.91 -42.71 40.67
N LEU G 212 -9.88 -43.03 39.90
CA LEU G 212 -8.85 -42.06 39.59
C LEU G 212 -9.07 -41.48 38.18
N PHE G 213 -9.36 -40.19 38.14
CA PHE G 213 -9.57 -39.49 36.91
C PHE G 213 -8.29 -38.78 36.50
N PHE G 214 -7.99 -38.83 35.19
CA PHE G 214 -6.93 -38.00 34.59
C PHE G 214 -7.57 -36.73 34.04
N ARG G 215 -7.24 -35.60 34.66
CA ARG G 215 -8.03 -34.39 34.50
C ARG G 215 -7.39 -33.30 33.63
N SER G 216 -8.18 -32.68 32.77
CA SER G 216 -7.72 -31.50 32.03
C SER G 216 -8.67 -30.34 32.26
N THR G 217 -8.25 -29.19 31.78
CA THR G 217 -9.12 -28.04 31.72
C THR G 217 -9.34 -27.69 30.25
N MET G 218 -10.61 -27.80 29.82
CA MET G 218 -11.00 -27.41 28.48
C MET G 218 -10.82 -25.91 28.34
N PRO G 219 -10.72 -25.42 27.10
CA PRO G 219 -10.79 -23.97 27.04
C PRO G 219 -12.26 -23.55 26.97
N GLY G 220 -12.56 -22.37 27.53
CA GLY G 220 -13.90 -21.82 27.42
C GLY G 220 -13.87 -20.65 26.46
N CYS G 221 -14.72 -20.72 25.44
CA CYS G 221 -14.87 -19.65 24.48
C CYS G 221 -15.54 -18.41 25.06
N SER G 222 -16.58 -18.67 25.86
CA SER G 222 -17.42 -17.62 26.41
C SER G 222 -18.21 -18.11 27.62
N GLY G 223 -18.88 -17.17 28.29
CA GLY G 223 -19.71 -17.48 29.45
C GLY G 223 -19.00 -18.05 30.65
N TYR G 224 -19.53 -19.14 31.20
CA TYR G 224 -18.99 -19.68 32.46
C TYR G 224 -19.07 -21.22 32.44
N PRO G 225 -18.47 -21.86 31.40
CA PRO G 225 -18.59 -23.29 31.25
C PRO G 225 -17.92 -24.03 32.38
N ASN G 226 -18.39 -25.27 32.60
CA ASN G 226 -17.73 -26.21 33.49
C ASN G 226 -16.55 -26.83 32.76
N MET G 227 -15.37 -26.28 32.99
CA MET G 227 -14.25 -26.63 32.12
C MET G 227 -13.52 -27.92 32.44
N ASN G 228 -13.78 -28.53 33.62
CA ASN G 228 -13.27 -29.88 33.95
C ASN G 228 -13.63 -30.96 32.93
N LEU G 229 -12.61 -31.70 32.49
CA LEU G 229 -12.81 -32.90 31.66
C LEU G 229 -11.96 -34.05 32.18
N ASP G 230 -12.65 -35.08 32.66
CA ASP G 230 -12.00 -36.23 33.29
C ASP G 230 -12.05 -37.46 32.38
N CYS G 231 -10.89 -38.11 32.19
CA CYS G 231 -10.83 -39.33 31.41
C CYS G 231 -10.23 -40.50 32.18
N LEU G 232 -10.67 -41.71 31.82
CA LEU G 232 -10.30 -42.90 32.55
C LEU G 232 -8.89 -43.36 32.25
N LEU G 233 -8.39 -43.03 31.05
CA LEU G 233 -7.06 -43.41 30.60
C LEU G 233 -6.53 -42.26 29.77
N PRO G 234 -5.22 -41.96 29.90
CA PRO G 234 -4.58 -41.04 28.96
C PRO G 234 -4.51 -41.64 27.57
N GLN G 235 -4.69 -40.80 26.56
CA GLN G 235 -4.65 -41.30 25.18
C GLN G 235 -3.34 -42.08 24.91
N GLU G 236 -2.23 -41.62 25.46
CA GLU G 236 -0.97 -42.35 25.30
C GLU G 236 -1.07 -43.81 25.82
N TRP G 237 -1.81 -44.06 26.93
CA TRP G 237 -1.97 -45.42 27.42
C TRP G 237 -2.88 -46.23 26.45
N VAL G 238 -3.97 -45.62 26.02
CA VAL G 238 -4.77 -46.28 25.01
C VAL G 238 -3.91 -46.68 23.83
N GLN G 239 -3.04 -45.79 23.39
CA GLN G 239 -2.21 -46.09 22.25
C GLN G 239 -1.20 -47.15 22.62
N HIS G 240 -0.72 -47.08 23.86
CA HIS G 240 0.32 -47.99 24.33
C HIS G 240 -0.22 -49.40 24.43
N PHE G 241 -1.39 -49.55 25.04
CA PHE G 241 -2.04 -50.86 25.11
C PHE G 241 -2.34 -51.41 23.72
N TYR G 242 -2.84 -50.60 22.81
CA TYR G 242 -3.19 -51.17 21.54
C TYR G 242 -1.96 -51.80 20.83
N GLN G 243 -0.82 -51.12 20.87
CA GLN G 243 0.39 -51.63 20.24
C GLN G 243 0.76 -52.89 20.93
N GLU G 244 1.18 -52.76 22.20
CA GLU G 244 1.72 -53.89 22.99
C GLU G 244 0.85 -55.16 23.06
N SER G 245 -0.47 -55.03 23.18
CA SER G 245 -1.34 -56.21 23.31
C SER G 245 -0.89 -57.21 24.41
N ALA G 246 -0.50 -56.71 25.58
CA ALA G 246 -0.06 -57.63 26.62
C ALA G 246 -1.21 -58.40 27.36
N PRO G 247 -1.18 -59.75 27.31
CA PRO G 247 -2.26 -60.47 27.93
C PRO G 247 -2.33 -60.17 29.41
N ALA G 248 -3.53 -60.19 29.95
CA ALA G 248 -3.73 -59.84 31.35
C ALA G 248 -3.51 -61.10 32.13
N GLN G 249 -2.63 -61.04 33.13
CA GLN G 249 -2.29 -62.22 33.90
C GLN G 249 -3.34 -62.44 34.97
N SER G 250 -3.82 -61.34 35.51
CA SER G 250 -4.94 -61.38 36.39
C SER G 250 -5.91 -60.26 35.98
N ASP G 251 -6.82 -59.92 36.88
CA ASP G 251 -7.89 -58.95 36.67
C ASP G 251 -7.41 -57.56 36.93
N VAL G 252 -6.35 -57.43 37.70
CA VAL G 252 -5.94 -56.12 38.15
C VAL G 252 -4.43 -56.00 38.09
N ALA G 253 -3.97 -54.92 37.49
CA ALA G 253 -2.58 -54.64 37.43
C ALA G 253 -2.28 -53.54 38.43
N LEU G 254 -1.40 -53.84 39.40
CA LEU G 254 -0.99 -52.89 40.42
C LEU G 254 0.09 -51.90 40.02
N LEU G 255 -0.26 -50.61 39.88
CA LEU G 255 0.71 -49.55 39.53
C LEU G 255 1.17 -48.81 40.78
N ARG G 256 2.45 -48.42 40.76
CA ARG G 256 3.05 -47.55 41.78
C ARG G 256 3.42 -46.26 41.08
N PHE G 257 3.07 -45.14 41.69
CA PHE G 257 3.38 -43.88 41.08
C PHE G 257 4.60 -43.34 41.77
N VAL G 258 5.70 -43.25 41.02
CA VAL G 258 7.06 -43.19 41.55
C VAL G 258 7.70 -41.89 41.13
N ASN G 259 8.33 -41.21 42.11
CA ASN G 259 9.27 -40.12 41.87
C ASN G 259 10.66 -40.70 41.55
N PRO G 260 11.16 -40.51 40.36
CA PRO G 260 12.48 -41.00 39.98
C PRO G 260 13.63 -40.38 40.73
N ASP G 261 13.54 -39.11 41.08
CA ASP G 261 14.67 -38.56 41.77
C ASP G 261 14.90 -39.20 43.10
N THR G 262 13.90 -39.16 43.96
CA THR G 262 14.03 -39.79 45.24
C THR G 262 14.19 -41.28 45.12
N GLY G 263 13.49 -41.86 44.17
CA GLY G 263 13.28 -43.30 44.09
C GLY G 263 11.94 -43.68 44.71
N ARG G 264 11.38 -42.76 45.51
CA ARG G 264 10.23 -43.10 46.37
C ARG G 264 8.92 -43.33 45.64
N VAL G 265 8.00 -44.01 46.33
CA VAL G 265 6.69 -44.38 45.81
C VAL G 265 5.68 -43.46 46.49
N LEU G 266 5.11 -42.54 45.73
CA LEU G 266 4.11 -41.66 46.31
C LEU G 266 2.81 -42.38 46.73
N PHE G 267 2.20 -43.10 45.79
CA PHE G 267 1.02 -43.92 46.07
C PHE G 267 0.94 -45.12 45.10
N GLU G 268 0.07 -46.06 45.44
CA GLU G 268 -0.24 -47.14 44.52
C GLU G 268 -1.72 -47.08 44.13
N CYS G 269 -2.09 -47.82 43.08
CA CYS G 269 -3.45 -47.81 42.55
C CYS G 269 -3.69 -49.07 41.75
N LYS G 270 -4.93 -49.37 41.42
CA LYS G 270 -5.28 -50.53 40.61
C LYS G 270 -5.68 -50.09 39.20
N LEU G 271 -5.07 -50.70 38.20
CA LEU G 271 -5.53 -50.54 36.87
C LEU G 271 -6.28 -51.81 36.49
N HIS G 272 -7.59 -51.73 36.34
CA HIS G 272 -8.37 -52.93 35.96
C HIS G 272 -8.16 -53.36 34.51
N LYS G 273 -8.11 -54.66 34.26
CA LYS G 273 -7.90 -55.13 32.90
C LYS G 273 -8.92 -54.55 31.93
N SER G 274 -10.09 -54.18 32.41
CA SER G 274 -11.04 -53.62 31.49
C SER G 274 -10.81 -52.10 31.26
N GLY G 275 -9.92 -51.51 32.04
CA GLY G 275 -9.34 -50.26 31.59
C GLY G 275 -9.39 -48.98 32.38
N TYR G 276 -9.79 -48.93 33.56
CA TYR G 276 -9.67 -47.75 34.42
C TYR G 276 -8.97 -47.88 35.76
N VAL G 277 -8.95 -46.79 36.54
CA VAL G 277 -8.07 -46.80 37.72
C VAL G 277 -8.77 -46.46 39.02
N THR G 278 -8.48 -47.22 40.07
CA THR G 278 -8.92 -46.80 41.42
C THR G 278 -7.79 -46.59 42.38
N VAL G 279 -8.08 -45.78 43.40
CA VAL G 279 -7.16 -45.53 44.49
C VAL G 279 -7.98 -45.63 45.74
N ALA G 280 -7.31 -46.00 46.83
CA ALA G 280 -7.92 -46.11 48.15
C ALA G 280 -7.97 -44.71 48.78
N HIS G 281 -9.13 -44.06 48.67
CA HIS G 281 -9.31 -42.75 49.26
C HIS G 281 -10.80 -42.38 49.41
N THR G 282 -11.12 -41.52 50.37
CA THR G 282 -12.49 -41.08 50.51
C THR G 282 -12.60 -39.56 50.48
N GLY G 283 -13.27 -39.01 49.47
CA GLY G 283 -13.41 -37.56 49.33
C GLY G 283 -12.86 -36.95 48.05
N GLN G 284 -12.94 -35.64 47.95
CA GLN G 284 -12.58 -34.97 46.72
C GLN G 284 -11.19 -34.39 46.82
N HIS G 285 -10.30 -34.91 45.97
CA HIS G 285 -8.90 -34.59 46.06
C HIS G 285 -8.12 -34.37 44.74
N ASP G 286 -7.69 -33.13 44.56
CA ASP G 286 -6.63 -32.84 43.62
C ASP G 286 -5.32 -33.33 44.21
N LEU G 287 -4.76 -34.35 43.57
CA LEU G 287 -3.48 -34.96 43.96
C LEU G 287 -2.29 -34.01 43.79
N VAL G 288 -1.38 -34.02 44.77
CA VAL G 288 -0.13 -33.25 44.68
C VAL G 288 0.99 -34.22 44.33
N ILE G 289 1.42 -34.13 43.07
CA ILE G 289 2.42 -35.04 42.51
C ILE G 289 3.60 -34.21 42.16
N PRO G 290 4.84 -34.76 42.29
CA PRO G 290 6.07 -34.12 41.79
C PRO G 290 6.14 -34.10 40.23
N PRO G 291 6.63 -32.99 39.65
CA PRO G 291 6.32 -32.66 38.26
C PRO G 291 6.90 -33.70 37.31
N ASN G 292 7.78 -34.57 37.82
CA ASN G 292 8.35 -35.59 36.96
C ASN G 292 8.14 -37.04 37.38
N GLY G 293 7.13 -37.26 38.21
CA GLY G 293 6.68 -38.62 38.53
C GLY G 293 5.81 -39.28 37.47
N TYR G 294 5.71 -40.59 37.58
CA TYR G 294 5.07 -41.40 36.54
C TYR G 294 4.65 -42.73 37.12
N PHE G 295 3.79 -43.45 36.39
CA PHE G 295 3.31 -44.74 36.82
C PHE G 295 4.17 -45.86 36.35
N ARG G 296 4.49 -46.75 37.27
CA ARG G 296 5.20 -47.99 36.97
C ARG G 296 4.34 -49.20 37.30
N PHE G 297 4.20 -50.10 36.34
CA PHE G 297 3.56 -51.41 36.61
C PHE G 297 4.47 -52.25 37.49
N ASP G 298 3.85 -52.91 38.50
CA ASP G 298 4.62 -53.66 39.50
C ASP G 298 4.33 -55.16 39.65
N SER G 299 3.05 -55.57 39.55
CA SER G 299 2.67 -57.00 39.50
C SER G 299 1.15 -57.17 39.30
N TRP G 300 0.76 -58.35 38.78
CA TRP G 300 -0.63 -58.68 38.64
C TRP G 300 -1.11 -59.14 40.00
N VAL G 301 -2.21 -58.55 40.43
CA VAL G 301 -2.84 -58.89 41.69
C VAL G 301 -4.28 -59.28 41.36
N ASN G 302 -4.97 -59.93 42.29
CA ASN G 302 -6.39 -60.20 42.07
C ASN G 302 -7.22 -59.02 42.52
N GLN G 303 -8.52 -59.17 42.34
CA GLN G 303 -9.46 -58.09 42.55
C GLN G 303 -9.69 -57.80 44.06
N PHE G 304 -9.14 -58.67 44.93
CA PHE G 304 -9.28 -58.58 46.38
C PHE G 304 -8.11 -57.92 47.06
N TYR G 305 -7.14 -57.47 46.28
CA TYR G 305 -5.94 -56.86 46.86
C TYR G 305 -6.32 -55.54 47.59
N THR G 306 -5.67 -55.25 48.71
CA THR G 306 -5.98 -53.99 49.44
C THR G 306 -4.88 -52.97 49.31
N LEU G 307 -5.24 -51.81 48.78
CA LEU G 307 -4.33 -50.67 48.57
C LEU G 307 -3.95 -49.86 49.84
N ALA G 308 -2.68 -49.46 49.95
CA ALA G 308 -2.25 -48.50 50.99
C ALA G 308 -3.01 -47.20 50.75
N PRO G 309 -3.53 -46.55 51.81
CA PRO G 309 -4.33 -45.34 51.53
C PRO G 309 -3.47 -44.32 50.83
N MET G 310 -4.00 -43.65 49.83
CA MET G 310 -3.26 -42.59 49.15
C MET G 310 -3.35 -41.32 50.02
N GLY G 311 -2.20 -40.82 50.51
CA GLY G 311 -2.17 -39.68 51.47
C GLY G 311 -2.70 -38.33 50.91
N GLU H 1 -0.28 51.32 -32.96
CA GLU H 1 -1.41 50.89 -32.06
C GLU H 1 -1.38 49.42 -31.48
N SER H 2 -1.92 49.21 -30.27
CA SER H 2 -1.61 47.99 -29.57
C SER H 2 -2.63 46.85 -29.78
N ARG H 3 -2.21 45.59 -29.53
CA ARG H 3 -2.99 44.39 -29.87
C ARG H 3 -3.68 43.87 -28.65
N THR H 4 -4.60 44.68 -28.14
CA THR H 4 -5.42 44.39 -26.98
C THR H 4 -6.89 44.19 -27.33
N LYS H 5 -7.71 43.92 -26.32
CA LYS H 5 -9.12 43.74 -26.56
C LYS H 5 -9.76 45.07 -26.92
N PRO H 6 -10.77 45.09 -27.82
CA PRO H 6 -11.48 46.35 -28.17
C PRO H 6 -12.12 47.03 -26.99
N PHE H 7 -12.19 48.35 -27.03
CA PHE H 7 -12.94 49.08 -26.04
C PHE H 7 -14.38 49.18 -26.51
N THR H 8 -15.33 49.00 -25.60
CA THR H 8 -16.72 49.18 -25.96
C THR H 8 -17.48 49.92 -24.87
N VAL H 9 -18.57 50.59 -25.25
CA VAL H 9 -19.49 51.14 -24.27
C VAL H 9 -20.74 50.29 -24.25
N PRO H 10 -21.40 50.23 -23.07
CA PRO H 10 -22.57 49.44 -23.01
C PRO H 10 -23.60 49.91 -24.05
N ILE H 11 -24.35 48.96 -24.62
CA ILE H 11 -25.54 49.26 -25.42
C ILE H 11 -26.70 49.38 -24.43
N LEU H 12 -27.26 50.56 -24.26
CA LEU H 12 -28.33 50.76 -23.30
C LEU H 12 -28.76 52.11 -23.65
N THR H 13 -30.03 52.39 -23.44
CA THR H 13 -30.59 53.68 -23.78
C THR H 13 -30.53 54.37 -22.44
N VAL H 14 -30.67 55.68 -22.42
CA VAL H 14 -30.42 56.35 -21.14
C VAL H 14 -31.45 55.98 -20.07
N GLU H 15 -32.66 55.70 -20.54
CA GLU H 15 -33.78 55.41 -19.63
C GLU H 15 -33.62 54.03 -19.01
N GLU H 16 -32.93 53.15 -19.73
CA GLU H 16 -32.53 51.87 -19.20
C GLU H 16 -31.45 51.98 -18.15
N MET H 17 -30.71 53.08 -18.08
CA MET H 17 -29.57 53.17 -17.14
C MET H 17 -29.85 53.89 -15.82
N THR H 18 -28.97 53.67 -14.86
CA THR H 18 -29.14 54.17 -13.51
C THR H 18 -28.23 55.38 -13.33
N ASN H 19 -28.52 56.22 -12.35
CA ASN H 19 -27.67 57.35 -12.00
C ASN H 19 -26.59 56.81 -11.12
N SER H 20 -25.38 57.35 -11.24
CA SER H 20 -24.30 56.78 -10.47
C SER H 20 -23.97 57.50 -9.17
N ARG H 21 -24.76 58.54 -8.85
CA ARG H 21 -24.54 59.34 -7.64
C ARG H 21 -25.66 59.18 -6.63
N PHE H 22 -26.68 58.45 -7.04
CA PHE H 22 -27.88 58.20 -6.26
C PHE H 22 -28.66 57.06 -6.89
N PRO H 23 -29.26 56.20 -6.05
CA PRO H 23 -29.73 54.94 -6.64
C PRO H 23 -31.08 55.08 -7.33
N ILE H 24 -31.15 55.83 -8.45
CA ILE H 24 -32.40 56.04 -9.20
C ILE H 24 -32.15 56.07 -10.72
N PRO H 25 -33.19 55.91 -11.56
CA PRO H 25 -32.84 55.76 -12.97
C PRO H 25 -32.47 57.09 -13.62
N LEU H 26 -31.71 57.09 -14.72
CA LEU H 26 -31.48 58.35 -15.47
C LEU H 26 -32.71 58.74 -16.23
N GLU H 27 -32.93 60.04 -16.36
CA GLU H 27 -34.08 60.51 -17.11
C GLU H 27 -33.67 61.17 -18.42
N LYS H 28 -32.58 61.93 -18.38
CA LYS H 28 -32.19 62.73 -19.53
C LYS H 28 -30.70 63.10 -19.57
N LEU H 29 -30.27 63.54 -20.77
CA LEU H 29 -28.95 64.13 -21.02
C LEU H 29 -29.08 65.64 -20.97
N PHE H 30 -28.11 66.27 -20.32
CA PHE H 30 -28.10 67.70 -20.06
C PHE H 30 -26.69 68.25 -20.33
N THR H 31 -26.58 69.42 -20.96
CA THR H 31 -25.28 70.04 -21.04
C THR H 31 -25.32 71.48 -20.45
N GLY H 32 -24.17 72.07 -20.16
CA GLY H 32 -24.18 73.34 -19.49
C GLY H 32 -22.79 73.90 -19.29
N PRO H 33 -22.69 75.23 -19.17
CA PRO H 33 -21.36 75.72 -18.85
C PRO H 33 -21.00 75.42 -17.36
N SER H 34 -19.72 75.37 -17.04
CA SER H 34 -19.38 74.86 -15.73
C SER H 34 -18.16 75.52 -15.10
N SER H 35 -17.66 76.60 -15.70
CA SER H 35 -16.54 77.30 -15.09
C SER H 35 -16.91 77.91 -13.75
N ALA H 36 -18.18 78.25 -13.60
CA ALA H 36 -18.67 78.87 -12.37
C ALA H 36 -18.77 77.97 -11.12
N PHE H 37 -18.57 76.67 -11.28
CA PHE H 37 -18.58 75.72 -10.14
C PHE H 37 -17.56 74.57 -10.32
N VAL H 38 -17.25 73.90 -9.22
CA VAL H 38 -16.28 72.82 -9.23
C VAL H 38 -17.03 71.52 -9.43
N VAL H 39 -16.75 70.84 -10.54
CA VAL H 39 -17.45 69.61 -10.87
C VAL H 39 -16.50 68.53 -10.43
N GLN H 40 -16.74 68.01 -9.23
CA GLN H 40 -15.82 67.05 -8.65
C GLN H 40 -16.51 65.90 -7.88
N PRO H 41 -17.45 65.24 -8.56
CA PRO H 41 -18.15 64.21 -7.85
C PRO H 41 -17.18 63.06 -7.58
N GLN H 42 -17.49 62.30 -6.52
CA GLN H 42 -16.70 61.16 -6.09
C GLN H 42 -17.36 59.80 -6.41
N ASN H 43 -18.64 59.79 -6.74
CA ASN H 43 -19.30 58.58 -7.17
C ASN H 43 -19.53 58.62 -8.68
N GLY H 44 -19.74 57.46 -9.31
CA GLY H 44 -19.70 57.40 -10.76
C GLY H 44 -18.35 57.84 -11.34
N ARG H 45 -17.25 57.52 -10.67
CA ARG H 45 -16.00 57.89 -11.23
C ARG H 45 -15.22 56.63 -11.51
N CYS H 46 -15.03 56.39 -12.81
CA CYS H 46 -14.23 55.26 -13.28
C CYS H 46 -13.48 55.59 -14.56
N THR H 47 -12.23 55.17 -14.73
CA THR H 47 -11.56 55.46 -16.02
C THR H 47 -12.05 54.47 -17.08
N THR H 48 -11.80 54.78 -18.35
CA THR H 48 -12.32 53.91 -19.38
C THR H 48 -11.60 52.59 -19.37
N ASP H 49 -10.33 52.57 -18.93
CA ASP H 49 -9.68 51.29 -18.77
C ASP H 49 -9.89 50.70 -17.40
N GLY H 50 -10.82 51.29 -16.68
CA GLY H 50 -11.48 50.55 -15.64
C GLY H 50 -10.93 50.63 -14.24
N ALA H 51 -10.37 51.78 -13.86
CA ALA H 51 -9.97 52.10 -12.50
C ALA H 51 -11.09 52.84 -11.76
N LEU H 52 -11.69 52.24 -10.75
CA LEU H 52 -12.61 53.02 -9.93
C LEU H 52 -11.86 54.13 -9.22
N LEU H 53 -12.48 55.31 -9.09
CA LEU H 53 -11.81 56.41 -8.44
C LEU H 53 -12.75 56.97 -7.40
N GLY H 54 -12.23 57.91 -6.60
CA GLY H 54 -13.01 58.54 -5.56
C GLY H 54 -13.46 57.48 -4.61
N THR H 55 -14.78 57.45 -4.37
CA THR H 55 -15.44 56.49 -3.50
C THR H 55 -16.37 55.62 -4.32
N THR H 56 -16.23 55.65 -5.63
CA THR H 56 -17.13 54.94 -6.52
C THR H 56 -17.06 53.44 -6.31
N GLN H 57 -18.19 52.75 -6.29
CA GLN H 57 -18.13 51.28 -6.23
C GLN H 57 -19.09 50.71 -7.25
N LEU H 58 -19.24 49.38 -7.31
CA LEU H 58 -20.00 48.73 -8.40
C LEU H 58 -21.51 48.54 -8.22
N SER H 59 -21.99 48.57 -7.00
CA SER H 59 -23.33 48.13 -6.74
C SER H 59 -24.33 49.25 -6.82
N PRO H 60 -25.32 49.14 -7.71
CA PRO H 60 -26.20 50.30 -7.78
C PRO H 60 -27.02 50.49 -6.52
N VAL H 61 -27.31 49.47 -5.72
CA VAL H 61 -28.10 49.76 -4.51
C VAL H 61 -27.24 50.41 -3.44
N ASP H 62 -25.93 50.29 -3.54
CA ASP H 62 -25.08 50.80 -2.46
C ASP H 62 -24.63 52.25 -2.54
N ILE H 63 -25.21 53.05 -3.43
CA ILE H 63 -24.86 54.44 -3.53
C ILE H 63 -25.58 55.23 -2.46
N CYS H 64 -24.93 56.26 -1.96
CA CYS H 64 -25.39 56.95 -0.75
C CYS H 64 -25.97 56.08 0.34
N THR H 65 -25.32 54.95 0.63
CA THR H 65 -25.78 54.07 1.72
C THR H 65 -24.77 54.02 2.88
N PHE H 66 -25.22 53.56 4.05
CA PHE H 66 -24.28 53.26 5.13
C PHE H 66 -24.62 51.95 5.86
N ARG H 67 -23.61 51.32 6.43
CA ARG H 67 -23.82 50.16 7.24
C ARG H 67 -22.96 50.29 8.44
N GLY H 68 -23.39 49.64 9.52
CA GLY H 68 -22.58 49.42 10.69
C GLY H 68 -23.43 49.15 11.90
N ASP H 69 -22.79 49.10 13.08
CA ASP H 69 -23.51 49.04 14.34
C ASP H 69 -23.88 50.47 14.80
N VAL H 70 -25.02 50.64 15.46
CA VAL H 70 -25.50 51.96 15.91
C VAL H 70 -25.58 52.17 17.44
N THR H 71 -25.58 53.43 17.88
CA THR H 71 -25.73 53.77 19.30
C THR H 71 -26.64 54.97 19.52
N HIS H 72 -27.58 54.84 20.47
CA HIS H 72 -28.47 55.96 20.82
C HIS H 72 -27.67 57.04 21.51
N ILE H 73 -27.88 58.29 21.11
CA ILE H 73 -27.32 59.45 21.83
C ILE H 73 -28.34 59.94 22.86
N ALA H 74 -27.92 59.99 24.12
CA ALA H 74 -28.84 60.20 25.25
C ALA H 74 -29.71 61.46 25.14
N GLY H 75 -31.01 61.30 25.42
CA GLY H 75 -31.97 62.42 25.46
C GLY H 75 -32.35 63.05 24.12
N THR H 76 -31.83 62.50 23.02
CA THR H 76 -32.19 62.95 21.67
C THR H 76 -32.90 61.86 20.90
N GLN H 77 -33.47 62.24 19.76
CA GLN H 77 -33.97 61.27 18.79
C GLN H 77 -32.93 61.04 17.71
N ASN H 78 -31.68 60.88 18.15
CA ASN H 78 -30.54 60.78 17.26
C ASN H 78 -29.65 59.61 17.63
N TYR H 79 -28.99 59.03 16.62
CA TYR H 79 -28.13 57.84 16.75
C TYR H 79 -26.78 58.00 15.99
N THR H 80 -25.69 57.44 16.52
CA THR H 80 -24.39 57.39 15.88
C THR H 80 -24.13 56.01 15.28
N MET H 81 -23.73 56.01 14.03
CA MET H 81 -23.42 54.75 13.38
C MET H 81 -21.92 54.59 13.16
N ASN H 82 -21.28 53.62 13.83
CA ASN H 82 -19.90 53.19 13.50
C ASN H 82 -19.95 52.38 12.22
N LEU H 83 -19.16 52.76 11.22
CA LEU H 83 -19.40 52.28 9.88
C LEU H 83 -18.61 51.06 9.55
N ALA H 84 -19.15 50.30 8.63
CA ALA H 84 -18.45 49.15 8.13
C ALA H 84 -18.49 49.19 6.63
N SER H 85 -17.56 48.44 6.07
CA SER H 85 -17.38 48.33 4.65
C SER H 85 -18.42 47.41 4.05
N GLN H 86 -18.33 47.19 2.75
CA GLN H 86 -19.37 46.43 2.06
C GLN H 86 -19.42 44.94 2.47
N ASN H 87 -18.28 44.39 2.84
CA ASN H 87 -18.23 43.05 3.40
C ASN H 87 -18.56 42.94 4.93
N TRP H 88 -18.96 44.06 5.55
CA TRP H 88 -19.30 44.14 6.99
C TRP H 88 -18.09 44.02 7.90
N ASN H 89 -16.90 44.12 7.31
CA ASN H 89 -15.68 44.26 8.08
C ASN H 89 -15.71 45.70 8.58
N ASN H 90 -15.16 45.98 9.76
CA ASN H 90 -15.13 47.34 10.22
C ASN H 90 -14.35 48.16 9.24
N TYR H 91 -14.76 49.41 9.07
CA TYR H 91 -14.11 50.29 8.14
C TYR H 91 -12.77 50.77 8.62
N ASP H 92 -11.86 50.86 7.67
CA ASP H 92 -10.46 51.22 7.85
C ASP H 92 -10.18 52.65 7.35
N PRO H 93 -10.05 53.61 8.28
CA PRO H 93 -9.80 54.98 7.88
C PRO H 93 -8.53 55.14 7.07
N THR H 94 -7.66 54.15 7.09
CA THR H 94 -6.34 54.36 6.54
C THR H 94 -6.18 53.89 5.10
N GLU H 95 -7.20 53.26 4.56
CA GLU H 95 -7.19 52.86 3.16
C GLU H 95 -7.30 54.10 2.29
N GLU H 96 -6.63 54.13 1.14
CA GLU H 96 -6.51 55.40 0.42
C GLU H 96 -7.72 55.72 -0.45
N ILE H 97 -8.82 56.02 0.21
CA ILE H 97 -10.03 56.51 -0.41
C ILE H 97 -10.62 57.59 0.45
N PRO H 98 -11.49 58.43 -0.12
CA PRO H 98 -11.89 59.62 0.58
C PRO H 98 -12.80 59.34 1.76
N ALA H 99 -13.46 58.18 1.70
CA ALA H 99 -14.52 57.78 2.63
C ALA H 99 -14.97 56.34 2.30
N PRO H 100 -15.74 55.70 3.20
CA PRO H 100 -16.18 54.35 2.84
C PRO H 100 -16.84 54.38 1.46
N LEU H 101 -16.59 53.36 0.64
CA LEU H 101 -17.05 53.40 -0.74
C LEU H 101 -18.53 53.58 -0.73
N GLY H 102 -19.03 54.51 -1.54
CA GLY H 102 -20.44 54.80 -1.65
C GLY H 102 -21.05 55.87 -0.75
N THR H 103 -20.22 56.55 0.03
CA THR H 103 -20.72 57.66 0.87
C THR H 103 -21.17 58.80 -0.04
N PRO H 104 -22.21 59.53 0.33
CA PRO H 104 -22.73 60.57 -0.57
C PRO H 104 -21.68 61.67 -0.83
N ASP H 105 -21.77 62.35 -1.98
CA ASP H 105 -20.76 63.27 -2.40
C ASP H 105 -21.32 64.64 -2.67
N PHE H 106 -22.30 64.99 -1.87
CA PHE H 106 -22.81 66.32 -1.94
C PHE H 106 -23.34 66.72 -0.58
N VAL H 107 -23.54 68.01 -0.42
CA VAL H 107 -23.99 68.55 0.84
C VAL H 107 -25.50 68.61 0.79
N GLY H 108 -26.14 67.96 1.75
CA GLY H 108 -27.58 67.80 1.70
C GLY H 108 -28.11 67.13 2.95
N LYS H 109 -29.39 67.34 3.25
CA LYS H 109 -30.01 66.59 4.30
C LYS H 109 -30.68 65.51 3.49
N ILE H 110 -30.21 64.26 3.63
CA ILE H 110 -30.73 63.09 2.89
C ILE H 110 -31.70 62.25 3.76
N GLN H 111 -32.81 61.84 3.16
CA GLN H 111 -33.85 61.12 3.88
C GLN H 111 -33.97 59.67 3.40
N GLY H 112 -33.94 58.76 4.35
CA GLY H 112 -34.02 57.40 3.98
C GLY H 112 -34.62 56.56 5.08
N VAL H 113 -34.33 55.27 5.01
CA VAL H 113 -34.78 54.35 6.01
C VAL H 113 -33.56 53.67 6.60
N LEU H 114 -33.59 53.54 7.91
CA LEU H 114 -32.57 52.82 8.62
C LEU H 114 -33.23 51.48 8.91
N THR H 115 -32.62 50.37 8.51
CA THR H 115 -33.22 49.07 8.74
C THR H 115 -32.29 48.20 9.55
N GLN H 116 -32.86 47.45 10.47
CA GLN H 116 -32.06 46.49 11.24
C GLN H 116 -32.28 45.04 10.81
N THR H 117 -33.52 44.61 10.78
CA THR H 117 -33.70 43.22 11.10
C THR H 117 -35.16 42.86 10.88
N THR H 118 -35.42 41.70 10.29
CA THR H 118 -36.77 41.34 9.86
C THR H 118 -37.75 41.17 11.04
N ARG H 119 -38.88 41.85 10.93
CA ARG H 119 -39.99 41.83 11.86
C ARG H 119 -40.69 40.50 11.84
N ARG H 120 -41.20 40.03 12.95
CA ARG H 120 -41.74 38.70 12.87
C ARG H 120 -42.84 38.60 11.85
N ASP H 121 -43.26 39.77 11.29
CA ASP H 121 -44.38 39.81 10.33
C ASP H 121 -43.87 39.85 8.88
N GLY H 122 -42.63 39.42 8.71
CA GLY H 122 -42.10 39.26 7.38
C GLY H 122 -41.44 40.49 6.83
N SER H 123 -41.92 41.65 7.24
CA SER H 123 -41.41 42.92 6.75
C SER H 123 -40.22 43.39 7.58
N THR H 124 -39.25 44.02 6.96
CA THR H 124 -38.17 44.69 7.68
C THR H 124 -38.63 45.95 8.40
N ARG H 125 -39.43 46.75 7.71
CA ARG H 125 -40.11 47.88 8.31
C ARG H 125 -39.26 48.84 9.10
N GLY H 126 -38.16 49.29 8.53
CA GLY H 126 -37.31 50.20 9.24
C GLY H 126 -37.90 51.58 9.36
N HIS H 127 -37.33 52.38 10.25
CA HIS H 127 -37.71 53.77 10.54
C HIS H 127 -37.15 54.90 9.72
N LYS H 128 -38.01 55.85 9.41
CA LYS H 128 -37.63 56.95 8.59
C LYS H 128 -36.50 57.61 9.32
N ALA H 129 -35.49 58.00 8.59
CA ALA H 129 -34.34 58.74 9.15
C ALA H 129 -33.72 59.80 8.24
N THR H 130 -32.76 60.51 8.82
CA THR H 130 -32.10 61.64 8.19
C THR H 130 -30.63 61.66 8.53
N VAL H 131 -29.82 62.07 7.57
CA VAL H 131 -28.39 62.20 7.75
C VAL H 131 -28.06 63.47 7.03
N SER H 132 -27.47 64.40 7.77
CA SER H 132 -27.16 65.70 7.24
C SER H 132 -25.65 65.84 6.90
N THR H 133 -25.30 65.62 5.64
CA THR H 133 -23.89 65.62 5.21
C THR H 133 -23.15 66.93 5.45
N GLY H 134 -23.85 68.05 5.61
CA GLY H 134 -23.17 69.29 5.94
C GLY H 134 -22.78 69.38 7.41
N SER H 135 -23.32 68.51 8.24
CA SER H 135 -23.30 68.68 9.70
C SER H 135 -21.96 68.33 10.30
N VAL H 136 -21.70 68.87 11.48
CA VAL H 136 -20.46 68.63 12.20
C VAL H 136 -20.24 67.15 12.53
N HIS H 137 -21.32 66.38 12.61
CA HIS H 137 -21.24 65.02 13.12
C HIS H 137 -21.09 64.00 11.96
N PHE H 138 -20.99 64.55 10.76
CA PHE H 138 -20.79 63.80 9.55
C PHE H 138 -19.29 63.70 9.31
N THR H 139 -18.72 62.55 9.65
CA THR H 139 -17.26 62.36 9.68
C THR H 139 -16.92 60.97 9.15
N PRO H 140 -17.55 60.57 8.04
CA PRO H 140 -17.41 59.23 7.60
C PRO H 140 -15.98 58.79 7.45
N LYS H 141 -15.07 59.64 6.97
CA LYS H 141 -13.70 59.16 6.85
C LYS H 141 -13.13 58.67 8.19
N LEU H 142 -13.62 59.20 9.31
CA LEU H 142 -13.20 58.76 10.62
C LEU H 142 -14.01 57.55 11.09
N GLY H 143 -14.81 56.97 10.20
CA GLY H 143 -15.59 55.78 10.54
C GLY H 143 -16.94 55.99 11.22
N SER H 144 -17.53 57.17 11.08
CA SER H 144 -18.54 57.61 12.03
C SER H 144 -19.50 58.66 11.47
N VAL H 145 -20.81 58.39 11.57
CA VAL H 145 -21.85 59.25 11.02
C VAL H 145 -23.07 59.34 11.94
N GLN H 146 -23.90 60.37 11.81
CA GLN H 146 -25.04 60.62 12.74
C GLN H 146 -26.43 60.84 12.08
N PHE H 147 -27.41 60.08 12.58
CA PHE H 147 -28.78 60.06 12.03
C PHE H 147 -29.82 60.70 12.90
N SER H 148 -30.75 61.39 12.25
CA SER H 148 -31.88 61.99 12.93
C SER H 148 -33.05 61.09 12.65
N THR H 149 -33.74 60.66 13.72
CA THR H 149 -34.88 59.74 13.62
C THR H 149 -36.14 60.24 14.28
N ASP H 150 -37.11 59.32 14.36
CA ASP H 150 -38.41 59.51 15.00
C ASP H 150 -38.57 58.80 16.35
N THR H 151 -37.88 57.69 16.56
CA THR H 151 -38.04 56.94 17.82
C THR H 151 -36.87 57.19 18.79
N PHE H 155 -34.64 49.96 18.37
CA PHE H 155 -33.28 49.64 17.95
C PHE H 155 -32.46 48.82 18.94
N GLU H 156 -31.34 48.24 18.50
CA GLU H 156 -30.48 47.49 19.42
C GLU H 156 -29.01 47.69 19.08
N THR H 157 -28.16 47.83 20.10
CA THR H 157 -26.71 48.07 19.92
C THR H 157 -25.97 46.81 19.47
N GLY H 158 -24.75 47.00 18.92
CA GLY H 158 -23.94 45.88 18.42
C GLY H 158 -24.61 44.99 17.36
N GLN H 159 -25.59 45.54 16.66
CA GLN H 159 -26.30 44.80 15.62
C GLN H 159 -26.29 45.50 14.28
N ASN H 160 -25.99 44.76 13.23
CA ASN H 160 -25.81 45.35 11.93
C ASN H 160 -27.00 46.16 11.55
N THR H 161 -26.74 47.30 10.95
CA THR H 161 -27.79 48.21 10.63
C THR H 161 -27.50 48.81 9.28
N ARG H 162 -28.52 49.26 8.58
CA ARG H 162 -28.38 49.75 7.23
C ARG H 162 -29.13 51.00 6.97
N PHE H 163 -28.54 51.90 6.22
CA PHE H 163 -29.30 53.10 5.83
C PHE H 163 -29.60 53.06 4.34
N THR H 164 -30.78 53.49 3.93
CA THR H 164 -31.13 53.46 2.51
C THR H 164 -31.68 54.78 2.10
N PRO H 165 -31.07 55.41 1.11
CA PRO H 165 -31.53 56.69 0.66
C PRO H 165 -32.89 56.61 -0.04
N VAL H 166 -33.68 57.67 0.10
CA VAL H 166 -34.96 57.77 -0.58
C VAL H 166 -35.01 59.11 -1.29
N GLY H 167 -34.56 60.19 -0.64
CA GLY H 167 -34.59 61.54 -1.26
C GLY H 167 -33.79 62.59 -0.50
N VAL H 168 -33.97 63.89 -0.84
CA VAL H 168 -33.36 65.00 -0.07
C VAL H 168 -34.32 66.09 0.32
N VAL H 169 -34.03 66.76 1.44
CA VAL H 169 -34.92 67.78 1.99
C VAL H 169 -34.40 69.20 1.72
N GLU H 179 -30.03 74.85 0.27
CA GLU H 179 -29.45 73.56 -0.16
C GLU H 179 -30.51 72.47 -0.50
N PRO H 180 -30.11 71.38 -1.19
CA PRO H 180 -28.78 70.82 -1.44
C PRO H 180 -27.90 71.60 -2.44
N GLN H 181 -26.60 71.32 -2.42
CA GLN H 181 -25.68 71.74 -3.48
C GLN H 181 -25.03 70.49 -4.05
N GLN H 182 -25.49 70.03 -5.21
CA GLN H 182 -24.94 68.77 -5.77
C GLN H 182 -23.45 68.81 -6.07
N TRP H 183 -22.89 70.00 -6.28
CA TRP H 183 -21.50 70.03 -6.57
C TRP H 183 -20.64 70.46 -5.41
N VAL H 184 -21.11 70.41 -4.18
CA VAL H 184 -20.18 70.69 -3.06
C VAL H 184 -19.87 69.41 -2.30
N LEU H 185 -18.62 68.93 -2.42
CA LEU H 185 -18.25 67.81 -1.54
C LEU H 185 -18.50 68.08 -0.02
N PRO H 186 -18.97 67.07 0.72
CA PRO H 186 -18.99 67.05 2.20
C PRO H 186 -17.57 67.23 2.75
N ASP H 187 -17.44 67.45 4.05
CA ASP H 187 -16.14 67.39 4.73
C ASP H 187 -16.07 65.99 5.30
N TYR H 188 -15.37 65.08 4.64
CA TYR H 188 -15.40 63.69 5.07
C TYR H 188 -14.84 63.43 6.47
N SER H 189 -13.85 64.20 6.90
CA SER H 189 -13.30 63.99 8.22
C SER H 189 -13.84 65.05 9.16
N GLY H 190 -14.84 65.76 8.72
CA GLY H 190 -15.41 66.77 9.54
C GLY H 190 -14.79 68.12 9.41
N ARG H 191 -15.11 68.97 10.34
CA ARG H 191 -14.65 70.32 10.33
C ARG H 191 -13.16 70.41 10.45
N ASP H 192 -12.61 71.38 9.76
CA ASP H 192 -11.20 71.59 9.78
C ASP H 192 -10.40 70.44 9.26
N SER H 193 -10.81 69.87 8.17
CA SER H 193 -10.07 68.76 7.64
C SER H 193 -9.95 68.77 6.17
N HIS H 194 -8.93 68.11 5.67
CA HIS H 194 -8.78 68.00 4.25
C HIS H 194 -9.39 66.75 3.69
N ASN H 195 -10.12 66.90 2.60
CA ASN H 195 -10.51 65.72 1.87
C ASN H 195 -9.25 65.10 1.22
N VAL H 196 -9.17 63.77 1.19
CA VAL H 196 -8.00 63.08 0.67
C VAL H 196 -8.37 62.08 -0.41
N HIS H 197 -7.43 61.82 -1.32
CA HIS H 197 -7.59 60.82 -2.37
C HIS H 197 -8.76 60.99 -3.28
N LEU H 198 -9.21 62.24 -3.43
CA LEU H 198 -10.35 62.60 -4.29
C LEU H 198 -10.16 62.23 -5.76
N ALA H 199 -11.28 61.98 -6.45
CA ALA H 199 -11.24 61.95 -7.92
C ALA H 199 -10.97 63.36 -8.42
N PRO H 200 -10.27 63.50 -9.53
CA PRO H 200 -9.97 64.86 -9.99
C PRO H 200 -11.26 65.64 -10.27
N ALA H 201 -11.25 66.94 -10.09
CA ALA H 201 -12.26 67.75 -10.73
C ALA H 201 -12.09 67.76 -12.27
N VAL H 202 -13.18 68.00 -12.97
CA VAL H 202 -13.14 67.91 -14.43
C VAL H 202 -13.69 69.15 -15.07
N ALA H 203 -13.18 69.46 -16.25
CA ALA H 203 -13.67 70.57 -17.04
C ALA H 203 -13.45 70.25 -18.54
N PRO H 204 -14.22 70.87 -19.46
CA PRO H 204 -13.87 70.77 -20.89
C PRO H 204 -12.57 71.49 -21.14
N THR H 205 -11.88 71.13 -22.21
CA THR H 205 -10.54 71.65 -22.42
C THR H 205 -10.43 71.86 -23.90
N PHE H 206 -11.49 72.43 -24.45
CA PHE H 206 -11.61 72.62 -25.86
C PHE H 206 -12.54 73.76 -26.07
N PRO H 207 -12.34 74.56 -27.14
CA PRO H 207 -13.16 75.71 -27.46
C PRO H 207 -14.56 75.29 -27.81
N GLY H 208 -15.53 75.95 -27.17
CA GLY H 208 -16.94 75.67 -27.37
C GLY H 208 -17.40 74.27 -27.00
N GLU H 209 -16.70 73.62 -26.08
CA GLU H 209 -17.16 72.33 -25.60
C GLU H 209 -17.66 72.48 -24.19
N GLN H 210 -18.61 71.64 -23.82
CA GLN H 210 -19.10 71.63 -22.47
C GLN H 210 -19.17 70.16 -22.09
N LEU H 211 -19.20 69.91 -20.79
CA LEU H 211 -19.40 68.60 -20.23
C LEU H 211 -20.79 68.16 -20.59
N LEU H 212 -20.96 66.85 -20.73
CA LEU H 212 -22.30 66.24 -20.83
C LEU H 212 -22.70 65.52 -19.53
N PHE H 213 -23.77 65.94 -18.91
CA PHE H 213 -24.18 65.37 -17.66
C PHE H 213 -25.27 64.39 -17.94
N PHE H 214 -25.34 63.34 -17.11
CA PHE H 214 -26.39 62.34 -17.16
C PHE H 214 -27.26 62.67 -15.98
N ARG H 215 -28.48 63.12 -16.26
CA ARG H 215 -29.30 63.80 -15.28
C ARG H 215 -30.49 63.00 -14.78
N SER H 216 -30.75 63.13 -13.48
CA SER H 216 -31.92 62.56 -12.84
C SER H 216 -32.52 63.64 -11.96
N THR H 217 -33.69 63.39 -11.36
CA THR H 217 -34.37 64.36 -10.53
C THR H 217 -34.42 63.75 -9.18
N MET H 218 -33.90 64.45 -8.20
CA MET H 218 -33.98 63.90 -6.88
C MET H 218 -35.27 64.20 -6.17
N PRO H 219 -35.83 63.20 -5.50
CA PRO H 219 -37.20 63.29 -4.94
C PRO H 219 -37.57 64.54 -4.08
N MET H 227 -32.70 69.26 -6.42
CA MET H 227 -33.63 68.58 -7.32
C MET H 227 -32.80 67.77 -8.37
N ASN H 228 -32.12 68.46 -9.28
CA ASN H 228 -31.29 67.79 -10.26
C ASN H 228 -30.08 67.08 -9.70
N LEU H 229 -29.90 65.85 -10.16
CA LEU H 229 -28.72 65.11 -9.86
C LEU H 229 -28.06 64.78 -11.15
N ASP H 230 -26.81 65.17 -11.30
CA ASP H 230 -26.11 64.98 -12.54
C ASP H 230 -24.93 64.11 -12.30
N CYS H 231 -24.70 63.11 -13.13
CA CYS H 231 -23.49 62.36 -12.97
C CYS H 231 -22.70 62.32 -14.26
N LEU H 232 -21.44 61.93 -14.17
CA LEU H 232 -20.59 62.04 -15.33
C LEU H 232 -20.60 60.74 -16.13
N LEU H 233 -20.87 59.62 -15.48
CA LEU H 233 -20.97 58.35 -16.19
C LEU H 233 -22.17 57.64 -15.62
N PRO H 234 -22.93 56.93 -16.46
CA PRO H 234 -24.04 56.15 -15.94
C PRO H 234 -23.46 55.08 -15.06
N GLN H 235 -24.18 54.60 -14.07
CA GLN H 235 -23.65 53.52 -13.24
C GLN H 235 -23.33 52.27 -14.08
N GLU H 236 -24.15 52.01 -15.09
CA GLU H 236 -23.94 50.84 -15.92
C GLU H 236 -22.63 50.96 -16.67
N TRP H 237 -22.25 52.18 -17.05
CA TRP H 237 -20.94 52.42 -17.67
C TRP H 237 -19.80 52.21 -16.70
N VAL H 238 -19.95 52.63 -15.46
CA VAL H 238 -18.94 52.34 -14.47
C VAL H 238 -18.75 50.86 -14.43
N GLN H 239 -19.82 50.09 -14.27
CA GLN H 239 -19.78 48.62 -14.12
C GLN H 239 -19.11 48.01 -15.31
N HIS H 240 -19.37 48.52 -16.50
CA HIS H 240 -18.87 47.92 -17.72
C HIS H 240 -17.37 48.19 -17.84
N PHE H 241 -16.94 49.42 -17.56
CA PHE H 241 -15.52 49.73 -17.70
C PHE H 241 -14.65 48.95 -16.71
N TYR H 242 -15.14 48.78 -15.49
CA TYR H 242 -14.35 48.07 -14.53
C TYR H 242 -14.17 46.66 -14.99
N GLN H 243 -15.27 46.02 -15.36
CA GLN H 243 -15.29 44.65 -15.80
C GLN H 243 -14.51 44.41 -17.07
N GLU H 244 -14.62 45.29 -18.04
CA GLU H 244 -13.99 44.99 -19.30
C GLU H 244 -12.52 45.33 -19.23
N SER H 245 -12.16 46.34 -18.46
CA SER H 245 -10.80 46.80 -18.32
C SER H 245 -10.03 46.88 -19.61
N ALA H 246 -10.70 47.32 -20.65
CA ALA H 246 -10.06 47.42 -21.96
C ALA H 246 -9.05 48.56 -22.07
N PRO H 247 -7.89 48.30 -22.64
CA PRO H 247 -6.87 49.35 -22.77
C PRO H 247 -7.27 50.52 -23.69
N ALA H 248 -6.96 51.73 -23.23
CA ALA H 248 -7.24 52.98 -23.96
C ALA H 248 -6.11 53.20 -24.91
N GLN H 249 -6.43 53.42 -26.17
CA GLN H 249 -5.44 53.60 -27.23
C GLN H 249 -5.07 55.06 -27.42
N SER H 250 -5.86 55.95 -26.81
CA SER H 250 -5.55 57.37 -26.73
C SER H 250 -6.29 57.99 -25.57
N ASP H 251 -6.27 59.31 -25.51
CA ASP H 251 -6.84 60.00 -24.40
C ASP H 251 -8.34 60.26 -24.53
N VAL H 252 -8.88 60.04 -25.73
CA VAL H 252 -10.24 60.39 -26.05
C VAL H 252 -10.88 59.32 -26.91
N ALA H 253 -12.01 58.80 -26.47
CA ALA H 253 -12.85 57.90 -27.28
C ALA H 253 -13.94 58.74 -27.92
N LEU H 254 -14.14 58.56 -29.22
CA LEU H 254 -15.17 59.30 -29.92
C LEU H 254 -16.43 58.47 -29.98
N LEU H 255 -17.51 59.00 -29.42
CA LEU H 255 -18.80 58.28 -29.44
C LEU H 255 -19.74 58.97 -30.37
N ARG H 256 -20.51 58.18 -31.10
CA ARG H 256 -21.66 58.71 -31.74
C ARG H 256 -22.86 58.18 -31.00
N PHE H 257 -23.83 59.07 -30.82
CA PHE H 257 -25.16 58.71 -30.35
C PHE H 257 -26.01 58.37 -31.56
N VAL H 258 -26.48 57.14 -31.64
CA VAL H 258 -27.17 56.68 -32.84
C VAL H 258 -28.66 56.51 -32.59
N ASN H 259 -29.47 56.97 -33.56
CA ASN H 259 -30.91 56.68 -33.62
C ASN H 259 -31.13 55.40 -34.42
N PRO H 260 -31.39 54.25 -33.75
CA PRO H 260 -31.35 52.90 -34.37
C PRO H 260 -32.38 52.70 -35.50
N ASP H 261 -33.40 53.55 -35.47
CA ASP H 261 -34.51 53.55 -36.38
C ASP H 261 -34.08 53.99 -37.76
N THR H 262 -33.63 55.24 -37.85
CA THR H 262 -33.11 55.80 -39.08
C THR H 262 -31.68 55.28 -39.31
N GLY H 263 -30.99 54.91 -38.23
CA GLY H 263 -29.57 54.62 -38.32
C GLY H 263 -28.72 55.88 -38.33
N ARG H 264 -29.37 57.05 -38.31
CA ARG H 264 -28.72 58.38 -38.33
C ARG H 264 -27.99 58.79 -37.03
N VAL H 265 -26.80 59.33 -37.16
CA VAL H 265 -26.11 59.92 -36.00
C VAL H 265 -26.75 61.25 -35.57
N LEU H 266 -27.25 61.28 -34.35
CA LEU H 266 -27.86 62.47 -33.79
C LEU H 266 -26.87 63.56 -33.42
N PHE H 267 -25.93 63.22 -32.54
CA PHE H 267 -24.77 64.05 -32.20
C PHE H 267 -23.62 63.12 -31.90
N GLU H 268 -22.40 63.66 -31.90
CA GLU H 268 -21.20 62.92 -31.47
C GLU H 268 -20.63 63.61 -30.25
N CYS H 269 -19.91 62.85 -29.43
CA CYS H 269 -19.33 63.43 -28.24
C CYS H 269 -17.97 62.82 -27.91
N LYS H 270 -17.27 63.35 -26.93
CA LYS H 270 -15.99 62.79 -26.58
C LYS H 270 -16.08 62.13 -25.23
N LEU H 271 -15.51 60.92 -25.13
CA LEU H 271 -15.38 60.23 -23.86
C LEU H 271 -13.92 60.17 -23.49
N HIS H 272 -13.59 60.86 -22.41
CA HIS H 272 -12.23 61.12 -22.05
C HIS H 272 -11.74 59.92 -21.26
N LYS H 273 -10.51 59.47 -21.47
CA LYS H 273 -10.10 58.28 -20.74
C LYS H 273 -10.25 58.38 -19.24
N SER H 274 -10.21 59.60 -18.68
CA SER H 274 -10.28 59.71 -17.24
C SER H 274 -11.69 59.73 -16.76
N GLY H 275 -12.60 59.50 -17.70
CA GLY H 275 -13.99 59.13 -17.40
C GLY H 275 -15.05 60.20 -17.28
N TYR H 276 -15.36 60.89 -18.37
CA TYR H 276 -16.36 61.97 -18.42
C TYR H 276 -16.55 62.35 -19.86
N VAL H 277 -17.61 63.09 -20.17
CA VAL H 277 -18.05 63.25 -21.54
C VAL H 277 -18.18 64.71 -21.93
N THR H 278 -17.79 65.07 -23.15
CA THR H 278 -17.99 66.43 -23.59
C THR H 278 -18.67 66.53 -24.96
N VAL H 279 -19.46 67.59 -25.16
CA VAL H 279 -20.14 67.82 -26.41
C VAL H 279 -19.78 69.20 -26.87
N ALA H 280 -19.92 69.47 -28.18
CA ALA H 280 -19.81 70.81 -28.75
C ALA H 280 -21.10 71.62 -28.68
N HIS H 281 -21.20 72.48 -27.67
CA HIS H 281 -22.38 73.33 -27.47
C HIS H 281 -22.13 74.45 -26.47
N THR H 282 -22.80 75.58 -26.68
CA THR H 282 -22.65 76.73 -25.80
C THR H 282 -24.01 77.04 -25.26
N GLY H 283 -24.14 77.10 -23.93
CA GLY H 283 -25.43 77.32 -23.26
C GLY H 283 -25.97 76.11 -22.52
N GLN H 284 -27.07 76.28 -21.80
CA GLN H 284 -27.74 75.13 -21.16
C GLN H 284 -28.72 74.54 -22.12
N HIS H 285 -28.81 73.22 -22.18
CA HIS H 285 -29.66 72.54 -23.14
C HIS H 285 -30.06 71.19 -22.64
N ASP H 286 -31.36 70.97 -22.44
CA ASP H 286 -31.85 69.61 -22.24
C ASP H 286 -31.89 68.98 -23.62
N LEU H 287 -31.18 67.88 -23.76
CA LEU H 287 -31.07 67.27 -25.06
C LEU H 287 -32.38 66.53 -25.36
N VAL H 288 -32.84 66.64 -26.61
CA VAL H 288 -33.99 65.87 -27.05
C VAL H 288 -33.56 64.60 -27.79
N ILE H 289 -33.84 63.45 -27.19
CA ILE H 289 -33.35 62.17 -27.73
C ILE H 289 -34.48 61.14 -27.97
N PRO H 290 -34.43 60.43 -29.10
CA PRO H 290 -35.29 59.25 -29.23
C PRO H 290 -34.96 58.33 -28.06
N PRO H 291 -35.99 57.81 -27.38
CA PRO H 291 -35.78 57.10 -26.12
C PRO H 291 -35.26 55.68 -26.30
N ASN H 292 -34.80 55.33 -27.49
CA ASN H 292 -34.16 54.04 -27.71
C ASN H 292 -32.84 54.21 -28.50
N GLY H 293 -32.41 55.45 -28.60
CA GLY H 293 -31.07 55.78 -29.00
C GLY H 293 -30.04 55.52 -27.90
N TYR H 294 -28.84 55.27 -28.37
CA TYR H 294 -27.76 54.70 -27.59
C TYR H 294 -26.44 55.24 -28.13
N PHE H 295 -25.34 54.86 -27.45
CA PHE H 295 -24.00 55.39 -27.70
C PHE H 295 -23.17 54.35 -28.37
N ARG H 296 -22.43 54.72 -29.39
CA ARG H 296 -21.60 53.78 -30.10
C ARG H 296 -20.14 54.26 -30.11
N PHE H 297 -19.19 53.41 -29.75
CA PHE H 297 -17.78 53.78 -29.83
C PHE H 297 -17.41 53.76 -31.31
N ASP H 298 -16.86 54.85 -31.82
CA ASP H 298 -16.39 54.79 -33.20
C ASP H 298 -14.88 54.67 -33.28
N SER H 299 -14.14 55.65 -32.75
CA SER H 299 -12.70 55.48 -32.72
C SER H 299 -12.00 56.25 -31.61
N TRP H 300 -10.74 55.92 -31.41
CA TRP H 300 -9.86 56.69 -30.57
C TRP H 300 -9.28 57.87 -31.34
N VAL H 301 -9.31 59.05 -30.72
CA VAL H 301 -8.79 60.27 -31.32
C VAL H 301 -7.98 61.00 -30.25
N ASN H 302 -7.28 62.08 -30.61
CA ASN H 302 -6.48 62.86 -29.62
C ASN H 302 -7.26 64.02 -29.04
N GLN H 303 -6.60 64.81 -28.20
CA GLN H 303 -7.37 65.84 -27.46
C GLN H 303 -7.90 67.00 -28.35
N PHE H 304 -7.32 67.04 -29.56
CA PHE H 304 -7.50 68.05 -30.62
C PHE H 304 -8.58 67.78 -31.67
N TYR H 305 -9.33 66.68 -31.53
CA TYR H 305 -10.40 66.39 -32.47
C TYR H 305 -11.56 67.35 -32.26
N THR H 306 -12.01 67.94 -33.38
CA THR H 306 -13.18 68.84 -33.44
C THR H 306 -14.53 68.16 -33.69
N LEU H 307 -15.39 68.25 -32.68
CA LEU H 307 -16.70 67.67 -32.74
C LEU H 307 -17.59 68.52 -33.61
N ALA H 308 -18.46 67.90 -34.39
CA ALA H 308 -19.50 68.66 -35.11
C ALA H 308 -20.53 69.29 -34.12
N PRO H 309 -20.84 70.58 -34.28
CA PRO H 309 -21.76 71.16 -33.31
C PRO H 309 -22.94 70.22 -33.03
N MET H 310 -23.18 69.90 -31.76
CA MET H 310 -24.44 69.30 -31.33
C MET H 310 -25.54 70.39 -31.40
N GLY H 311 -26.73 70.05 -31.92
CA GLY H 311 -27.73 71.06 -32.33
C GLY H 311 -28.77 71.41 -31.27
N GLU I 1 50.48 -84.55 16.61
CA GLU I 1 49.64 -83.58 15.84
C GLU I 1 48.17 -84.06 15.76
N SER I 2 47.31 -83.47 16.60
CA SER I 2 45.86 -83.76 16.65
C SER I 2 45.10 -83.22 15.42
N ARG I 3 43.97 -83.85 15.08
CA ARG I 3 43.28 -83.52 13.85
C ARG I 3 42.27 -82.43 14.10
N THR I 4 42.77 -81.21 13.91
CA THR I 4 42.13 -80.02 14.43
C THR I 4 42.06 -78.92 13.38
N LYS I 5 41.15 -77.99 13.57
CA LYS I 5 41.07 -76.77 12.79
C LYS I 5 42.46 -76.15 12.61
N PRO I 6 42.84 -75.80 11.36
CA PRO I 6 44.23 -75.28 11.22
C PRO I 6 44.32 -73.88 11.83
N PHE I 7 45.44 -73.59 12.48
CA PHE I 7 45.80 -72.23 12.89
C PHE I 7 46.26 -71.32 11.70
N THR I 8 45.97 -70.01 11.86
CA THR I 8 46.16 -68.91 10.88
C THR I 8 46.15 -67.54 11.62
N VAL I 9 47.07 -66.64 11.22
CA VAL I 9 47.02 -65.22 11.54
C VAL I 9 46.39 -64.43 10.38
N PRO I 10 45.73 -63.27 10.68
CA PRO I 10 45.05 -62.54 9.59
C PRO I 10 46.07 -62.02 8.56
N ILE I 11 45.65 -62.03 7.29
CA ILE I 11 46.49 -61.58 6.13
C ILE I 11 46.30 -60.05 5.96
N LEU I 12 46.61 -59.28 7.00
CA LEU I 12 46.39 -57.82 7.02
C LEU I 12 47.74 -57.20 7.23
N THR I 13 47.94 -56.07 6.59
CA THR I 13 49.23 -55.37 6.58
C THR I 13 49.26 -54.52 7.85
N VAL I 14 50.46 -54.14 8.31
CA VAL I 14 50.55 -53.43 9.59
C VAL I 14 49.78 -52.10 9.56
N GLU I 15 50.01 -51.34 8.49
CA GLU I 15 49.32 -50.05 8.24
C GLU I 15 47.81 -50.17 8.38
N GLU I 16 47.30 -51.35 8.00
CA GLU I 16 45.88 -51.64 7.95
C GLU I 16 45.37 -52.04 9.33
N MET I 17 46.26 -52.20 10.30
CA MET I 17 45.86 -52.71 11.65
C MET I 17 45.79 -51.61 12.70
N THR I 18 45.36 -51.98 13.92
CA THR I 18 45.14 -51.01 15.02
C THR I 18 45.89 -51.46 16.24
N ASN I 19 46.36 -50.49 17.03
CA ASN I 19 46.98 -50.74 18.34
C ASN I 19 45.92 -51.29 19.31
N SER I 20 46.35 -52.25 20.12
CA SER I 20 45.44 -52.96 21.03
C SER I 20 45.48 -52.42 22.46
N ARG I 21 46.30 -51.39 22.70
CA ARG I 21 46.36 -50.78 24.02
C ARG I 21 45.82 -49.37 24.03
N PHE I 22 45.47 -48.90 22.83
CA PHE I 22 44.92 -47.57 22.59
C PHE I 22 44.32 -47.43 21.18
N PRO I 23 43.10 -46.84 21.05
CA PRO I 23 42.44 -46.89 19.73
C PRO I 23 43.06 -45.98 18.69
N ILE I 24 44.17 -46.43 18.09
CA ILE I 24 44.88 -45.73 17.01
C ILE I 24 45.54 -46.72 16.05
N PRO I 25 45.74 -46.33 14.77
CA PRO I 25 46.38 -47.25 13.80
C PRO I 25 47.81 -47.66 14.20
N LEU I 26 48.19 -48.90 13.85
CA LEU I 26 49.61 -49.33 13.89
C LEU I 26 50.41 -48.63 12.80
N GLU I 27 51.70 -48.39 13.06
CA GLU I 27 52.52 -47.54 12.15
C GLU I 27 53.81 -48.21 11.65
N LYS I 28 54.46 -48.96 12.55
CA LYS I 28 55.78 -49.52 12.33
C LYS I 28 55.96 -50.77 13.22
N LEU I 29 56.92 -51.63 12.87
CA LEU I 29 57.38 -52.69 13.75
C LEU I 29 58.64 -52.20 14.49
N PHE I 30 58.74 -52.50 15.80
CA PHE I 30 59.92 -52.19 16.63
C PHE I 30 60.42 -53.37 17.49
N THR I 31 61.72 -53.64 17.42
CA THR I 31 62.36 -54.59 18.34
C THR I 31 63.46 -53.88 19.17
N GLY I 32 63.45 -54.08 20.49
CA GLY I 32 64.47 -53.52 21.40
C GLY I 32 64.70 -54.43 22.61
N PRO I 33 65.68 -54.10 23.47
CA PRO I 33 65.86 -54.97 24.65
C PRO I 33 64.76 -54.68 25.66
N SER I 34 64.52 -55.64 26.55
CA SER I 34 63.41 -55.54 27.49
C SER I 34 63.74 -56.27 28.79
N SER I 35 64.96 -56.81 28.87
CA SER I 35 65.48 -57.32 30.12
C SER I 35 65.77 -56.18 31.13
N ALA I 36 65.79 -54.94 30.62
CA ALA I 36 65.85 -53.72 31.45
C ALA I 36 64.68 -53.49 32.38
N PHE I 37 63.47 -53.53 31.80
CA PHE I 37 62.18 -53.33 32.54
C PHE I 37 61.10 -54.48 32.42
N VAL I 38 60.09 -54.42 33.28
CA VAL I 38 58.99 -55.41 33.29
C VAL I 38 57.88 -55.14 32.25
N VAL I 39 57.83 -55.97 31.20
CA VAL I 39 56.79 -55.88 30.17
C VAL I 39 55.53 -56.67 30.55
N GLN I 40 54.47 -55.94 30.86
CA GLN I 40 53.29 -56.54 31.42
C GLN I 40 51.95 -55.87 31.05
N PRO I 41 51.70 -55.53 29.75
CA PRO I 41 50.42 -54.90 29.35
C PRO I 41 49.15 -55.70 29.68
N GLN I 42 48.08 -55.02 30.08
CA GLN I 42 46.80 -55.70 30.37
C GLN I 42 45.77 -55.72 29.19
N ASN I 43 45.91 -54.78 28.26
CA ASN I 43 45.16 -54.78 27.01
C ASN I 43 46.02 -55.37 25.87
N GLY I 44 45.39 -56.01 24.90
CA GLY I 44 46.13 -56.67 23.83
C GLY I 44 46.73 -58.00 24.22
N ARG I 45 46.16 -58.63 25.25
CA ARG I 45 46.52 -59.99 25.74
C ARG I 45 45.51 -61.14 25.38
N CYS I 46 45.96 -62.09 24.59
CA CYS I 46 45.12 -63.18 24.11
C CYS I 46 46.05 -64.34 23.80
N THR I 47 45.66 -65.58 24.15
CA THR I 47 46.48 -66.72 23.77
C THR I 47 46.22 -67.04 22.29
N THR I 48 47.02 -67.89 21.68
CA THR I 48 46.77 -68.18 20.25
C THR I 48 45.59 -69.15 20.01
N ASP I 49 45.11 -69.82 21.07
CA ASP I 49 43.85 -70.55 20.94
C ASP I 49 42.61 -69.84 21.50
N GLY I 50 42.71 -68.54 21.77
CA GLY I 50 41.52 -67.68 21.88
C GLY I 50 41.02 -67.27 23.25
N ALA I 51 41.87 -67.46 24.26
CA ALA I 51 41.54 -67.04 25.63
C ALA I 51 41.97 -65.59 25.85
N LEU I 52 41.01 -64.73 26.19
CA LEU I 52 41.34 -63.36 26.52
C LEU I 52 41.98 -63.24 27.92
N LEU I 53 42.97 -62.36 28.07
CA LEU I 53 43.77 -62.23 29.30
C LEU I 53 43.85 -60.79 29.79
N GLY I 54 44.13 -60.63 31.08
CA GLY I 54 44.14 -59.32 31.74
C GLY I 54 42.80 -58.58 31.62
N THR I 55 42.85 -57.35 31.10
CA THR I 55 41.63 -56.54 30.82
C THR I 55 41.23 -56.43 29.33
N THR I 56 41.75 -57.32 28.47
CA THR I 56 41.54 -57.30 27.01
C THR I 56 40.13 -57.63 26.56
N GLN I 57 39.57 -56.81 25.68
CA GLN I 57 38.25 -57.10 25.10
C GLN I 57 38.27 -56.90 23.57
N LEU I 58 37.23 -57.30 22.86
CA LEU I 58 37.36 -57.35 21.39
C LEU I 58 37.13 -56.04 20.65
N SER I 59 36.34 -55.15 21.22
CA SER I 59 35.93 -53.95 20.50
C SER I 59 37.06 -52.89 20.48
N PRO I 60 37.54 -52.50 19.27
CA PRO I 60 38.68 -51.55 19.14
C PRO I 60 38.42 -50.12 19.64
N VAL I 61 37.15 -49.67 19.64
CA VAL I 61 36.80 -48.35 20.19
C VAL I 61 36.70 -48.35 21.71
N ASP I 62 36.47 -49.54 22.29
CA ASP I 62 36.30 -49.72 23.73
C ASP I 62 37.62 -49.74 24.51
N ILE I 63 38.74 -49.71 23.78
CA ILE I 63 40.05 -49.66 24.41
C ILE I 63 40.28 -48.28 25.05
N CYS I 64 40.71 -48.30 26.31
CA CYS I 64 40.95 -47.09 27.13
C CYS I 64 39.72 -46.24 27.44
N THR I 65 38.55 -46.85 27.53
CA THR I 65 37.32 -46.09 27.76
C THR I 65 36.72 -46.40 29.12
N PHE I 66 35.71 -45.62 29.49
CA PHE I 66 34.96 -45.81 30.72
C PHE I 66 33.47 -45.52 30.46
N ARG I 67 32.60 -46.10 31.28
CA ARG I 67 31.17 -45.89 31.18
C ARG I 67 30.58 -45.98 32.56
N GLY I 68 29.38 -45.43 32.71
CA GLY I 68 28.62 -45.46 33.94
C GLY I 68 28.02 -44.10 34.08
N ASP I 69 27.50 -43.78 35.26
CA ASP I 69 26.96 -42.45 35.53
C ASP I 69 27.97 -41.58 36.29
N VAL I 70 27.78 -40.27 36.22
CA VAL I 70 28.67 -39.35 36.92
C VAL I 70 27.95 -38.63 38.05
N THR I 71 28.72 -37.78 38.73
CA THR I 71 28.36 -37.10 39.98
C THR I 71 29.24 -35.86 39.99
N HIS I 72 28.72 -34.71 40.43
CA HIS I 72 29.60 -33.57 40.72
C HIS I 72 30.25 -33.78 42.10
N ILE I 73 31.49 -33.30 42.23
CA ILE I 73 32.16 -33.19 43.53
C ILE I 73 32.14 -31.72 43.91
N ALA I 74 31.23 -31.36 44.83
CA ALA I 74 30.94 -29.95 45.17
C ALA I 74 32.19 -29.11 45.45
N GLY I 75 32.27 -27.96 44.77
CA GLY I 75 33.42 -27.05 44.88
C GLY I 75 34.43 -27.07 43.73
N THR I 76 34.55 -28.21 43.04
CA THR I 76 35.59 -28.41 42.00
C THR I 76 35.07 -28.66 40.57
N GLN I 77 35.93 -28.37 39.60
CA GLN I 77 35.69 -28.68 38.17
C GLN I 77 36.03 -30.17 37.83
N ASN I 78 36.01 -31.03 38.85
CA ASN I 78 36.18 -32.49 38.72
C ASN I 78 34.85 -33.25 38.89
N TYR I 79 34.74 -34.42 38.25
CA TYR I 79 33.55 -35.29 38.41
C TYR I 79 33.99 -36.76 38.70
N THR I 80 33.23 -37.46 39.55
CA THR I 80 33.36 -38.92 39.83
C THR I 80 32.52 -39.76 38.85
N MET I 81 33.09 -40.81 38.26
CA MET I 81 32.28 -41.78 37.49
C MET I 81 32.15 -43.17 38.19
N ASN I 82 30.90 -43.63 38.38
CA ASN I 82 30.65 -44.96 38.96
C ASN I 82 30.51 -45.96 37.81
N LEU I 83 31.45 -46.90 37.75
CA LEU I 83 31.70 -47.69 36.54
C LEU I 83 30.69 -48.77 36.22
N ALA I 84 30.46 -48.93 34.93
CA ALA I 84 29.59 -49.95 34.41
C ALA I 84 30.32 -50.78 33.38
N SER I 85 29.89 -52.03 33.25
CA SER I 85 30.45 -52.97 32.32
C SER I 85 29.98 -52.60 30.95
N GLN I 86 30.52 -53.25 29.94
CA GLN I 86 30.10 -52.98 28.58
C GLN I 86 28.63 -53.29 28.26
N ASN I 87 28.07 -54.38 28.79
CA ASN I 87 26.62 -54.62 28.66
C ASN I 87 25.82 -53.46 29.29
N TRP I 88 26.55 -52.54 29.96
CA TRP I 88 26.01 -51.38 30.69
C TRP I 88 25.49 -51.77 32.07
N ASN I 89 25.73 -53.03 32.43
CA ASN I 89 25.45 -53.57 33.76
C ASN I 89 26.40 -53.01 34.81
N ASN I 90 25.84 -52.75 36.00
CA ASN I 90 26.61 -52.35 37.19
C ASN I 90 27.87 -53.22 37.27
N TYR I 91 29.06 -52.59 37.31
CA TYR I 91 30.31 -53.35 37.23
C TYR I 91 30.49 -54.27 38.44
N ASP I 92 31.04 -55.44 38.16
CA ASP I 92 31.22 -56.49 39.16
C ASP I 92 32.68 -56.64 39.64
N PRO I 93 32.97 -56.11 40.86
CA PRO I 93 34.32 -56.17 41.46
C PRO I 93 34.88 -57.59 41.68
N THR I 94 34.01 -58.54 42.08
CA THR I 94 34.41 -59.91 42.41
C THR I 94 34.68 -60.80 41.19
N GLU I 95 34.18 -60.39 40.02
CA GLU I 95 34.61 -60.95 38.74
C GLU I 95 36.17 -60.93 38.59
N GLU I 96 36.72 -62.12 38.28
CA GLU I 96 38.19 -62.42 38.25
C GLU I 96 38.91 -61.80 37.04
N ILE I 97 38.98 -60.48 37.05
CA ILE I 97 39.75 -59.68 36.09
C ILE I 97 40.42 -58.54 36.85
N PRO I 98 41.54 -58.03 36.30
CA PRO I 98 42.31 -56.93 36.93
C PRO I 98 41.48 -55.64 37.20
N ALA I 99 40.60 -55.24 36.25
CA ALA I 99 39.74 -54.05 36.40
C ALA I 99 38.58 -54.20 35.40
N PRO I 100 37.74 -53.15 35.16
CA PRO I 100 36.79 -53.35 34.03
C PRO I 100 37.50 -53.64 32.70
N LEU I 101 36.95 -54.50 31.86
CA LEU I 101 37.56 -54.67 30.55
C LEU I 101 37.70 -53.34 29.78
N GLY I 102 38.86 -53.17 29.15
CA GLY I 102 39.14 -51.96 28.42
C GLY I 102 40.00 -50.99 29.20
N THR I 103 39.93 -51.04 30.54
CA THR I 103 40.65 -50.09 31.39
C THR I 103 42.09 -49.77 30.89
N PRO I 104 42.49 -48.47 30.87
CA PRO I 104 43.91 -48.14 30.65
C PRO I 104 44.87 -49.01 31.46
N ASP I 105 45.96 -49.43 30.83
CA ASP I 105 47.01 -50.28 31.42
C ASP I 105 48.39 -49.59 31.55
N PHE I 106 48.42 -48.28 31.52
CA PHE I 106 49.67 -47.59 31.85
C PHE I 106 49.33 -46.37 32.71
N VAL I 107 50.31 -45.87 33.45
CA VAL I 107 50.20 -44.62 34.22
C VAL I 107 50.28 -43.38 33.30
N GLY I 108 49.52 -42.31 33.62
CA GLY I 108 49.61 -41.03 32.85
C GLY I 108 48.34 -40.19 32.73
N LYS I 109 48.46 -38.95 32.25
CA LYS I 109 47.29 -38.10 31.97
C LYS I 109 46.75 -38.40 30.58
N ILE I 110 45.54 -38.98 30.54
CA ILE I 110 44.77 -39.35 29.31
C ILE I 110 43.61 -38.37 29.07
N GLN I 111 43.71 -37.54 28.04
CA GLN I 111 42.65 -36.60 27.71
C GLN I 111 41.69 -37.18 26.66
N GLY I 112 40.39 -37.04 26.91
CA GLY I 112 39.36 -37.28 25.90
C GLY I 112 38.04 -36.56 26.17
N VAL I 113 37.05 -36.76 25.30
CA VAL I 113 35.73 -36.19 25.52
C VAL I 113 34.83 -37.16 26.33
N LEU I 114 34.20 -36.61 27.37
CA LEU I 114 33.23 -37.38 28.15
C LEU I 114 31.86 -36.95 27.64
N THR I 115 31.10 -37.88 27.09
CA THR I 115 29.93 -37.50 26.36
C THR I 115 28.74 -38.28 26.78
N GLN I 116 27.58 -37.67 26.88
CA GLN I 116 26.41 -38.48 27.15
C GLN I 116 25.20 -38.22 26.26
N THR I 117 24.47 -37.19 26.61
CA THR I 117 23.25 -36.81 25.92
C THR I 117 23.58 -36.13 24.63
N THR I 118 22.61 -36.06 23.73
CA THR I 118 22.84 -35.37 22.50
C THR I 118 22.08 -34.05 22.41
N ARG I 119 22.74 -32.94 22.21
CA ARG I 119 21.98 -31.71 22.29
C ARG I 119 20.92 -31.76 21.21
N ARG I 120 19.97 -30.85 21.29
CA ARG I 120 18.84 -30.79 20.39
C ARG I 120 19.24 -30.51 18.98
N ASP I 121 20.47 -30.08 18.78
CA ASP I 121 20.97 -29.82 17.44
C ASP I 121 21.54 -31.03 16.71
N GLY I 122 21.64 -32.16 17.38
CA GLY I 122 22.01 -33.43 16.74
C GLY I 122 23.32 -34.06 17.16
N SER I 123 24.12 -33.29 17.90
CA SER I 123 25.51 -33.59 18.20
C SER I 123 25.64 -34.12 19.60
N THR I 124 26.56 -35.08 19.80
CA THR I 124 26.86 -35.59 21.14
C THR I 124 27.31 -34.40 21.97
N ARG I 125 26.72 -34.26 23.17
CA ARG I 125 27.12 -33.20 24.12
C ARG I 125 28.50 -33.51 24.74
N GLY I 126 29.57 -32.94 24.16
CA GLY I 126 30.96 -33.31 24.51
C GLY I 126 31.78 -32.27 25.28
N HIS I 127 32.44 -32.69 26.36
CA HIS I 127 33.26 -31.78 27.19
C HIS I 127 34.69 -32.27 27.43
N LYS I 128 35.66 -31.36 27.22
CA LYS I 128 37.07 -31.66 27.45
C LYS I 128 37.28 -32.25 28.86
N ALA I 129 37.75 -33.50 28.91
CA ALA I 129 37.94 -34.21 30.19
C ALA I 129 39.31 -34.87 30.24
N THR I 130 39.82 -35.03 31.43
CA THR I 130 41.10 -35.71 31.65
C THR I 130 40.90 -36.74 32.75
N VAL I 131 41.65 -37.84 32.64
CA VAL I 131 41.70 -38.84 33.71
C VAL I 131 43.15 -39.14 34.01
N SER I 132 43.51 -39.09 35.29
CA SER I 132 44.89 -39.24 35.73
C SER I 132 45.11 -40.63 36.36
N THR I 133 45.51 -41.61 35.53
CA THR I 133 45.52 -43.02 35.96
C THR I 133 46.47 -43.28 37.12
N GLY I 134 47.49 -42.42 37.23
CA GLY I 134 48.47 -42.52 38.31
C GLY I 134 47.94 -41.96 39.62
N SER I 135 46.86 -41.19 39.55
CA SER I 135 46.33 -40.49 40.73
C SER I 135 45.63 -41.45 41.73
N VAL I 136 45.60 -41.06 43.01
CA VAL I 136 44.96 -41.86 44.10
C VAL I 136 43.43 -42.03 43.93
N HIS I 137 42.82 -41.16 43.11
CA HIS I 137 41.38 -41.21 42.93
C HIS I 137 41.01 -42.13 41.76
N PHE I 138 42.02 -42.83 41.24
CA PHE I 138 41.85 -43.77 40.13
C PHE I 138 41.65 -45.23 40.63
N THR I 139 40.41 -45.57 41.01
CA THR I 139 40.07 -46.88 41.65
C THR I 139 39.15 -47.86 40.81
N PRO I 140 39.53 -48.18 39.54
CA PRO I 140 38.60 -48.87 38.63
C PRO I 140 38.21 -50.29 39.00
N LYS I 141 39.12 -51.05 39.61
CA LYS I 141 38.74 -52.36 40.12
C LYS I 141 37.67 -52.21 41.24
N LEU I 142 37.67 -51.06 41.93
CA LEU I 142 36.66 -50.81 42.96
C LEU I 142 35.35 -50.15 42.41
N GLY I 143 35.28 -50.07 41.08
CA GLY I 143 34.10 -49.55 40.35
C GLY I 143 33.94 -48.03 40.32
N SER I 144 35.06 -47.31 40.47
CA SER I 144 35.03 -45.85 40.66
C SER I 144 36.28 -45.17 40.05
N VAL I 145 36.09 -44.01 39.40
CA VAL I 145 37.21 -43.29 38.74
C VAL I 145 36.95 -41.77 38.80
N GLN I 146 37.99 -40.95 38.71
CA GLN I 146 37.78 -39.49 38.82
C GLN I 146 38.29 -38.66 37.60
N PHE I 147 37.40 -37.82 37.07
CA PHE I 147 37.70 -36.99 35.89
C PHE I 147 37.93 -35.51 36.21
N SER I 148 38.95 -34.91 35.59
CA SER I 148 39.11 -33.46 35.63
C SER I 148 38.58 -32.84 34.35
N THR I 149 37.80 -31.77 34.51
CA THR I 149 37.19 -31.03 33.41
C THR I 149 37.36 -29.51 33.59
N PHE I 155 26.10 -31.45 32.47
CA PHE I 155 26.20 -32.78 33.08
C PHE I 155 25.14 -33.01 34.11
N GLU I 156 24.36 -34.07 33.94
CA GLU I 156 23.29 -34.46 34.89
C GLU I 156 23.45 -35.91 35.38
N THR I 157 23.32 -36.10 36.70
CA THR I 157 23.57 -37.37 37.41
C THR I 157 22.49 -38.46 37.14
N GLY I 158 22.93 -39.68 36.86
CA GLY I 158 22.02 -40.82 36.64
C GLY I 158 21.67 -41.17 35.19
N GLN I 159 22.39 -40.57 34.24
CA GLN I 159 22.29 -40.97 32.83
C GLN I 159 23.65 -41.50 32.39
N ASN I 160 23.62 -42.46 31.48
CA ASN I 160 24.81 -42.96 30.81
C ASN I 160 25.79 -41.85 30.41
N THR I 161 27.06 -42.03 30.79
CA THR I 161 28.14 -41.09 30.46
C THR I 161 29.34 -41.88 29.88
N ARG I 162 30.05 -41.30 28.93
CA ARG I 162 31.07 -42.05 28.17
C ARG I 162 32.38 -41.27 28.04
N PHE I 163 33.51 -41.95 28.24
CA PHE I 163 34.82 -41.37 28.00
C PHE I 163 35.42 -42.04 26.77
N THR I 164 35.75 -41.23 25.77
CA THR I 164 36.50 -41.65 24.58
C THR I 164 37.88 -41.03 24.76
N PRO I 165 38.97 -41.83 24.68
CA PRO I 165 40.33 -41.25 24.75
C PRO I 165 40.75 -40.47 23.50
N VAL I 166 41.50 -39.38 23.66
CA VAL I 166 41.97 -38.64 22.49
C VAL I 166 43.49 -38.65 22.38
N GLY I 167 44.20 -38.87 23.51
CA GLY I 167 45.67 -38.91 23.52
C GLY I 167 46.26 -38.65 24.91
N VAL I 168 47.47 -38.07 24.95
CA VAL I 168 48.12 -37.64 26.24
C VAL I 168 48.47 -36.14 26.36
N GLN I 182 55.34 -46.00 30.38
CA GLN I 182 54.33 -46.74 29.58
C GLN I 182 54.15 -48.26 29.93
N TRP I 183 55.06 -48.79 30.75
CA TRP I 183 55.00 -50.18 31.20
C TRP I 183 54.69 -50.23 32.67
N VAL I 184 54.42 -49.06 33.23
CA VAL I 184 54.08 -48.95 34.62
C VAL I 184 52.58 -49.10 34.71
N LEU I 185 52.12 -50.18 35.34
CA LEU I 185 50.67 -50.42 35.50
C LEU I 185 50.09 -49.56 36.61
N PRO I 186 48.82 -49.15 36.45
CA PRO I 186 48.13 -48.42 37.53
C PRO I 186 47.91 -49.31 38.75
N ASP I 187 47.79 -48.71 39.94
CA ASP I 187 47.35 -49.49 41.10
C ASP I 187 45.84 -49.49 40.93
N TYR I 188 45.28 -50.56 40.36
CA TYR I 188 43.85 -50.59 39.95
C TYR I 188 42.86 -50.46 41.08
N SER I 189 43.23 -50.88 42.29
CA SER I 189 42.33 -50.82 43.41
C SER I 189 42.72 -49.64 44.27
N GLY I 190 43.62 -48.82 43.76
CA GLY I 190 44.05 -47.60 44.45
C GLY I 190 45.27 -47.79 45.33
N ARG I 191 45.57 -46.80 46.16
CA ARG I 191 46.71 -46.85 47.08
C ARG I 191 46.64 -48.09 47.97
N ASP I 192 47.82 -48.67 48.22
CA ASP I 192 48.02 -49.76 49.19
C ASP I 192 47.20 -51.02 48.91
N SER I 193 46.95 -51.32 47.64
CA SER I 193 46.22 -52.54 47.24
C SER I 193 46.84 -53.16 45.98
N HIS I 194 47.05 -54.47 46.04
CA HIS I 194 47.71 -55.22 44.99
C HIS I 194 46.80 -55.48 43.81
N ASN I 195 47.39 -55.40 42.63
CA ASN I 195 46.70 -55.81 41.41
C ASN I 195 46.46 -57.32 41.41
N VAL I 196 45.25 -57.74 41.10
CA VAL I 196 44.92 -59.17 41.06
C VAL I 196 44.80 -59.71 39.62
N HIS I 197 44.83 -61.04 39.45
CA HIS I 197 44.45 -61.69 38.19
C HIS I 197 45.13 -61.14 36.95
N LEU I 198 46.40 -60.75 37.09
CA LEU I 198 47.11 -60.07 36.00
C LEU I 198 47.34 -60.96 34.80
N ALA I 199 47.52 -60.34 33.63
CA ALA I 199 48.12 -61.01 32.48
C ALA I 199 49.64 -61.03 32.79
N PRO I 200 50.29 -62.20 32.56
CA PRO I 200 51.71 -62.42 32.93
C PRO I 200 52.69 -61.40 32.34
N ALA I 201 53.86 -61.26 32.96
CA ALA I 201 54.96 -60.52 32.33
C ALA I 201 55.54 -61.37 31.20
N VAL I 202 56.19 -60.72 30.22
CA VAL I 202 56.77 -61.44 29.08
C VAL I 202 58.25 -61.11 28.76
N ALA I 203 59.06 -62.16 28.62
CA ALA I 203 60.47 -62.03 28.27
C ALA I 203 60.86 -63.18 27.33
N PRO I 204 61.73 -62.91 26.32
CA PRO I 204 62.49 -63.94 25.60
C PRO I 204 63.10 -64.94 26.57
N THR I 205 62.67 -66.20 26.50
CA THR I 205 63.24 -67.28 27.32
C THR I 205 64.25 -68.04 26.41
N PHE I 206 64.90 -67.27 25.54
CA PHE I 206 65.80 -67.81 24.50
C PHE I 206 66.99 -66.87 24.24
N PRO I 207 68.22 -67.41 24.31
CA PRO I 207 69.44 -66.60 24.13
C PRO I 207 69.32 -65.59 22.98
N GLY I 208 69.66 -64.32 23.25
CA GLY I 208 69.75 -63.29 22.21
C GLY I 208 68.53 -63.18 21.31
N GLU I 209 67.37 -63.47 21.91
CA GLU I 209 66.09 -63.12 21.31
C GLU I 209 65.56 -61.84 21.95
N GLN I 210 64.61 -61.22 21.26
CA GLN I 210 63.97 -59.94 21.67
C GLN I 210 62.50 -59.89 21.24
N LEU I 211 61.65 -59.32 22.11
CA LEU I 211 60.23 -59.11 21.76
C LEU I 211 60.12 -58.24 20.52
N LEU I 212 59.24 -58.62 19.60
CA LEU I 212 58.84 -57.75 18.48
C LEU I 212 57.56 -56.96 18.85
N PHE I 213 57.67 -55.64 18.98
CA PHE I 213 56.53 -54.82 19.37
C PHE I 213 55.73 -54.32 18.15
N PHE I 214 54.42 -54.12 18.35
CA PHE I 214 53.60 -53.38 17.40
C PHE I 214 53.41 -51.94 17.91
N ARG I 215 54.03 -51.00 17.18
CA ARG I 215 54.25 -49.59 17.61
C ARG I 215 53.40 -48.52 16.88
N SER I 216 52.84 -47.61 17.69
CA SER I 216 52.09 -46.43 17.22
C SER I 216 52.75 -45.16 17.79
N THR I 217 52.41 -44.00 17.25
CA THR I 217 52.75 -42.73 17.89
C THR I 217 51.49 -42.28 18.60
N MET I 218 51.62 -41.92 19.86
CA MET I 218 50.43 -41.50 20.59
C MET I 218 50.31 -39.98 20.65
N PRO I 219 49.10 -39.42 20.37
CA PRO I 219 49.00 -37.93 20.25
C PRO I 219 49.40 -37.15 21.54
N GLY I 220 50.09 -36.02 21.36
CA GLY I 220 50.56 -35.15 22.45
C GLY I 220 49.88 -33.80 22.47
N ASN I 228 55.04 -42.56 22.13
CA ASN I 228 55.41 -43.92 21.67
C ASN I 228 54.76 -45.13 22.38
N LEU I 229 53.74 -45.72 21.73
CA LEU I 229 52.95 -46.87 22.28
C LEU I 229 53.17 -48.24 21.62
N ASP I 230 53.89 -49.10 22.34
CA ASP I 230 54.16 -50.48 21.94
C ASP I 230 53.04 -51.40 22.44
N CYS I 231 52.44 -52.21 21.55
CA CYS I 231 51.57 -53.28 22.03
C CYS I 231 52.08 -54.66 21.58
N LEU I 232 51.51 -55.72 22.17
CA LEU I 232 52.05 -57.07 21.95
C LEU I 232 51.54 -57.84 20.72
N LEU I 233 50.24 -57.74 20.43
CA LEU I 233 49.59 -58.30 19.24
C LEU I 233 48.71 -57.17 18.72
N PRO I 234 48.51 -57.05 17.38
CA PRO I 234 47.52 -56.07 16.89
C PRO I 234 46.10 -56.47 17.31
N GLN I 235 45.28 -55.46 17.58
CA GLN I 235 43.90 -55.72 17.94
C GLN I 235 43.20 -56.77 17.04
N GLU I 236 43.50 -56.74 15.73
CA GLU I 236 42.89 -57.73 14.80
C GLU I 236 43.35 -59.17 15.05
N TRP I 237 44.54 -59.35 15.61
CA TRP I 237 44.95 -60.71 15.98
C TRP I 237 44.15 -61.22 17.18
N VAL I 238 44.07 -60.39 18.24
CA VAL I 238 43.19 -60.64 19.41
C VAL I 238 41.76 -61.04 18.92
N GLN I 239 41.17 -60.22 18.02
CA GLN I 239 39.88 -60.54 17.43
C GLN I 239 39.91 -61.91 16.72
N HIS I 240 40.96 -62.11 15.92
CA HIS I 240 41.11 -63.33 15.14
C HIS I 240 41.22 -64.59 16.03
N PHE I 241 42.17 -64.51 16.98
CA PHE I 241 42.41 -65.64 17.88
C PHE I 241 41.17 -66.02 18.72
N TYR I 242 40.46 -65.00 19.21
CA TYR I 242 39.28 -65.24 20.02
C TYR I 242 38.23 -65.95 19.19
N GLN I 243 38.00 -65.48 17.96
CA GLN I 243 36.93 -66.02 17.10
C GLN I 243 37.24 -67.40 16.58
N GLU I 244 38.46 -67.58 16.09
CA GLU I 244 38.84 -68.86 15.48
C GLU I 244 39.11 -69.93 16.53
N SER I 245 39.63 -69.52 17.69
CA SER I 245 40.04 -70.44 18.76
C SER I 245 40.72 -71.71 18.22
N ALA I 246 41.70 -71.52 17.34
CA ALA I 246 42.38 -72.65 16.71
C ALA I 246 43.34 -73.28 17.72
N PRO I 247 43.18 -74.58 17.99
CA PRO I 247 44.02 -75.20 19.02
C PRO I 247 45.51 -75.11 18.65
N ALA I 248 46.36 -74.94 19.68
CA ALA I 248 47.81 -74.81 19.51
C ALA I 248 48.44 -76.19 19.64
N GLN I 249 49.19 -76.59 18.60
CA GLN I 249 49.82 -77.93 18.51
C GLN I 249 51.17 -77.95 19.21
N SER I 250 51.69 -76.75 19.52
CA SER I 250 52.91 -76.58 20.36
C SER I 250 52.85 -75.20 21.05
N ASP I 251 53.91 -74.82 21.75
CA ASP I 251 53.94 -73.47 22.35
C ASP I 251 54.34 -72.37 21.38
N VAL I 252 54.69 -72.71 20.15
CA VAL I 252 55.40 -71.74 19.32
C VAL I 252 55.13 -71.88 17.83
N ALA I 253 54.65 -70.79 17.24
CA ALA I 253 54.24 -70.79 15.84
C ALA I 253 55.18 -69.93 14.99
N LEU I 254 55.97 -70.60 14.13
CA LEU I 254 56.88 -69.90 13.22
C LEU I 254 56.09 -69.01 12.22
N LEU I 255 56.27 -67.70 12.27
CA LEU I 255 55.68 -66.87 11.23
C LEU I 255 56.76 -66.30 10.28
N ARG I 256 56.37 -66.12 9.02
CA ARG I 256 57.22 -65.46 8.03
C ARG I 256 56.55 -64.21 7.58
N PHE I 257 57.30 -63.11 7.63
CA PHE I 257 56.82 -61.86 7.11
C PHE I 257 57.28 -61.82 5.67
N VAL I 258 56.30 -61.92 4.77
CA VAL I 258 56.51 -61.96 3.31
C VAL I 258 56.22 -60.59 2.67
N ASN I 259 56.93 -60.29 1.59
CA ASN I 259 56.66 -59.11 0.77
C ASN I 259 55.97 -59.66 -0.45
N PRO I 260 54.66 -59.41 -0.59
CA PRO I 260 53.86 -60.11 -1.61
C PRO I 260 54.16 -59.73 -3.09
N ASP I 261 54.97 -58.68 -3.32
CA ASP I 261 55.36 -58.29 -4.69
C ASP I 261 56.46 -59.19 -5.26
N THR I 262 57.60 -59.24 -4.57
CA THR I 262 58.71 -60.14 -4.90
C THR I 262 58.35 -61.58 -4.51
N GLY I 263 57.65 -61.73 -3.39
CA GLY I 263 57.27 -63.06 -2.89
C GLY I 263 58.21 -63.58 -1.81
N ARG I 264 59.44 -63.06 -1.77
CA ARG I 264 60.48 -63.55 -0.85
C ARG I 264 60.20 -63.16 0.61
N VAL I 265 60.62 -64.05 1.53
CA VAL I 265 60.64 -63.77 2.97
C VAL I 265 61.57 -62.60 3.31
N LEU I 266 61.08 -61.68 4.15
CA LEU I 266 61.92 -60.58 4.64
C LEU I 266 62.62 -60.97 5.95
N PHE I 267 61.81 -61.38 6.94
CA PHE I 267 62.29 -61.93 8.20
C PHE I 267 61.28 -62.97 8.72
N GLU I 268 61.68 -63.70 9.76
CA GLU I 268 60.81 -64.68 10.37
C GLU I 268 60.81 -64.50 11.90
N CYS I 269 59.81 -65.06 12.62
CA CYS I 269 59.58 -64.78 14.06
C CYS I 269 58.71 -65.82 14.81
N LYS I 270 58.93 -65.95 16.13
CA LYS I 270 58.16 -66.88 16.97
C LYS I 270 56.91 -66.20 17.58
N LEU I 271 55.74 -66.81 17.35
CA LEU I 271 54.47 -66.34 17.93
C LEU I 271 54.21 -67.36 18.99
N HIS I 272 54.37 -66.94 20.25
CA HIS I 272 54.17 -67.82 21.39
C HIS I 272 52.68 -67.91 21.68
N LYS I 273 52.20 -69.10 22.05
CA LYS I 273 50.78 -69.32 22.28
C LYS I 273 50.22 -68.49 23.43
N SER I 274 51.07 -68.04 24.37
CA SER I 274 50.65 -67.17 25.51
C SER I 274 50.37 -65.73 25.05
N GLY I 275 50.70 -65.51 23.78
CA GLY I 275 50.20 -64.39 22.97
C GLY I 275 51.14 -63.22 22.78
N TYR I 276 52.36 -63.49 22.30
CA TYR I 276 53.39 -62.43 22.06
C TYR I 276 54.46 -62.85 21.04
N VAL I 277 55.26 -61.90 20.55
CA VAL I 277 56.16 -62.28 19.47
C VAL I 277 57.62 -62.01 19.75
N THR I 278 58.49 -62.91 19.27
CA THR I 278 59.94 -62.68 19.33
C THR I 278 60.58 -62.74 17.93
N VAL I 279 61.77 -62.14 17.82
CA VAL I 279 62.63 -62.15 16.61
C VAL I 279 64.09 -62.34 17.07
N ALA I 280 64.95 -62.96 16.27
CA ALA I 280 66.35 -63.01 16.68
C ALA I 280 67.07 -61.73 16.23
N HIS I 281 67.41 -60.87 17.20
CA HIS I 281 68.11 -59.60 16.98
C HIS I 281 68.64 -59.03 18.30
N THR I 282 69.78 -58.36 18.23
CA THR I 282 70.28 -57.68 19.42
C THR I 282 70.42 -56.16 19.18
N GLY I 283 69.53 -55.39 19.81
CA GLY I 283 69.57 -53.93 19.78
C GLY I 283 68.24 -53.35 19.38
N GLN I 284 68.14 -52.02 19.43
CA GLN I 284 66.97 -51.31 18.90
C GLN I 284 66.91 -51.36 17.37
N HIS I 285 65.70 -51.47 16.81
CA HIS I 285 65.54 -51.44 15.36
C HIS I 285 64.12 -51.12 14.91
N ASP I 286 63.99 -50.06 14.12
CA ASP I 286 62.74 -49.73 13.41
C ASP I 286 62.74 -50.55 12.12
N LEU I 287 61.86 -51.55 12.01
CA LEU I 287 61.87 -52.45 10.85
C LEU I 287 61.53 -51.80 9.54
N VAL I 288 62.43 -51.94 8.57
CA VAL I 288 62.19 -51.46 7.21
C VAL I 288 61.28 -52.50 6.51
N ILE I 289 60.02 -52.14 6.31
CA ILE I 289 58.99 -53.06 5.74
C ILE I 289 58.34 -52.52 4.49
N PRO I 290 58.05 -53.42 3.51
CA PRO I 290 57.18 -53.06 2.37
C PRO I 290 55.74 -52.72 2.83
N PRO I 291 55.14 -51.63 2.26
CA PRO I 291 53.83 -51.10 2.71
C PRO I 291 52.72 -52.17 2.78
N ASN I 292 52.77 -53.18 1.92
CA ASN I 292 51.79 -54.25 1.97
C ASN I 292 52.34 -55.67 2.27
N GLY I 293 53.50 -55.72 2.94
CA GLY I 293 54.03 -56.94 3.55
C GLY I 293 53.20 -57.39 4.75
N TYR I 294 53.17 -58.71 4.97
CA TYR I 294 52.25 -59.42 5.92
C TYR I 294 52.88 -60.66 6.61
N PHE I 295 52.27 -61.09 7.70
CA PHE I 295 52.70 -62.33 8.35
C PHE I 295 51.94 -63.54 7.79
N ARG I 296 52.60 -64.69 7.82
CA ARG I 296 52.08 -65.91 7.24
C ARG I 296 52.59 -67.03 8.11
N PHE I 297 51.64 -67.77 8.66
CA PHE I 297 51.93 -68.95 9.49
C PHE I 297 52.46 -70.14 8.69
N ASP I 298 53.70 -70.58 9.00
CA ASP I 298 54.34 -71.72 8.29
C ASP I 298 54.27 -73.09 8.98
N SER I 299 54.80 -73.21 10.21
CA SER I 299 54.54 -74.42 11.00
C SER I 299 54.57 -74.20 12.52
N TRP I 300 54.18 -75.24 13.25
CA TRP I 300 54.42 -75.33 14.69
C TRP I 300 55.80 -75.91 14.94
N VAL I 301 56.46 -75.43 15.98
CA VAL I 301 57.79 -75.93 16.33
C VAL I 301 57.98 -75.97 17.84
N ASN I 302 59.08 -76.58 18.29
CA ASN I 302 59.34 -76.77 19.72
C ASN I 302 60.17 -75.65 20.41
N GLN I 303 60.34 -75.80 21.74
CA GLN I 303 61.05 -74.85 22.61
C GLN I 303 62.54 -74.58 22.22
N PHE I 304 63.27 -75.64 21.87
CA PHE I 304 64.71 -75.57 21.60
C PHE I 304 65.06 -75.42 20.09
N TYR I 305 64.35 -74.49 19.42
CA TYR I 305 64.61 -74.17 17.99
C TYR I 305 65.01 -72.70 17.86
N THR I 306 66.00 -72.41 17.01
CA THR I 306 66.54 -71.03 16.84
C THR I 306 65.94 -70.28 15.63
N LEU I 307 65.80 -68.95 15.72
CA LEU I 307 65.32 -68.15 14.58
C LEU I 307 66.49 -67.75 13.69
N ALA I 308 66.22 -67.48 12.42
CA ALA I 308 67.25 -66.90 11.53
C ALA I 308 67.36 -65.40 11.78
N PRO I 309 68.59 -64.85 11.80
CA PRO I 309 68.85 -63.42 12.00
C PRO I 309 67.86 -62.49 11.27
N MET I 310 67.43 -61.42 11.94
CA MET I 310 66.38 -60.55 11.46
C MET I 310 66.75 -59.78 10.18
N LYS J 5 18.11 -54.78 23.57
CA LYS J 5 16.75 -54.20 23.32
C LYS J 5 16.52 -53.97 21.81
N PRO J 6 15.73 -54.85 21.15
CA PRO J 6 15.55 -54.82 19.67
C PRO J 6 14.83 -53.54 19.23
N PHE J 7 15.26 -52.95 18.12
CA PHE J 7 14.62 -51.76 17.64
C PHE J 7 13.38 -52.18 16.85
N THR J 8 12.40 -51.27 16.81
CA THR J 8 11.05 -51.48 16.27
C THR J 8 10.45 -50.13 15.92
N VAL J 9 9.50 -50.14 15.02
CA VAL J 9 8.68 -48.97 14.81
C VAL J 9 7.20 -49.37 15.04
N PRO J 10 6.34 -48.39 15.30
CA PRO J 10 5.00 -48.80 15.73
C PRO J 10 4.31 -49.52 14.62
N ILE J 11 3.29 -50.31 14.96
CA ILE J 11 2.47 -50.92 13.95
C ILE J 11 1.24 -50.09 13.77
N LEU J 12 1.40 -49.07 12.95
CA LEU J 12 0.36 -48.17 12.60
C LEU J 12 0.41 -47.96 11.10
N THR J 13 -0.78 -47.88 10.52
CA THR J 13 -0.97 -47.51 9.13
C THR J 13 -0.80 -46.00 9.06
N VAL J 14 -0.60 -45.51 7.86
CA VAL J 14 -0.26 -44.13 7.70
C VAL J 14 -1.38 -43.29 8.28
N GLU J 15 -2.63 -43.65 7.97
CA GLU J 15 -3.79 -42.84 8.35
C GLU J 15 -4.16 -42.90 9.83
N GLU J 16 -3.72 -43.97 10.49
CA GLU J 16 -3.78 -44.07 11.93
C GLU J 16 -2.80 -43.12 12.64
N MET J 17 -1.85 -42.50 11.92
CA MET J 17 -0.84 -41.59 12.52
C MET J 17 -1.06 -40.10 12.36
N THR J 18 -0.28 -39.32 13.09
CA THR J 18 -0.48 -37.88 13.23
C THR J 18 0.72 -37.17 12.63
N ASN J 19 0.51 -36.06 11.96
CA ASN J 19 1.62 -35.24 11.48
C ASN J 19 2.31 -34.63 12.69
N SER J 20 3.63 -34.45 12.61
CA SER J 20 4.34 -33.97 13.77
C SER J 20 4.58 -32.47 13.71
N ARG J 21 4.16 -31.85 12.63
CA ARG J 21 4.43 -30.45 12.45
C ARG J 21 3.19 -29.58 12.66
N PHE J 22 2.03 -30.20 12.81
CA PHE J 22 0.76 -29.50 13.02
C PHE J 22 -0.25 -30.52 13.51
N PRO J 23 -1.15 -30.12 14.42
CA PRO J 23 -2.04 -31.20 14.96
C PRO J 23 -3.19 -31.64 14.05
N ILE J 24 -2.87 -32.44 13.03
CA ILE J 24 -3.87 -33.05 12.13
C ILE J 24 -3.33 -34.36 11.72
N PRO J 25 -4.19 -35.27 11.27
CA PRO J 25 -3.77 -36.62 10.92
C PRO J 25 -2.90 -36.63 9.68
N LEU J 26 -2.08 -37.66 9.55
CA LEU J 26 -1.36 -37.90 8.32
C LEU J 26 -2.35 -38.27 7.25
N GLU J 27 -1.96 -38.16 6.01
CA GLU J 27 -2.89 -38.53 4.98
C GLU J 27 -2.27 -39.47 4.00
N LYS J 28 -1.00 -39.27 3.66
CA LYS J 28 -0.40 -40.02 2.59
C LYS J 28 1.12 -39.90 2.60
N LEU J 29 1.78 -40.75 1.79
CA LEU J 29 3.25 -40.67 1.61
C LEU J 29 3.64 -40.00 0.30
N PHE J 30 4.61 -39.09 0.38
CA PHE J 30 5.08 -38.41 -0.78
C PHE J 30 6.59 -38.45 -0.85
N THR J 31 7.14 -38.56 -2.03
CA THR J 31 8.58 -38.43 -2.21
C THR J 31 8.82 -37.44 -3.36
N GLY J 32 9.88 -36.63 -3.27
CA GLY J 32 10.26 -35.71 -4.38
C GLY J 32 11.70 -35.29 -4.15
N PRO J 33 12.32 -34.64 -5.13
CA PRO J 33 13.68 -34.24 -4.89
C PRO J 33 13.64 -33.05 -3.97
N SER J 34 14.75 -32.75 -3.28
CA SER J 34 14.75 -31.67 -2.28
C SER J 34 16.05 -30.84 -2.29
N SER J 35 16.77 -30.88 -3.40
CA SER J 35 18.01 -30.09 -3.47
C SER J 35 17.71 -28.60 -3.62
N ALA J 36 16.48 -28.33 -4.08
CA ALA J 36 15.99 -27.00 -4.36
C ALA J 36 15.45 -26.29 -3.10
N PHE J 37 15.41 -26.95 -1.95
CA PHE J 37 14.95 -26.32 -0.71
C PHE J 37 15.64 -26.86 0.51
N VAL J 38 15.48 -26.15 1.61
CA VAL J 38 16.12 -26.56 2.86
C VAL J 38 15.19 -27.40 3.72
N VAL J 39 15.57 -28.64 3.93
CA VAL J 39 14.72 -29.45 4.71
C VAL J 39 15.15 -29.37 6.14
N GLN J 40 14.71 -28.34 6.86
CA GLN J 40 15.17 -28.20 8.22
C GLN J 40 14.07 -27.97 9.24
N PRO J 41 13.11 -28.88 9.27
CA PRO J 41 12.02 -28.70 10.19
C PRO J 41 12.47 -28.94 11.63
N GLN J 42 11.81 -28.30 12.59
CA GLN J 42 12.23 -28.36 13.98
C GLN J 42 11.28 -29.16 14.81
N ASN J 43 10.05 -29.31 14.35
CA ASN J 43 9.13 -30.30 14.93
C ASN J 43 9.16 -31.64 14.21
N GLY J 44 8.85 -32.71 14.94
CA GLY J 44 8.94 -34.04 14.35
C GLY J 44 10.37 -34.49 14.09
N ARG J 45 11.26 -34.13 15.02
CA ARG J 45 12.66 -34.48 14.93
C ARG J 45 13.12 -35.22 16.18
N CYS J 46 13.64 -36.43 15.97
CA CYS J 46 14.10 -37.30 17.02
C CYS J 46 15.10 -38.34 16.49
N THR J 47 16.14 -38.68 17.24
CA THR J 47 16.99 -39.77 16.77
C THR J 47 16.29 -41.11 16.93
N THR J 48 16.78 -42.15 16.31
CA THR J 48 16.13 -43.44 16.48
C THR J 48 16.27 -43.99 17.89
N ASP J 49 17.31 -43.62 18.64
CA ASP J 49 17.35 -43.96 20.09
C ASP J 49 16.68 -42.92 20.97
N GLY J 50 15.84 -42.13 20.35
CA GLY J 50 14.96 -41.27 21.06
C GLY J 50 15.55 -40.04 21.70
N ALA J 51 16.57 -39.44 21.08
CA ALA J 51 16.95 -38.10 21.48
C ALA J 51 16.04 -37.17 20.69
N LEU J 52 15.29 -36.32 21.40
CA LEU J 52 14.49 -35.28 20.74
C LEU J 52 15.41 -34.16 20.23
N LEU J 53 15.08 -33.58 19.07
CA LEU J 53 15.90 -32.53 18.51
C LEU J 53 15.07 -31.29 18.22
N GLY J 54 15.78 -30.21 17.90
CA GLY J 54 15.15 -28.96 17.56
C GLY J 54 14.11 -28.62 18.58
N THR J 55 12.91 -28.29 18.13
CA THR J 55 11.87 -27.82 19.06
C THR J 55 10.87 -28.91 19.38
N THR J 56 11.25 -30.16 19.09
CA THR J 56 10.29 -31.28 19.15
C THR J 56 9.86 -31.63 20.59
N GLN J 57 8.58 -31.94 20.79
CA GLN J 57 8.13 -32.38 22.10
C GLN J 57 7.09 -33.49 21.96
N LEU J 58 6.57 -34.02 23.08
CA LEU J 58 5.82 -35.25 22.94
C LEU J 58 4.33 -35.10 22.64
N SER J 59 3.73 -33.99 23.03
CA SER J 59 2.30 -33.82 22.86
C SER J 59 1.89 -33.53 21.41
N PRO J 60 1.01 -34.36 20.84
CA PRO J 60 0.67 -34.06 19.44
C PRO J 60 -0.37 -32.95 19.33
N VAL J 61 -0.93 -32.55 20.46
CA VAL J 61 -1.88 -31.45 20.48
C VAL J 61 -1.22 -30.11 20.76
N ASP J 62 -0.09 -30.11 21.45
CA ASP J 62 0.60 -28.87 21.72
C ASP J 62 1.51 -28.39 20.60
N ILE J 63 1.31 -28.86 19.36
CA ILE J 63 2.09 -28.38 18.24
C ILE J 63 1.45 -27.12 17.68
N CYS J 64 2.24 -26.08 17.54
CA CYS J 64 1.76 -24.83 16.96
C CYS J 64 0.79 -24.10 17.84
N THR J 65 0.89 -24.36 19.14
CA THR J 65 0.07 -23.70 20.16
C THR J 65 0.95 -22.69 20.89
N PHE J 66 0.34 -21.83 21.68
CA PHE J 66 1.09 -20.91 22.52
C PHE J 66 0.24 -20.62 23.71
N ARG J 67 0.84 -20.65 24.90
CA ARG J 67 0.12 -20.24 26.13
C ARG J 67 0.86 -19.01 26.63
N GLY J 68 0.18 -18.19 27.44
CA GLY J 68 0.84 -17.09 28.15
C GLY J 68 -0.17 -16.07 28.60
N ASP J 69 0.29 -14.87 28.95
CA ASP J 69 -0.61 -13.74 29.19
C ASP J 69 -0.48 -12.71 28.08
N VAL J 70 -1.48 -11.88 27.96
CA VAL J 70 -1.63 -11.17 26.73
C VAL J 70 -1.84 -9.69 27.05
N THR J 71 -1.40 -8.83 26.13
CA THR J 71 -1.30 -7.39 26.36
C THR J 71 -1.77 -6.69 25.11
N HIS J 72 -2.62 -5.69 25.26
CA HIS J 72 -3.21 -5.10 24.09
C HIS J 72 -2.23 -4.13 23.45
N ILE J 73 -2.38 -3.91 22.15
CA ILE J 73 -1.68 -2.84 21.48
C ILE J 73 -2.69 -1.78 21.12
N ALA J 74 -2.52 -0.62 21.76
CA ALA J 74 -3.36 0.57 21.63
C ALA J 74 -3.75 0.93 20.18
N GLY J 75 -5.05 1.07 19.95
CA GLY J 75 -5.60 1.53 18.65
C GLY J 75 -5.37 0.65 17.41
N THR J 76 -5.04 -0.61 17.66
CA THR J 76 -4.93 -1.64 16.65
C THR J 76 -5.72 -2.78 17.23
N GLN J 77 -6.09 -3.76 16.40
CA GLN J 77 -6.74 -4.94 16.96
C GLN J 77 -5.77 -6.10 17.35
N ASN J 78 -4.49 -5.77 17.60
CA ASN J 78 -3.47 -6.77 17.90
C ASN J 78 -3.13 -6.94 19.37
N TYR J 79 -2.75 -8.15 19.76
CA TYR J 79 -2.24 -8.38 21.13
C TYR J 79 -0.86 -9.01 21.14
N THR J 80 -0.09 -8.77 22.18
CA THR J 80 1.24 -9.36 22.27
C THR J 80 1.15 -10.46 23.27
N MET J 81 1.67 -11.64 22.96
CA MET J 81 1.63 -12.68 23.97
C MET J 81 3.00 -12.88 24.60
N ASN J 82 3.04 -12.87 25.94
CA ASN J 82 4.28 -13.17 26.65
C ASN J 82 4.29 -14.60 27.05
N LEU J 83 5.18 -15.39 26.46
CA LEU J 83 4.94 -16.82 26.46
C LEU J 83 5.39 -17.50 27.73
N ALA J 84 4.66 -18.57 28.05
CA ALA J 84 5.09 -19.52 29.04
C ALA J 84 5.21 -20.93 28.42
N SER J 85 5.88 -21.80 29.18
CA SER J 85 6.05 -23.19 28.81
C SER J 85 4.75 -23.97 29.01
N GLN J 86 4.82 -25.24 28.63
CA GLN J 86 3.66 -26.09 28.61
C GLN J 86 2.97 -26.25 30.00
N ASN J 87 3.79 -26.36 31.05
CA ASN J 87 3.32 -26.43 32.45
C ASN J 87 2.83 -25.10 33.07
N TRP J 88 2.70 -24.08 32.23
CA TRP J 88 2.43 -22.71 32.65
C TRP J 88 3.57 -21.97 33.35
N ASN J 89 4.73 -22.61 33.51
CA ASN J 89 5.89 -21.94 34.14
C ASN J 89 6.66 -21.08 33.15
N ASN J 90 7.14 -19.92 33.63
CA ASN J 90 7.75 -18.92 32.73
C ASN J 90 8.73 -19.59 31.76
N TYR J 91 8.76 -19.08 30.53
CA TYR J 91 9.65 -19.57 29.45
C TYR J 91 11.04 -19.01 29.69
N ASP J 92 12.03 -19.88 29.76
CA ASP J 92 13.39 -19.43 29.97
C ASP J 92 14.15 -19.41 28.64
N PRO J 93 14.41 -18.18 28.11
CA PRO J 93 14.93 -18.01 26.76
C PRO J 93 16.34 -18.55 26.63
N THR J 94 16.98 -18.77 27.78
CA THR J 94 18.38 -19.20 27.84
C THR J 94 18.50 -20.72 27.80
N GLU J 95 17.38 -21.43 27.80
CA GLU J 95 17.43 -22.88 27.59
C GLU J 95 17.90 -23.16 26.16
N GLU J 96 18.77 -24.15 26.01
CA GLU J 96 19.45 -24.45 24.73
C GLU J 96 18.58 -25.15 23.69
N ILE J 97 17.56 -24.41 23.27
CA ILE J 97 16.59 -24.83 22.27
C ILE J 97 16.32 -23.65 21.28
N PRO J 98 16.04 -23.96 20.00
CA PRO J 98 15.73 -22.92 19.04
C PRO J 98 14.70 -21.91 19.51
N ALA J 99 13.74 -22.32 20.35
CA ALA J 99 12.51 -21.56 20.64
C ALA J 99 11.67 -22.45 21.55
N PRO J 100 10.53 -21.98 22.11
CA PRO J 100 9.72 -22.89 22.94
C PRO J 100 9.30 -24.17 22.21
N LEU J 101 9.36 -25.32 22.87
CA LEU J 101 9.05 -26.57 22.20
C LEU J 101 7.64 -26.49 21.63
N GLY J 102 7.49 -26.95 20.37
CA GLY J 102 6.20 -26.94 19.73
C GLY J 102 5.92 -25.70 18.90
N THR J 103 6.79 -24.69 19.02
CA THR J 103 6.69 -23.51 18.14
C THR J 103 6.62 -23.93 16.68
N PRO J 104 5.78 -23.24 15.84
CA PRO J 104 5.74 -23.53 14.42
C PRO J 104 7.14 -23.44 13.79
N ASP J 105 7.46 -24.33 12.87
CA ASP J 105 8.73 -24.28 12.21
C ASP J 105 8.61 -23.87 10.77
N PHE J 106 7.56 -23.14 10.40
CA PHE J 106 7.55 -22.59 9.04
C PHE J 106 7.09 -21.15 9.03
N VAL J 107 7.18 -20.50 7.88
CA VAL J 107 6.71 -19.14 7.76
C VAL J 107 5.36 -19.14 7.08
N GLY J 108 4.37 -18.62 7.78
CA GLY J 108 3.04 -18.62 7.23
C GLY J 108 2.13 -17.91 8.18
N LYS J 109 0.86 -17.82 7.79
CA LYS J 109 -0.11 -17.13 8.62
C LYS J 109 -1.09 -18.17 9.13
N ILE J 110 -0.98 -18.43 10.42
CA ILE J 110 -1.72 -19.51 11.06
C ILE J 110 -2.96 -18.92 11.74
N GLN J 111 -4.14 -19.34 11.31
CA GLN J 111 -5.33 -18.74 11.86
C GLN J 111 -5.88 -19.61 12.96
N GLY J 112 -6.21 -19.02 14.10
CA GLY J 112 -6.78 -19.82 15.14
C GLY J 112 -7.78 -19.14 16.05
N VAL J 113 -7.63 -19.45 17.33
CA VAL J 113 -8.48 -18.88 18.34
C VAL J 113 -7.68 -18.63 19.59
N LEU J 114 -7.66 -17.38 20.01
CA LEU J 114 -7.27 -17.02 21.35
C LEU J 114 -8.42 -17.22 22.34
N THR J 115 -8.18 -17.96 23.41
CA THR J 115 -9.20 -18.19 24.44
C THR J 115 -8.61 -17.87 25.80
N GLN J 116 -9.38 -17.24 26.66
CA GLN J 116 -8.87 -16.84 27.99
C GLN J 116 -9.76 -17.37 29.09
N THR J 117 -9.24 -17.38 30.30
CA THR J 117 -10.04 -17.69 31.46
C THR J 117 -9.60 -16.71 32.52
N THR J 118 -10.52 -15.83 32.96
CA THR J 118 -10.24 -14.93 34.09
C THR J 118 -10.34 -15.73 35.36
N ARG J 119 -9.25 -15.79 36.14
CA ARG J 119 -9.15 -16.76 37.25
C ARG J 119 -10.18 -16.51 38.36
N ARG J 120 -10.45 -15.25 38.68
CA ARG J 120 -11.34 -14.91 39.81
C ARG J 120 -12.75 -15.51 39.72
N ASP J 121 -13.43 -15.34 38.60
CA ASP J 121 -14.86 -15.69 38.50
C ASP J 121 -15.19 -16.84 37.54
N GLY J 122 -14.19 -17.25 36.74
CA GLY J 122 -14.33 -18.34 35.78
C GLY J 122 -15.01 -17.94 34.48
N SER J 123 -14.78 -16.70 34.04
CA SER J 123 -15.35 -16.19 32.79
C SER J 123 -14.42 -16.40 31.58
N THR J 124 -15.02 -16.69 30.43
CA THR J 124 -14.26 -17.14 29.28
C THR J 124 -14.47 -16.14 28.15
N ARG J 125 -13.44 -16.06 27.30
CA ARG J 125 -13.37 -15.24 26.10
C ARG J 125 -12.77 -16.11 25.02
N GLY J 126 -13.47 -16.16 23.88
CA GLY J 126 -12.93 -16.76 22.65
C GLY J 126 -13.01 -15.83 21.44
N HIS J 127 -11.90 -15.74 20.71
CA HIS J 127 -11.79 -14.81 19.58
C HIS J 127 -10.85 -15.28 18.52
N LYS J 128 -11.32 -15.19 17.27
CA LYS J 128 -10.51 -15.55 16.13
C LYS J 128 -9.24 -14.73 16.17
N ALA J 129 -8.12 -15.38 15.89
CA ALA J 129 -6.81 -14.72 15.92
C ALA J 129 -5.82 -15.33 14.92
N THR J 130 -4.90 -14.52 14.41
CA THR J 130 -3.93 -14.99 13.45
C THR J 130 -2.53 -14.66 13.89
N VAL J 131 -1.63 -15.63 13.74
CA VAL J 131 -0.21 -15.38 13.98
C VAL J 131 0.57 -15.51 12.68
N SER J 132 1.44 -14.52 12.46
CA SER J 132 2.22 -14.39 11.26
C SER J 132 3.66 -14.70 11.64
N THR J 133 4.12 -15.89 11.35
CA THR J 133 5.41 -16.34 11.83
C THR J 133 6.54 -15.69 11.05
N GLY J 134 6.18 -15.12 9.89
CA GLY J 134 7.16 -14.43 9.09
C GLY J 134 7.20 -12.95 9.41
N SER J 135 6.38 -12.53 10.38
CA SER J 135 6.31 -11.13 10.77
C SER J 135 7.49 -10.74 11.62
N VAL J 136 7.76 -9.45 11.63
CA VAL J 136 8.89 -8.86 12.36
C VAL J 136 8.80 -9.02 13.90
N HIS J 137 7.57 -9.18 14.41
CA HIS J 137 7.20 -9.28 15.84
C HIS J 137 7.01 -10.71 16.31
N PHE J 138 7.36 -11.63 15.43
CA PHE J 138 7.32 -13.00 15.80
C PHE J 138 8.70 -13.30 16.33
N THR J 139 8.80 -13.30 17.67
CA THR J 139 10.07 -13.49 18.39
C THR J 139 9.89 -14.54 19.51
N PRO J 140 9.34 -15.70 19.16
CA PRO J 140 9.11 -16.63 20.24
C PRO J 140 10.40 -16.91 21.01
N LYS J 141 11.54 -17.01 20.34
CA LYS J 141 12.73 -17.36 21.10
C LYS J 141 12.94 -16.36 22.24
N LEU J 142 12.49 -15.13 22.02
CA LEU J 142 12.64 -14.05 22.97
C LEU J 142 11.56 -14.09 24.06
N GLY J 143 10.42 -14.70 23.76
CA GLY J 143 9.43 -14.93 24.79
C GLY J 143 8.22 -14.11 24.46
N SER J 144 8.16 -13.66 23.22
CA SER J 144 7.11 -12.78 22.83
C SER J 144 6.69 -13.06 21.40
N VAL J 145 5.39 -13.16 21.18
CA VAL J 145 4.82 -13.34 19.88
C VAL J 145 3.65 -12.39 19.73
N GLN J 146 3.29 -12.06 18.49
CA GLN J 146 2.16 -11.14 18.24
C GLN J 146 1.02 -11.71 17.38
N PHE J 147 -0.21 -11.52 17.86
CA PHE J 147 -1.41 -12.03 17.20
C PHE J 147 -2.29 -10.91 16.68
N SER J 148 -2.94 -11.07 15.53
CA SER J 148 -3.96 -10.10 15.14
C SER J 148 -5.36 -10.69 15.30
N THR J 149 -6.28 -9.90 15.82
CA THR J 149 -7.59 -10.40 16.23
C THR J 149 -8.74 -9.59 15.64
N ASP J 150 -9.96 -9.88 16.10
CA ASP J 150 -11.15 -9.05 15.79
C ASP J 150 -11.74 -8.37 17.03
N THR J 151 -10.89 -8.17 18.06
CA THR J 151 -11.28 -7.48 19.28
C THR J 151 -10.31 -6.36 19.68
N SER J 152 -10.86 -5.30 20.23
CA SER J 152 -10.02 -4.20 20.66
C SER J 152 -10.05 -4.03 22.16
N ASN J 153 -11.05 -4.55 22.82
CA ASN J 153 -11.17 -4.36 24.25
C ASN J 153 -11.31 -5.58 25.13
N ASP J 154 -11.57 -6.73 24.52
CA ASP J 154 -11.91 -7.92 25.27
C ASP J 154 -10.90 -8.63 26.17
N PHE J 155 -9.67 -8.80 25.73
CA PHE J 155 -8.76 -9.59 26.52
C PHE J 155 -8.26 -8.88 27.72
N GLU J 156 -7.96 -9.62 28.78
CA GLU J 156 -7.52 -9.03 30.02
C GLU J 156 -6.05 -9.28 30.21
N THR J 157 -5.41 -8.40 30.96
CA THR J 157 -4.03 -8.63 31.42
C THR J 157 -3.95 -9.62 32.60
N GLY J 158 -2.78 -10.25 32.73
CA GLY J 158 -2.52 -11.20 33.80
C GLY J 158 -3.41 -12.41 33.76
N GLN J 159 -3.97 -12.72 32.59
CA GLN J 159 -4.87 -13.88 32.52
C GLN J 159 -4.43 -14.98 31.56
N ASN J 160 -4.40 -16.20 32.07
CA ASN J 160 -4.04 -17.34 31.28
C ASN J 160 -4.75 -17.44 29.92
N THR J 161 -3.99 -17.20 28.85
CA THR J 161 -4.53 -17.27 27.47
C THR J 161 -3.89 -18.33 26.60
N ARG J 162 -4.69 -18.95 25.75
CA ARG J 162 -4.26 -20.09 24.96
C ARG J 162 -4.63 -19.93 23.49
N PHE J 163 -3.64 -20.04 22.60
CA PHE J 163 -3.90 -20.05 21.17
C PHE J 163 -4.07 -21.47 20.68
N THR J 164 -5.08 -21.69 19.87
CA THR J 164 -5.30 -23.00 19.34
C THR J 164 -5.26 -22.90 17.83
N PRO J 165 -4.30 -23.59 17.21
CA PRO J 165 -4.20 -23.37 15.77
C PRO J 165 -5.35 -24.07 15.04
N VAL J 166 -5.77 -23.57 13.90
CA VAL J 166 -6.80 -24.29 13.15
C VAL J 166 -6.32 -24.62 11.72
N GLY J 167 -5.77 -23.60 11.08
CA GLY J 167 -5.34 -23.70 9.68
C GLY J 167 -4.50 -22.54 9.19
N VAL J 168 -4.36 -22.41 7.89
CA VAL J 168 -3.47 -21.41 7.35
C VAL J 168 -4.22 -20.59 6.34
N VAL J 169 -3.66 -19.42 6.04
CA VAL J 169 -4.37 -18.34 5.38
C VAL J 169 -3.46 -17.77 4.29
N GLN J 170 -4.03 -17.31 3.18
CA GLN J 170 -3.25 -16.52 2.21
C GLN J 170 -4.08 -15.43 1.58
N ASP J 171 -3.41 -14.36 1.15
CA ASP J 171 -4.05 -13.17 0.54
C ASP J 171 -4.34 -13.46 -0.94
N GLY J 172 -5.62 -13.66 -1.24
CA GLY J 172 -6.09 -14.15 -2.55
C GLY J 172 -5.80 -13.26 -3.75
N SER J 173 -5.45 -12.00 -3.49
CA SER J 173 -5.15 -11.00 -4.52
C SER J 173 -3.78 -11.22 -5.14
N THR J 174 -3.05 -12.19 -4.60
CA THR J 174 -1.60 -12.36 -4.71
C THR J 174 -1.44 -13.77 -5.26
N THR J 175 -0.27 -14.13 -5.80
CA THR J 175 -0.13 -15.44 -6.45
C THR J 175 -0.60 -16.65 -5.61
N HIS J 176 -1.45 -17.47 -6.19
CA HIS J 176 -1.98 -18.59 -5.42
C HIS J 176 -0.90 -19.59 -4.96
N GLN J 177 -1.11 -20.14 -3.76
CA GLN J 177 -0.22 -21.13 -3.12
C GLN J 177 1.15 -20.56 -2.75
N ASN J 178 1.23 -19.26 -2.52
CA ASN J 178 2.53 -18.63 -2.31
C ASN J 178 2.91 -18.57 -0.86
N GLU J 179 1.97 -18.92 0.01
CA GLU J 179 2.23 -19.09 1.42
C GLU J 179 1.19 -20.07 1.93
N PRO J 180 1.46 -20.76 3.06
CA PRO J 180 2.67 -20.71 3.85
C PRO J 180 3.89 -21.33 3.14
N GLN J 181 5.09 -21.06 3.67
CA GLN J 181 6.26 -21.70 3.14
C GLN J 181 6.85 -22.73 4.09
N GLN J 182 6.39 -23.97 3.94
CA GLN J 182 6.79 -25.05 4.83
C GLN J 182 8.29 -25.30 4.95
N TRP J 183 9.04 -24.96 3.92
CA TRP J 183 10.44 -25.25 3.95
C TRP J 183 11.30 -24.10 4.42
N VAL J 184 10.64 -23.04 4.87
CA VAL J 184 11.37 -21.89 5.40
C VAL J 184 11.18 -21.72 6.91
N LEU J 185 12.28 -21.88 7.65
CA LEU J 185 12.22 -21.66 9.10
C LEU J 185 11.90 -20.19 9.40
N PRO J 186 11.13 -19.95 10.48
CA PRO J 186 10.94 -18.58 10.95
C PRO J 186 12.16 -18.10 11.64
N ASP J 187 12.26 -16.79 11.84
CA ASP J 187 13.38 -16.18 12.56
C ASP J 187 12.92 -16.06 13.99
N TYR J 188 13.33 -17.01 14.79
CA TYR J 188 12.77 -17.22 16.11
C TYR J 188 13.04 -16.06 17.06
N SER J 189 14.17 -15.39 16.84
CA SER J 189 14.52 -14.21 17.64
C SER J 189 14.23 -12.93 16.87
N GLY J 190 13.39 -13.07 15.84
CA GLY J 190 13.06 -12.01 14.90
C GLY J 190 14.22 -11.54 14.04
N ARG J 191 14.02 -10.36 13.45
CA ARG J 191 14.94 -9.79 12.46
C ARG J 191 16.36 -9.47 12.95
N ASP J 192 17.30 -9.88 12.09
CA ASP J 192 18.73 -9.82 12.37
C ASP J 192 19.20 -10.58 13.63
N SER J 193 18.72 -11.81 13.77
CA SER J 193 19.29 -12.69 14.76
C SER J 193 19.56 -14.03 14.14
N HIS J 194 20.37 -14.83 14.80
CA HIS J 194 20.57 -16.15 14.33
C HIS J 194 19.67 -17.13 15.03
N ASN J 195 19.18 -18.09 14.27
CA ASN J 195 18.55 -19.23 14.90
C ASN J 195 19.68 -20.07 15.52
N VAL J 196 19.37 -20.77 16.60
CA VAL J 196 20.40 -21.48 17.37
C VAL J 196 19.86 -22.83 17.74
N HIS J 197 20.73 -23.82 17.91
CA HIS J 197 20.33 -25.16 18.39
C HIS J 197 19.38 -25.92 17.46
N LEU J 198 19.46 -25.65 16.18
CA LEU J 198 18.53 -26.26 15.27
C LEU J 198 18.79 -27.75 15.07
N ALA J 199 17.74 -28.54 14.92
CA ALA J 199 17.92 -29.84 14.32
C ALA J 199 18.60 -29.66 12.93
N PRO J 200 19.50 -30.59 12.53
CA PRO J 200 20.26 -30.43 11.27
C PRO J 200 19.37 -30.43 10.08
N ALA J 201 19.82 -29.77 9.03
CA ALA J 201 19.15 -29.89 7.75
C ALA J 201 19.38 -31.32 7.29
N VAL J 202 18.43 -31.87 6.59
CA VAL J 202 18.61 -33.21 6.08
C VAL J 202 18.62 -33.29 4.54
N ALA J 203 19.23 -34.34 4.01
CA ALA J 203 19.22 -34.55 2.56
C ALA J 203 19.52 -35.99 2.25
N PRO J 204 19.16 -36.47 1.05
CA PRO J 204 19.52 -37.85 0.72
C PRO J 204 21.01 -37.90 0.50
N THR J 205 21.64 -39.04 0.74
CA THR J 205 23.08 -39.06 0.53
C THR J 205 23.47 -40.25 -0.29
N PHE J 206 22.67 -40.59 -1.28
CA PHE J 206 22.85 -41.85 -1.93
C PHE J 206 22.21 -41.81 -3.31
N PRO J 207 22.91 -42.32 -4.35
CA PRO J 207 22.46 -42.22 -5.73
C PRO J 207 21.06 -42.79 -5.97
N GLY J 208 20.16 -41.97 -6.51
CA GLY J 208 18.78 -42.37 -6.82
C GLY J 208 17.84 -42.38 -5.66
N GLU J 209 18.22 -41.80 -4.53
CA GLU J 209 17.40 -41.82 -3.34
C GLU J 209 16.85 -40.44 -3.06
N GLN J 210 15.60 -40.36 -2.66
CA GLN J 210 15.02 -39.09 -2.29
C GLN J 210 14.48 -39.30 -0.92
N LEU J 211 14.25 -38.18 -0.23
CA LEU J 211 13.55 -38.24 1.01
C LEU J 211 12.12 -38.81 0.87
N LEU J 212 11.63 -39.44 1.95
CA LEU J 212 10.23 -39.83 2.00
C LEU J 212 9.53 -39.02 3.07
N PHE J 213 8.42 -38.38 2.72
CA PHE J 213 7.71 -37.46 3.61
C PHE J 213 6.36 -38.01 3.98
N PHE J 214 6.00 -37.74 5.23
CA PHE J 214 4.71 -38.04 5.79
C PHE J 214 3.93 -36.79 5.65
N ARG J 215 3.00 -36.84 4.70
CA ARG J 215 2.28 -35.65 4.28
C ARG J 215 0.84 -35.52 4.80
N SER J 216 0.50 -34.28 5.18
CA SER J 216 -0.87 -33.91 5.53
C SER J 216 -1.32 -32.74 4.68
N THR J 217 -2.62 -32.50 4.68
CA THR J 217 -3.17 -31.33 4.03
C THR J 217 -3.69 -30.39 5.11
N MET J 218 -3.06 -29.25 5.32
CA MET J 218 -3.53 -28.33 6.33
C MET J 218 -4.90 -27.71 6.04
N PRO J 219 -5.71 -27.43 7.07
CA PRO J 219 -6.95 -26.71 6.79
C PRO J 219 -6.76 -25.29 6.23
N GLY J 220 -7.53 -24.93 5.21
CA GLY J 220 -7.41 -23.61 4.67
C GLY J 220 -8.46 -22.75 5.31
N CYS J 221 -8.08 -21.58 5.78
CA CYS J 221 -9.06 -20.71 6.40
C CYS J 221 -9.61 -19.69 5.45
N SER J 222 -8.81 -19.32 4.46
CA SER J 222 -9.09 -18.17 3.60
C SER J 222 -8.03 -18.06 2.48
N GLY J 223 -8.49 -17.77 1.29
CA GLY J 223 -7.56 -17.61 0.20
C GLY J 223 -7.26 -18.89 -0.47
N TYR J 224 -6.06 -18.97 -0.97
CA TYR J 224 -5.57 -20.14 -1.61
C TYR J 224 -4.22 -20.46 -1.00
N PRO J 225 -4.16 -20.92 0.25
CA PRO J 225 -2.81 -21.11 0.82
C PRO J 225 -2.28 -22.50 0.54
N ASN J 226 -0.98 -22.60 0.30
CA ASN J 226 -0.35 -23.89 0.07
C ASN J 226 -0.51 -24.86 1.24
N MET J 227 -1.38 -25.84 1.09
CA MET J 227 -1.73 -26.68 2.22
C MET J 227 -0.88 -27.93 2.44
N ASN J 228 0.01 -28.30 1.53
CA ASN J 228 0.90 -29.41 1.82
C ASN J 228 1.75 -29.15 3.04
N LEU J 229 1.85 -30.16 3.89
CA LEU J 229 2.68 -30.08 5.09
C LEU J 229 3.28 -31.45 5.25
N ASP J 230 4.56 -31.54 4.96
CA ASP J 230 5.33 -32.76 5.06
C ASP J 230 6.18 -32.80 6.36
N CYS J 231 6.06 -33.91 7.08
CA CYS J 231 7.01 -34.12 8.14
C CYS J 231 7.90 -35.32 7.85
N LEU J 232 8.99 -35.40 8.62
CA LEU J 232 10.03 -36.42 8.46
C LEU J 232 9.81 -37.68 9.27
N LEU J 233 9.03 -37.55 10.35
CA LEU J 233 8.70 -38.67 11.20
C LEU J 233 7.36 -38.39 11.77
N PRO J 234 6.47 -39.37 11.73
CA PRO J 234 5.16 -39.16 12.32
C PRO J 234 5.31 -39.00 13.84
N GLN J 235 4.40 -38.27 14.47
CA GLN J 235 4.52 -37.94 15.89
C GLN J 235 4.56 -39.19 16.74
N GLU J 236 3.76 -40.19 16.36
CA GLU J 236 3.79 -41.54 16.96
C GLU J 236 5.16 -42.20 16.92
N TRP J 237 5.92 -41.99 15.84
CA TRP J 237 7.29 -42.51 15.80
C TRP J 237 8.20 -41.80 16.80
N VAL J 238 8.06 -40.48 16.91
CA VAL J 238 8.80 -39.69 17.88
C VAL J 238 8.49 -40.23 19.24
N GLN J 239 7.21 -40.29 19.60
CA GLN J 239 6.81 -40.85 20.88
C GLN J 239 7.38 -42.24 21.14
N HIS J 240 7.33 -43.09 20.12
CA HIS J 240 7.71 -44.49 20.28
C HIS J 240 9.18 -44.54 20.57
N PHE J 241 9.95 -43.77 19.79
CA PHE J 241 11.38 -43.84 19.88
C PHE J 241 11.79 -43.26 21.20
N TYR J 242 11.04 -42.26 21.67
CA TYR J 242 11.41 -41.70 22.94
C TYR J 242 11.27 -42.77 24.05
N GLN J 243 10.09 -43.42 24.12
CA GLN J 243 9.84 -44.50 25.05
C GLN J 243 10.91 -45.58 24.98
N GLU J 244 11.07 -46.14 23.77
CA GLU J 244 11.86 -47.36 23.58
C GLU J 244 13.34 -47.14 23.76
N SER J 245 13.84 -46.02 23.28
CA SER J 245 15.26 -45.68 23.42
C SER J 245 16.20 -46.74 22.92
N ALA J 246 15.85 -47.45 21.85
CA ALA J 246 16.67 -48.57 21.42
C ALA J 246 18.03 -48.14 20.78
N PRO J 247 19.16 -48.71 21.25
CA PRO J 247 20.39 -48.31 20.56
C PRO J 247 20.45 -48.80 19.13
N ALA J 248 20.95 -47.92 18.26
CA ALA J 248 21.15 -48.16 16.85
C ALA J 248 22.37 -49.04 16.60
N GLN J 249 22.20 -50.17 15.91
CA GLN J 249 23.32 -51.08 15.69
C GLN J 249 24.13 -50.66 14.48
N SER J 250 23.61 -49.69 13.73
CA SER J 250 24.36 -49.10 12.65
C SER J 250 23.69 -47.79 12.27
N ASP J 251 23.98 -47.33 11.07
CA ASP J 251 23.66 -45.97 10.67
C ASP J 251 22.28 -45.88 10.09
N VAL J 252 21.77 -47.03 9.65
CA VAL J 252 20.56 -47.07 8.89
C VAL J 252 19.69 -48.24 9.31
N ALA J 253 18.41 -48.01 9.46
CA ALA J 253 17.54 -49.10 9.75
C ALA J 253 16.72 -49.42 8.51
N LEU J 254 16.81 -50.65 8.01
CA LEU J 254 16.04 -51.02 6.85
C LEU J 254 14.58 -51.31 7.17
N LEU J 255 13.62 -50.49 6.75
CA LEU J 255 12.21 -50.83 6.96
C LEU J 255 11.55 -51.40 5.71
N ARG J 256 10.56 -52.26 5.91
CA ARG J 256 9.65 -52.71 4.85
C ARG J 256 8.22 -52.23 5.09
N PHE J 257 7.59 -51.80 4.02
CA PHE J 257 6.20 -51.44 4.08
C PHE J 257 5.42 -52.65 3.56
N VAL J 258 4.48 -53.10 4.38
CA VAL J 258 3.92 -54.41 4.27
C VAL J 258 2.42 -54.34 4.25
N ASN J 259 1.84 -55.16 3.39
CA ASN J 259 0.42 -55.42 3.39
C ASN J 259 0.15 -56.65 4.24
N PRO J 260 -0.46 -56.44 5.38
CA PRO J 260 -0.72 -57.51 6.29
C PRO J 260 -1.63 -58.53 5.66
N ASP J 261 -2.52 -58.15 4.76
CA ASP J 261 -3.35 -59.17 4.16
C ASP J 261 -2.63 -60.13 3.23
N THR J 262 -1.98 -59.61 2.21
CA THR J 262 -1.25 -60.45 1.29
C THR J 262 -0.06 -61.02 1.98
N GLY J 263 0.50 -60.20 2.83
CA GLY J 263 1.74 -60.52 3.47
C GLY J 263 2.84 -60.00 2.58
N ARG J 264 2.47 -59.30 1.52
CA ARG J 264 3.48 -58.83 0.58
C ARG J 264 4.11 -57.48 0.85
N VAL J 265 5.41 -57.38 0.60
CA VAL J 265 6.18 -56.13 0.82
C VAL J 265 6.00 -55.17 -0.33
N LEU J 266 5.48 -53.98 -0.08
CA LEU J 266 5.26 -53.00 -1.13
C LEU J 266 6.54 -52.26 -1.59
N PHE J 267 7.28 -51.70 -0.65
CA PHE J 267 8.60 -51.12 -0.92
C PHE J 267 9.44 -51.18 0.33
N GLU J 268 10.73 -50.91 0.17
CA GLU J 268 11.62 -50.85 1.30
C GLU J 268 12.20 -49.46 1.40
N CYS J 269 12.56 -49.00 2.58
CA CYS J 269 13.13 -47.68 2.72
C CYS J 269 14.16 -47.71 3.82
N LYS J 270 14.94 -46.64 3.96
CA LYS J 270 15.93 -46.52 4.98
C LYS J 270 15.47 -45.47 5.95
N LEU J 271 15.45 -45.82 7.22
CA LEU J 271 15.32 -44.84 8.27
C LEU J 271 16.71 -44.58 8.80
N HIS J 272 17.27 -43.40 8.58
CA HIS J 272 18.57 -43.07 9.11
C HIS J 272 18.53 -42.74 10.62
N LYS J 273 19.59 -43.06 11.37
CA LYS J 273 19.48 -43.01 12.84
C LYS J 273 19.18 -41.62 13.36
N SER J 274 19.62 -40.61 12.61
CA SER J 274 19.40 -39.22 13.02
C SER J 274 17.95 -38.84 12.73
N GLY J 275 17.21 -39.77 12.11
CA GLY J 275 15.77 -39.73 12.20
C GLY J 275 15.03 -39.10 11.06
N TYR J 276 15.12 -39.75 9.91
CA TYR J 276 14.40 -39.39 8.70
C TYR J 276 14.51 -40.51 7.67
N VAL J 277 13.60 -40.53 6.70
CA VAL J 277 13.52 -41.66 5.77
C VAL J 277 13.86 -41.36 4.32
N THR J 278 14.52 -42.30 3.62
CA THR J 278 14.74 -42.12 2.16
C THR J 278 14.28 -43.31 1.33
N VAL J 279 13.92 -43.09 0.07
CA VAL J 279 13.49 -44.20 -0.76
C VAL J 279 14.24 -44.12 -2.06
N ALA J 280 14.26 -45.24 -2.78
CA ALA J 280 14.86 -45.24 -4.08
C ALA J 280 13.85 -44.85 -5.15
N HIS J 281 13.78 -43.55 -5.41
CA HIS J 281 12.94 -43.03 -6.45
C HIS J 281 13.47 -41.74 -7.08
N THR J 282 13.18 -41.58 -8.37
CA THR J 282 13.52 -40.36 -9.06
C THR J 282 12.27 -39.69 -9.62
N GLY J 283 11.85 -38.59 -9.01
CA GLY J 283 10.67 -37.85 -9.43
C GLY J 283 9.72 -37.52 -8.28
N GLN J 284 8.73 -36.69 -8.55
CA GLN J 284 7.75 -36.38 -7.55
C GLN J 284 6.72 -37.47 -7.62
N HIS J 285 6.42 -38.08 -6.48
CA HIS J 285 5.44 -39.14 -6.47
C HIS J 285 4.57 -39.22 -5.22
N ASP J 286 3.27 -39.31 -5.48
CA ASP J 286 2.28 -39.66 -4.49
C ASP J 286 2.18 -41.19 -4.45
N LEU J 287 2.60 -41.80 -3.35
CA LEU J 287 2.57 -43.24 -3.21
C LEU J 287 1.13 -43.77 -3.18
N VAL J 288 0.92 -44.90 -3.86
CA VAL J 288 -0.38 -45.60 -3.82
C VAL J 288 -0.22 -46.81 -2.95
N ILE J 289 -0.87 -46.77 -1.80
CA ILE J 289 -0.66 -47.74 -0.73
C ILE J 289 -1.96 -48.38 -0.27
N PRO J 290 -1.92 -49.69 0.07
CA PRO J 290 -3.06 -50.33 0.70
C PRO J 290 -3.40 -49.65 2.02
N PRO J 291 -4.71 -49.40 2.25
CA PRO J 291 -5.20 -48.63 3.43
C PRO J 291 -4.74 -49.20 4.80
N ASN J 292 -4.52 -50.51 4.85
CA ASN J 292 -4.04 -51.04 6.07
C ASN J 292 -2.58 -51.54 6.04
N GLY J 293 -1.74 -50.89 5.23
CA GLY J 293 -0.33 -51.19 5.23
C GLY J 293 0.41 -50.43 6.30
N TYR J 294 1.51 -50.98 6.75
CA TYR J 294 2.27 -50.33 7.80
C TYR J 294 3.76 -50.61 7.63
N PHE J 295 4.59 -49.92 8.40
CA PHE J 295 6.02 -50.10 8.33
C PHE J 295 6.57 -51.08 9.35
N ARG J 296 7.45 -51.98 8.90
CA ARG J 296 8.08 -52.98 9.77
C ARG J 296 9.60 -52.85 9.76
N PHE J 297 10.23 -52.66 10.91
CA PHE J 297 11.70 -52.73 10.92
C PHE J 297 12.10 -54.15 10.65
N ASP J 298 13.00 -54.35 9.67
CA ASP J 298 13.69 -55.64 9.40
C ASP J 298 15.16 -55.81 9.79
N SER J 299 16.07 -54.91 9.45
CA SER J 299 17.41 -55.04 10.01
C SER J 299 18.25 -53.79 9.92
N TRP J 300 19.39 -53.80 10.61
CA TRP J 300 20.31 -52.70 10.57
C TRP J 300 21.29 -52.91 9.44
N VAL J 301 21.47 -51.91 8.58
CA VAL J 301 22.33 -52.04 7.39
C VAL J 301 23.28 -50.89 7.32
N ASN J 302 24.33 -50.98 6.50
CA ASN J 302 25.29 -49.90 6.43
C ASN J 302 24.86 -48.93 5.35
N GLN J 303 25.60 -47.85 5.21
CA GLN J 303 25.16 -46.73 4.40
C GLN J 303 25.18 -47.00 2.91
N PHE J 304 25.74 -48.15 2.51
CA PHE J 304 25.85 -48.54 1.10
C PHE J 304 24.95 -49.69 0.73
N TYR J 305 23.91 -49.91 1.53
CA TYR J 305 22.87 -50.85 1.18
C TYR J 305 22.00 -50.27 0.03
N THR J 306 21.80 -51.01 -1.05
CA THR J 306 20.95 -50.54 -2.13
C THR J 306 19.50 -50.96 -1.96
N LEU J 307 18.61 -49.98 -1.91
CA LEU J 307 17.20 -50.24 -1.91
C LEU J 307 16.66 -50.67 -3.28
N ALA J 308 15.67 -51.55 -3.27
CA ALA J 308 14.94 -51.90 -4.48
C ALA J 308 14.11 -50.71 -4.95
N PRO J 309 14.12 -50.44 -6.25
CA PRO J 309 13.27 -49.38 -6.71
C PRO J 309 11.85 -49.48 -6.16
N MET J 310 11.40 -48.43 -5.51
CA MET J 310 10.01 -48.24 -5.18
C MET J 310 9.15 -48.02 -6.48
N GLY J 311 8.09 -48.80 -6.70
CA GLY J 311 7.35 -48.76 -8.00
C GLY J 311 5.91 -48.24 -8.00
C2 BGC K . 21.01 -4.51 -43.02
C3 BGC K . 20.32 -3.44 -42.19
C4 BGC K . 21.35 -2.43 -41.80
C5 BGC K . 21.69 -1.79 -43.08
C6 BGC K . 22.62 -0.68 -42.64
C1 BGC K . 21.61 -3.87 -44.25
O1 BGC K . 22.53 -4.82 -44.71
O2 BGC K . 20.08 -5.51 -43.41
O3 BGC K . 19.75 -3.99 -41.02
O4 BGC K . 20.63 -1.54 -40.94
O5 BGC K . 22.36 -2.71 -43.92
O6 BGC K . 23.64 -0.49 -43.63
C1 GAL K . 21.02 -0.17 -41.07
C2 GAL K . 19.90 0.81 -40.80
C3 GAL K . 20.41 2.23 -40.93
C4 GAL K . 21.62 2.40 -40.08
C5 GAL K . 22.62 1.42 -40.61
C6 GAL K . 23.98 1.85 -40.06
O2 GAL K . 18.88 0.57 -41.74
O3 GAL K . 19.42 3.11 -40.38
O4 GAL K . 21.29 2.03 -38.76
O5 GAL K . 22.07 0.17 -40.17
O6 GAL K . 24.51 2.91 -40.88
C1 NAG K . 19.76 4.27 -40.67
C2 NAG K . 18.51 5.22 -40.88
C3 NAG K . 18.74 6.74 -41.19
C4 NAG K . 19.84 7.24 -40.30
C5 NAG K . 20.94 6.22 -40.24
C6 NAG K . 21.60 6.94 -39.14
C7 NAG K . 16.68 3.90 -41.78
C8 NAG K . 15.96 3.46 -43.05
N2 NAG K . 17.71 4.69 -41.97
O3 NAG K . 17.53 7.50 -41.11
O4 NAG K . 20.36 8.39 -40.90
O5 NAG K . 20.54 4.96 -39.73
O6 NAG K . 20.75 6.80 -38.00
O7 NAG K . 16.27 3.55 -40.67
C1 GAL K . 16.79 7.35 -42.34
C2 GAL K . 15.34 7.71 -42.10
C3 GAL K . 14.46 7.89 -43.32
C4 GAL K . 15.31 8.36 -44.46
C5 GAL K . 16.60 7.55 -44.46
C6 GAL K . 17.56 7.74 -45.60
O2 GAL K . 14.79 6.83 -41.10
O3 GAL K . 13.55 8.92 -43.03
O4 GAL K . 15.60 9.73 -44.22
O5 GAL K . 17.24 8.11 -43.40
O6 GAL K . 18.23 6.48 -45.80
C1 FUC K . 14.04 7.61 -40.14
C2 FUC K . 12.94 6.75 -39.54
C3 FUC K . 13.52 5.56 -38.77
C4 FUC K . 14.63 6.03 -37.84
C5 FUC K . 15.63 6.92 -38.55
C6 FUC K . 16.68 7.41 -37.56
O2 FUC K . 12.08 6.27 -40.59
O3 FUC K . 12.48 4.92 -38.02
O4 FUC K . 14.06 6.70 -36.71
O5 FUC K . 14.93 8.05 -39.10
C2 BGC L . 25.75 27.95 -16.18
C3 BGC L . 25.75 27.18 -17.50
C4 BGC L . 26.62 25.95 -17.32
C5 BGC L . 26.34 25.19 -16.00
C6 BGC L . 27.55 24.31 -15.58
C1 BGC L . 25.09 27.01 -15.15
O1 BGC L . 24.68 27.53 -13.90
O2 BGC L . 25.07 29.21 -16.31
O3 BGC L . 26.21 27.99 -18.59
O4 BGC L . 26.58 25.04 -18.42
O5 BGC L . 26.12 26.06 -14.90
O6 BGC L . 27.66 24.33 -14.14
C1 GAL L . 27.88 24.93 -19.01
C2 GAL L . 28.43 23.54 -18.79
C3 GAL L . 29.83 23.38 -19.40
C4 GAL L . 29.93 23.90 -20.84
C5 GAL L . 29.03 25.11 -21.02
C6 GAL L . 28.83 25.27 -22.51
O2 GAL L . 28.52 23.30 -17.39
O3 GAL L . 29.77 22.06 -18.81
O4 GAL L . 29.55 22.88 -21.76
O5 GAL L . 27.76 24.89 -20.43
O6 GAL L . 30.10 25.15 -23.16
C1 NAG L . 31.20 21.99 -18.73
C2 NAG L . 31.60 20.80 -17.91
C3 NAG L . 33.13 20.61 -17.89
C4 NAG L . 33.81 20.93 -19.21
C5 NAG L . 33.06 21.94 -20.09
C6 NAG L . 33.64 21.85 -21.53
C7 NAG L . 29.80 20.60 -16.20
C8 NAG L . 29.48 20.80 -14.72
N2 NAG L . 31.05 20.95 -16.55
O3 NAG L . 33.95 19.27 -17.87
O4 NAG L . 35.01 21.55 -18.82
O5 NAG L . 31.67 21.65 -20.03
O6 NAG L . 32.71 21.00 -22.23
O7 NAG L . 28.94 20.13 -16.96
C1 GAL L . 33.62 19.22 -16.46
C2 GAL L . 33.14 17.82 -16.11
C3 GAL L . 33.01 17.48 -14.63
C4 GAL L . 34.03 18.26 -13.84
C5 GAL L . 34.14 19.68 -14.35
C6 GAL L . 35.12 20.47 -13.54
O2 GAL L . 31.98 17.50 -16.89
O3 GAL L . 33.34 16.12 -14.44
O4 GAL L . 35.26 17.60 -14.05
O5 GAL L . 34.68 19.56 -15.61
O6 GAL L . 34.77 21.84 -13.64
C1 FUC L . 32.08 16.15 -17.38
C2 FUC L . 30.90 15.33 -16.87
C3 FUC L . 29.57 15.88 -17.40
C4 FUC L . 29.64 16.12 -18.91
C5 FUC L . 30.92 16.89 -19.28
C6 FUC L . 30.99 17.06 -20.80
O2 FUC L . 30.88 15.35 -15.44
O3 FUC L . 28.52 14.96 -17.12
O4 FUC L . 29.63 14.88 -19.60
O5 FUC L . 32.07 16.18 -18.81
C2 BGC M . -6.95 9.64 -68.52
C3 BGC M . -7.57 9.96 -67.16
C4 BGC M . -9.00 10.43 -67.40
C5 BGC M . -9.68 9.13 -67.84
C6 BGC M . -11.19 9.23 -67.93
C1 BGC M . -7.74 8.50 -69.11
O1 BGC M . -7.16 8.34 -70.39
O2 BGC M . -5.60 9.23 -68.40
O3 BGC M . -6.84 10.98 -66.51
O4 BGC M . -9.44 11.17 -66.25
O5 BGC M . -9.13 8.86 -69.15
O6 BGC M . -11.64 8.62 -69.14
C1 GAL M . -9.88 10.27 -65.24
C2 GAL M . -9.15 10.55 -63.93
C3 GAL M . -9.68 9.68 -62.79
C4 GAL M . -11.16 9.89 -62.80
C5 GAL M . -11.67 9.34 -64.12
C6 GAL M . -13.15 9.00 -64.14
O2 GAL M . -7.76 10.32 -64.11
O3 GAL M . -9.20 10.17 -61.52
O4 GAL M . -11.37 11.29 -62.80
O5 GAL M . -11.29 10.43 -64.99
O6 GAL M . -13.50 8.53 -65.44
C1 NAG M . -9.75 9.38 -60.46
C2 NAG M . -9.27 9.92 -59.10
C3 NAG M . -9.76 9.06 -57.96
C4 NAG M . -11.28 9.05 -58.08
C5 NAG M . -11.72 8.65 -59.47
C6 NAG M . -13.15 8.98 -59.25
C7 NAG M . -7.16 11.09 -59.25
C8 NAG M . -5.66 10.99 -59.11
N2 NAG M . -7.82 9.97 -59.01
O3 NAG M . -9.37 9.66 -56.72
O4 NAG M . -11.78 8.09 -57.18
O5 NAG M . -11.16 9.47 -60.51
O6 NAG M . -13.15 10.26 -58.67
O7 NAG M . -7.70 12.14 -59.57
C1 GAL M . -8.25 8.95 -56.17
C2 GAL M . -7.76 9.66 -54.93
C3 GAL M . -6.56 9.08 -54.24
C4 GAL M . -6.62 7.57 -54.18
C5 GAL M . -7.37 6.97 -55.35
C6 GAL M . -7.80 5.65 -54.79
O2 GAL M . -7.36 11.00 -55.27
O3 GAL M . -6.52 9.57 -52.92
O4 GAL M . -7.26 7.20 -52.98
O5 GAL M . -8.54 7.67 -55.69
O6 GAL M . -8.89 5.17 -55.58
C1 FUC M . -7.79 11.91 -54.25
C2 FUC M . -6.85 13.05 -54.49
C3 FUC M . -7.01 13.42 -55.93
C4 FUC M . -8.45 13.82 -56.16
C5 FUC M . -9.39 12.74 -55.69
C6 FUC M . -10.59 13.62 -55.55
O2 FUC M . -5.53 12.59 -54.30
O3 FUC M . -6.11 14.47 -56.26
O4 FUC M . -8.74 14.99 -55.45
O5 FUC M . -9.14 12.30 -54.41
C2 BGC N . -60.83 15.49 55.30
C3 BGC N . -59.65 15.81 54.40
C4 BGC N . -58.42 15.26 55.07
C5 BGC N . -58.61 13.81 54.97
C6 BGC N . -57.30 13.28 55.53
C1 BGC N . -60.95 13.99 55.46
O1 BGC N . -61.77 13.82 56.56
O2 BGC N . -62.03 15.99 54.71
O3 BGC N . -59.49 17.20 54.23
O4 BGC N . -57.34 15.71 54.23
O5 BGC N . -59.70 13.41 55.80
O6 BGC N . -57.53 12.08 56.27
C1 GAL N . -56.29 14.77 54.10
C2 GAL N . -55.58 14.84 52.76
C3 GAL N . -54.45 13.81 52.73
C4 GAL N . -53.58 14.03 53.92
C5 GAL N . -54.45 13.81 55.10
C6 GAL N . -53.53 13.58 56.30
O2 GAL N . -56.52 14.53 51.76
O3 GAL N . -53.62 14.12 51.59
O4 GAL N . -53.14 15.37 53.92
O5 GAL N . -55.28 14.98 55.10
O6 GAL N . -53.08 12.22 56.31
C1 NAG N . -52.83 13.17 51.46
C2 NAG N . -52.45 12.92 49.95
C3 NAG N . -51.40 11.80 49.61
C4 NAG N . -50.26 11.91 50.57
C5 NAG N . -50.81 12.13 51.96
C6 NAG N . -49.47 12.42 52.48
C7 NAG N . -54.37 13.46 48.56
C8 NAG N . -55.61 12.91 47.88
N2 NAG N . -53.67 12.58 49.22
O3 NAG N . -50.99 11.85 48.23
O4 NAG N . -49.62 10.67 50.57
O5 NAG N . -51.57 13.32 52.10
O6 NAG N . -49.07 13.67 51.91
O7 NAG N . -54.07 14.66 48.48
C1 GAL N . -51.98 11.19 47.41
C2 GAL N . -51.84 11.66 45.97
C3 GAL N . -52.59 10.87 44.92
C4 GAL N . -52.74 9.45 45.39
C5 GAL N . -53.12 9.47 46.85
C6 GAL N . -53.46 8.17 47.52
O2 GAL N . -52.04 13.08 45.91
O3 GAL N . -51.79 10.85 43.76
O4 GAL N . -51.47 8.84 45.21
O5 GAL N . -51.92 9.82 47.42
O6 GAL N . -54.42 8.43 48.54
C1 FUC N . -51.10 13.65 44.99
C2 FUC N . -51.70 14.90 44.35
C3 FUC N . -52.00 15.98 45.40
C4 FUC N . -50.79 16.18 46.31
C5 FUC N . -50.25 14.86 46.83
C6 FUC N . -49.01 15.09 47.69
O2 FUC N . -52.91 14.54 43.67
O3 FUC N . -52.32 17.20 44.74
O4 FUC N . -49.77 16.88 45.60
O5 FUC N . -49.90 14.01 45.71
C2 BGC O . -73.02 -2.20 22.38
C3 BGC O . -72.93 -2.50 20.88
C4 BGC O . -72.98 -1.20 20.06
C5 BGC O . -74.08 -0.30 20.58
C6 BGC O . -74.91 0.21 19.39
C1 BGC O . -74.22 -1.31 22.69
O1 BGC O . -75.09 -1.97 23.61
O2 BGC O . -71.82 -1.56 22.81
O3 BGC O . -74.03 -3.33 20.49
O4 BGC O . -71.72 -0.53 20.18
O5 BGC O . -74.93 -1.03 21.47
O6 BGC O . -75.44 -0.90 18.67
C1 GAL O . -71.89 0.87 19.89
C2 GAL O . -70.76 1.68 20.53
C3 GAL O . -70.89 3.16 20.19
C4 GAL O . -71.08 3.33 18.68
C5 GAL O . -72.18 2.42 18.16
C6 GAL O . -72.32 2.60 16.64
O2 GAL O . -70.79 1.50 21.94
O3 GAL O . -69.70 3.85 20.61
O4 GAL O . -69.85 3.03 18.01
O5 GAL O . -71.87 1.06 18.46
O6 GAL O . -73.33 1.73 16.15
C1 NAG O . -69.91 5.27 20.49
C2 NAG O . -68.66 6.01 21.00
C3 NAG O . -68.83 7.52 20.85
C4 NAG O . -69.27 7.84 19.43
C5 NAG O . -70.48 7.00 19.01
C6 NAG O . -70.86 7.32 17.58
C7 NAG O . -67.66 4.66 22.78
C8 NAG O . -67.53 4.46 24.30
N2 NAG O . -68.44 5.67 22.41
O3 NAG O . -67.57 8.16 21.12
O4 NAG O . -69.61 9.23 19.34
O5 NAG O . -70.13 5.60 19.12
O6 NAG O . -69.69 7.54 16.80
O7 NAG O . -67.06 3.93 21.99
C1 GAL O . -67.57 8.66 22.47
C2 GAL O . -66.15 8.99 22.88
C3 GAL O . -66.14 9.53 24.32
C4 GAL O . -67.17 10.64 24.49
C5 GAL O . -68.53 10.22 23.93
C6 GAL O . -69.50 11.40 24.01
O2 GAL O . -65.33 7.81 22.82
O3 GAL O . -64.84 10.02 24.64
O4 GAL O . -66.72 11.82 23.82
O5 GAL O . -68.38 9.85 22.55
O6 GAL O . -70.40 11.19 25.11
C1 FUC O . -63.99 8.17 22.46
C2 FUC O . -63.12 6.91 22.44
C3 FUC O . -63.59 5.94 21.36
C4 FUC O . -63.82 6.67 20.03
C5 FUC O . -64.64 7.93 20.22
C6 FUC O . -64.78 8.67 18.89
O2 FUC O . -63.16 6.27 23.71
O3 FUC O . -62.62 4.90 21.18
O4 FUC O . -62.55 7.00 19.45
O5 FUC O . -63.98 8.79 21.17
C2 BGC P . 35.57 8.36 18.80
C3 BGC P . 35.89 7.19 17.86
C4 BGC P . 35.21 5.91 18.34
C5 BGC P . 33.74 6.16 18.61
C6 BGC P . 33.07 4.88 19.10
C1 BGC P . 34.07 8.44 19.09
O1 BGC P . 33.82 9.47 20.04
O2 BGC P . 36.01 9.58 18.20
O3 BGC P . 37.30 6.99 17.80
O4 BGC P . 35.34 4.89 17.34
O5 BGC P . 33.62 7.18 19.62
O6 BGC P . 33.44 4.63 20.46
C1 GAL P . 34.04 4.55 16.82
C2 GAL P . 34.02 4.79 15.30
C3 GAL P . 32.67 4.40 14.72
C4 GAL P . 32.28 2.99 15.19
C5 GAL P . 32.41 2.88 16.72
C6 GAL P . 32.06 1.45 17.16
O2 GAL P . 34.29 6.16 15.03
O3 GAL P . 32.74 4.41 13.29
O4 GAL P . 33.13 2.03 14.56
O5 GAL P . 33.76 3.18 17.10
O6 GAL P . 31.42 1.49 18.43
C1 NAG P . 31.45 4.17 12.72
C2 NAG P . 31.59 3.79 11.25
C3 NAG P . 30.23 3.48 10.63
C4 NAG P . 29.47 2.49 11.51
C5 NAG P . 29.45 2.95 12.96
C6 NAG P . 28.73 1.93 13.83
C7 NAG P . 33.39 4.74 9.88
C8 NAG P . 33.90 6.00 9.17
N2 NAG P . 32.23 4.90 10.52
O3 NAG P . 30.42 2.90 9.32
O4 NAG P . 28.13 2.36 11.04
O5 NAG P . 30.81 3.11 13.44
O6 NAG P . 29.02 0.61 13.35
O7 NAG P . 34.03 3.69 9.84
C1 GAL P . 29.93 3.81 8.32
C2 GAL P . 30.38 3.34 6.95
C3 GAL P . 29.86 4.30 5.88
C4 GAL P . 28.36 4.55 6.05
C5 GAL P . 28.02 4.89 7.50
C6 GAL P . 26.50 5.02 7.65
O2 GAL P . 31.82 3.31 6.90
O3 GAL P . 30.11 3.75 4.58
O4 GAL P . 27.64 3.37 5.66
O5 GAL P . 28.50 3.85 8.37
O6 GAL P . 26.19 5.33 9.01
C1 FUC P . 32.25 2.24 6.04
C2 FUC P . 33.63 2.58 5.47
C3 FUC P . 34.68 2.67 6.58
C4 FUC P . 34.59 1.47 7.52
C5 FUC P . 33.13 1.21 7.95
C6 FUC P . 33.07 -0.03 8.82
O2 FUC P . 33.57 3.82 4.77
O3 FUC P . 35.98 2.73 6.00
O4 FUC P . 35.09 0.31 6.87
O5 FUC P . 32.32 1.02 6.78
C2 BGC Q . -18.71 -8.83 -7.29
C3 BGC Q . -19.59 -9.89 -7.94
C4 BGC Q . -18.75 -11.07 -8.44
C5 BGC Q . -17.50 -10.56 -9.13
C6 BGC Q . -17.29 -11.33 -10.44
C1 BGC Q . -17.57 -8.40 -8.24
O1 BGC Q . -17.71 -7.00 -8.53
O2 BGC Q . -18.14 -9.34 -6.08
O3 BGC Q . -20.29 -9.31 -9.04
O4 BGC Q . -18.36 -11.88 -7.32
O5 BGC Q . -17.65 -9.17 -9.44
O6 BGC Q . -18.51 -11.98 -10.82
C1 GAL Q . -16.94 -11.99 -7.27
C2 GAL Q . -16.51 -12.54 -5.91
C3 GAL Q . -15.00 -12.70 -5.82
C4 GAL Q . -14.49 -13.47 -7.05
C5 GAL Q . -15.04 -12.86 -8.34
C6 GAL Q . -14.56 -13.68 -9.53
O2 GAL Q . -16.95 -11.65 -4.87
O3 GAL Q . -14.65 -13.41 -4.64
O4 GAL Q . -14.91 -14.84 -6.95
O5 GAL Q . -16.47 -12.87 -8.30
O6 GAL Q . -15.66 -14.41 -10.09
C1 NAG Q . -13.51 -12.81 -4.01
C2 NAG Q . -13.26 -13.46 -2.65
C3 NAG Q . -12.03 -12.86 -1.98
C4 NAG Q . -10.84 -12.87 -2.96
C5 NAG Q . -11.25 -12.25 -4.30
C6 NAG Q . -10.06 -12.32 -5.26
C7 NAG Q . -15.55 -13.97 -1.92
C8 NAG Q . -16.67 -13.63 -0.94
N2 NAG Q . -14.43 -13.25 -1.79
O3 NAG Q . -11.68 -13.64 -0.82
O4 NAG Q . -9.75 -12.14 -2.40
O5 NAG Q . -12.35 -12.98 -4.85
O6 NAG Q . -9.78 -13.69 -5.59
O7 NAG Q . -15.68 -14.86 -2.76
C1 GAL Q . -11.74 -12.81 0.35
C2 GAL Q . -11.55 -13.66 1.59
C3 GAL Q . -11.61 -12.78 2.84
C4 GAL Q . -10.67 -11.58 2.70
C5 GAL Q . -10.88 -10.88 1.35
C6 GAL Q . -9.86 -9.74 1.20
O2 GAL Q . -12.59 -14.65 1.66
O3 GAL Q . -11.23 -13.55 3.98
O4 GAL Q . -9.31 -12.02 2.79
O5 GAL Q . -10.71 -11.82 0.28
O6 GAL Q . -9.66 -9.11 2.47
C1 FUC Q . -12.02 -15.95 1.86
C2 FUC Q . -13.08 -17.02 1.64
C3 FUC Q . -13.59 -17.00 0.19
C4 FUC Q . -12.44 -16.96 -0.80
C5 FUC Q . -11.41 -15.88 -0.41
C6 FUC Q . -10.23 -15.93 -1.39
O2 FUC Q . -14.17 -16.80 2.54
O3 FUC Q . -14.39 -18.16 -0.05
O4 FUC Q . -11.80 -18.24 -0.84
O5 FUC Q . -10.94 -16.14 0.92
C2 BGC R . -21.34 -2.16 33.04
C3 BGC R . -19.96 -2.40 33.66
C4 BGC R . -19.82 -3.85 34.13
C5 BGC R . -21.05 -4.28 34.90
C6 BGC R . -20.63 -4.95 36.20
C1 BGC R . -22.45 -2.63 33.98
O1 BGC R . -23.32 -1.54 34.28
O2 BGC R . -21.43 -2.86 31.80
O3 BGC R . -19.79 -1.52 34.78
O4 BGC R . -19.64 -4.69 32.98
O5 BGC R . -21.86 -3.13 35.19
O6 BGC R . -21.78 -5.53 36.83
C1 GAL R . -20.52 -5.83 33.10
C2 GAL R . -20.26 -6.80 31.94
C3 GAL R . -21.15 -8.03 32.04
C4 GAL R . -21.03 -8.63 33.45
C5 GAL R . -21.25 -7.55 34.51
C6 GAL R . -21.08 -8.17 35.90
O2 GAL R . -20.52 -6.13 30.69
O3 GAL R . -20.73 -9.01 31.07
O4 GAL R . -19.74 -9.21 33.62
O5 GAL R . -20.28 -6.50 34.34
O6 GAL R . -20.12 -7.42 36.65
C1 NAG R . -21.77 -9.99 30.90
C2 NAG R . -21.33 -11.00 29.83
C3 NAG R . -22.40 -12.08 29.65
C4 NAG R . -22.79 -12.66 31.01
C5 NAG R . -23.13 -11.53 32.00
C6 NAG R . -23.49 -12.15 33.36
C7 NAG R . -19.88 -9.93 28.18
C8 NAG R . -19.83 -9.22 26.82
N2 NAG R . -21.11 -10.31 28.56
O3 NAG R . -21.88 -13.13 28.82
O4 NAG R . -23.93 -13.51 30.86
O5 NAG R . -22.01 -10.66 32.15
O6 NAG R . -22.23 -12.46 33.95
O7 NAG R . -18.87 -10.10 28.84
C1 GAL R . -21.97 -12.74 27.44
C2 GAL R . -20.75 -13.24 26.69
C3 GAL R . -20.85 -12.84 25.22
C4 GAL R . -22.20 -13.23 24.64
C5 GAL R . -23.35 -12.78 25.54
C6 GAL R . -24.68 -13.27 24.98
O2 GAL R . -19.57 -12.67 27.27
O3 GAL R . -19.80 -13.47 24.48
O4 GAL R . -22.26 -14.65 24.47
O5 GAL R . -23.15 -13.31 26.86
O6 GAL R . -25.02 -12.51 23.82
C1 FUC R . -18.56 -13.68 27.42
C2 FUC R . -17.20 -13.13 27.00
C3 FUC R . -16.77 -11.97 27.92
C4 FUC R . -16.96 -12.33 29.39
C5 FUC R . -18.34 -12.94 29.64
C6 FUC R . -18.46 -13.35 31.10
O2 FUC R . -17.26 -12.69 25.65
O3 FUC R . -15.41 -11.65 27.66
O4 FUC R . -15.94 -13.27 29.78
O5 FUC R . -18.51 -14.09 28.80
#